data_7ZHG
#
_entry.id   7ZHG
#
_cell.length_a   1.00
_cell.length_b   1.00
_cell.length_c   1.00
_cell.angle_alpha   90.00
_cell.angle_beta   90.00
_cell.angle_gamma   90.00
#
_symmetry.space_group_name_H-M   'P 1'
#
loop_
_entity.id
_entity.type
_entity.pdbx_description
1 polymer 'rRNA 16S'
2 polymer '30S ribosomal protein S3Ae'
3 polymer '30S ribosomal protein S2'
4 polymer 'Zn-ribbon RNA-binding protein involved in translation'
5 polymer '30S ribosomal protein S4'
6 polymer '30S ribosomal protein S4e'
7 polymer '30S ribosomal protein S5'
8 polymer '30S ribosomal protein S6e'
9 polymer '30S ribosomal protein S7'
10 polymer '30S ribosomal protein S8'
11 polymer '30S ribosomal protein S8e'
12 polymer '30S ribosomal protein S9'
13 polymer '30S ribosomal protein S10'
14 polymer '30S ribosomal protein S11'
15 polymer '30S ribosomal protein S12'
16 polymer '30S ribosomal protein S13'
17 polymer '30S ribosomal protein S14 type Z'
18 polymer '30S ribosomal protein S15'
19 polymer '30S ribosomal protein S17'
20 polymer '30S ribosomal protein S17e'
21 polymer '30S ribosomal protein S19'
22 polymer '30S ribosomal protein S19e'
23 polymer '30S ribosomal protein S24e'
24 polymer '30S ribosomal protein S27e'
25 polymer '30S ribosomal protein S28e'
26 polymer '30S ribosomal protein S27ae'
27 polymer '30S ribosomal protein S3'
28 polymer '50S ribosomal protein L41e'
29 polymer '50S ribosomal protein L7Ae'
30 polymer mRNA
31 polymer Met-tRNAiMet
32 non-polymer 'MAGNESIUM ION'
33 non-polymer 'ZINC ION'
34 water water
#
loop_
_entity_poly.entity_id
_entity_poly.type
_entity_poly.pdbx_seq_one_letter_code
_entity_poly.pdbx_strand_id
1 'polyribonucleotide'
;AUUC(4AC)GG(OMU)UGAUCCUGCCGGAGGCCACUGCUAUGGGGGUC(4AC)GACUAAGCCA(OMU)GCGAGUCAAGGG
GGCGUCCCUUCUGGGACGCCACCGGCGGACGGCUCAGUAACACGUCGGUAAC(OMC)UACCCUCGGGAGGGGGAUAACCC
CGGGAAACUGGGGCUAAUCCCCCAUAGGCCUGGGGUACUGGAAGGUCCCCAGGCCGAAAGGGAGCCGUAAGGCUCCGCCC
GAGGAUGGGCCGGCGGC(LHH)GAUUAGGUAGUUGGUGGGGUAACGGCCCACCAAGC(4AC)GAAGAUCGGUACGGGC
(4AC)GUGAGAGCGGGAGCC(4AC)GGAGAUGGACACUGAGACACGGGUCCAGGCCCUACGGGGCGCAGCAGGCGCGA
(A2M)ACCUC(4AC)GCAAUGCGGGAAAC(4AC)GCGACGGGGGGACCCCCAGUGCCGUGCCUCUGGCACGGCUUUUCCG
GAGUGUAAAAAGCUCCGGGAAUAAGG(OMG)CUG(OMG)GCAAGGC(4AC)GGUGGCAGCCGCCGCGGUAAUACCGGCGG
CC(4AC)GAGUGGU(OMG)GCCACUAUUAUUGGG(5MC)CUAAAGCGGC(4AC)GUAGCCGGGCCCGUAAGUCCCUGGCG
AAAUCCCACGGCUCAAC(4AC)GUGGGGCUCGCUGGGGAUACUGCGGGCCUUGGGAC(4AC)GGGAGAGGC(4AC)GGGG
GUACCCCCGGGGUAGG(OMG)GUGAAAUCCUAUAAUCCCGGGG(OMG)GACCGCCAGUGG(5MC)GAAGGCGCC(4AC)G
GCUGGAACGGGUC(4AC)GACGGUGAGGGC(4AC)GAAGGCCAGGGGAGCGAAC(4AC)GGAUUAGAUACCCGGGUAGUC
(OMC)(OMU)GGCUGUAAAGGA(OMU)GCGGGCUAGGUGUCGGGCGAGCUUCGAGCUCGCCCGGUGC(4AC)G(OMU)AG
GGAAGC(4AC)GUUAAG(OMC)C(4AC)GC(4AC)GCCUGGGGAGUACGGC(4AC)GCAA(OMG)G(5MC)UGAAACUUA
AAGGAAUUGGCGGGGGAGCACUACAAGG(OMG)GUGGAGCGUGCGGUUUAAUU(OMG)GAU(B8H)CAACGCCGGGAACC
UCAC(4AC)GGGGGCGACGGCAGGAUGAAGGCCAGGCUGAAGGUCUUGCCGGACGCGCCGAGAGGAGGUGCAUGGC
(5MC)GC(4AC)GUCAGCU(OMC)GUA(OMC)(LHH)GUGAGGCGUCCACUUAAGUGUGGUAAC(OMG)AGCGAGACCCG
CGCCCCCAGUUGCCAGUCCCUCCCGCUCGGGAGGGAGGCACUCUGGGGGGACUGCCGGCGAUAAGC(4AC)GGAGGAAGG
GGCGGGCGACGGUAGGUCAG(OMU)AUGCCC(4AC)GAAACCCCCGGGCUACA(5MC)GCGCGCUACAAUGGGCGGGACA
AUGGGUGC(4AC)GACCC(4AC)GAAAGGGGGAGGUAAUCCCCUAAACCCGCCCUCAGUUCGGAUCGCGGGCUGCAACUC
GCCCGCGUGAAGCUGGAAUCCCUAGUACCCGCGCGUCAUCAUCGCGCGGCGAAUACGUCCCUGCUCCUUGCACACAC
(5MC)G(OMC)CCG(OMU)CACUCCACCCGAGCGGGGCCUAGGUGAGGCCCGAUCUCCUUCGGGAGGUCGGGUCGAGCCU
AGGCUCCGUGAGGGGGGAGAAGUCG(UR3)A(6MZ)CAAGGUAGC(4AC)GUAGGGG(MA6)(MA6)CCUACGG(5MC)U
(5MC)GAUCAC(5MC)UCCU
;
2
2 'polypeptide(L)'
;MAAKRRVSAAKDKWKLKQWYVIYAPDFFGGVEVGLTPADDPEKVLNRVVEVTLKDITGDFLKGHVKLYFQVYDVKGQNAY
TKFKGMKLARSYIRSLVRRRTTRIDGIFNITTKDGYKLRVMAMVIAARRIQTSQERAIRKIMQEIIYKKAEELNFKDFVL
EAVNGKIAAEIAKEAKKIYPLKKAEIRKIKVLGEPEVAA
;
A
3 'polypeptide(L)'
;MADEYLVPLDQYLAAGVHIGTQQKTKDMKKFIYRVRQDGLYVLDVRKTDERLKVAGKFLARFDPQSILAVSVRLYGQKPV
KKFGEVTGARAIPGRFLPGTMTNPAVKNFFEPDVIIITDPRADHQAMKEAIEIGIPIVALVDTENLLSYVDLAIPTNNKG
RKALALIYWILAREILYNRGEISSREEFKIPVEEFEMKIVRR
;
B
4 'polypeptide(L)' MAENVELKFEIPVCTSCGREITPREHATHFVCPNCGEAIIWRCETCRLLAKPYKCPKCGWEGP C
5 'polypeptide(L)'
;MGDPKRQRKKYETPPHPWIKERLDRERVLMDKYELKNKKELWKHETQLKNFRRRARRLLAARGKQAEIEREQLLARLKRL
GLLPEDAVLDDVLSLTIEDILERRLQTIVYKKGLARTMRQARQLIVHGHIEVNGQIIRSPSYLVLKEEEDTITYARTSPF
ANPQHPERMMIEKAKQGGEA
;
D
6 'polypeptide(L)'
;MARKGPKRHLKRLAAPTSWYIERKAYKWAVRPRPGPHNMRTSIPLLYIVRDYLGYAKTAREARKILNEGKFLVDGRVRKD
YKFPVGIMDVVSIPETGEHYRVLPNRIGKLILHPISEEEANIKPLRIRNKRMVKGAKIQLNFHDGTNHLIPLSEKDNYFT
SYTVLMKVPEREILEVLPFEKGAYVFVTQGKNVARKGRIVEIKKFPMGWPDVVTIEDEEGELFDTLKEYAFVVGRDKPRI
SLP
;
E
7 'polypeptide(L)'
;MSQEWKEYAKRVLDEWQPKTKLGMLVKEGQITDIHEIFRKGYQIKEPEIIDVLLPEVNARENQEILDIALTVRMTDSGRR
VRFRVLAAVGNRDGYVGLGIGHGREVGIAIRKAINYAKLNIIEIKRGCGSWECRCRRPHSVPFTVEGKEGSVRVKLIPGP
RGLGLVIGDVGKKILRLAGIQDVWSQTLGETRTTVNFAKAVFNALYNTNKVVVTPEMIERYGIVVGRAMPASFTLE
;
F
8 'polypeptide(L)'
;MATFKLVISDPKTGIAKQIEITGPEAEKLIGKRIGDQIPVKELGINLNELFGKEFPEDVKMEIRGGTDKDGFPMRPDIHG
PRRVRILLSKGPGFRPKEKGERRKKTVRGNTISPEIVQVNVKLVY
;
G
9 'polypeptide(L)'
;MAKPLSERFFIPHEIKVMGRWSTEDVEVRDPSLKPYINLEPRLLPHTHGRHAKKHFGKANVHIVERLINKIMRSGGSHYK
VAGHFMRREHRSLNSKKVKAYEVVKEAFKIIEKRTGKNPIQVLVWAIENAAPREDTTSVMFGGIRYHVAVDISPMRRLDV
ALRNIALGASAKCYRTKMSFAEALAEEIILAANKDPKSYAYSKKLEIERIAESSR
;
H
10 'polypeptide(L)'
;MTLLDPLANALSHITNSERVGKREVYIKPASKLIGEVLRVMQKYGYIGEFEFIDDGRAGVYRVQLLGKINKAGAIKPRFP
VKARDYERWEKRFLPAFEFGILIVSTSQGVMSHKEAREKGIGGRLIAYVY
;
I
11 'polypeptide(L)'
;MAIWQGRSLRKPSGGRIVLARKKRKRELGREPSNTRVAEQDKRKIIRTYGGNKKVRLTAAAYANVFDKSGKGRKVRIIRV
IENPANRQFARRNIITKGAIIETEIGKAKVTSRPGQDGVVNAILLEE
;
J
12 'polypeptide(L)'
;MRIIQTTGKRKTAIARAVIREGKGRVRINGKPVELVEPEIARFTILEPLILAGEEIWNSVDIDVKVQGGGFMGQAEAARI
AIARALVEWTGDMNLKEKFIKYDRTMLVGDPRRTEPHKPNRSTKGPRAKRQKSYR
;
K
13 'polypeptide(L)'
;MQKARIKLASTNVRSLEEVANQIKQIAERTGVRMSGPIPLPTKRIRIVTRKSPDGEGSATFDRWELRIHKRLIDIEADER
AMRQIMRIRVPEDVTIEIELIS
;
L
14 'polypeptide(L)'
;MSEEQVNIKKKEKWGIAHIYSSYNNTIIHITDITGAETISRWSGGMVVKADRDEPSPYAAMLAARRAAEEALEKGIVGVH
IRVRAPGGSKSKTPGPGAQAAIRALARAGLKIGRVEDVTPIPHDGTRPKGGRRGRRV
;
M
15 'polypeptide(L)'
;MPGKKAPNGEFAGRKLKLKRKKFRWSDIRYKRRVLRLKEKSDPLEGAPQARGIVLEKIAVEAKQPNSGMRKAVRVQLIKN
GKVVTAFCPGDGAIKFIDEHDEVIIEGIGGPKGGSMGDIPGIRYKVVKVNRVSLKELVKGRKEKPRR
;
N
16 'polypeptide(L)'
;MADFRHIVRVAGVDLDGNKQLRWALTAIKGVGINFATMVCRVAGLDPFMKAGYLTDEQVKKIEEILQDPVAHGIPRWAVN
RPKDYETGRDLHLITAKLDMAIREDIMRLRRIRAYRGIRHELGLPVRGQRTRSNFRRGQTVGVSRKKK
;
O
17 'polypeptide(L)' MAKADYNKRKPRKFGKGARRCIRCGQYGPIIRIHGLMLCRHCFREVAPKLGFRKYE P
18 'polypeptide(L)'
;MARMHARKRGKSGSKRPPRTAPPIWLEYTVEDIENLVVKLRKEGYSTAMIGTILRDQYGIPTVKLFRDPDNPNRKLTITR
ILEKHGLAPEIPEDLMFLIKRAVNLRKHLEQHPKDLHSMRGLQLIESKIRRLVKYYKRKGKLPKDWRYDPEQAKLLVR
;
Q
19 'polypeptide(L)'
;MVRDIGLRIQPPAEKCDDPKCPWHGHLKIHGRVFEGIVVSDKPRKTVTVERQYYHYLKKYERYELRRSRIHAHNPPCINA
KVGDRVLIAETRPLSKTKHFVVVAVLERAEERR
;
R
20 'polypeptide(L)' MGKIRQGFIKRVARELFNKYPNEFTRDFEHNKKKVEELTNVTSKKIRNRIAGYITKLVRMKEEGKIL S
21 'polypeptide(L)'
;MARKEFRYRGYTLEQLMNMSLEELAKLLPARQRRSLKRGLTPEQKKLLRKIRLAKKGKYNKPIRTHCRDMIVLPEMVGLT
IYVHNGKEFVPVEIKPEMIGHYLGEFAPTRKRVQHGAPGIGATRSSMFVAVK
;
T
22 'polypeptide(L)'
;MATVYDVPGDLLVERVAQRLKEIPEIKPPEWAPFVKTGRHKERLPEQEDWWYYRVASILRRVYLDGPVGIERLRTYYGGR
KNRGHAPERFYKAGGSIIRKALQQLEAAGFVEKVPGKGRVITPKGRSFLDKIATELKKELEEIIPELKKY
;
U
23 'polypeptide(L)'
;MEIKITEVKENKLIGRKEIYFEIYHPGEPTPSRKDVKGKLVAMLDLNPETTVIQYIRSYFGSYKSKGYAKYYYDKDRMLY
IEPEYILIRDGIIEKKEGE
;
V
24 'polypeptide(L)' MALPRNVIPMPRSRFLRVKCIDCGNEQIVFSHPATRVRCNVCGATLVEPTGGKGIIRAKILEVLE W
25 'polypeptide(L)' MAEDEGYPAEVIEIIGRTGTTGDVTQVKVRILEGRDKGRVIRRNVRGPVRVGDILILRETEREAREIKSRR X
26 'polypeptide(L)' MGQKWKLYIVKDGKVIRKNKFCPRCGPGVFMADHGDRWACGRCGYTEWKKK Y
27 'polypeptide(L)'
;MAIERYFIREAVKEMLIDEFLEKELRRAGYGGLDIKKTPLGTKVIIFAANPGYVIGRGGRRIRELTRILERQFGLENPQI
DVQEIKNPYLNAKVQAVRIAQALERGIHFRRAAYAAMRAIMSNGARGVEIRISGKLTGERAKSVRFYQGYLAKVGNPAET
LVSKGYAQALLKLGVIGVKVAIMPPDARLPDEIEIIEKPVEEEVSSNEAE
;
Z
28 'polypeptide(L)' MKRRPRKWKKKGRMRWKWIKKRIRRLKRQRKKERGL 0
29 'polypeptide(L)'
;MAKPSYVKFEVPKELAEKALQAVEIARDTGKIRKGTNETTKAVERGQAKLVIIAEDVDPEEIVAHLPPLCEEKEIPYIYV
PSKKELGAAAGIEVAAASVAIIEPGKARDLVEEIAMKVRELMK
;
3
30 'polyribonucleotide' UGGAGGUGAUUUAAAUG 5
31 'polyribonucleotide'
;AGCGGGG(4SU)GGAGCAGCCUGG(H2U)AGCUCGUCGGG(OMC)UCAUAACCCGAAGAUCGUCGG(5MU)(PSU)CAAA
UCCGGCCCCCGCUACCA
;
4
#
loop_
_chem_comp.id
_chem_comp.type
_chem_comp.name
_chem_comp.formula
4AC RNA linking N(4)-ACETYLCYTIDINE-5'-MONOPHOSPHATE 'C11 H16 N3 O9 P'
4SU RNA linking 4-THIOURIDINE-5'-MONOPHOSPHATE 'C9 H13 N2 O8 P S'
5MC RNA linking 5-METHYLCYTIDINE-5'-MONOPHOSPHATE 'C10 H16 N3 O8 P'
5MU RNA linking '5-METHYLURIDINE 5'-MONOPHOSPHATE' 'C10 H15 N2 O9 P'
6MZ RNA linking N6-METHYLADENOSINE-5'-MONOPHOSPHATE 'C11 H16 N5 O7 P'
A RNA linking ADENOSINE-5'-MONOPHOSPHATE 'C10 H14 N5 O7 P'
A2M RNA linking '2'-O-methyladenosine 5'-(dihydrogen phosphate)' 'C11 H16 N5 O7 P'
B8H RNA linking '[(2~{R},3~{S},4~{R},5~{S})-5-[1-methyl-2,4-bis(oxidanylidene)pyrimidin-5-yl]-3,4-bis(oxidanyl)oxolan-2-yl]methyl dihydrogen phosphate' 'C10 H15 N2 O9 P'
C RNA linking CYTIDINE-5'-MONOPHOSPHATE 'C9 H14 N3 O8 P'
G RNA linking GUANOSINE-5'-MONOPHOSPHATE 'C10 H14 N5 O8 P'
H2U RNA linking 5,6-DIHYDROURIDINE-5'-MONOPHOSPHATE 'C9 H15 N2 O9 P'
LHH RNA linking '[(2~{R},3~{R},4~{R},5~{R})-5-(4-acetamido-2-oxidanylidene-pyrimidin-1-yl)-4-methoxy-3-oxidanyl-oxolan-2-yl]methyl dihydrogen phosphate' 'C12 H18 N3 O9 P'
MA6 RNA linking 6N-DIMETHYLADENOSINE-5'-MONOPHOSHATE 'C12 H18 N5 O7 P'
MG non-polymer 'MAGNESIUM ION' 'Mg 2'
OMC RNA linking O2'-METHYLYCYTIDINE-5'-MONOPHOSPHATE 'C10 H16 N3 O8 P'
OMG RNA linking O2'-METHYLGUANOSINE-5'-MONOPHOSPHATE 'C11 H16 N5 O8 P'
OMU RNA linking 'O2'-METHYLURIDINE 5'-MONOPHOSPHATE' 'C10 H15 N2 O9 P'
PSU RNA linking PSEUDOURIDINE-5'-MONOPHOSPHATE 'C9 H13 N2 O9 P'
U RNA linking URIDINE-5'-MONOPHOSPHATE 'C9 H13 N2 O9 P'
UR3 RNA linking 3-METHYLURIDINE-5'-MONOPHOSHATE 'C10 H15 N2 O9 P'
ZN non-polymer 'ZINC ION' 'Zn 2'
#
# COMPACT_ATOMS: atom_id res chain seq x y z
P 4AC A 5 16.39 0.12 12.94
OP1 4AC A 5 15.33 0.12 14.01
OP2 4AC A 5 16.39 -0.99 11.94
O5' 4AC A 5 16.34 1.51 12.16
C5' 4AC A 5 16.19 2.74 12.86
C4' 4AC A 5 16.69 3.92 12.05
O4' 4AC A 5 18.07 3.70 11.65
C3' 4AC A 5 15.98 4.18 10.73
O3' 4AC A 5 14.71 4.81 10.87
C2' 4AC A 5 17.01 5.02 9.98
O2' 4AC A 5 17.00 6.37 10.44
C1' 4AC A 5 18.32 4.35 10.42
N1 4AC A 5 18.74 3.35 9.41
C2 4AC A 5 19.32 3.84 8.20
O2 4AC A 5 19.52 5.03 8.03
N3 4AC A 5 19.70 2.95 7.22
C4 4AC A 5 19.51 1.69 7.39
N4 4AC A 5 19.89 0.84 6.37
C5 4AC A 5 18.90 1.14 8.60
C6 4AC A 5 18.53 1.99 9.55
C7 4AC A 5 19.80 -0.53 6.28
O7 4AC A 5 19.34 -1.31 7.11
CM7 4AC A 5 20.36 -1.04 4.98
N1 OMU A 8 10.00 -0.38 -3.88
C2 OMU A 8 10.52 -1.06 -5.01
N3 OMU A 8 11.33 -2.10 -4.86
C4 OMU A 8 11.66 -2.55 -3.64
C5 OMU A 8 11.15 -1.91 -2.52
C6 OMU A 8 10.30 -0.83 -2.66
O2 OMU A 8 10.23 -0.67 -6.15
O4 OMU A 8 12.42 -3.52 -3.53
C1' OMU A 8 9.08 0.73 -4.09
C2' OMU A 8 7.97 0.88 -3.05
O2' OMU A 8 7.00 -0.13 -3.20
CM2 OMU A 8 6.44 -0.59 -1.98
C3' OMU A 8 7.49 2.30 -3.35
C4' OMU A 8 8.78 3.02 -3.78
O3' OMU A 8 6.60 2.22 -4.47
O4' OMU A 8 9.75 1.97 -4.08
C5' OMU A 8 9.37 4.01 -2.79
O5' OMU A 8 9.39 3.52 -1.45
P OMU A 8 9.07 4.49 -0.21
OP1 OMU A 8 7.80 5.24 -0.51
OP2 OMU A 8 9.12 3.66 1.04
P 4AC A 41 59.73 12.24 4.00
OP1 4AC A 41 59.74 11.25 2.89
OP2 4AC A 41 61.00 12.59 4.71
O5' 4AC A 41 59.13 13.60 3.40
C5' 4AC A 41 58.06 13.58 2.46
C4' 4AC A 41 57.70 14.97 2.00
O4' 4AC A 41 57.34 15.80 3.14
C3' 4AC A 41 58.81 15.75 1.31
O3' 4AC A 41 58.97 15.41 -0.06
C2' 4AC A 41 58.37 17.20 1.51
O2' 4AC A 41 57.39 17.57 0.57
C1' 4AC A 41 57.72 17.13 2.90
N1 4AC A 41 58.63 17.59 3.96
C2 4AC A 41 58.82 18.98 4.17
O2 4AC A 41 58.24 19.81 3.48
N3 4AC A 41 59.68 19.41 5.17
C4 4AC A 41 60.30 18.55 5.89
N4 4AC A 41 61.14 19.01 6.87
C5 4AC A 41 60.13 17.10 5.72
C6 4AC A 41 59.32 16.69 4.77
C7 4AC A 41 61.91 18.33 7.78
O7 4AC A 41 62.04 17.11 7.92
CM7 4AC A 41 62.69 19.27 8.67
N1 OMU A 52 75.69 26.76 -10.72
C2 OMU A 52 75.14 26.35 -9.49
N3 OMU A 52 74.48 25.18 -9.40
C4 OMU A 52 74.33 24.40 -10.48
C5 OMU A 52 74.86 24.79 -11.70
C6 OMU A 52 75.53 26.00 -11.80
O2 OMU A 52 75.25 27.05 -8.48
O4 OMU A 52 73.72 23.32 -10.39
C1' OMU A 52 76.40 28.06 -10.83
C2' OMU A 52 77.75 28.06 -10.12
O2' OMU A 52 78.01 29.36 -9.65
CM2 OMU A 52 77.92 29.47 -8.24
C3' OMU A 52 78.69 27.70 -11.26
C4' OMU A 52 78.07 28.44 -12.44
O3' OMU A 52 80.03 28.05 -11.02
O4' OMU A 52 76.64 28.33 -12.20
C5' OMU A 52 78.39 27.90 -13.80
O5' OMU A 52 77.83 26.61 -14.01
P OMU A 52 77.90 25.88 -15.41
OP1 OMU A 52 79.19 26.28 -16.08
OP2 OMU A 52 77.61 24.42 -15.20
N1 OMC A 117 87.05 -17.03 -2.78
C2 OMC A 117 86.33 -16.13 -1.97
N3 OMC A 117 85.77 -16.55 -0.83
C4 OMC A 117 85.87 -17.83 -0.44
C5 OMC A 117 86.58 -18.74 -1.21
C6 OMC A 117 87.16 -18.30 -2.40
O2 OMC A 117 86.21 -14.94 -2.30
N4 OMC A 117 85.29 -18.21 0.72
C1' OMC A 117 87.66 -16.55 -4.05
C2' OMC A 117 88.90 -15.69 -3.80
O2' OMC A 117 89.04 -14.80 -4.89
CM2 OMC A 117 88.69 -13.44 -4.62
C3' OMC A 117 89.98 -16.75 -3.84
C4' OMC A 117 89.50 -17.63 -4.99
O4' OMC A 117 88.07 -17.66 -4.81
O3' OMC A 117 91.29 -16.22 -4.02
C5' OMC A 117 90.04 -19.04 -5.04
O5' OMC A 117 89.58 -19.81 -3.93
P OMC A 117 89.81 -21.39 -3.87
OP1 OMC A 117 91.11 -21.67 -4.57
OP2 OMC A 117 89.62 -21.83 -2.45
C4 LHH A 238 48.61 -14.19 -13.66
C5 LHH A 238 48.11 -14.40 -12.36
C6 LHH A 238 47.00 -13.68 -11.92
N1 LHH A 238 46.44 -12.81 -12.75
C7 LHH A 238 50.61 -15.93 -13.55
N3 LHH A 238 47.98 -13.30 -14.43
N4 LHH A 238 49.78 -14.91 -14.24
C1 LHH A 238 43.05 -10.94 -14.28
C2 LHH A 238 46.94 -12.64 -13.99
C1' LHH A 238 45.25 -12.03 -12.34
C2' LHH A 238 43.97 -12.69 -12.86
C3' LHH A 238 43.60 -13.57 -11.67
C4' LHH A 238 43.95 -12.67 -10.50
C5' LHH A 238 44.15 -13.34 -9.16
CM7 LHH A 238 51.79 -16.56 -14.30
O2 LHH A 238 46.43 -11.87 -14.70
O2' LHH A 238 42.97 -11.68 -13.04
O3' LHH A 238 42.25 -14.01 -11.67
O4' LHH A 238 45.18 -12.01 -10.93
O5' LHH A 238 45.03 -14.46 -9.27
O7 LHH A 238 50.38 -16.28 -12.43
OP1 LHH A 238 44.22 -15.60 -7.16
OP2 LHH A 238 46.30 -16.45 -8.45
P LHH A 238 45.45 -15.30 -7.98
P 4AC A 274 59.31 -33.61 -16.81
OP1 4AC A 274 59.50 -33.54 -15.32
OP2 4AC A 274 58.65 -34.82 -17.40
O5' 4AC A 274 58.48 -32.34 -17.28
C5' 4AC A 274 58.74 -31.05 -16.74
C4' 4AC A 274 57.81 -30.01 -17.33
O4' 4AC A 274 58.01 -29.90 -18.75
C3' 4AC A 274 56.32 -30.28 -17.19
O3' 4AC A 274 55.80 -30.02 -15.90
C2' 4AC A 274 55.74 -29.40 -18.28
O2' 4AC A 274 55.73 -28.03 -17.89
C1' 4AC A 274 56.78 -29.56 -19.38
N1 4AC A 274 56.40 -30.64 -20.33
C2 4AC A 274 55.40 -30.33 -21.29
O2 4AC A 274 54.89 -29.22 -21.35
N3 4AC A 274 55.00 -31.31 -22.19
C4 4AC A 274 55.52 -32.48 -22.13
N4 4AC A 274 55.12 -33.43 -23.03
C5 4AC A 274 56.56 -32.85 -21.15
C6 4AC A 274 56.94 -31.92 -20.28
C7 4AC A 274 55.52 -34.74 -23.17
O7 4AC A 274 56.36 -35.37 -22.53
CM7 4AC A 274 54.79 -35.41 -24.31
P 4AC A 291 53.28 -2.28 12.32
OP1 4AC A 291 53.53 -1.33 13.46
OP2 4AC A 291 52.48 -3.52 12.57
O5' 4AC A 291 52.57 -1.49 11.12
C5' 4AC A 291 52.95 -0.18 10.75
C4' 4AC A 291 52.10 0.33 9.61
O4' 4AC A 291 52.27 -0.53 8.46
C3' 4AC A 291 50.60 0.34 9.84
O3' 4AC A 291 50.15 1.46 10.59
C2' 4AC A 291 50.04 0.29 8.43
O2' 4AC A 291 50.07 1.57 7.82
C1' 4AC A 291 51.07 -0.61 7.73
N1 4AC A 291 50.63 -2.03 7.67
C2 4AC A 291 49.66 -2.39 6.70
O2 4AC A 291 49.19 -1.55 5.94
N3 4AC A 291 49.23 -3.71 6.60
C4 4AC A 291 49.73 -4.59 7.39
N4 4AC A 291 49.28 -5.88 7.26
C5 4AC A 291 50.74 -4.28 8.42
C6 4AC A 291 51.13 -3.02 8.51
C7 4AC A 291 49.59 -7.05 7.95
O7 4AC A 291 50.39 -7.21 8.88
CM7 4AC A 291 48.80 -8.21 7.41
P 4AC A 307 70.44 -1.62 6.99
OP1 4AC A 307 71.88 -1.73 7.41
OP2 4AC A 307 70.09 -0.66 5.88
O5' 4AC A 307 69.93 -3.05 6.54
C5' 4AC A 307 70.25 -4.22 7.28
C4' 4AC A 307 69.58 -5.45 6.72
O4' 4AC A 307 68.13 -5.29 6.75
C3' 4AC A 307 69.85 -5.77 5.26
O3' 4AC A 307 71.12 -6.37 5.02
C2' 4AC A 307 68.66 -6.67 4.91
O2' 4AC A 307 68.83 -7.97 5.46
C1' 4AC A 307 67.54 -5.97 5.66
N1 4AC A 307 66.84 -5.00 4.78
C2 4AC A 307 65.90 -5.52 3.85
O2 4AC A 307 65.65 -6.71 3.81
N3 4AC A 307 65.24 -4.65 3.00
C4 4AC A 307 65.49 -3.39 3.03
N4 4AC A 307 64.82 -2.56 2.16
C5 4AC A 307 66.47 -2.82 3.96
C6 4AC A 307 67.11 -3.64 4.80
C7 4AC A 307 64.91 -1.18 2.00
O7 4AC A 307 65.62 -0.38 2.61
CM7 4AC A 307 63.98 -0.70 0.92
P A2M A 361 49.29 21.89 -9.00
OP1 A2M A 361 49.64 23.27 -8.55
O5' A2M A 361 49.77 20.87 -7.87
C5' A2M A 361 49.72 21.21 -6.49
C4' A2M A 361 50.16 20.01 -5.67
O4' A2M A 361 49.35 18.87 -6.04
C3' A2M A 361 51.60 19.61 -5.93
O3' A2M A 361 52.50 20.21 -4.98
C2' A2M A 361 51.56 18.10 -5.76
O2' A2M A 361 51.71 17.83 -4.37
C1' A2M A 361 50.14 17.69 -6.13
CM' A2M A 361 52.28 16.56 -4.09
N9 A2M A 361 50.06 17.10 -7.50
C8 A2M A 361 49.88 17.77 -8.65
N7 A2M A 361 49.85 16.93 -9.70
C5 A2M A 361 50.02 15.67 -9.24
C6 A2M A 361 50.09 14.32 -9.83
N6 A2M A 361 49.96 14.12 -11.16
N1 A2M A 361 50.28 13.27 -8.98
C2 A2M A 361 50.39 13.46 -7.66
N3 A2M A 361 50.34 14.66 -7.06
C4 A2M A 361 50.16 15.79 -7.79
OP2 A2M A 361 49.82 21.41 -10.33
P 4AC A 367 77.32 29.13 4.78
OP1 4AC A 367 78.42 30.16 4.72
OP2 4AC A 367 77.45 27.87 3.95
O5' 4AC A 367 77.09 28.70 6.29
C5' 4AC A 367 77.41 29.58 7.37
C4' 4AC A 367 77.37 28.89 8.71
O4' 4AC A 367 76.10 28.20 8.87
C3' 4AC A 367 78.41 27.79 8.95
O3' 4AC A 367 79.69 28.27 9.29
C2' 4AC A 367 77.75 26.94 10.02
O2' 4AC A 367 77.86 27.56 11.30
C1' 4AC A 367 76.29 27.00 9.60
N1 4AC A 367 75.91 25.85 8.75
C2 4AC A 367 75.77 24.57 9.34
O2 4AC A 367 75.96 24.40 10.54
N3 4AC A 367 75.42 23.48 8.57
C4 4AC A 367 75.23 23.62 7.31
N4 4AC A 367 74.88 22.50 6.60
C5 4AC A 367 75.36 24.91 6.63
C6 4AC A 367 75.70 25.97 7.37
C7 4AC A 367 74.62 22.31 5.25
O7 4AC A 367 74.61 23.13 4.35
CM7 4AC A 367 74.28 20.85 4.98
P 4AC A 382 92.82 19.13 12.93
OP1 4AC A 382 92.88 20.63 13.01
OP2 4AC A 382 91.72 18.38 13.64
O5' 4AC A 382 92.73 18.74 11.38
C5' 4AC A 382 93.70 19.17 10.44
C4' 4AC A 382 93.59 18.40 9.15
O4' 4AC A 382 93.95 17.02 9.38
C3' 4AC A 382 92.19 18.33 8.56
O3' 4AC A 382 91.84 19.48 7.82
C2' 4AC A 382 92.26 17.06 7.71
O2' 4AC A 382 92.89 17.33 6.46
C1' 4AC A 382 93.20 16.17 8.53
N1 4AC A 382 92.48 15.17 9.35
C2 4AC A 382 92.01 13.97 8.77
O2 4AC A 382 92.18 13.72 7.59
N3 4AC A 382 91.35 13.03 9.57
C4 4AC A 382 91.18 13.27 10.81
N4 4AC A 382 90.52 12.34 11.57
C5 4AC A 382 91.63 14.50 11.46
C6 4AC A 382 92.26 15.40 10.71
C7 4AC A 382 90.19 12.34 12.91
O7 4AC A 382 90.43 13.22 13.74
CM7 4AC A 382 89.46 11.09 13.30
P OMG A 455 32.08 27.95 6.48
OP1 OMG A 455 32.18 27.94 4.99
OP2 OMG A 455 31.51 29.16 7.18
O5' OMG A 455 31.20 26.71 6.95
C5' OMG A 455 31.40 25.41 6.40
C4' OMG A 455 30.75 24.34 7.23
O4' OMG A 455 31.14 24.48 8.62
C3' OMG A 455 29.23 24.33 7.31
O3' OMG A 455 28.59 23.81 6.16
C2' OMG A 455 28.99 23.52 8.56
O2' OMG A 455 29.21 22.14 8.32
CM2 OMG A 455 28.70 21.29 9.35
C1' OMG A 455 30.10 24.03 9.47
N9 OMG A 455 29.64 25.14 10.32
C8 OMG A 455 29.95 26.44 10.20
N7 OMG A 455 29.34 27.18 11.16
C5 OMG A 455 28.61 26.34 11.92
C6 OMG A 455 27.72 26.46 13.09
O6 OMG A 455 27.50 27.56 13.62
N1 OMG A 455 27.16 25.35 13.57
C2 OMG A 455 27.38 24.14 13.02
N2 OMG A 455 26.76 23.06 13.56
N3 OMG A 455 28.18 23.96 11.93
C4 OMG A 455 28.81 25.00 11.35
P OMG A 459 14.05 18.21 11.24
OP1 OMG A 459 13.72 18.10 12.70
OP2 OMG A 459 15.44 18.59 10.84
O5' OMG A 459 13.71 16.83 10.52
C5' OMG A 459 12.67 15.97 10.97
C4' OMG A 459 12.65 14.68 10.20
O4' OMG A 459 12.68 14.96 8.77
C3' OMG A 459 13.83 13.75 10.42
O3' OMG A 459 13.70 12.97 11.59
C2' OMG A 459 13.86 12.92 9.13
O2' OMG A 459 12.87 11.91 9.19
CM2 OMG A 459 13.20 10.70 8.51
C1' OMG A 459 13.41 13.96 8.10
N9 OMG A 459 14.53 14.60 7.36
C8 OMG A 459 14.94 15.87 7.54
N7 OMG A 459 15.94 16.19 6.68
C5 OMG A 459 16.18 15.11 5.93
C6 OMG A 459 17.11 14.78 4.82
O6 OMG A 459 17.94 15.60 4.38
N1 OMG A 459 17.05 13.54 4.29
C2 OMG A 459 16.17 12.64 4.74
N2 OMG A 459 16.15 11.41 4.16
N3 OMG A 459 15.29 12.88 5.74
C4 OMG A 459 15.24 14.08 6.36
P 4AC A 467 6.26 35.95 11.69
OP1 4AC A 467 4.93 36.62 11.91
OP2 4AC A 467 6.36 34.77 10.77
O5' 4AC A 467 7.28 37.08 11.22
C5' 4AC A 467 7.48 38.25 11.99
C4' 4AC A 467 8.74 38.99 11.58
O4' 4AC A 467 9.90 38.15 11.81
C3' 4AC A 467 8.84 39.34 10.11
O3' 4AC A 467 8.06 40.46 9.73
C2' 4AC A 467 10.34 39.56 9.94
O2' 4AC A 467 10.73 40.82 10.45
C1' 4AC A 467 10.90 38.47 10.86
N1 4AC A 467 11.27 37.26 10.11
C2 4AC A 467 12.50 37.22 9.38
O2 4AC A 467 13.25 38.20 9.39
N3 4AC A 467 12.83 36.09 8.65
C4 4AC A 467 12.04 35.08 8.63
N4 4AC A 467 12.40 33.96 7.91
C5 4AC A 467 10.77 35.06 9.37
C6 4AC A 467 10.44 36.14 10.07
C7 4AC A 467 11.74 32.76 7.74
O7 4AC A 467 10.66 32.39 8.19
CM7 4AC A 467 12.54 31.84 6.84
P 4AC A 499 29.84 18.30 20.88
OP1 4AC A 499 30.03 16.92 21.41
OP2 4AC A 499 29.36 19.38 21.81
O5' 4AC A 499 31.19 18.77 20.19
C5' 4AC A 499 31.96 17.85 19.42
C4' 4AC A 499 32.83 18.53 18.39
O4' 4AC A 499 32.06 19.48 17.60
C3' 4AC A 499 33.98 19.38 18.91
O3' 4AC A 499 35.07 18.62 19.43
C2' 4AC A 499 34.33 20.20 17.68
O2' 4AC A 499 34.98 19.40 16.71
C1' 4AC A 499 32.92 20.52 17.17
N1 4AC A 499 32.46 21.83 17.69
C2 4AC A 499 32.99 23.01 17.11
O2 4AC A 499 33.77 22.93 16.16
N3 4AC A 499 32.63 24.25 17.58
C4 4AC A 499 31.82 24.34 18.57
N4 4AC A 499 31.49 25.60 19.00
C5 4AC A 499 31.24 23.17 19.24
C6 4AC A 499 31.59 21.96 18.77
C7 4AC A 499 30.65 26.01 20.02
O7 4AC A 499 30.00 25.32 20.80
CM7 4AC A 499 30.60 27.51 20.11
P OMG A 507 33.68 12.62 -5.02
OP1 OMG A 507 32.73 12.15 -6.10
OP2 OMG A 507 33.28 12.45 -3.59
O5' OMG A 507 35.06 11.84 -5.20
C5' OMG A 507 35.68 11.69 -6.47
C4' OMG A 507 37.09 11.13 -6.36
O4' OMG A 507 37.91 12.04 -5.58
C3' OMG A 507 37.24 9.79 -5.63
O3' OMG A 507 36.90 8.67 -6.41
C2' OMG A 507 38.71 9.84 -5.21
O2' OMG A 507 39.55 9.62 -6.34
CM2 OMG A 507 40.85 9.17 -5.96
C1' OMG A 507 38.85 11.30 -4.82
N9 OMG A 507 38.55 11.49 -3.39
C8 OMG A 507 37.45 12.05 -2.86
N7 OMG A 507 37.50 12.04 -1.50
C5 OMG A 507 38.65 11.43 -1.16
C6 OMG A 507 39.33 11.07 0.11
O6 OMG A 507 38.82 11.34 1.21
N1 OMG A 507 40.51 10.45 0.04
C2 OMG A 507 41.09 10.14 -1.13
N2 OMG A 507 42.28 9.50 -1.11
N3 OMG A 507 40.52 10.43 -2.33
C4 OMG A 507 39.33 11.06 -2.40
P 5MC A 523 16.24 -20.64 -1.23
OP1 5MC A 523 14.82 -20.27 -0.86
OP2 5MC A 523 16.93 -21.76 -0.51
O5' 5MC A 523 16.28 -20.98 -2.77
C5' 5MC A 523 15.72 -20.11 -3.74
C4' 5MC A 523 16.12 -20.54 -5.13
O4' 5MC A 523 17.56 -20.45 -5.26
C3' 5MC A 523 15.80 -21.97 -5.50
O3' 5MC A 523 14.46 -22.16 -5.95
C2' 5MC A 523 16.85 -22.31 -6.57
O2' 5MC A 523 16.40 -21.90 -7.85
C1' 5MC A 523 18.03 -21.41 -6.16
N1 5MC A 523 19.12 -22.17 -5.52
C2 5MC A 523 20.10 -22.80 -6.34
O2 5MC A 523 19.99 -22.73 -7.57
N3 5MC A 523 21.12 -23.51 -5.82
C4 5MC A 523 21.26 -23.61 -4.49
N4 5MC A 523 22.28 -24.31 -3.97
C5 5MC A 523 20.26 -22.93 -3.61
C6 5MC A 523 19.22 -22.24 -4.19
CM5 5MC A 523 20.37 -23.03 -2.12
P 4AC A 534 21.61 -42.75 -14.63
OP1 4AC A 534 21.21 -43.97 -13.86
OP2 4AC A 534 22.17 -41.57 -13.87
O5' 4AC A 534 22.67 -43.17 -15.73
C5' 4AC A 534 22.80 -44.51 -16.19
C4' 4AC A 534 23.98 -44.67 -17.12
O4' 4AC A 534 24.00 -43.56 -18.07
C3' 4AC A 534 25.37 -44.63 -16.48
O3' 4AC A 534 25.77 -45.88 -15.97
C2' 4AC A 534 26.26 -44.12 -17.60
O2' 4AC A 534 26.66 -45.18 -18.44
C1' 4AC A 534 25.32 -43.21 -18.38
N1 4AC A 534 25.53 -41.77 -18.08
C2 4AC A 534 26.61 -41.08 -18.70
O2 4AC A 534 27.38 -41.66 -19.44
N3 4AC A 534 26.80 -39.74 -18.45
C4 4AC A 534 26.01 -39.11 -17.67
N4 4AC A 534 26.24 -37.78 -17.45
C5 4AC A 534 24.86 -39.77 -17.00
C6 4AC A 534 24.68 -41.06 -17.24
C7 4AC A 534 25.59 -36.84 -16.68
O7 4AC A 534 24.60 -36.99 -15.98
CM7 4AC A 534 26.25 -35.49 -16.79
P 4AC A 578 61.28 6.45 20.77
OP1 4AC A 578 62.07 6.29 19.49
OP2 4AC A 578 60.17 5.49 21.07
O5' 4AC A 578 62.27 6.42 22.01
C5' 4AC A 578 63.59 6.93 21.91
C4' 4AC A 578 64.30 6.95 23.25
O4' 4AC A 578 63.50 7.67 24.23
C3' 4AC A 578 64.54 5.61 23.92
O3' 4AC A 578 65.63 4.87 23.36
C2' 4AC A 578 64.76 6.01 25.37
O2' 4AC A 578 66.06 6.53 25.55
C1' 4AC A 578 63.76 7.15 25.53
N1 4AC A 578 62.49 6.67 26.13
C2 4AC A 578 62.49 6.37 27.52
O2 4AC A 578 63.50 6.54 28.18
N3 4AC A 578 61.34 5.90 28.13
C4 4AC A 578 60.29 5.71 27.43
N4 4AC A 578 59.17 5.25 28.06
C5 4AC A 578 60.23 5.99 25.98
C6 4AC A 578 61.33 6.45 25.39
C7 4AC A 578 57.91 4.96 27.57
O7 4AC A 578 57.49 5.07 26.42
CM7 4AC A 578 57.01 4.46 28.67
P 4AC A 614 17.60 -67.74 -13.33
OP1 4AC A 614 17.71 -68.65 -14.52
OP2 4AC A 614 17.11 -66.34 -13.54
O5' 4AC A 614 16.62 -68.40 -12.25
C5' 4AC A 614 16.76 -69.76 -11.85
C4' 4AC A 614 15.86 -70.10 -10.68
O4' 4AC A 614 16.22 -69.27 -9.54
C3' 4AC A 614 14.38 -69.83 -10.85
O3' 4AC A 614 13.69 -70.80 -11.62
C2' 4AC A 614 13.90 -69.75 -9.41
O2' 4AC A 614 13.81 -71.04 -8.84
C1' 4AC A 614 15.06 -69.01 -8.76
N1 4AC A 614 14.82 -67.54 -8.70
C2 4AC A 614 14.02 -67.03 -7.64
O2 4AC A 614 13.54 -67.77 -6.79
N3 4AC A 614 13.78 -65.66 -7.56
C4 4AC A 614 14.28 -64.86 -8.44
N4 4AC A 614 14.02 -63.52 -8.33
C5 4AC A 614 15.11 -65.35 -9.55
C6 4AC A 614 15.34 -66.66 -9.63
C7 4AC A 614 14.44 -62.47 -9.15
O7 4AC A 614 15.13 -62.51 -10.15
CM7 4AC A 614 13.90 -61.15 -8.64
P 4AC A 624 9.61 -51.50 -36.64
OP1 4AC A 624 10.30 -50.87 -37.82
OP2 4AC A 624 8.31 -50.93 -36.17
O5' 4AC A 624 9.38 -53.04 -36.97
C5' 4AC A 624 10.36 -53.82 -37.63
C4' 4AC A 624 9.97 -55.27 -37.75
O4' 4AC A 624 9.74 -55.83 -36.43
C3' 4AC A 624 8.68 -55.58 -38.50
O3' 4AC A 624 8.84 -55.55 -39.91
C2' 4AC A 624 8.31 -56.95 -37.97
O2' 4AC A 624 9.09 -57.97 -38.59
C1' 4AC A 624 8.75 -56.85 -36.51
N1 4AC A 624 7.62 -56.50 -35.62
C2 4AC A 624 6.66 -57.48 -35.27
O2 4AC A 624 6.74 -58.63 -35.68
N3 4AC A 624 5.59 -57.14 -34.44
C4 4AC A 624 5.51 -55.92 -34.01
N4 4AC A 624 4.48 -55.54 -33.19
C5 4AC A 624 6.48 -54.88 -34.36
C6 4AC A 624 7.49 -55.21 -35.14
C7 4AC A 624 4.25 -54.29 -32.65
O7 4AC A 624 4.89 -53.24 -32.78
CM7 4AC A 624 3.03 -54.28 -31.80
P OMG A 645 -28.24 -27.84 -46.98
OP1 OMG A 645 -28.09 -28.96 -45.99
OP2 OMG A 645 -29.18 -26.71 -46.67
O5' OMG A 645 -26.81 -27.19 -47.21
C5' OMG A 645 -25.64 -27.97 -47.31
C4' OMG A 645 -24.45 -27.11 -47.68
O4' OMG A 645 -24.78 -26.35 -48.88
C3' OMG A 645 -24.04 -26.06 -46.65
O3' OMG A 645 -23.12 -26.58 -45.71
C2' OMG A 645 -23.48 -24.92 -47.50
O2' OMG A 645 -22.11 -25.17 -47.81
CM2 OMG A 645 -21.45 -24.01 -48.35
C1' OMG A 645 -24.27 -25.05 -48.79
N9 OMG A 645 -25.40 -24.10 -48.91
C8 OMG A 645 -26.69 -24.45 -48.82
N7 OMG A 645 -27.51 -23.39 -49.01
C5 OMG A 645 -26.74 -22.33 -49.25
C6 OMG A 645 -26.96 -20.89 -49.53
O6 OMG A 645 -28.11 -20.42 -49.60
N1 OMG A 645 -25.89 -20.12 -49.72
C2 OMG A 645 -24.64 -20.59 -49.66
N2 OMG A 645 -23.61 -19.75 -49.86
N3 OMG A 645 -24.36 -21.89 -49.41
C4 OMG A 645 -25.35 -22.80 -49.20
P OMG A 668 -7.05 -49.70 -53.49
OP1 OMG A 668 -5.68 -50.24 -53.82
OP2 OMG A 668 -7.92 -50.47 -52.54
O5' OMG A 668 -6.86 -48.23 -52.90
C5' OMG A 668 -6.08 -47.25 -53.57
C4' OMG A 668 -6.33 -45.87 -53.02
O4' OMG A 668 -7.75 -45.61 -52.99
C3' OMG A 668 -5.87 -45.63 -51.59
O3' OMG A 668 -4.49 -45.34 -51.50
C2' OMG A 668 -6.76 -44.47 -51.14
O2' OMG A 668 -6.25 -43.23 -51.60
CM2 OMG A 668 -6.79 -42.10 -50.91
C1' OMG A 668 -8.06 -44.74 -51.91
N9 OMG A 668 -9.11 -45.37 -51.08
C8 OMG A 668 -9.48 -46.67 -51.11
N7 OMG A 668 -10.49 -46.91 -50.25
C5 OMG A 668 -10.80 -45.75 -49.65
C6 OMG A 668 -11.78 -45.30 -48.63
O6 OMG A 668 -12.59 -46.09 -48.11
N1 OMG A 668 -11.78 -44.01 -48.28
C2 OMG A 668 -10.92 -43.12 -48.82
N2 OMG A 668 -10.98 -41.84 -48.41
N3 OMG A 668 -10.00 -43.47 -49.76
C4 OMG A 668 -9.90 -44.74 -50.21
P 5MC A 681 2.81 -48.93 -12.75
OP1 5MC A 681 3.50 -49.99 -11.95
OP2 5MC A 681 2.86 -47.51 -12.27
O5' 5MC A 681 3.42 -48.96 -14.21
C5' 5MC A 681 3.82 -50.17 -14.83
C4' 5MC A 681 4.45 -49.92 -16.18
O4' 5MC A 681 3.53 -49.21 -17.04
C3' 5MC A 681 5.70 -49.05 -16.19
O3' 5MC A 681 6.88 -49.69 -15.76
C2' 5MC A 681 5.74 -48.58 -17.65
O2' 5MC A 681 6.21 -49.61 -18.49
C1' 5MC A 681 4.25 -48.37 -17.92
N1 5MC A 681 3.87 -46.95 -17.68
C2 5MC A 681 4.15 -45.99 -18.68
O2 5MC A 681 4.69 -46.34 -19.75
N3 5MC A 681 3.85 -44.69 -18.52
C4 5MC A 681 3.27 -44.26 -17.38
N4 5MC A 681 2.98 -42.96 -17.23
C5 5MC A 681 2.98 -45.24 -16.31
C6 5MC A 681 3.31 -46.57 -16.53
CM5 5MC A 681 2.33 -44.81 -15.02
P 4AC A 691 -5.68 -60.29 -28.33
OP1 4AC A 691 -6.31 -61.23 -27.35
OP2 4AC A 691 -4.68 -59.28 -27.85
O5' 4AC A 691 -5.03 -61.12 -29.52
C5' 4AC A 691 -5.61 -62.35 -29.95
C4' 4AC A 691 -4.89 -62.94 -31.14
O4' 4AC A 691 -4.86 -62.00 -32.23
C3' 4AC A 691 -3.43 -63.31 -30.94
O3' 4AC A 691 -3.23 -64.53 -30.25
C2' 4AC A 691 -2.89 -63.32 -32.37
O2' 4AC A 691 -3.23 -64.53 -33.02
C1' 4AC A 691 -3.69 -62.19 -33.00
N1 4AC A 691 -2.92 -60.93 -33.05
C2 4AC A 691 -1.90 -60.78 -34.03
O2 4AC A 691 -1.66 -61.66 -34.84
N3 4AC A 691 -1.18 -59.59 -34.08
C4 4AC A 691 -1.45 -58.68 -33.21
N4 4AC A 691 -0.74 -57.52 -33.26
C5 4AC A 691 -2.49 -58.80 -32.18
C6 4AC A 691 -3.17 -59.92 -32.14
C7 4AC A 691 -0.85 -56.41 -32.44
O7 4AC A 691 -1.60 -56.18 -31.50
CM7 4AC A 691 0.14 -55.37 -32.89
P 4AC A 706 28.93 -68.07 -2.02
OP1 4AC A 706 30.09 -68.98 -2.25
OP2 4AC A 706 28.42 -67.88 -0.63
O5' 4AC A 706 29.29 -66.65 -2.65
C5' 4AC A 706 29.97 -66.54 -3.90
C4' 4AC A 706 30.10 -65.09 -4.35
O4' 4AC A 706 28.78 -64.49 -4.41
C3' 4AC A 706 30.88 -64.17 -3.43
O3' 4AC A 706 32.28 -64.25 -3.63
C2' 4AC A 706 30.30 -62.79 -3.74
O2' 4AC A 706 31.00 -62.16 -4.80
C1' 4AC A 706 28.89 -63.10 -4.24
N1 4AC A 706 27.82 -62.63 -3.33
C2 4AC A 706 27.47 -61.24 -3.33
O2 4AC A 706 28.07 -60.44 -4.02
N3 4AC A 706 26.45 -60.79 -2.52
C4 4AC A 706 25.81 -61.62 -1.78
N4 4AC A 706 24.80 -61.12 -0.98
C5 4AC A 706 26.11 -63.05 -1.75
C6 4AC A 706 27.09 -63.49 -2.53
C7 4AC A 706 23.96 -61.78 -0.11
O7 4AC A 706 23.93 -62.98 0.16
CM7 4AC A 706 22.99 -60.83 0.57
P 4AC A 719 21.64 -41.76 -29.97
OP1 4AC A 719 21.22 -42.76 -31.02
OP2 4AC A 719 22.19 -40.44 -30.42
O5' 4AC A 719 20.39 -41.49 -29.02
C5' 4AC A 719 19.47 -42.50 -28.67
C4' 4AC A 719 18.48 -42.05 -27.63
O4' 4AC A 719 19.19 -41.46 -26.50
C3' 4AC A 719 17.50 -40.96 -28.04
O3' 4AC A 719 16.38 -41.46 -28.76
C2' 4AC A 719 17.13 -40.32 -26.72
O2' 4AC A 719 16.17 -41.10 -26.02
C1' 4AC A 719 18.45 -40.39 -25.96
N1 4AC A 719 19.24 -39.14 -26.06
C2 4AC A 719 18.80 -37.99 -25.35
O2 4AC A 719 17.78 -38.01 -24.68
N3 4AC A 719 19.53 -36.81 -25.42
C4 4AC A 719 20.61 -36.77 -26.12
N4 4AC A 719 21.31 -35.58 -26.16
C5 4AC A 719 21.11 -37.93 -26.87
C6 4AC A 719 20.42 -39.06 -26.80
C7 4AC A 719 22.48 -35.25 -26.82
O7 4AC A 719 23.17 -35.96 -27.53
CM7 4AC A 719 22.87 -33.81 -26.57
P 4AC A 739 -2.51 -12.87 -53.50
OP1 4AC A 739 -2.05 -11.91 -54.57
OP2 4AC A 739 -2.89 -12.31 -52.16
O5' 4AC A 739 -3.76 -13.69 -54.05
C5' 4AC A 739 -3.71 -14.34 -55.31
C4' 4AC A 739 -4.99 -15.11 -55.59
O4' 4AC A 739 -5.17 -16.16 -54.62
C3' 4AC A 739 -6.28 -14.30 -55.48
O3' 4AC A 739 -6.52 -13.52 -56.64
C2' 4AC A 739 -7.33 -15.38 -55.24
O2' 4AC A 739 -7.74 -15.97 -56.47
C1' 4AC A 739 -6.54 -16.42 -54.43
N1 4AC A 739 -6.86 -16.39 -52.99
C2 4AC A 739 -8.09 -16.97 -52.56
O2 4AC A 739 -8.85 -17.50 -53.36
N3 4AC A 739 -8.40 -16.96 -51.20
C4 4AC A 739 -7.60 -16.40 -50.36
N4 4AC A 739 -7.96 -16.40 -49.03
C5 4AC A 739 -6.34 -15.78 -50.76
C6 4AC A 739 -6.03 -15.80 -52.06
C7 4AC A 739 -7.32 -15.90 -47.93
O7 4AC A 739 -6.24 -15.31 -47.88
CM7 4AC A 739 -8.11 -16.15 -46.67
N1 OMC A 761 6.75 -42.52 -45.37
C2 OMC A 761 7.71 -42.24 -46.36
N3 OMC A 761 8.11 -40.98 -46.59
C4 OMC A 761 7.59 -39.96 -45.89
C5 OMC A 761 6.66 -40.21 -44.91
C6 OMC A 761 6.22 -41.51 -44.66
O2 OMC A 761 8.22 -43.15 -47.04
N4 OMC A 761 8.01 -38.70 -46.14
C1' OMC A 761 6.28 -43.91 -45.10
C2' OMC A 761 7.39 -44.85 -44.61
O2' OMC A 761 7.11 -46.15 -45.10
CM2 OMC A 761 7.86 -46.48 -46.26
C3' OMC A 761 7.20 -44.79 -43.11
C4' OMC A 761 5.69 -44.71 -42.98
O4' OMC A 761 5.29 -43.88 -44.09
O3' OMC A 761 7.76 -45.90 -42.43
C5' OMC A 761 5.16 -44.12 -41.69
O5' OMC A 761 5.57 -42.78 -41.52
P OMC A 761 5.09 -41.91 -40.28
OP1 OMC A 761 5.11 -42.79 -39.05
OP2 OMC A 761 5.87 -40.64 -40.29
N1 OMU A 762 11.78 -43.69 -45.86
C2 OMU A 762 12.57 -42.75 -46.57
N3 OMU A 762 12.39 -41.45 -46.39
C4 OMU A 762 11.47 -40.98 -45.54
C5 OMU A 762 10.67 -41.88 -44.85
C6 OMU A 762 10.84 -43.24 -45.02
O2 OMU A 762 13.44 -43.15 -47.36
O4 OMU A 762 11.31 -39.76 -45.40
C1' OMU A 762 11.96 -45.14 -46.07
C2' OMU A 762 13.25 -45.68 -45.45
O2' OMU A 762 13.71 -46.75 -46.26
CM2 OMU A 762 14.95 -46.47 -46.90
C3' OMU A 762 12.74 -46.22 -44.12
C4' OMU A 762 11.39 -46.80 -44.52
O3' OMU A 762 13.60 -47.16 -43.52
O4' OMU A 762 10.88 -45.84 -45.48
C5' OMU A 762 10.38 -47.01 -43.41
O5' OMU A 762 10.28 -45.87 -42.57
P OMU A 762 9.08 -45.74 -41.53
OP1 OMU A 762 9.14 -46.92 -40.59
OP2 OMU A 762 9.14 -44.35 -40.95
N1 OMU A 775 9.63 -28.04 -6.71
C2 OMU A 775 9.27 -27.61 -5.42
N3 OMU A 775 8.01 -27.31 -5.11
C4 OMU A 775 7.05 -27.42 -6.03
C5 OMU A 775 7.37 -27.84 -7.31
C6 OMU A 775 8.68 -28.15 -7.65
O2 OMU A 775 10.16 -27.49 -4.55
O4 OMU A 775 5.88 -27.13 -5.72
C1' OMU A 775 11.05 -28.33 -6.97
C2' OMU A 775 11.35 -29.50 -7.89
O2' OMU A 775 11.17 -30.73 -7.24
CM2 OMU A 775 11.40 -31.86 -8.10
C3' OMU A 775 12.79 -29.18 -8.29
C4' OMU A 775 12.76 -27.66 -8.43
O3' OMU A 775 13.63 -29.55 -7.20
O4' OMU A 775 11.65 -27.20 -7.59
C5' OMU A 775 12.61 -27.10 -9.82
O5' OMU A 775 11.44 -27.58 -10.50
P OMU A 775 11.23 -27.40 -12.07
OP1 OMU A 775 12.56 -27.51 -12.77
OP2 OMU A 775 10.16 -28.36 -12.50
P 4AC A 816 -5.90 -31.49 0.21
OP1 4AC A 816 -6.55 -30.19 -0.12
OP2 4AC A 816 -4.40 -31.58 0.13
O5' 4AC A 816 -6.36 -31.96 1.66
C5' 4AC A 816 -7.63 -31.61 2.18
C4' 4AC A 816 -7.87 -32.19 3.56
O4' 4AC A 816 -7.60 -33.61 3.56
C3' 4AC A 816 -7.01 -31.66 4.70
O3' 4AC A 816 -7.42 -30.40 5.20
C2' 4AC A 816 -7.13 -32.77 5.73
O2' 4AC A 816 -8.38 -32.69 6.40
C1' 4AC A 816 -7.15 -34.01 4.84
N1 4AC A 816 -5.80 -34.62 4.73
C2 4AC A 816 -5.31 -35.40 5.83
O2 4AC A 816 -6.01 -35.57 6.82
N3 4AC A 816 -4.06 -35.98 5.76
C4 4AC A 816 -3.34 -35.80 4.72
N4 4AC A 816 -2.10 -36.39 4.70
C5 4AC A 816 -3.77 -35.00 3.56
C6 4AC A 816 -4.98 -34.45 3.62
C7 4AC A 816 -1.11 -36.39 3.73
O7 4AC A 816 -1.11 -35.82 2.64
CM7 4AC A 816 0.07 -37.20 4.20
N1 OMU A 818 0.80 -32.95 12.88
C2 OMU A 818 2.08 -33.53 12.94
N3 OMU A 818 2.82 -33.69 11.84
C4 OMU A 818 2.36 -33.28 10.66
C5 OMU A 818 1.10 -32.71 10.55
C6 OMU A 818 0.32 -32.56 11.70
O2 OMU A 818 2.57 -33.92 14.02
O4 OMU A 818 3.05 -33.44 9.65
C1' OMU A 818 -0.02 -32.80 14.12
C2' OMU A 818 0.55 -31.75 15.07
O2' OMU A 818 0.27 -32.18 16.40
CM2 OMU A 818 1.39 -32.83 17.01
C3' OMU A 818 -0.29 -30.54 14.72
C4' OMU A 818 -1.65 -31.16 14.46
O3' OMU A 818 -0.29 -29.53 15.72
O4' OMU A 818 -1.32 -32.39 13.76
C5' OMU A 818 -2.64 -30.35 13.65
O5' OMU A 818 -2.17 -30.06 12.34
P OMU A 818 -2.95 -29.05 11.39
OP1 OMU A 818 -3.56 -28.00 12.25
OP2 OMU A 818 -2.00 -28.62 10.30
P 4AC A 827 0.03 -27.15 -0.32
OP1 4AC A 827 -0.17 -27.86 -1.62
OP2 4AC A 827 -1.00 -27.31 0.75
O5' 4AC A 827 1.45 -27.56 0.25
C5' 4AC A 827 2.58 -27.72 -0.60
C4' 4AC A 827 3.84 -28.06 0.18
O4' 4AC A 827 4.14 -27.00 1.13
C3' 4AC A 827 3.77 -29.31 1.04
O3' 4AC A 827 3.90 -30.52 0.33
C2' 4AC A 827 4.90 -29.06 2.04
O2' 4AC A 827 6.16 -29.32 1.47
C1' 4AC A 827 4.77 -27.55 2.27
N1 4AC A 827 3.98 -27.24 3.48
C2 4AC A 827 4.62 -27.28 4.75
O2 4AC A 827 5.82 -27.54 4.83
N3 4AC A 827 3.90 -26.99 5.90
C4 4AC A 827 2.64 -26.71 5.80
N4 4AC A 827 1.93 -26.42 6.95
C5 4AC A 827 1.93 -26.67 4.51
C6 4AC A 827 2.62 -26.95 3.42
C7 4AC A 827 0.60 -26.10 7.12
O7 4AC A 827 -0.27 -25.98 6.27
CM7 4AC A 827 0.29 -25.87 8.58
N1 OMC A 834 16.06 -32.52 10.19
C2 OMC A 834 16.49 -33.82 9.87
N3 OMC A 834 16.36 -34.30 8.62
C4 OMC A 834 15.81 -33.52 7.65
C5 OMC A 834 15.40 -32.24 7.95
C6 OMC A 834 15.52 -31.76 9.24
O2 OMC A 834 17.00 -34.55 10.74
N4 OMC A 834 15.70 -34.02 6.41
C1' OMC A 834 16.22 -32.03 11.59
C2' OMC A 834 17.67 -31.68 11.90
O2' OMC A 834 17.86 -31.85 13.31
CM2 OMC A 834 18.69 -32.96 13.64
C3' OMC A 834 17.69 -30.21 11.54
C4' OMC A 834 16.34 -29.73 12.05
O4' OMC A 834 15.46 -30.85 11.76
O3' OMC A 834 18.81 -29.50 12.03
C5' OMC A 834 15.78 -28.46 11.45
O5' OMC A 834 15.59 -28.57 10.05
P OMC A 834 14.94 -27.39 9.20
OP1 OMC A 834 15.16 -26.07 9.89
OP2 OMC A 834 15.40 -27.55 7.79
P 4AC A 836 25.40 -32.27 9.57
OP1 4AC A 836 26.66 -31.91 10.29
OP2 4AC A 836 24.85 -31.33 8.55
O5' 4AC A 836 25.65 -33.66 8.83
C5' 4AC A 836 26.44 -34.69 9.42
C4' 4AC A 836 26.69 -35.83 8.47
O4' 4AC A 836 25.43 -36.42 8.05
C3' 4AC A 836 27.37 -35.48 7.15
O3' 4AC A 836 28.78 -35.28 7.25
C2' 4AC A 836 26.98 -36.66 6.26
O2' 4AC A 836 27.81 -37.79 6.52
C1' 4AC A 836 25.57 -36.96 6.75
N1 4AC A 836 24.56 -36.35 5.84
C2 4AC A 836 24.16 -37.07 4.68
O2 4AC A 836 24.60 -38.19 4.46
N3 4AC A 836 23.26 -36.50 3.79
C4 4AC A 836 22.80 -35.32 4.00
N4 4AC A 836 21.91 -34.77 3.12
C5 4AC A 836 23.19 -34.53 5.18
C6 4AC A 836 24.06 -35.07 6.03
C7 4AC A 836 21.29 -33.52 3.14
O7 4AC A 836 21.39 -32.63 3.96
CM7 4AC A 836 20.37 -33.34 1.96
P 4AC A 839 32.20 -31.58 -5.47
OP1 4AC A 839 33.60 -31.47 -5.99
OP2 4AC A 839 31.82 -30.64 -4.36
O5' 4AC A 839 31.20 -31.34 -6.68
C5' 4AC A 839 31.40 -31.98 -7.93
C4' 4AC A 839 30.17 -31.94 -8.82
O4' 4AC A 839 29.00 -32.41 -8.09
C3' 4AC A 839 29.73 -30.57 -9.34
O3' 4AC A 839 30.52 -30.09 -10.42
C2' 4AC A 839 28.28 -30.83 -9.71
O2' 4AC A 839 28.18 -31.49 -10.96
C1' 4AC A 839 27.84 -31.79 -8.61
N1 4AC A 839 27.12 -31.07 -7.52
C2 4AC A 839 25.80 -30.63 -7.80
O2 4AC A 839 25.27 -30.88 -8.87
N3 4AC A 839 25.10 -29.92 -6.85
C4 4AC A 839 25.63 -29.64 -5.72
N4 4AC A 839 24.87 -28.94 -4.84
C5 4AC A 839 27.01 -30.06 -5.38
C6 4AC A 839 27.70 -30.74 -6.29
C7 4AC A 839 25.15 -28.49 -3.55
O7 4AC A 839 26.18 -28.63 -2.91
CM7 4AC A 839 23.98 -27.74 -2.97
P 4AC A 856 34.85 -27.11 -35.94
OP1 4AC A 856 35.55 -28.38 -36.30
OP2 4AC A 856 34.95 -25.93 -36.85
O5' 4AC A 856 33.30 -27.42 -35.73
C5' 4AC A 856 32.87 -28.56 -35.00
C4' 4AC A 856 31.38 -28.55 -34.78
O4' 4AC A 856 30.97 -27.32 -34.13
C3' 4AC A 856 30.50 -28.59 -36.02
O3' 4AC A 856 30.42 -29.87 -36.62
C2' 4AC A 856 29.17 -28.10 -35.47
O2' 4AC A 856 28.54 -29.10 -34.69
C1' 4AC A 856 29.65 -27.00 -34.52
N1 4AC A 856 29.62 -25.67 -35.18
C2 4AC A 856 28.36 -25.09 -35.46
O2 4AC A 856 27.32 -25.66 -35.13
N3 4AC A 856 28.27 -23.87 -36.10
C4 4AC A 856 29.36 -23.26 -36.44
N4 4AC A 856 29.22 -22.04 -37.08
C5 4AC A 856 30.69 -23.81 -36.20
C6 4AC A 856 30.77 -24.99 -35.58
C7 4AC A 856 30.20 -21.18 -37.55
O7 4AC A 856 31.42 -21.31 -37.52
CM7 4AC A 856 29.58 -19.94 -38.17
P OMG A 861 18.30 -17.80 -38.84
OP1 OMG A 861 17.64 -16.46 -38.81
OP2 OMG A 861 19.79 -17.87 -38.88
O5' OMG A 861 17.78 -18.65 -37.59
C5' OMG A 861 18.59 -18.81 -36.42
C4' OMG A 861 18.76 -20.27 -36.08
O4' OMG A 861 19.41 -20.96 -37.18
C3' OMG A 861 19.65 -20.56 -34.88
O3' OMG A 861 18.99 -20.42 -33.64
C2' OMG A 861 20.12 -21.99 -35.17
O2' OMG A 861 19.10 -22.93 -34.90
CM2 OMG A 861 19.63 -24.23 -34.67
C1' OMG A 861 20.32 -21.91 -36.68
N9 OMG A 861 21.68 -21.46 -37.01
C8 OMG A 861 22.00 -20.31 -37.61
N7 OMG A 861 23.34 -20.18 -37.74
C5 OMG A 861 23.90 -21.27 -37.20
C6 OMG A 861 25.28 -21.77 -37.01
O6 OMG A 861 26.25 -21.12 -37.40
N1 OMG A 861 25.43 -22.95 -36.40
C2 OMG A 861 24.40 -23.69 -35.97
N2 OMG A 861 24.64 -24.87 -35.37
N3 OMG A 861 23.10 -23.28 -36.12
C4 OMG A 861 22.80 -22.12 -36.71
P 5MC A 863 21.63 -22.27 -27.39
OP1 5MC A 863 20.71 -22.61 -26.26
OP2 5MC A 863 21.66 -20.85 -27.90
O5' 5MC A 863 23.12 -22.65 -26.96
C5' 5MC A 863 23.44 -23.94 -26.44
C4' 5MC A 863 24.93 -24.13 -26.30
O4' 5MC A 863 25.54 -24.14 -27.62
C3' 5MC A 863 25.69 -23.04 -25.56
O3' 5MC A 863 25.61 -23.18 -24.14
C2' 5MC A 863 27.10 -23.18 -26.10
O2' 5MC A 863 27.78 -24.26 -25.49
C1' 5MC A 863 26.83 -23.58 -27.55
N1 5MC A 863 26.89 -22.40 -28.45
C2 5MC A 863 28.16 -21.90 -28.84
O2 5MC A 863 29.18 -22.46 -28.42
N3 5MC A 863 28.28 -20.83 -29.65
C4 5MC A 863 27.19 -20.21 -30.11
N4 5MC A 863 27.33 -19.14 -30.91
C5 5MC A 863 25.84 -20.71 -29.72
C6 5MC A 863 25.77 -21.81 -28.88
CM5 5MC A 863 24.59 -20.04 -30.21
P OMG A 901 -53.83 11.44 -27.06
OP1 OMG A 901 -54.98 12.07 -27.82
OP2 OMG A 901 -52.88 10.55 -27.80
O5' OMG A 901 -52.99 12.62 -26.43
C5' OMG A 901 -53.61 13.68 -25.70
C4' OMG A 901 -52.60 14.59 -25.06
O4' OMG A 901 -51.74 13.83 -24.16
C3' OMG A 901 -51.62 15.29 -25.98
O3' OMG A 901 -52.17 16.37 -26.71
C2' OMG A 901 -50.52 15.67 -25.01
O2' OMG A 901 -50.92 16.78 -24.19
CM2 OMG A 901 -49.87 17.70 -23.94
C1' OMG A 901 -50.46 14.42 -24.12
N9 OMG A 901 -49.46 13.48 -24.65
C8 OMG A 901 -49.68 12.44 -25.48
N7 OMG A 901 -48.52 11.81 -25.78
C5 OMG A 901 -47.52 12.47 -25.17
C6 OMG A 901 -46.04 12.35 -25.07
O6 OMG A 901 -45.43 11.45 -25.66
N1 OMG A 901 -45.38 13.24 -24.31
C2 OMG A 901 -46.02 14.23 -23.66
N2 OMG A 901 -45.30 15.10 -22.91
N3 OMG A 901 -47.36 14.40 -23.70
C4 OMG A 901 -48.15 13.57 -24.43
P OMG A 922 -18.72 41.90 -17.56
OP1 OMG A 922 -17.32 41.54 -17.97
OP2 OMG A 922 -19.85 41.56 -18.48
O5' OMG A 922 -19.01 41.23 -16.14
C5' OMG A 922 -17.98 41.12 -15.17
C4' OMG A 922 -18.47 40.52 -13.86
O4' OMG A 922 -19.72 41.14 -13.45
C3' OMG A 922 -18.79 39.04 -13.84
O3' OMG A 922 -17.67 38.19 -13.86
C2' OMG A 922 -19.63 38.93 -12.57
O2' OMG A 922 -18.81 39.05 -11.42
CM2 OMG A 922 -19.43 38.55 -10.24
C1' OMG A 922 -20.47 40.20 -12.69
N9 OMG A 922 -21.74 39.91 -13.39
C8 OMG A 922 -22.11 40.30 -14.62
N7 OMG A 922 -23.34 39.81 -14.92
C5 OMG A 922 -23.76 39.07 -13.89
C6 OMG A 922 -24.96 38.28 -13.55
O6 OMG A 922 -25.93 38.16 -14.34
N1 OMG A 922 -25.00 37.67 -12.36
C2 OMG A 922 -24.00 37.76 -11.48
N2 OMG A 922 -24.11 37.13 -10.29
N3 OMG A 922 -22.88 38.48 -11.72
C4 OMG A 922 -22.70 39.14 -12.88
N1 B8H A 926 -20.59 16.42 -17.16
C2 B8H A 926 -20.64 15.07 -16.85
C4 B8H A 926 -22.87 15.02 -17.81
C1' B8H A 926 -23.89 17.10 -18.80
C2' B8H A 926 -25.15 17.54 -18.07
C3' B8H A 926 -24.94 19.04 -17.93
C4' B8H A 926 -24.12 19.41 -19.17
C5 B8H A 926 -22.77 16.37 -18.09
C5' B8H A 926 -23.19 20.58 -19.03
C6 B8H A 926 -21.65 17.05 -17.76
CN1 B8H A 926 -19.39 17.17 -16.80
N3 B8H A 926 -21.79 14.37 -17.19
O2 B8H A 926 -19.72 14.52 -16.31
O2' B8H A 926 -26.26 17.27 -18.90
O3' B8H A 926 -26.14 19.77 -17.84
O4 B8H A 926 -23.86 14.32 -18.10
O4' B8H A 926 -23.35 18.21 -19.47
O5' B8H A 926 -22.39 20.45 -17.85
OP1 B8H A 926 -20.47 21.00 -16.35
OP2 B8H A 926 -20.05 20.18 -18.78
P B8H A 926 -20.89 20.97 -17.80
P 4AC A 945 -15.74 51.31 -15.99
OP1 4AC A 945 -14.34 51.02 -16.45
OP2 4AC A 945 -15.97 51.90 -14.64
O5' 4AC A 945 -16.44 52.25 -17.08
C5' 4AC A 945 -16.31 51.99 -18.46
C4' 4AC A 945 -17.11 52.96 -19.29
O4' 4AC A 945 -18.51 52.85 -18.93
C3' 4AC A 945 -16.81 54.43 -19.09
O3' 4AC A 945 -15.66 54.87 -19.79
C2' 4AC A 945 -18.09 55.11 -19.56
O2' 4AC A 945 -18.11 55.23 -20.97
C1' 4AC A 945 -19.16 54.08 -19.14
N1 4AC A 945 -19.86 54.49 -17.90
C2 4AC A 945 -20.83 55.52 -18.01
O2 4AC A 945 -21.07 56.03 -19.09
N3 4AC A 945 -21.52 55.94 -16.88
C4 4AC A 945 -21.26 55.40 -15.75
N4 4AC A 945 -21.96 55.84 -14.65
C5 4AC A 945 -20.26 54.32 -15.58
C6 4AC A 945 -19.60 53.93 -16.66
C7 4AC A 945 -21.90 55.46 -13.33
O7 4AC A 945 -21.19 54.60 -12.80
CM7 4AC A 945 -22.88 56.25 -12.50
P 5MC A 1013 -29.40 24.51 4.86
OP1 5MC A 1013 -30.86 24.32 5.13
OP2 5MC A 1013 -28.41 23.54 5.45
O5' 5MC A 1013 -29.18 24.49 3.27
C5' 5MC A 1013 -30.07 25.17 2.39
C4' 5MC A 1013 -29.56 25.19 0.98
O4' 5MC A 1013 -28.22 25.73 0.95
C3' 5MC A 1013 -29.43 23.83 0.29
O3' 5MC A 1013 -30.66 23.32 -0.23
C2' 5MC A 1013 -28.41 24.12 -0.80
O2' 5MC A 1013 -29.02 24.75 -1.92
C1' 5MC A 1013 -27.49 25.14 -0.11
N1 5MC A 1013 -26.28 24.48 0.43
C2 5MC A 1013 -25.23 24.20 -0.47
O2 5MC A 1013 -25.34 24.53 -1.66
N3 5MC A 1013 -24.10 23.59 -0.07
C4 5MC A 1013 -23.95 23.22 1.22
N4 5MC A 1013 -22.82 22.61 1.61
C5 5MC A 1013 -25.06 23.50 2.18
C6 5MC A 1013 -26.19 24.13 1.71
CM5 5MC A 1013 -24.94 23.10 3.62
P 4AC A 1016 -28.85 12.58 -7.01
OP1 4AC A 1016 -29.36 11.85 -8.22
OP2 4AC A 1016 -29.80 12.86 -5.89
O5' 4AC A 1016 -27.59 11.79 -6.42
C5' 4AC A 1016 -26.59 11.28 -7.29
C4' 4AC A 1016 -25.54 10.50 -6.53
O4' 4AC A 1016 -24.75 11.40 -5.72
C3' 4AC A 1016 -26.04 9.46 -5.55
O3' 4AC A 1016 -26.42 8.25 -6.17
C2' 4AC A 1016 -24.88 9.31 -4.57
O2' 4AC A 1016 -23.88 8.45 -5.10
C1' 4AC A 1016 -24.31 10.73 -4.55
N1 4AC A 1016 -24.75 11.50 -3.35
C2 4AC A 1016 -23.86 11.56 -2.25
O2 4AC A 1016 -22.78 10.98 -2.30
N3 4AC A 1016 -24.22 12.27 -1.11
C4 4AC A 1016 -25.36 12.86 -1.07
N4 4AC A 1016 -25.69 13.56 0.06
C5 4AC A 1016 -26.31 12.84 -2.19
C6 4AC A 1016 -25.96 12.17 -3.28
C7 4AC A 1016 -26.83 14.29 0.37
O7 4AC A 1016 -27.82 14.47 -0.32
CM7 4AC A 1016 -26.74 14.88 1.75
N1 OMC A 1024 -19.20 -0.17 18.05
C2 OMC A 1024 -20.00 -1.15 18.66
N3 OMC A 1024 -20.39 -2.25 17.96
C4 OMC A 1024 -20.01 -2.42 16.69
C5 OMC A 1024 -19.22 -1.46 16.07
C6 OMC A 1024 -18.82 -0.34 16.77
O2 OMC A 1024 -20.39 -1.03 19.83
N4 OMC A 1024 -20.41 -3.52 16.02
C1' OMC A 1024 -18.79 1.07 18.77
C2' OMC A 1024 -17.78 0.83 19.89
O2' OMC A 1024 -18.09 1.72 20.95
CM2 OMC A 1024 -18.92 1.12 21.94
C3' OMC A 1024 -16.47 1.24 19.22
C4' OMC A 1024 -16.91 2.37 18.30
O4' OMC A 1024 -18.23 1.98 17.86
O3' OMC A 1024 -15.46 1.64 20.13
C5' OMC A 1024 -16.05 2.63 17.09
O5' OMC A 1024 -15.92 1.46 16.29
P OMC A 1024 -15.36 1.51 14.81
OP1 OMC A 1024 -13.95 2.04 14.86
OP2 OMC A 1024 -15.60 0.16 14.19
N1 OMC A 1028 -11.50 -13.06 18.81
C2 OMC A 1028 -11.73 -12.41 17.58
N3 OMC A 1028 -11.36 -11.13 17.40
C4 OMC A 1028 -10.76 -10.45 18.39
C5 OMC A 1028 -10.51 -11.07 19.61
C6 OMC A 1028 -10.90 -12.39 19.81
O2 OMC A 1028 -12.29 -13.02 16.66
N4 OMC A 1028 -10.39 -9.16 18.18
C1' OMC A 1028 -11.93 -14.47 18.96
C2' OMC A 1028 -10.96 -15.46 18.31
O2' OMC A 1028 -11.71 -16.59 17.87
CM2 OMC A 1028 -11.85 -16.70 16.47
C3' OMC A 1028 -10.08 -15.83 19.51
C4' OMC A 1028 -11.11 -15.89 20.64
O4' OMC A 1028 -12.01 -14.80 20.33
O3' OMC A 1028 -9.34 -17.03 19.35
C5' OMC A 1028 -10.58 -15.71 22.03
O5' OMC A 1028 -9.96 -14.45 22.21
P OMC A 1028 -9.78 -13.82 23.65
OP1 OMC A 1028 -9.11 -14.85 24.51
OP2 OMC A 1028 -9.12 -12.48 23.50
C4 LHH A 1029 -7.93 -11.16 15.27
C5 LHH A 1029 -7.99 -12.23 16.18
C6 LHH A 1029 -8.25 -13.52 15.68
N1 LHH A 1029 -8.44 -13.67 14.38
C7 LHH A 1029 -7.40 -9.28 17.06
N3 LHH A 1029 -8.12 -11.40 13.98
N4 LHH A 1029 -7.66 -9.75 15.68
C1 LHH A 1029 -8.06 -15.69 10.83
C2 LHH A 1029 -8.37 -12.62 13.55
C1' LHH A 1029 -8.71 -15.01 13.80
C2' LHH A 1029 -7.43 -15.62 13.20
C3' LHH A 1029 -6.96 -16.51 14.35
C4' LHH A 1029 -8.28 -17.04 14.89
C5' LHH A 1029 -8.27 -17.61 16.29
CM7 LHH A 1029 -7.14 -7.77 17.29
O2 LHH A 1029 -8.54 -12.79 12.42
O2' LHH A 1029 -7.77 -16.40 12.08
O3' LHH A 1029 -6.07 -17.53 13.95
O4' LHH A 1029 -9.16 -15.89 14.82
O5' LHH A 1029 -7.94 -16.62 17.26
O7 LHH A 1029 -7.40 -10.02 18.00
OP1 LHH A 1029 -7.19 -18.35 18.94
OP2 LHH A 1029 -7.13 -15.82 19.47
P LHH A 1029 -7.82 -16.98 18.81
P OMG A 1057 -27.23 -12.06 22.50
OP1 OMG A 1057 -28.32 -12.78 23.25
OP2 OMG A 1057 -27.42 -11.75 21.05
O5' OMG A 1057 -26.90 -10.74 23.33
C5' OMG A 1057 -27.23 -9.45 22.85
C4' OMG A 1057 -26.33 -8.41 23.46
O4' OMG A 1057 -24.98 -8.57 22.96
C3' OMG A 1057 -26.65 -6.96 23.14
O3' OMG A 1057 -27.70 -6.43 23.95
C2' OMG A 1057 -25.32 -6.26 23.37
O2' OMG A 1057 -25.07 -6.10 24.76
CM2 OMG A 1057 -24.33 -4.91 25.02
C1' OMG A 1057 -24.35 -7.32 22.84
N9 OMG A 1057 -24.05 -7.08 21.41
C8 OMG A 1057 -24.43 -7.84 20.37
N7 OMG A 1057 -23.98 -7.31 19.21
C5 OMG A 1057 -23.31 -6.19 19.51
C6 OMG A 1057 -22.59 -5.14 18.75
O6 OMG A 1057 -22.50 -5.19 17.51
N1 OMG A 1057 -22.04 -4.15 19.45
C2 OMG A 1057 -22.11 -4.06 20.79
N2 OMG A 1057 -21.54 -3.02 21.43
N3 OMG A 1057 -22.76 -4.98 21.54
C4 OMG A 1057 -23.36 -6.04 20.97
P 4AC A 1135 -49.07 -9.63 -1.09
OP1 4AC A 1135 -48.76 -8.77 -2.28
OP2 4AC A 1135 -49.69 -9.02 0.13
O5' 4AC A 1135 -50.04 -10.81 -1.54
C5' 4AC A 1135 -49.91 -11.42 -2.82
C4' 4AC A 1135 -50.89 -12.54 -3.01
O4' 4AC A 1135 -50.75 -13.52 -1.93
C3' 4AC A 1135 -52.36 -12.18 -2.95
O3' 4AC A 1135 -52.83 -11.57 -4.14
C2' 4AC A 1135 -53.01 -13.51 -2.64
O2' 4AC A 1135 -53.07 -14.33 -3.79
C1' 4AC A 1135 -52.00 -14.12 -1.67
N1 4AC A 1135 -52.37 -13.88 -0.26
C2 4AC A 1135 -53.34 -14.73 0.34
O2 4AC A 1135 -53.85 -15.64 -0.31
N3 4AC A 1135 -53.72 -14.52 1.65
C4 4AC A 1135 -53.18 -13.55 2.31
N4 4AC A 1135 -53.55 -13.35 3.62
C5 4AC A 1135 -52.18 -12.65 1.74
C6 4AC A 1135 -51.82 -12.85 0.48
C7 4AC A 1135 -53.13 -12.39 4.51
O7 4AC A 1135 -52.30 -11.49 4.34
CM7 4AC A 1135 -53.82 -12.54 5.85
N1 OMU A 1165 -24.12 37.69 5.77
C2 OMU A 1165 -24.11 36.46 6.45
N3 OMU A 1165 -23.53 35.39 5.89
C4 OMU A 1165 -22.98 35.46 4.68
C5 OMU A 1165 -22.98 36.67 3.99
C6 OMU A 1165 -23.56 37.79 4.56
O2 OMU A 1165 -24.62 36.36 7.58
O4 OMU A 1165 -22.47 34.44 4.20
C1' OMU A 1165 -24.76 38.85 6.42
C2' OMU A 1165 -23.81 39.52 7.43
O2' OMU A 1165 -24.59 40.06 8.48
CM2 OMU A 1165 -24.46 39.30 9.68
C3' OMU A 1165 -23.19 40.63 6.58
C4' OMU A 1165 -24.37 41.06 5.71
O3' OMU A 1165 -22.64 41.69 7.33
O4' OMU A 1165 -25.07 39.82 5.44
C5' OMU A 1165 -24.03 41.74 4.41
O5' OMU A 1165 -23.30 40.88 3.53
P OMU A 1165 -23.16 41.20 1.99
OP1 OMU A 1165 -22.75 42.65 1.81
OP2 OMU A 1165 -22.30 40.13 1.37
P 4AC A 1172 -1.70 49.42 -2.93
OP1 4AC A 1172 -0.57 49.89 -3.82
OP2 4AC A 1172 -1.47 49.26 -1.45
O5' 4AC A 1172 -2.95 50.38 -3.13
C5' 4AC A 1172 -3.59 50.50 -4.39
C4' 4AC A 1172 -4.93 51.18 -4.26
O4' 4AC A 1172 -5.87 50.31 -3.62
C3' 4AC A 1172 -4.95 52.44 -3.41
O3' 4AC A 1172 -4.47 53.58 -4.09
C2' 4AC A 1172 -6.43 52.55 -3.04
O2' 4AC A 1172 -7.17 53.11 -4.11
C1' 4AC A 1172 -6.82 51.07 -2.91
N1 4AC A 1172 -6.85 50.63 -1.51
C2 4AC A 1172 -7.94 50.98 -0.68
O2 4AC A 1172 -8.86 51.67 -1.13
N3 4AC A 1172 -7.97 50.56 0.63
C4 4AC A 1172 -6.99 49.85 1.08
N4 4AC A 1172 -7.04 49.44 2.39
C5 4AC A 1172 -5.83 49.45 0.27
C6 4AC A 1172 -5.81 49.86 -0.99
C7 4AC A 1172 -6.12 48.68 3.11
O7 4AC A 1172 -5.06 48.19 2.73
CM7 4AC A 1172 -6.60 48.48 4.53
P 5MC A 1190 -29.88 37.04 -38.95
OP1 5MC A 1190 -31.02 36.50 -39.76
OP2 5MC A 1190 -30.15 38.03 -37.85
O5' 5MC A 1190 -29.07 35.83 -38.32
C5' 5MC A 1190 -28.57 34.77 -39.10
C4' 5MC A 1190 -27.40 34.10 -38.42
O4' 5MC A 1190 -26.64 35.09 -37.69
C3' 5MC A 1190 -27.74 33.06 -37.37
O3' 5MC A 1190 -28.06 31.79 -37.91
C2' 5MC A 1190 -26.49 33.05 -36.50
O2' 5MC A 1190 -25.47 32.27 -37.11
C1' 5MC A 1190 -26.06 34.51 -36.54
N1 5MC A 1190 -26.52 35.27 -35.34
C2 5MC A 1190 -25.85 35.04 -34.11
O2 5MC A 1190 -24.90 34.24 -34.06
N3 5MC A 1190 -26.22 35.68 -32.99
C4 5MC A 1190 -27.24 36.56 -33.01
N4 5MC A 1190 -27.61 37.20 -31.87
C5 5MC A 1190 -27.95 36.81 -34.28
C6 5MC A 1190 -27.54 36.12 -35.42
CM5 5MC A 1190 -29.10 37.77 -34.34
P 4AC A 1221 -55.79 49.96 -3.13
OP1 4AC A 1221 -55.30 49.31 -4.39
OP2 4AC A 1221 -56.28 51.39 -3.20
O5' 4AC A 1221 -56.95 49.06 -2.55
C5' 4AC A 1221 -56.82 47.64 -2.50
C4' 4AC A 1221 -58.10 47.00 -2.03
O4' 4AC A 1221 -58.38 47.43 -0.67
C3' 4AC A 1221 -59.34 47.38 -2.81
O3' 4AC A 1221 -59.50 46.62 -4.00
C2' 4AC A 1221 -60.47 47.17 -1.80
O2' 4AC A 1221 -60.85 45.81 -1.74
C1' 4AC A 1221 -59.78 47.54 -0.49
N1 4AC A 1221 -60.10 48.92 -0.04
C2 4AC A 1221 -61.27 49.16 0.72
O2 4AC A 1221 -62.02 48.24 1.04
N3 4AC A 1221 -61.57 50.46 1.14
C4 4AC A 1221 -60.78 51.41 0.81
N4 4AC A 1221 -61.10 52.69 1.22
C5 4AC A 1221 -59.57 51.22 0.01
C6 4AC A 1221 -59.28 49.99 -0.37
C7 4AC A 1221 -60.42 53.88 1.00
O7 4AC A 1221 -59.38 54.07 0.38
CM7 4AC A 1221 -61.14 55.03 1.65
P 4AC A 1227 -75.63 61.07 -15.99
OP1 4AC A 1227 -76.56 61.99 -16.72
OP2 4AC A 1227 -75.86 59.58 -16.07
O5' 4AC A 1227 -74.14 61.38 -16.46
C5' 4AC A 1227 -73.70 62.72 -16.61
C4' 4AC A 1227 -72.26 62.81 -17.06
O4' 4AC A 1227 -71.39 62.23 -16.05
C3' 4AC A 1227 -71.89 62.06 -18.31
O3' 4AC A 1227 -72.30 62.69 -19.50
C2' 4AC A 1227 -70.38 61.94 -18.19
O2' 4AC A 1227 -69.76 63.16 -18.54
C1' 4AC A 1227 -70.21 61.74 -16.68
N1 4AC A 1227 -70.02 60.31 -16.32
C2 4AC A 1227 -68.75 59.72 -16.59
O2 4AC A 1227 -67.85 60.36 -17.13
N3 4AC A 1227 -68.53 58.40 -16.27
C4 4AC A 1227 -69.46 57.70 -15.72
N4 4AC A 1227 -69.20 56.39 -15.42
C5 4AC A 1227 -70.79 58.26 -15.42
C6 4AC A 1227 -71.00 59.54 -15.72
C7 4AC A 1227 -70.01 55.42 -14.84
O7 4AC A 1227 -71.16 55.51 -14.45
CM7 4AC A 1227 -69.25 54.11 -14.72
P 5MC A 1362 -14.76 5.63 -19.05
OP1 5MC A 1362 -15.91 5.87 -18.12
OP2 5MC A 1362 -15.09 5.32 -20.48
O5' 5MC A 1362 -13.83 6.92 -19.08
C5' 5MC A 1362 -12.71 6.99 -19.96
C4' 5MC A 1362 -11.94 8.29 -19.78
O4' 5MC A 1362 -12.86 9.40 -19.92
C3' 5MC A 1362 -11.26 8.46 -18.41
O3' 5MC A 1362 -10.05 9.19 -18.55
C2' 5MC A 1362 -12.28 9.30 -17.65
O2' 5MC A 1362 -11.73 10.05 -16.59
C1' 5MC A 1362 -12.86 10.19 -18.74
N1 5MC A 1362 -14.23 10.65 -18.47
C2 5MC A 1362 -14.48 12.03 -18.25
O2 5MC A 1362 -13.55 12.84 -18.28
N3 5MC A 1362 -15.72 12.48 -17.99
C4 5MC A 1362 -16.78 11.64 -17.93
N4 5MC A 1362 -18.02 12.11 -17.67
C5 5MC A 1362 -16.53 10.20 -18.16
C6 5MC A 1362 -15.24 9.77 -18.43
CM5 5MC A 1362 -17.67 9.23 -18.11
N1 OMC A 1364 -3.89 2.67 -18.63
C2 OMC A 1364 -3.96 1.79 -19.73
N3 OMC A 1364 -4.50 2.19 -20.90
C4 OMC A 1364 -4.98 3.44 -21.04
C5 OMC A 1364 -4.92 4.32 -19.98
C6 OMC A 1364 -4.37 3.92 -18.77
O2 OMC A 1364 -3.53 0.63 -19.62
N4 OMC A 1364 -5.51 3.81 -22.22
C1' OMC A 1364 -3.29 2.23 -17.34
C2' OMC A 1364 -1.77 2.09 -17.42
O2' OMC A 1364 -1.36 1.05 -16.54
CM2 OMC A 1364 -1.32 -0.24 -17.12
C3' OMC A 1364 -1.32 3.46 -16.91
C4' OMC A 1364 -2.34 3.74 -15.81
O4' OMC A 1364 -3.58 3.19 -16.34
O3' OMC A 1364 0.01 3.46 -16.44
C5' OMC A 1364 -2.54 5.19 -15.42
O5' OMC A 1364 -3.19 5.94 -16.45
P OMC A 1364 -3.85 7.36 -16.16
OP1 OMC A 1364 -2.89 8.17 -15.33
OP2 OMC A 1364 -4.34 7.91 -17.45
N1 OMU A 1368 6.56 3.16 -35.61
C2 OMU A 1368 5.61 4.02 -36.19
N3 OMU A 1368 5.03 4.99 -35.49
C4 OMU A 1368 5.36 5.18 -34.21
C5 OMU A 1368 6.29 4.35 -33.59
C6 OMU A 1368 6.88 3.32 -34.32
O2 OMU A 1368 5.30 3.86 -37.39
O4 OMU A 1368 4.81 6.09 -33.57
C1' OMU A 1368 7.17 2.08 -36.42
C2' OMU A 1368 8.25 2.59 -37.36
O2' OMU A 1368 8.19 1.84 -38.56
CM2 OMU A 1368 7.64 2.55 -39.66
C3' OMU A 1368 9.52 2.26 -36.58
C4' OMU A 1368 9.14 0.93 -35.93
O3' OMU A 1368 10.68 2.16 -37.40
O4' OMU A 1368 7.75 1.12 -35.56
C5' OMU A 1368 9.96 0.50 -34.73
O5' OMU A 1368 9.74 1.33 -33.61
P OMU A 1368 10.23 0.90 -32.16
OP1 OMU A 1368 11.61 0.30 -32.27
OP2 OMU A 1368 10.02 2.06 -31.24
P UR3 A 1455 -7.59 1.55 -34.25
OP1 UR3 A 1455 -8.56 0.57 -34.86
OP2 UR3 A 1455 -8.17 2.82 -33.69
O5' UR3 A 1455 -6.78 0.82 -33.09
C5' UR3 A 1455 -6.10 -0.42 -33.30
C4' UR3 A 1455 -5.44 -0.94 -32.04
O4' UR3 A 1455 -4.52 0.07 -31.53
C1' UR3 A 1455 -4.89 0.44 -30.21
N1 UR3 A 1455 -4.71 1.90 -30.08
C6 UR3 A 1455 -5.21 2.73 -31.00
C2 UR3 A 1455 -4.03 2.42 -28.96
O2 UR3 A 1455 -3.58 1.67 -28.08
N3 UR3 A 1455 -3.88 3.81 -28.83
C3U UR3 A 1455 -3.18 4.37 -27.68
C4 UR3 A 1455 -4.40 4.66 -29.81
O4 UR3 A 1455 -4.27 5.88 -29.68
C5 UR3 A 1455 -5.07 4.12 -30.89
C2' UR3 A 1455 -6.33 -0.04 -30.01
O2' UR3 A 1455 -6.60 -0.27 -28.64
C3' UR3 A 1455 -6.38 -1.29 -30.89
O3' UR3 A 1455 -5.86 -2.40 -30.15
C2 6MZ A 1457 -2.11 -2.46 -20.86
C4 6MZ A 1457 -2.29 -3.73 -22.83
C5 6MZ A 1457 -3.11 -2.67 -23.43
O1P 6MZ A 1457 -5.39 -8.78 -27.33
O2P 6MZ A 1457 -5.67 -6.23 -27.28
N9 6MZ A 1457 -2.18 -4.70 -23.73
N3 6MZ A 1457 -1.84 -3.56 -21.56
N1 6MZ A 1457 -2.85 -1.46 -21.34
C6 6MZ A 1457 -3.38 -1.47 -22.58
N6 6MZ A 1457 -4.11 -0.39 -22.95
C9 6MZ A 1457 -4.74 -0.24 -24.24
N7 6MZ A 1457 -3.42 -3.11 -24.66
C8 6MZ A 1457 -2.85 -4.33 -24.83
O5' 6MZ A 1457 -3.78 -7.31 -26.11
C5' 6MZ A 1457 -2.84 -8.32 -25.81
C4' 6MZ A 1457 -2.05 -7.96 -24.58
O4' 6MZ A 1457 -1.43 -6.67 -24.77
C1' 6MZ A 1457 -1.41 -5.95 -23.56
C2' 6MZ A 1457 -2.00 -6.87 -22.47
O2' 6MZ A 1457 -0.92 -7.57 -21.86
C3' 6MZ A 1457 -2.86 -7.80 -23.30
O3' 6MZ A 1457 -3.15 -9.04 -22.66
P 6MZ A 1457 -4.77 -7.42 -27.34
P 4AC A 1467 5.92 -15.44 -25.66
OP1 4AC A 1467 7.10 -14.52 -25.74
OP2 4AC A 1467 5.05 -15.62 -26.87
O5' 4AC A 1467 6.38 -16.92 -25.31
C5' 4AC A 1467 7.39 -17.20 -24.35
C4' 4AC A 1467 7.80 -18.66 -24.40
O4' 4AC A 1467 6.62 -19.50 -24.23
C3' 4AC A 1467 8.40 -19.13 -25.73
O3' 4AC A 1467 9.78 -18.84 -25.85
C2' 4AC A 1467 8.08 -20.62 -25.74
O2' 4AC A 1467 9.00 -21.35 -24.95
C1' 4AC A 1467 6.71 -20.65 -25.07
N1 4AC A 1467 5.60 -20.63 -26.06
C2 4AC A 1467 5.31 -21.80 -26.81
O2 4AC A 1467 5.95 -22.82 -26.65
N3 4AC A 1467 4.28 -21.81 -27.76
C4 4AC A 1467 3.59 -20.74 -27.96
N4 4AC A 1467 2.59 -20.80 -28.91
C5 4AC A 1467 3.84 -19.50 -27.22
C6 4AC A 1467 4.82 -19.49 -26.32
C7 4AC A 1467 1.70 -19.83 -29.34
O7 4AC A 1467 1.60 -18.68 -28.96
CM7 4AC A 1467 0.76 -20.34 -30.41
C2 MA6 A 1475 -0.71 0.35 -35.94
C4 MA6 A 1475 1.10 -0.47 -37.17
C5 MA6 A 1475 0.17 -1.14 -38.09
P MA6 A 1475 5.48 -3.32 -40.79
OP1 MA6 A 1475 6.87 -3.88 -40.94
OP2 MA6 A 1475 4.30 -4.18 -41.14
O5' MA6 A 1475 5.31 -2.78 -39.30
C5' MA6 A 1475 6.26 -1.91 -38.72
C4' MA6 A 1475 5.68 -1.17 -37.54
O4' MA6 A 1475 4.59 -0.33 -37.98
C1' MA6 A 1475 3.58 -0.28 -37.00
N9 MA6 A 1475 2.33 -0.76 -37.62
N3 MA6 A 1475 0.61 0.24 -36.14
N1 MA6 A 1475 -1.61 -0.24 -36.72
C6 MA6 A 1475 -1.28 -0.98 -37.81
N6 MA6 A 1475 -2.30 -1.55 -38.59
C9 MA6 A 1475 -3.70 -1.31 -38.21
C10 MA6 A 1475 -2.03 -2.37 -39.77
N7 MA6 A 1475 0.93 -1.76 -39.00
C8 MA6 A 1475 2.22 -1.53 -38.70
C2' MA6 A 1475 4.02 -1.13 -35.82
O2' MA6 A 1475 4.61 -0.27 -34.85
C3' MA6 A 1475 5.06 -2.04 -36.45
O3' MA6 A 1475 6.03 -2.54 -35.54
C2 MA6 A 1476 -2.07 -1.77 -33.00
C4 MA6 A 1476 0.04 -2.59 -33.61
C5 MA6 A 1476 -0.57 -3.36 -34.71
P MA6 A 1476 6.19 -4.12 -35.25
OP1 MA6 A 1476 7.59 -4.51 -35.61
OP2 MA6 A 1476 5.06 -4.86 -35.88
O5' MA6 A 1476 6.05 -4.23 -33.67
C5' MA6 A 1476 4.87 -4.75 -33.06
C4' MA6 A 1476 4.16 -3.69 -32.26
O4' MA6 A 1476 3.63 -2.67 -33.15
C1' MA6 A 1476 2.34 -2.27 -32.72
N9 MA6 A 1476 1.35 -2.81 -33.68
N3 MA6 A 1476 -0.74 -1.83 -32.82
N1 MA6 A 1476 -2.70 -2.44 -33.97
C6 MA6 A 1476 -2.05 -3.24 -34.84
N6 MA6 A 1476 -2.83 -3.90 -35.82
C9 MA6 A 1476 -4.28 -3.67 -35.80
C10 MA6 A 1476 -2.25 -4.77 -36.83
N7 MA6 A 1476 0.43 -3.99 -35.32
C8 MA6 A 1476 1.59 -3.67 -34.68
C2' MA6 A 1476 2.13 -2.88 -31.34
O2' MA6 A 1476 2.69 -2.01 -30.37
C3' MA6 A 1476 2.94 -4.16 -31.46
O3' MA6 A 1476 3.26 -4.79 -30.24
P 5MC A 1484 0.85 -29.74 -21.91
OP1 5MC A 1484 1.08 -30.83 -20.89
OP2 5MC A 1484 -0.51 -29.62 -22.52
O5' 5MC A 1484 1.18 -28.35 -21.21
C5' 5MC A 1484 2.32 -28.17 -20.38
C4' 5MC A 1484 2.39 -26.76 -19.84
O4' 5MC A 1484 2.46 -25.84 -20.95
C3' 5MC A 1484 1.19 -26.29 -19.03
O3' 5MC A 1484 1.24 -26.68 -17.68
C2' 5MC A 1484 1.21 -24.78 -19.22
O2' 5MC A 1484 2.12 -24.17 -18.32
C1' 5MC A 1484 1.78 -24.64 -20.63
N1 5MC A 1484 0.75 -24.40 -21.67
C2 5MC A 1484 0.26 -23.09 -21.86
O2 5MC A 1484 0.68 -22.16 -21.16
N3 5MC A 1484 -0.65 -22.80 -22.82
C4 5MC A 1484 -1.13 -23.77 -23.61
N4 5MC A 1484 -2.06 -23.47 -24.55
C5 5MC A 1484 -0.64 -25.16 -23.42
C6 5MC A 1484 0.31 -25.40 -22.44
CM5 5MC A 1484 -1.16 -26.27 -24.30
P 5MC A 1486 -1.66 -21.94 -12.40
OP1 5MC A 1486 -0.52 -22.84 -12.06
OP2 5MC A 1486 -2.98 -22.19 -11.73
O5' 5MC A 1486 -1.26 -20.45 -12.02
C5' 5MC A 1486 -0.03 -19.88 -12.48
C4' 5MC A 1486 -0.27 -18.60 -13.22
O4' 5MC A 1486 1.02 -18.04 -13.63
C3' 5MC A 1486 -1.09 -18.73 -14.51
O3' 5MC A 1486 -1.85 -17.54 -14.72
C2' 5MC A 1486 0.00 -18.84 -15.57
O2' 5MC A 1486 -0.42 -18.51 -16.88
C1' 5MC A 1486 1.02 -17.84 -15.03
N1 5MC A 1486 2.39 -17.99 -15.56
C2 5MC A 1486 3.12 -19.21 -15.47
O2 5MC A 1486 2.63 -20.21 -14.94
N3 5MC A 1486 4.37 -19.31 -15.98
C4 5MC A 1486 4.98 -18.26 -16.58
N4 5MC A 1486 6.23 -18.37 -17.08
C5 5MC A 1486 4.23 -16.99 -16.67
C6 5MC A 1486 2.94 -16.93 -16.15
CM5 5MC A 1486 4.84 -15.78 -17.33
P 5MC A 1493 -24.54 -35.15 -14.53
OP1 5MC A 1493 -25.48 -36.32 -14.42
OP2 5MC A 1493 -24.38 -34.24 -13.34
O5' 5MC A 1493 -23.10 -35.73 -14.89
C5' 5MC A 1493 -22.95 -36.73 -15.87
C4' 5MC A 1493 -21.49 -36.95 -16.20
O4' 5MC A 1493 -20.88 -35.71 -16.59
C3' 5MC A 1493 -20.62 -37.45 -15.05
O3' 5MC A 1493 -20.75 -38.83 -14.80
C2' 5MC A 1493 -19.23 -37.03 -15.52
O2' 5MC A 1493 -18.76 -37.94 -16.51
C1' 5MC A 1493 -19.52 -35.70 -16.20
N1 5MC A 1493 -19.28 -34.54 -15.31
C2 5MC A 1493 -17.95 -34.11 -15.05
O2 5MC A 1493 -17.00 -34.71 -15.59
N3 5MC A 1493 -17.68 -33.06 -14.26
C4 5MC A 1493 -18.69 -32.38 -13.66
N4 5MC A 1493 -18.44 -31.32 -12.86
C5 5MC A 1493 -20.07 -32.82 -13.90
C6 5MC A 1493 -20.31 -33.90 -14.74
CM5 5MC A 1493 -21.21 -32.09 -13.26
N ALA B 9 -47.17 -35.55 -66.68
CA ALA B 9 -46.32 -36.61 -67.20
C ALA B 9 -45.61 -37.37 -66.07
N ALA B 10 -45.31 -36.65 -64.99
CA ALA B 10 -44.64 -37.27 -63.84
C ALA B 10 -45.54 -38.34 -63.24
N LYS B 11 -46.83 -38.02 -63.14
CA LYS B 11 -47.83 -38.96 -62.62
C LYS B 11 -47.95 -40.17 -63.54
N ASP B 12 -47.86 -39.92 -64.84
CA ASP B 12 -47.92 -40.99 -65.84
C ASP B 12 -46.75 -41.95 -65.67
N LYS B 13 -45.57 -41.41 -65.37
CA LYS B 13 -44.36 -42.19 -65.14
C LYS B 13 -44.53 -43.11 -63.92
N TRP B 14 -45.20 -42.59 -62.90
CA TRP B 14 -45.47 -43.37 -61.71
C TRP B 14 -46.49 -44.49 -61.99
N LYS B 15 -47.30 -44.32 -63.03
CA LYS B 15 -48.31 -45.33 -63.34
C LYS B 15 -47.75 -46.53 -64.09
N LEU B 16 -46.53 -46.45 -64.63
CA LEU B 16 -45.92 -47.59 -65.30
C LEU B 16 -45.41 -48.65 -64.33
N LYS B 17 -45.35 -48.35 -63.03
CA LYS B 17 -44.69 -49.24 -62.08
C LYS B 17 -45.65 -50.29 -61.54
N GLN B 18 -45.17 -51.53 -61.47
CA GLN B 18 -45.87 -52.64 -60.84
C GLN B 18 -45.26 -52.94 -59.48
N TRP B 19 -46.07 -53.54 -58.61
CA TRP B 19 -45.65 -53.87 -57.25
C TRP B 19 -45.29 -55.35 -57.16
N TYR B 20 -44.16 -55.64 -56.50
CA TYR B 20 -43.64 -56.99 -56.33
C TYR B 20 -43.64 -57.35 -54.84
N VAL B 21 -43.98 -58.60 -54.56
CA VAL B 21 -44.01 -59.14 -53.21
C VAL B 21 -42.64 -59.76 -52.89
N ILE B 22 -42.10 -59.44 -51.71
CA ILE B 22 -40.79 -59.91 -51.27
C ILE B 22 -40.97 -61.01 -50.23
N TYR B 23 -40.23 -62.10 -50.39
CA TYR B 23 -40.32 -63.25 -49.49
C TYR B 23 -39.01 -63.45 -48.74
N ALA B 24 -39.11 -63.89 -47.49
CA ALA B 24 -37.95 -64.27 -46.69
C ALA B 24 -37.36 -65.57 -47.21
N PRO B 25 -36.09 -65.84 -46.89
CA PRO B 25 -35.44 -67.06 -47.39
C PRO B 25 -36.10 -68.33 -46.88
N ASP B 26 -35.70 -69.45 -47.48
CA ASP B 26 -36.40 -70.72 -47.26
C ASP B 26 -36.29 -71.18 -45.82
N PHE B 27 -35.10 -71.10 -45.23
CA PHE B 27 -34.91 -71.64 -43.88
C PHE B 27 -35.38 -70.70 -42.78
N PHE B 28 -35.82 -69.49 -43.12
CA PHE B 28 -36.45 -68.61 -42.15
C PHE B 28 -37.98 -68.69 -42.19
N GLY B 29 -38.55 -69.48 -43.10
CA GLY B 29 -39.99 -69.67 -43.19
C GLY B 29 -40.57 -69.35 -44.56
N GLY B 30 -39.92 -68.45 -45.30
CA GLY B 30 -40.44 -68.02 -46.59
C GLY B 30 -41.74 -67.24 -46.54
N VAL B 31 -41.90 -66.41 -45.52
CA VAL B 31 -43.14 -65.65 -45.34
C VAL B 31 -43.05 -64.32 -46.07
N GLU B 32 -44.17 -63.64 -46.23
CA GLU B 32 -44.16 -62.35 -46.93
C GLU B 32 -43.68 -61.19 -46.04
N VAL B 33 -42.62 -60.52 -46.46
CA VAL B 33 -42.08 -59.40 -45.68
C VAL B 33 -42.35 -57.98 -46.21
N GLY B 34 -43.00 -57.84 -47.36
CA GLY B 34 -43.28 -56.51 -47.89
C GLY B 34 -43.51 -56.41 -49.39
N LEU B 35 -43.65 -55.18 -49.87
CA LEU B 35 -43.89 -54.90 -51.28
C LEU B 35 -43.00 -53.76 -51.76
N THR B 36 -42.51 -53.88 -53.00
CA THR B 36 -41.65 -52.86 -53.58
C THR B 36 -42.05 -52.56 -55.03
N PRO B 37 -42.02 -51.29 -55.45
CA PRO B 37 -42.43 -50.95 -56.81
C PRO B 37 -41.27 -50.88 -57.80
N ALA B 38 -41.59 -51.15 -59.06
CA ALA B 38 -40.60 -51.07 -60.14
C ALA B 38 -41.30 -51.24 -61.48
N ASP B 39 -40.73 -50.62 -62.51
CA ASP B 39 -41.26 -50.79 -63.87
C ASP B 39 -40.67 -52.04 -64.52
N ASP B 40 -39.36 -52.21 -64.44
CA ASP B 40 -38.69 -53.35 -65.04
C ASP B 40 -38.27 -54.32 -63.94
N PRO B 41 -38.64 -55.60 -64.02
CA PRO B 41 -38.27 -56.54 -62.95
C PRO B 41 -36.77 -56.73 -62.79
N GLU B 42 -35.96 -56.43 -63.80
CA GLU B 42 -34.52 -56.56 -63.68
C GLU B 42 -33.94 -55.59 -62.65
N LYS B 43 -34.61 -54.47 -62.39
CA LYS B 43 -34.13 -53.51 -61.41
C LYS B 43 -34.42 -53.93 -59.97
N VAL B 44 -35.18 -55.00 -59.76
CA VAL B 44 -35.47 -55.47 -58.40
C VAL B 44 -34.33 -56.29 -57.82
N LEU B 45 -33.46 -56.84 -58.65
CA LEU B 45 -32.36 -57.67 -58.17
C LEU B 45 -31.37 -56.86 -57.34
N ASN B 46 -30.87 -57.48 -56.28
CA ASN B 46 -29.85 -56.94 -55.36
C ASN B 46 -30.38 -55.87 -54.42
N ARG B 47 -31.68 -55.65 -54.37
CA ARG B 47 -32.25 -54.77 -53.34
C ARG B 47 -32.26 -55.48 -52.00
N VAL B 48 -32.19 -54.70 -50.92
CA VAL B 48 -32.04 -55.21 -49.57
C VAL B 48 -33.15 -54.68 -48.69
N VAL B 49 -33.67 -55.53 -47.81
CA VAL B 49 -34.72 -55.16 -46.87
C VAL B 49 -34.29 -55.59 -45.47
N GLU B 50 -34.58 -54.74 -44.48
CA GLU B 50 -34.23 -54.96 -43.09
C GLU B 50 -35.48 -55.27 -42.28
N VAL B 51 -35.48 -56.41 -41.58
CA VAL B 51 -36.62 -56.79 -40.75
C VAL B 51 -36.13 -57.33 -39.42
N THR B 52 -36.95 -57.15 -38.38
CA THR B 52 -36.58 -57.66 -37.08
C THR B 52 -37.01 -59.12 -36.93
N LEU B 53 -36.35 -59.83 -36.02
CA LEU B 53 -36.69 -61.21 -35.73
C LEU B 53 -38.08 -61.32 -35.12
N LYS B 54 -38.53 -60.28 -34.41
CA LYS B 54 -39.88 -60.27 -33.87
C LYS B 54 -40.94 -60.34 -34.97
N ASP B 55 -40.64 -59.78 -36.15
CA ASP B 55 -41.58 -59.86 -37.27
C ASP B 55 -41.76 -61.29 -37.77
N ILE B 56 -40.67 -62.06 -37.83
CA ILE B 56 -40.76 -63.43 -38.34
C ILE B 56 -41.41 -64.34 -37.32
N THR B 57 -40.77 -64.50 -36.18
CA THR B 57 -41.31 -65.27 -35.07
C THR B 57 -41.87 -64.28 -34.05
N GLY B 58 -43.15 -64.43 -33.73
CA GLY B 58 -43.78 -63.47 -32.84
C GLY B 58 -43.35 -63.60 -31.40
N ASP B 59 -42.52 -62.68 -30.93
CA ASP B 59 -42.18 -62.61 -29.51
C ASP B 59 -41.67 -61.21 -29.21
N PHE B 60 -42.22 -60.61 -28.16
CA PHE B 60 -41.90 -59.24 -27.80
C PHE B 60 -40.53 -59.09 -27.15
N LEU B 61 -39.72 -60.14 -27.16
CA LEU B 61 -38.39 -60.07 -26.56
C LEU B 61 -37.31 -59.71 -27.59
N LYS B 62 -37.30 -60.38 -28.73
CA LYS B 62 -36.23 -60.21 -29.71
C LYS B 62 -36.57 -59.13 -30.72
N GLY B 63 -36.96 -57.95 -30.25
CA GLY B 63 -37.21 -56.83 -31.12
C GLY B 63 -35.97 -56.07 -31.56
N HIS B 64 -34.82 -56.33 -30.95
CA HIS B 64 -33.59 -55.62 -31.27
C HIS B 64 -32.68 -56.39 -32.22
N VAL B 65 -33.12 -57.54 -32.74
CA VAL B 65 -32.33 -58.35 -33.66
C VAL B 65 -32.77 -58.02 -35.07
N LYS B 66 -31.86 -57.50 -35.90
CA LYS B 66 -32.18 -57.06 -37.25
C LYS B 66 -31.48 -57.94 -38.27
N LEU B 67 -32.26 -58.45 -39.23
CA LEU B 67 -31.80 -59.32 -40.29
C LEU B 67 -31.93 -58.59 -41.62
N TYR B 68 -30.99 -58.86 -42.53
CA TYR B 68 -31.00 -58.23 -43.84
C TYR B 68 -31.16 -59.29 -44.93
N PHE B 69 -32.12 -59.09 -45.82
CA PHE B 69 -32.44 -60.01 -46.91
C PHE B 69 -32.25 -59.32 -48.25
N GLN B 70 -31.56 -59.98 -49.18
CA GLN B 70 -31.22 -59.42 -50.48
C GLN B 70 -31.87 -60.23 -51.59
N VAL B 71 -32.60 -59.54 -52.48
CA VAL B 71 -33.32 -60.18 -53.56
C VAL B 71 -32.33 -60.76 -54.57
N TYR B 72 -32.52 -62.02 -54.95
CA TYR B 72 -31.65 -62.68 -55.91
C TYR B 72 -32.38 -63.23 -57.12
N ASP B 73 -33.71 -63.37 -57.08
CA ASP B 73 -34.44 -63.97 -58.18
C ASP B 73 -35.86 -63.41 -58.22
N VAL B 74 -36.37 -63.16 -59.42
CA VAL B 74 -37.72 -62.65 -59.63
C VAL B 74 -38.46 -63.58 -60.57
N LYS B 75 -39.66 -64.00 -60.18
CA LYS B 75 -40.50 -64.86 -61.01
C LYS B 75 -41.94 -64.37 -60.90
N GLY B 76 -42.49 -63.90 -62.02
CA GLY B 76 -43.80 -63.28 -62.00
C GLY B 76 -43.80 -61.97 -61.25
N GLN B 77 -44.64 -61.85 -60.23
CA GLN B 77 -44.62 -60.70 -59.35
C GLN B 77 -44.07 -61.04 -57.96
N ASN B 78 -43.27 -62.11 -57.87
CA ASN B 78 -42.66 -62.55 -56.62
C ASN B 78 -41.16 -62.32 -56.65
N ALA B 79 -40.60 -61.91 -55.51
CA ALA B 79 -39.17 -61.69 -55.37
C ALA B 79 -38.64 -62.50 -54.20
N TYR B 80 -37.60 -63.30 -54.44
CA TYR B 80 -37.03 -64.21 -53.45
C TYR B 80 -35.65 -63.74 -53.02
N THR B 81 -35.29 -64.04 -51.77
CA THR B 81 -34.15 -63.40 -51.12
C THR B 81 -33.22 -64.44 -50.49
N LYS B 82 -32.02 -63.96 -50.15
CA LYS B 82 -31.01 -64.72 -49.43
C LYS B 82 -30.55 -63.94 -48.20
N PHE B 83 -30.08 -64.67 -47.19
CA PHE B 83 -29.55 -64.03 -45.99
C PHE B 83 -28.21 -63.36 -46.30
N LYS B 84 -28.06 -62.12 -45.85
CA LYS B 84 -26.85 -61.33 -46.10
C LYS B 84 -26.09 -60.98 -44.82
N GLY B 85 -26.80 -60.68 -43.75
CA GLY B 85 -26.15 -60.34 -42.50
C GLY B 85 -27.16 -60.02 -41.42
N MET B 86 -26.61 -59.72 -40.23
CA MET B 86 -27.41 -59.53 -39.03
C MET B 86 -26.69 -58.57 -38.09
N LYS B 87 -27.47 -57.76 -37.37
CA LYS B 87 -26.92 -56.80 -36.41
C LYS B 87 -27.90 -56.57 -35.27
N LEU B 88 -27.34 -56.28 -34.09
CA LEU B 88 -28.13 -55.84 -32.95
C LEU B 88 -28.30 -54.32 -32.98
N ALA B 89 -29.44 -53.86 -32.49
CA ALA B 89 -29.79 -52.45 -32.56
C ALA B 89 -28.81 -51.59 -31.77
N ARG B 90 -28.54 -50.39 -32.29
CA ARG B 90 -27.54 -49.51 -31.70
C ARG B 90 -27.92 -49.12 -30.26
N SER B 91 -29.18 -48.76 -30.04
CA SER B 91 -29.61 -48.35 -28.71
C SER B 91 -29.53 -49.49 -27.71
N TYR B 92 -29.69 -50.74 -28.17
CA TYR B 92 -29.60 -51.88 -27.25
C TYR B 92 -28.17 -52.04 -26.73
N ILE B 93 -27.21 -52.20 -27.63
CA ILE B 93 -25.84 -52.40 -27.18
C ILE B 93 -25.29 -51.15 -26.50
N ARG B 94 -25.84 -49.97 -26.81
CA ARG B 94 -25.44 -48.77 -26.08
C ARG B 94 -25.87 -48.82 -24.62
N SER B 95 -26.99 -49.47 -24.31
CA SER B 95 -27.45 -49.59 -22.93
C SER B 95 -26.65 -50.60 -22.12
N LEU B 96 -25.81 -51.42 -22.75
CA LEU B 96 -25.04 -52.42 -22.02
C LEU B 96 -23.71 -51.87 -21.50
N VAL B 97 -23.04 -51.03 -22.27
CA VAL B 97 -21.70 -50.56 -21.91
C VAL B 97 -21.83 -49.49 -20.83
N ARG B 98 -21.22 -49.75 -19.67
CA ARG B 98 -21.32 -48.86 -18.52
C ARG B 98 -19.87 -48.70 -18.05
N ARG B 99 -19.69 -47.69 -17.20
CA ARG B 99 -18.45 -47.44 -16.49
C ARG B 99 -18.40 -48.45 -15.34
N ARG B 100 -17.21 -48.90 -14.94
CA ARG B 100 -17.06 -49.84 -13.83
C ARG B 100 -17.55 -51.22 -14.29
N THR B 101 -17.58 -51.43 -15.60
CA THR B 101 -17.72 -52.75 -16.22
C THR B 101 -16.64 -52.89 -17.29
N THR B 102 -16.51 -54.09 -17.84
CA THR B 102 -15.52 -54.35 -18.88
C THR B 102 -16.20 -54.95 -20.11
N ARG B 103 -15.90 -54.38 -21.28
CA ARG B 103 -16.44 -54.84 -22.55
C ARG B 103 -15.36 -55.60 -23.32
N ILE B 104 -15.66 -56.84 -23.69
CA ILE B 104 -14.72 -57.69 -24.43
C ILE B 104 -15.33 -58.01 -25.79
N ASP B 105 -14.61 -57.66 -26.86
CA ASP B 105 -15.01 -57.93 -28.23
C ASP B 105 -14.04 -58.91 -28.88
N GLY B 106 -14.57 -59.69 -29.83
CA GLY B 106 -13.77 -60.58 -30.64
C GLY B 106 -14.32 -60.74 -32.05
N ILE B 107 -13.50 -60.48 -33.07
CA ILE B 107 -13.93 -60.49 -34.46
C ILE B 107 -13.21 -61.61 -35.18
N PHE B 108 -13.96 -62.58 -35.72
CA PHE B 108 -13.36 -63.79 -36.27
C PHE B 108 -13.86 -64.08 -37.69
N ASN B 109 -12.94 -64.46 -38.56
CA ASN B 109 -13.26 -64.92 -39.91
C ASN B 109 -13.33 -66.44 -39.91
N ILE B 110 -14.45 -66.99 -40.40
CA ILE B 110 -14.67 -68.43 -40.36
C ILE B 110 -15.19 -68.95 -41.70
N THR B 111 -15.07 -70.26 -41.87
CA THR B 111 -15.67 -70.99 -42.98
C THR B 111 -16.58 -72.08 -42.42
N THR B 112 -17.78 -72.21 -42.97
CA THR B 112 -18.72 -73.23 -42.52
C THR B 112 -18.38 -74.58 -43.13
N LYS B 113 -19.14 -75.60 -42.73
CA LYS B 113 -18.89 -76.95 -43.24
C LYS B 113 -19.15 -77.02 -44.75
N ASP B 114 -20.18 -76.35 -45.24
CA ASP B 114 -20.44 -76.29 -46.69
C ASP B 114 -19.87 -75.03 -47.33
N GLY B 115 -18.62 -74.70 -47.05
CA GLY B 115 -17.88 -73.69 -47.80
C GLY B 115 -18.45 -72.29 -47.88
N TYR B 116 -18.97 -71.76 -46.78
CA TYR B 116 -19.40 -70.37 -46.71
C TYR B 116 -18.40 -69.56 -45.90
N LYS B 117 -18.05 -68.37 -46.38
CA LYS B 117 -17.12 -67.47 -45.70
C LYS B 117 -17.91 -66.42 -44.93
N LEU B 118 -17.66 -66.31 -43.63
CA LEU B 118 -18.39 -65.40 -42.76
C LEU B 118 -17.43 -64.60 -41.88
N ARG B 119 -17.88 -63.43 -41.44
CA ARG B 119 -17.22 -62.70 -40.37
C ARG B 119 -18.20 -62.49 -39.23
N VAL B 120 -17.76 -62.81 -38.01
CA VAL B 120 -18.61 -62.88 -36.83
C VAL B 120 -18.03 -62.02 -35.72
N MET B 121 -18.88 -61.16 -35.13
CA MET B 121 -18.51 -60.28 -34.03
C MET B 121 -19.30 -60.68 -32.79
N ALA B 122 -18.57 -61.01 -31.71
CA ALA B 122 -19.14 -61.42 -30.44
C ALA B 122 -18.79 -60.40 -29.37
N MET B 123 -19.56 -60.41 -28.28
CA MET B 123 -19.35 -59.44 -27.21
C MET B 123 -19.72 -60.04 -25.88
N VAL B 124 -18.92 -59.72 -24.85
CA VAL B 124 -19.17 -60.13 -23.48
C VAL B 124 -19.02 -58.91 -22.57
N ILE B 125 -19.92 -58.77 -21.61
CA ILE B 125 -19.89 -57.71 -20.61
C ILE B 125 -19.61 -58.35 -19.26
N ALA B 126 -18.53 -57.91 -18.60
CA ALA B 126 -18.19 -58.40 -17.28
C ALA B 126 -18.77 -57.48 -16.20
N ALA B 127 -18.98 -58.07 -15.01
CA ALA B 127 -19.67 -57.35 -13.95
C ALA B 127 -18.86 -56.18 -13.42
N ARG B 128 -17.54 -56.31 -13.34
CA ARG B 128 -16.68 -55.27 -12.82
C ARG B 128 -15.45 -55.13 -13.71
N ARG B 129 -14.64 -54.10 -13.44
CA ARG B 129 -13.36 -53.95 -14.10
C ARG B 129 -12.47 -55.15 -13.81
N ILE B 130 -11.81 -55.67 -14.85
CA ILE B 130 -10.93 -56.82 -14.71
C ILE B 130 -9.59 -56.52 -15.37
N GLN B 131 -8.61 -57.37 -15.08
CA GLN B 131 -7.27 -57.24 -15.61
C GLN B 131 -7.19 -57.61 -17.09
N THR B 132 -6.14 -57.14 -17.75
CA THR B 132 -5.94 -57.41 -19.18
C THR B 132 -5.78 -58.90 -19.50
N SER B 133 -5.06 -59.63 -18.65
CA SER B 133 -4.85 -61.07 -18.86
C SER B 133 -6.16 -61.88 -18.86
N GLN B 134 -7.13 -61.46 -18.04
CA GLN B 134 -8.44 -62.11 -17.99
C GLN B 134 -9.26 -61.81 -19.25
N GLU B 135 -9.17 -60.58 -19.76
CA GLU B 135 -9.82 -60.28 -21.04
C GLU B 135 -9.29 -61.16 -22.16
N ARG B 136 -7.96 -61.35 -22.21
CA ARG B 136 -7.38 -62.20 -23.24
C ARG B 136 -7.87 -63.64 -23.12
N ALA B 137 -7.95 -64.17 -21.90
CA ALA B 137 -8.41 -65.54 -21.71
C ALA B 137 -9.86 -65.72 -22.17
N ILE B 138 -10.72 -64.74 -21.84
CA ILE B 138 -12.11 -64.81 -22.28
C ILE B 138 -12.21 -64.74 -23.81
N ARG B 139 -11.43 -63.85 -24.43
CA ARG B 139 -11.44 -63.75 -25.89
C ARG B 139 -11.02 -65.08 -26.52
N LYS B 140 -10.04 -65.75 -25.91
CA LYS B 140 -9.59 -67.05 -26.43
C LYS B 140 -10.68 -68.10 -26.32
N ILE B 141 -11.43 -68.11 -25.21
CA ILE B 141 -12.56 -69.03 -25.09
C ILE B 141 -13.59 -68.78 -26.18
N MET B 142 -13.90 -67.51 -26.44
CA MET B 142 -14.83 -67.16 -27.52
C MET B 142 -14.35 -67.72 -28.86
N GLN B 143 -13.06 -67.52 -29.15
CA GLN B 143 -12.52 -67.99 -30.43
C GLN B 143 -12.66 -69.50 -30.57
N GLU B 144 -12.30 -70.24 -29.53
CA GLU B 144 -12.34 -71.70 -29.60
C GLU B 144 -13.77 -72.20 -29.84
N ILE B 145 -14.74 -71.64 -29.10
CA ILE B 145 -16.13 -72.09 -29.27
C ILE B 145 -16.63 -71.79 -30.67
N ILE B 146 -16.33 -70.59 -31.20
CA ILE B 146 -16.87 -70.25 -32.51
C ILE B 146 -16.22 -71.10 -33.60
N TYR B 147 -14.91 -71.36 -33.50
CA TYR B 147 -14.27 -72.22 -34.48
C TYR B 147 -14.86 -73.63 -34.47
N LYS B 148 -15.11 -74.18 -33.27
CA LYS B 148 -15.69 -75.52 -33.20
C LYS B 148 -17.10 -75.55 -33.80
N LYS B 149 -17.93 -74.55 -33.49
CA LYS B 149 -19.27 -74.50 -34.05
C LYS B 149 -19.23 -74.40 -35.57
N ALA B 150 -18.32 -73.59 -36.11
CA ALA B 150 -18.19 -73.48 -37.56
C ALA B 150 -17.78 -74.81 -38.17
N GLU B 151 -16.91 -75.56 -37.48
CA GLU B 151 -16.51 -76.87 -37.99
C GLU B 151 -17.71 -77.82 -38.03
N GLU B 152 -18.57 -77.77 -37.02
CA GLU B 152 -19.67 -78.73 -36.95
C GLU B 152 -20.80 -78.44 -37.95
N LEU B 153 -21.20 -77.19 -38.08
CA LEU B 153 -22.51 -76.86 -38.63
C LEU B 153 -22.45 -76.36 -40.07
N ASN B 154 -23.56 -76.55 -40.79
CA ASN B 154 -23.79 -75.94 -42.09
C ASN B 154 -24.16 -74.46 -41.91
N PHE B 155 -24.26 -73.76 -43.05
CA PHE B 155 -24.55 -72.32 -43.05
C PHE B 155 -25.88 -72.03 -42.37
N LYS B 156 -26.93 -72.74 -42.78
CA LYS B 156 -28.28 -72.55 -42.26
C LYS B 156 -28.42 -72.83 -40.76
N ASP B 157 -27.80 -73.90 -40.29
CA ASP B 157 -27.82 -74.26 -38.88
C ASP B 157 -27.01 -73.27 -38.04
N PHE B 158 -25.82 -72.88 -38.54
CA PHE B 158 -25.02 -71.89 -37.83
C PHE B 158 -25.74 -70.55 -37.68
N VAL B 159 -26.38 -70.07 -38.76
CA VAL B 159 -27.08 -68.79 -38.68
C VAL B 159 -28.22 -68.86 -37.68
N LEU B 160 -28.98 -69.95 -37.69
CA LEU B 160 -30.10 -70.08 -36.76
C LEU B 160 -29.62 -70.11 -35.32
N GLU B 161 -28.56 -70.89 -35.03
CA GLU B 161 -28.05 -70.94 -33.68
C GLU B 161 -27.44 -69.62 -33.24
N ALA B 162 -26.88 -68.85 -34.18
CA ALA B 162 -26.35 -67.54 -33.83
C ALA B 162 -27.46 -66.57 -33.46
N VAL B 163 -28.55 -66.56 -34.23
CA VAL B 163 -29.60 -65.59 -33.93
C VAL B 163 -30.53 -66.02 -32.79
N ASN B 164 -30.62 -67.32 -32.49
CA ASN B 164 -31.48 -67.74 -31.39
C ASN B 164 -30.86 -67.43 -30.02
N GLY B 165 -29.54 -67.47 -29.90
CA GLY B 165 -28.87 -67.30 -28.64
C GLY B 165 -28.18 -68.53 -28.08
N LYS B 166 -28.09 -69.61 -28.86
CA LYS B 166 -27.49 -70.84 -28.38
C LYS B 166 -25.97 -70.70 -28.20
N ILE B 167 -25.31 -70.15 -29.21
CA ILE B 167 -23.86 -69.96 -29.16
C ILE B 167 -23.47 -69.06 -27.99
N ALA B 168 -24.27 -68.00 -27.76
CA ALA B 168 -24.00 -67.10 -26.65
C ALA B 168 -24.11 -67.82 -25.30
N ALA B 169 -25.12 -68.68 -25.15
CA ALA B 169 -25.26 -69.42 -23.91
C ALA B 169 -24.08 -70.33 -23.66
N GLU B 170 -23.59 -71.01 -24.70
CA GLU B 170 -22.40 -71.82 -24.55
C GLU B 170 -21.20 -70.97 -24.14
N ILE B 171 -21.05 -69.78 -24.75
CA ILE B 171 -19.93 -68.90 -24.41
C ILE B 171 -20.01 -68.45 -22.95
N ALA B 172 -21.20 -68.08 -22.49
CA ALA B 172 -21.32 -67.60 -21.11
C ALA B 172 -21.03 -68.71 -20.11
N LYS B 173 -21.54 -69.92 -20.37
CA LYS B 173 -21.24 -71.04 -19.50
C LYS B 173 -19.74 -71.31 -19.44
N GLU B 174 -19.05 -71.19 -20.57
CA GLU B 174 -17.61 -71.45 -20.55
C GLU B 174 -16.83 -70.33 -19.87
N ALA B 175 -17.24 -69.07 -20.09
CA ALA B 175 -16.47 -67.94 -19.58
C ALA B 175 -16.74 -67.63 -18.11
N LYS B 176 -17.75 -68.26 -17.50
CA LYS B 176 -17.97 -68.07 -16.07
C LYS B 176 -16.72 -68.35 -15.24
N LYS B 177 -15.93 -69.34 -15.63
CA LYS B 177 -14.79 -69.78 -14.84
C LYS B 177 -13.65 -68.77 -14.81
N ILE B 178 -13.64 -67.79 -15.71
CA ILE B 178 -12.67 -66.71 -15.61
C ILE B 178 -13.19 -65.58 -14.75
N TYR B 179 -14.43 -65.14 -14.99
CA TYR B 179 -15.05 -64.09 -14.20
C TYR B 179 -16.55 -64.16 -14.38
N PRO B 180 -17.33 -63.84 -13.35
CA PRO B 180 -18.79 -63.78 -13.52
C PRO B 180 -19.17 -62.73 -14.57
N LEU B 181 -20.22 -63.05 -15.33
CA LEU B 181 -20.60 -62.25 -16.48
C LEU B 181 -21.97 -61.60 -16.27
N LYS B 182 -22.18 -60.51 -16.98
CA LYS B 182 -23.48 -59.85 -17.02
C LYS B 182 -24.25 -60.14 -18.31
N LYS B 183 -23.56 -60.18 -19.45
CA LYS B 183 -24.20 -60.44 -20.75
C LYS B 183 -23.21 -61.12 -21.67
N ALA B 184 -23.74 -61.76 -22.72
CA ALA B 184 -22.96 -62.44 -23.76
C ALA B 184 -23.81 -62.51 -25.05
N GLU B 185 -23.34 -61.89 -26.14
CA GLU B 185 -24.09 -61.85 -27.39
C GLU B 185 -23.28 -62.01 -28.68
N ILE B 186 -23.93 -62.46 -29.74
CA ILE B 186 -23.31 -62.52 -31.06
C ILE B 186 -23.74 -61.15 -31.55
N ARG B 187 -22.78 -60.22 -31.66
CA ARG B 187 -23.09 -58.83 -31.96
C ARG B 187 -23.43 -58.62 -33.44
N LYS B 188 -22.72 -59.28 -34.35
CA LYS B 188 -22.89 -58.96 -35.76
C LYS B 188 -22.41 -60.11 -36.63
N ILE B 189 -23.04 -60.28 -37.79
CA ILE B 189 -22.60 -61.25 -38.79
C ILE B 189 -22.67 -60.61 -40.17
N LYS B 190 -21.63 -60.82 -40.98
CA LYS B 190 -21.73 -60.49 -42.40
C LYS B 190 -21.22 -61.64 -43.25
N VAL B 191 -21.92 -61.93 -44.36
CA VAL B 191 -21.49 -62.97 -45.30
C VAL B 191 -20.51 -62.37 -46.30
N LEU B 192 -19.37 -63.03 -46.50
CA LEU B 192 -18.32 -62.55 -47.38
C LEU B 192 -18.28 -63.28 -48.72
N GLY B 193 -18.47 -64.59 -48.69
CA GLY B 193 -18.47 -65.38 -49.92
C GLY B 193 -19.40 -66.56 -49.77
N GLU B 194 -19.68 -67.18 -50.90
CA GLU B 194 -20.56 -68.34 -50.98
C GLU B 194 -19.87 -69.42 -51.80
N PRO B 195 -20.27 -70.68 -51.64
CA PRO B 195 -19.59 -71.76 -52.36
C PRO B 195 -19.68 -71.60 -53.86
N GLU B 196 -18.65 -72.08 -54.55
CA GLU B 196 -18.68 -72.13 -56.00
C GLU B 196 -19.75 -73.11 -56.49
N GLU C 4 -18.49 -56.40 41.85
CA GLU C 4 -17.73 -56.72 40.65
C GLU C 4 -18.01 -55.70 39.54
N TYR C 5 -19.27 -55.57 39.13
CA TYR C 5 -19.67 -54.59 38.13
C TYR C 5 -20.78 -53.70 38.69
N LEU C 6 -20.81 -52.46 38.22
CA LEU C 6 -21.88 -51.56 38.60
C LEU C 6 -23.23 -52.04 38.07
N VAL C 7 -23.25 -52.57 36.85
CA VAL C 7 -24.42 -53.24 36.29
C VAL C 7 -23.96 -54.50 35.55
N PRO C 8 -24.87 -55.47 35.38
CA PRO C 8 -24.49 -56.68 34.65
C PRO C 8 -24.12 -56.39 33.20
N LEU C 9 -23.21 -57.20 32.65
CA LEU C 9 -22.75 -56.99 31.28
C LEU C 9 -23.88 -57.14 30.28
N ASP C 10 -24.94 -57.87 30.63
CA ASP C 10 -26.08 -58.02 29.75
C ASP C 10 -26.74 -56.68 29.47
N GLN C 11 -26.89 -55.84 30.51
CA GLN C 11 -27.47 -54.51 30.31
C GLN C 11 -26.56 -53.63 29.46
N TYR C 12 -25.24 -53.70 29.70
CA TYR C 12 -24.30 -52.98 28.86
C TYR C 12 -24.49 -53.35 27.39
N LEU C 13 -24.57 -54.65 27.10
CA LEU C 13 -24.68 -55.09 25.72
C LEU C 13 -26.02 -54.70 25.11
N ALA C 14 -27.10 -54.83 25.88
CA ALA C 14 -28.41 -54.46 25.37
C ALA C 14 -28.52 -52.96 25.09
N ALA C 15 -27.84 -52.14 25.87
CA ALA C 15 -27.84 -50.70 25.63
C ALA C 15 -26.92 -50.30 24.48
N GLY C 16 -26.08 -51.21 23.99
CA GLY C 16 -25.22 -50.89 22.86
C GLY C 16 -23.99 -50.08 23.20
N VAL C 17 -23.50 -50.17 24.44
CA VAL C 17 -22.34 -49.40 24.85
C VAL C 17 -21.10 -49.80 24.06
N HIS C 18 -20.98 -51.08 23.71
CA HIS C 18 -19.78 -51.62 23.11
C HIS C 18 -19.69 -51.40 21.59
N ILE C 19 -20.70 -50.82 20.97
CA ILE C 19 -20.76 -50.71 19.52
C ILE C 19 -19.99 -49.46 19.08
N GLY C 20 -18.92 -49.67 18.32
CA GLY C 20 -18.10 -48.58 17.83
C GLY C 20 -18.51 -48.12 16.43
N THR C 21 -17.53 -47.61 15.68
CA THR C 21 -17.74 -47.10 14.33
C THR C 21 -16.74 -47.71 13.36
N GLN C 22 -17.01 -47.60 12.06
CA GLN C 22 -16.13 -48.15 11.04
C GLN C 22 -14.72 -47.51 10.94
N GLN C 23 -14.46 -46.48 11.75
CA GLN C 23 -13.16 -45.80 11.75
C GLN C 23 -12.36 -46.17 13.00
N LYS C 24 -11.05 -45.99 12.94
CA LYS C 24 -10.17 -46.30 14.07
C LYS C 24 -9.06 -45.28 14.25
N THR C 25 -8.49 -45.24 15.45
CA THR C 25 -7.41 -44.32 15.78
C THR C 25 -6.36 -45.09 16.60
N LYS C 26 -5.08 -44.77 16.41
CA LYS C 26 -3.98 -45.43 17.09
C LYS C 26 -4.05 -45.34 18.62
N ASP C 27 -4.45 -44.19 19.13
CA ASP C 27 -4.47 -44.03 20.58
C ASP C 27 -5.72 -44.62 21.23
N MET C 28 -6.72 -45.03 20.47
CA MET C 28 -7.88 -45.71 21.02
C MET C 28 -7.72 -47.23 21.10
N LYS C 29 -6.61 -47.79 20.63
CA LYS C 29 -6.50 -49.24 20.53
C LYS C 29 -6.35 -49.91 21.89
N LYS C 30 -5.90 -49.20 22.92
CA LYS C 30 -5.86 -49.76 24.26
C LYS C 30 -7.24 -50.15 24.77
N PHE C 31 -8.30 -49.55 24.24
CA PHE C 31 -9.66 -49.85 24.67
C PHE C 31 -10.40 -50.78 23.71
N ILE C 32 -9.91 -50.99 22.50
CA ILE C 32 -10.61 -51.77 21.48
C ILE C 32 -10.40 -53.25 21.76
N TYR C 33 -11.48 -54.03 21.63
CA TYR C 33 -11.51 -55.44 21.99
C TYR C 33 -11.28 -56.35 20.78
N ARG C 34 -11.97 -56.08 19.67
CA ARG C 34 -11.78 -56.84 18.44
C ARG C 34 -12.46 -56.11 17.30
N VAL C 35 -12.27 -56.62 16.09
CA VAL C 35 -12.93 -56.11 14.90
C VAL C 35 -13.75 -57.25 14.29
N ARG C 36 -15.00 -56.95 13.94
CA ARG C 36 -15.87 -57.92 13.31
C ARG C 36 -15.52 -58.06 11.82
N GLN C 37 -16.21 -58.99 11.14
CA GLN C 37 -15.93 -59.27 9.74
C GLN C 37 -16.48 -58.19 8.80
N ASP C 38 -17.37 -57.32 9.29
CA ASP C 38 -17.87 -56.24 8.47
C ASP C 38 -17.09 -54.94 8.67
N GLY C 39 -15.94 -54.99 9.33
CA GLY C 39 -15.10 -53.83 9.49
C GLY C 39 -15.47 -52.90 10.62
N LEU C 40 -16.32 -53.34 11.54
CA LEU C 40 -16.77 -52.52 12.66
C LEU C 40 -15.99 -52.89 13.92
N TYR C 41 -15.48 -51.87 14.60
CA TYR C 41 -14.64 -52.08 15.78
C TYR C 41 -15.49 -52.12 17.05
N VAL C 42 -15.12 -53.01 17.96
CA VAL C 42 -15.88 -53.29 19.18
C VAL C 42 -15.05 -52.86 20.38
N LEU C 43 -15.73 -52.36 21.41
CA LEU C 43 -15.09 -51.86 22.61
C LEU C 43 -15.16 -52.88 23.74
N ASP C 44 -14.17 -52.82 24.63
CA ASP C 44 -14.14 -53.69 25.81
C ASP C 44 -14.92 -53.05 26.95
N VAL C 45 -15.85 -53.81 27.52
CA VAL C 45 -16.79 -53.26 28.49
C VAL C 45 -16.26 -53.24 29.92
N ARG C 46 -15.29 -54.09 30.26
CA ARG C 46 -14.71 -54.06 31.60
C ARG C 46 -13.92 -52.77 31.81
N LYS C 47 -13.24 -52.29 30.76
CA LYS C 47 -12.56 -50.99 30.83
C LYS C 47 -13.55 -49.87 31.11
N THR C 48 -14.73 -49.92 30.48
CA THR C 48 -15.75 -48.90 30.72
C THR C 48 -16.17 -48.89 32.18
N ASP C 49 -16.38 -50.07 32.77
CA ASP C 49 -16.80 -50.15 34.16
C ASP C 49 -15.72 -49.60 35.09
N GLU C 50 -14.46 -49.96 34.85
CA GLU C 50 -13.37 -49.45 35.67
C GLU C 50 -13.27 -47.93 35.58
N ARG C 51 -13.34 -47.38 34.36
CA ARG C 51 -13.23 -45.94 34.20
C ARG C 51 -14.42 -45.21 34.79
N LEU C 52 -15.62 -45.80 34.74
CA LEU C 52 -16.77 -45.17 35.39
C LEU C 52 -16.60 -45.10 36.90
N LYS C 53 -16.07 -46.16 37.51
CA LYS C 53 -15.80 -46.12 38.95
C LYS C 53 -14.78 -45.03 39.29
N VAL C 54 -13.68 -44.98 38.54
CA VAL C 54 -12.66 -43.97 38.82
C VAL C 54 -13.23 -42.57 38.62
N ALA C 55 -13.98 -42.35 37.55
CA ALA C 55 -14.57 -41.04 37.28
C ALA C 55 -15.55 -40.63 38.36
N GLY C 56 -16.34 -41.58 38.86
CA GLY C 56 -17.22 -41.28 39.98
C GLY C 56 -16.45 -40.81 41.20
N LYS C 57 -15.31 -41.46 41.48
CA LYS C 57 -14.51 -41.00 42.62
C LYS C 57 -13.90 -39.62 42.38
N PHE C 58 -13.43 -39.36 41.15
CA PHE C 58 -12.77 -38.09 40.84
C PHE C 58 -13.75 -36.91 40.97
N LEU C 59 -14.94 -37.04 40.41
CA LEU C 59 -15.88 -35.92 40.36
C LEU C 59 -16.56 -35.64 41.69
N ALA C 60 -16.58 -36.59 42.62
CA ALA C 60 -17.25 -36.37 43.90
C ALA C 60 -16.48 -35.42 44.81
N ARG C 61 -15.22 -35.12 44.51
CA ARG C 61 -14.41 -34.26 45.37
C ARG C 61 -14.54 -32.78 45.05
N PHE C 62 -15.10 -32.42 43.88
CA PHE C 62 -15.28 -31.03 43.52
C PHE C 62 -16.55 -30.46 44.15
N ASP C 63 -16.56 -29.15 44.34
CA ASP C 63 -17.76 -28.45 44.78
C ASP C 63 -18.85 -28.58 43.71
N PRO C 64 -20.07 -28.96 44.07
CA PRO C 64 -21.06 -29.37 43.05
C PRO C 64 -21.38 -28.33 41.99
N GLN C 65 -21.49 -27.05 42.34
CA GLN C 65 -21.87 -26.06 41.35
C GLN C 65 -20.72 -25.64 40.44
N SER C 66 -19.54 -26.24 40.59
CA SER C 66 -18.38 -25.92 39.75
C SER C 66 -18.16 -26.94 38.64
N ILE C 67 -19.09 -27.87 38.43
CA ILE C 67 -19.00 -28.88 37.39
C ILE C 67 -19.87 -28.46 36.22
N LEU C 68 -19.32 -28.54 35.00
CA LEU C 68 -20.04 -28.19 33.79
C LEU C 68 -20.12 -29.42 32.88
N ALA C 69 -21.31 -29.72 32.39
CA ALA C 69 -21.54 -30.81 31.43
C ALA C 69 -22.21 -30.24 30.18
N VAL C 70 -21.71 -30.65 29.00
CA VAL C 70 -22.19 -30.10 27.74
C VAL C 70 -22.52 -31.22 26.76
N SER C 71 -23.41 -30.92 25.81
CA SER C 71 -23.82 -31.88 24.78
C SER C 71 -24.50 -31.26 23.56
N VAL C 72 -23.83 -31.02 22.43
CA VAL C 72 -24.52 -30.43 21.23
C VAL C 72 -25.60 -31.30 20.49
N ARG C 73 -25.18 -32.57 20.42
CA ARG C 73 -25.88 -33.70 19.84
C ARG C 73 -27.18 -33.80 20.58
N LEU C 74 -28.21 -34.14 19.84
CA LEU C 74 -29.57 -34.12 20.33
C LEU C 74 -29.85 -35.30 21.28
N TYR C 75 -29.35 -36.49 20.94
CA TYR C 75 -29.59 -37.65 21.80
C TYR C 75 -28.93 -37.53 23.16
N GLY C 76 -28.01 -36.60 23.35
CA GLY C 76 -27.39 -36.37 24.63
C GLY C 76 -27.94 -35.23 25.45
N GLN C 77 -28.94 -34.49 24.95
CA GLN C 77 -29.39 -33.28 25.62
C GLN C 77 -30.19 -33.59 26.88
N LYS C 78 -31.16 -34.52 26.79
CA LYS C 78 -31.90 -34.91 27.98
C LYS C 78 -31.00 -35.56 29.05
N PRO C 79 -30.08 -36.47 28.71
CA PRO C 79 -29.20 -37.02 29.76
C PRO C 79 -28.40 -35.98 30.53
N VAL C 80 -27.82 -34.95 29.87
CA VAL C 80 -27.02 -33.99 30.62
C VAL C 80 -27.91 -33.11 31.49
N LYS C 81 -29.09 -32.74 31.00
CA LYS C 81 -30.02 -31.99 31.82
C LYS C 81 -30.43 -32.78 33.06
N LYS C 82 -30.73 -34.06 32.90
CA LYS C 82 -31.08 -34.91 34.04
C LYS C 82 -29.91 -35.07 35.00
N PHE C 83 -28.69 -35.23 34.46
CA PHE C 83 -27.50 -35.34 35.29
C PHE C 83 -27.30 -34.09 36.13
N GLY C 84 -27.46 -32.92 35.52
CA GLY C 84 -27.32 -31.68 36.27
C GLY C 84 -28.40 -31.51 37.32
N GLU C 85 -29.62 -31.96 37.02
CA GLU C 85 -30.70 -31.86 37.99
C GLU C 85 -30.45 -32.78 39.18
N VAL C 86 -29.91 -33.97 38.95
CA VAL C 86 -29.70 -34.93 40.04
C VAL C 86 -28.51 -34.53 40.90
N THR C 87 -27.38 -34.17 40.29
CA THR C 87 -26.17 -33.90 41.05
C THR C 87 -26.01 -32.45 41.47
N GLY C 88 -26.72 -31.53 40.83
CA GLY C 88 -26.51 -30.11 41.06
C GLY C 88 -25.46 -29.47 40.18
N ALA C 89 -25.00 -30.16 39.15
CA ALA C 89 -24.02 -29.60 38.23
C ALA C 89 -24.69 -28.71 37.20
N ARG C 90 -23.94 -27.72 36.70
CA ARG C 90 -24.42 -26.93 35.58
C ARG C 90 -24.44 -27.79 34.32
N ALA C 91 -25.42 -27.54 33.46
CA ALA C 91 -25.59 -28.30 32.24
C ALA C 91 -25.96 -27.38 31.10
N ILE C 92 -25.29 -27.53 29.95
CA ILE C 92 -25.57 -26.71 28.77
C ILE C 92 -25.89 -27.61 27.58
N PRO C 93 -27.17 -27.86 27.29
CA PRO C 93 -27.51 -28.60 26.08
C PRO C 93 -27.69 -27.71 24.87
N GLY C 94 -27.37 -28.26 23.71
CA GLY C 94 -27.55 -27.54 22.46
C GLY C 94 -26.34 -26.70 22.05
N ARG C 95 -26.58 -25.58 21.38
CA ARG C 95 -25.48 -24.76 20.89
C ARG C 95 -24.76 -24.07 22.05
N PHE C 96 -23.44 -24.22 22.07
CA PHE C 96 -22.59 -23.60 23.07
C PHE C 96 -22.14 -22.23 22.57
N LEU C 97 -22.56 -21.18 23.25
CA LEU C 97 -22.28 -19.82 22.76
C LEU C 97 -20.80 -19.50 22.85
N PRO C 98 -20.14 -19.16 21.75
CA PRO C 98 -18.70 -18.85 21.81
C PRO C 98 -18.39 -17.67 22.72
N GLY C 99 -17.36 -17.82 23.53
CA GLY C 99 -17.02 -16.85 24.54
C GLY C 99 -17.68 -17.05 25.89
N THR C 100 -18.39 -18.16 26.10
CA THR C 100 -19.01 -18.42 27.39
C THR C 100 -17.96 -18.52 28.50
N MET C 101 -16.79 -19.08 28.18
CA MET C 101 -15.74 -19.21 29.18
C MET C 101 -14.59 -18.21 28.99
N THR C 102 -14.53 -17.48 27.89
CA THR C 102 -13.42 -16.57 27.64
C THR C 102 -13.79 -15.08 27.63
N ASN C 103 -15.09 -14.73 27.58
CA ASN C 103 -15.51 -13.34 27.40
C ASN C 103 -16.35 -12.89 28.60
N PRO C 104 -15.74 -12.19 29.56
CA PRO C 104 -16.49 -11.82 30.78
C PRO C 104 -17.65 -10.86 30.54
N ALA C 105 -17.67 -10.13 29.42
CA ALA C 105 -18.74 -9.19 29.16
C ALA C 105 -20.07 -9.88 28.80
N VAL C 106 -20.04 -11.17 28.49
CA VAL C 106 -21.27 -11.88 28.13
C VAL C 106 -22.12 -12.13 29.38
N LYS C 107 -23.45 -12.16 29.18
CA LYS C 107 -24.38 -12.24 30.30
C LYS C 107 -24.26 -13.55 31.07
N ASN C 108 -24.03 -14.66 30.37
CA ASN C 108 -23.92 -15.97 31.01
C ASN C 108 -22.48 -16.46 31.11
N PHE C 109 -21.54 -15.55 31.39
CA PHE C 109 -20.15 -15.93 31.58
C PHE C 109 -20.01 -16.85 32.80
N PHE C 110 -19.25 -17.92 32.64
CA PHE C 110 -19.14 -18.95 33.69
C PHE C 110 -17.81 -19.69 33.56
N GLU C 111 -17.01 -19.68 34.62
CA GLU C 111 -15.75 -20.42 34.64
C GLU C 111 -15.87 -21.61 35.58
N PRO C 112 -15.93 -22.83 35.07
CA PRO C 112 -16.05 -24.02 35.92
C PRO C 112 -14.68 -24.45 36.45
N ASP C 113 -14.71 -25.49 37.29
CA ASP C 113 -13.49 -26.13 37.75
C ASP C 113 -13.18 -27.43 37.02
N VAL C 114 -14.18 -28.05 36.40
CA VAL C 114 -13.99 -29.28 35.64
C VAL C 114 -15.12 -29.38 34.63
N ILE C 115 -14.84 -29.97 33.48
CA ILE C 115 -15.81 -30.04 32.39
C ILE C 115 -15.93 -31.49 31.90
N ILE C 116 -17.15 -31.88 31.54
CA ILE C 116 -17.44 -33.21 30.99
C ILE C 116 -17.90 -33.03 29.55
N ILE C 117 -17.24 -33.72 28.62
CA ILE C 117 -17.47 -33.58 27.18
C ILE C 117 -18.12 -34.86 26.67
N THR C 118 -19.29 -34.72 26.04
CA THR C 118 -19.99 -35.90 25.50
C THR C 118 -19.30 -36.43 24.25
N ASP C 119 -18.81 -35.54 23.38
CA ASP C 119 -18.10 -35.96 22.17
C ASP C 119 -17.11 -34.89 21.71
N PRO C 120 -15.82 -35.19 21.68
CA PRO C 120 -14.83 -34.17 21.27
C PRO C 120 -15.05 -33.62 19.87
N ARG C 121 -15.53 -34.43 18.93
CA ARG C 121 -15.80 -33.94 17.57
C ARG C 121 -16.91 -32.89 17.56
N ALA C 122 -18.06 -33.23 18.14
CA ALA C 122 -19.22 -32.34 18.08
C ALA C 122 -19.09 -31.15 19.02
N ASP C 123 -18.54 -31.36 20.21
CA ASP C 123 -18.36 -30.29 21.20
C ASP C 123 -16.98 -29.64 21.09
N HIS C 124 -16.57 -29.26 19.88
CA HIS C 124 -15.20 -28.76 19.70
C HIS C 124 -15.01 -27.36 20.27
N GLN C 125 -16.04 -26.51 20.19
CA GLN C 125 -15.93 -25.16 20.74
C GLN C 125 -15.71 -25.16 22.24
N ALA C 126 -16.47 -26.00 22.97
CA ALA C 126 -16.31 -26.08 24.41
C ALA C 126 -14.93 -26.58 24.79
N MET C 127 -14.44 -27.61 24.09
CA MET C 127 -13.11 -28.12 24.40
C MET C 127 -12.03 -27.09 24.11
N LYS C 128 -12.17 -26.35 23.01
CA LYS C 128 -11.20 -25.31 22.68
C LYS C 128 -11.16 -24.23 23.77
N GLU C 129 -12.32 -23.80 24.24
CA GLU C 129 -12.32 -22.80 25.31
C GLU C 129 -11.81 -23.37 26.63
N ALA C 130 -12.04 -24.67 26.88
CA ALA C 130 -11.55 -25.27 28.13
C ALA C 130 -10.04 -25.45 28.13
N ILE C 131 -9.42 -25.66 26.97
CA ILE C 131 -7.97 -25.71 26.89
C ILE C 131 -7.37 -24.37 27.32
N GLU C 132 -8.04 -23.26 26.97
CA GLU C 132 -7.49 -21.94 27.21
C GLU C 132 -7.45 -21.58 28.69
N ILE C 133 -8.36 -22.11 29.51
CA ILE C 133 -8.44 -21.70 30.91
C ILE C 133 -7.81 -22.71 31.87
N GLY C 134 -7.23 -23.78 31.35
CA GLY C 134 -6.43 -24.70 32.15
C GLY C 134 -7.13 -25.57 33.18
N ILE C 135 -8.32 -26.07 32.87
CA ILE C 135 -9.04 -26.95 33.79
C ILE C 135 -8.94 -28.39 33.32
N PRO C 136 -9.07 -29.37 34.21
CA PRO C 136 -9.10 -30.77 33.78
C PRO C 136 -10.31 -31.06 32.90
N ILE C 137 -10.10 -31.94 31.92
CA ILE C 137 -11.13 -32.30 30.95
C ILE C 137 -11.43 -33.80 31.06
N VAL C 138 -12.71 -34.13 31.22
CA VAL C 138 -13.20 -35.50 31.20
C VAL C 138 -14.07 -35.68 29.96
N ALA C 139 -13.87 -36.77 29.22
CA ALA C 139 -14.56 -36.94 27.96
C ALA C 139 -15.01 -38.38 27.75
N LEU C 140 -16.10 -38.54 27.01
CA LEU C 140 -16.54 -39.83 26.50
C LEU C 140 -15.98 -40.02 25.10
N VAL C 141 -15.29 -41.14 24.87
CA VAL C 141 -14.54 -41.36 23.64
C VAL C 141 -15.02 -42.63 22.96
N ASP C 142 -15.27 -42.54 21.65
CA ASP C 142 -15.59 -43.67 20.80
C ASP C 142 -14.33 -44.11 20.04
N THR C 143 -14.47 -45.14 19.21
CA THR C 143 -13.31 -45.71 18.50
C THR C 143 -12.71 -44.72 17.51
N GLU C 144 -13.47 -43.73 17.07
CA GLU C 144 -13.02 -42.79 16.04
C GLU C 144 -12.36 -41.54 16.61
N ASN C 145 -12.51 -41.28 17.91
CA ASN C 145 -12.01 -40.05 18.51
C ASN C 145 -10.50 -40.11 18.73
N LEU C 146 -9.91 -38.93 18.87
CA LEU C 146 -8.54 -38.78 19.35
C LEU C 146 -8.56 -38.46 20.84
N LEU C 147 -7.41 -38.66 21.48
CA LEU C 147 -7.27 -38.41 22.92
C LEU C 147 -6.54 -37.12 23.22
N SER C 148 -6.35 -36.26 22.22
CA SER C 148 -5.62 -35.01 22.42
C SER C 148 -6.35 -34.11 23.42
N TYR C 149 -5.62 -33.64 24.43
CA TYR C 149 -6.13 -32.74 25.46
C TYR C 149 -7.25 -33.37 26.30
N VAL C 150 -7.30 -34.69 26.39
CA VAL C 150 -8.23 -35.38 27.28
C VAL C 150 -7.44 -35.85 28.50
N ASP C 151 -7.86 -35.42 29.69
CA ASP C 151 -7.14 -35.78 30.90
C ASP C 151 -7.67 -37.04 31.56
N LEU C 152 -8.96 -37.36 31.39
CA LEU C 152 -9.54 -38.61 31.87
C LEU C 152 -10.55 -39.10 30.85
N ALA C 153 -10.30 -40.28 30.28
CA ALA C 153 -11.09 -40.80 29.17
C ALA C 153 -12.00 -41.93 29.64
N ILE C 154 -13.25 -41.90 29.17
CA ILE C 154 -14.22 -42.97 29.39
C ILE C 154 -14.60 -43.57 28.05
N PRO C 155 -14.22 -44.82 27.75
CA PRO C 155 -14.50 -45.41 26.44
C PRO C 155 -15.93 -45.91 26.34
N THR C 156 -16.66 -45.42 25.34
CA THR C 156 -18.05 -45.83 25.16
C THR C 156 -18.56 -45.37 23.80
N ASN C 157 -19.64 -46.02 23.37
CA ASN C 157 -20.47 -45.46 22.32
C ASN C 157 -21.09 -44.16 22.82
N ASN C 158 -20.79 -43.05 22.15
CA ASN C 158 -21.29 -41.75 22.57
C ASN C 158 -22.24 -41.14 21.55
N LYS C 159 -22.82 -41.97 20.68
CA LYS C 159 -23.78 -41.52 19.70
C LYS C 159 -25.18 -42.10 19.89
N GLY C 160 -25.32 -43.20 20.63
CA GLY C 160 -26.61 -43.85 20.78
C GLY C 160 -27.41 -43.34 21.97
N ARG C 161 -28.74 -43.35 21.80
CA ARG C 161 -29.65 -42.81 22.80
C ARG C 161 -29.58 -43.58 24.12
N LYS C 162 -29.75 -44.90 24.05
CA LYS C 162 -29.77 -45.72 25.25
C LYS C 162 -28.41 -45.74 25.94
N ALA C 163 -27.33 -45.77 25.17
CA ALA C 163 -26.00 -45.82 25.76
C ALA C 163 -25.69 -44.55 26.54
N LEU C 164 -26.00 -43.39 25.96
CA LEU C 164 -25.78 -42.12 26.67
C LEU C 164 -26.64 -42.04 27.92
N ALA C 165 -27.90 -42.46 27.82
CA ALA C 165 -28.76 -42.50 29.01
C ALA C 165 -28.14 -43.33 30.11
N LEU C 166 -27.69 -44.54 29.78
CA LEU C 166 -27.12 -45.43 30.78
C LEU C 166 -25.84 -44.85 31.39
N ILE C 167 -24.96 -44.29 30.54
CA ILE C 167 -23.69 -43.78 31.04
C ILE C 167 -23.92 -42.64 32.03
N TYR C 168 -24.80 -41.70 31.70
CA TYR C 168 -25.02 -40.59 32.63
C TYR C 168 -25.77 -41.02 33.88
N TRP C 169 -26.68 -41.99 33.76
CA TRP C 169 -27.36 -42.52 34.94
C TRP C 169 -26.37 -43.14 35.92
N ILE C 170 -25.47 -43.98 35.41
CA ILE C 170 -24.46 -44.61 36.25
C ILE C 170 -23.54 -43.56 36.87
N LEU C 171 -23.10 -42.59 36.07
CA LEU C 171 -22.19 -41.58 36.60
C LEU C 171 -22.83 -40.78 37.73
N ALA C 172 -24.10 -40.38 37.56
CA ALA C 172 -24.78 -39.65 38.62
C ALA C 172 -24.89 -40.49 39.89
N ARG C 173 -25.25 -41.76 39.75
CA ARG C 173 -25.36 -42.61 40.94
C ARG C 173 -24.01 -42.74 41.64
N GLU C 174 -22.93 -42.91 40.86
CA GLU C 174 -21.61 -43.04 41.46
C GLU C 174 -21.22 -41.79 42.23
N ILE C 175 -21.51 -40.62 41.68
CA ILE C 175 -21.19 -39.38 42.39
C ILE C 175 -21.97 -39.30 43.70
N LEU C 176 -23.27 -39.61 43.67
CA LEU C 176 -24.06 -39.56 44.89
C LEU C 176 -23.52 -40.54 45.94
N TYR C 177 -23.17 -41.75 45.51
CA TYR C 177 -22.66 -42.75 46.45
C TYR C 177 -21.32 -42.33 47.03
N ASN C 178 -20.45 -41.73 46.21
CA ASN C 178 -19.11 -41.38 46.67
C ASN C 178 -19.12 -40.17 47.60
N ARG C 179 -20.05 -39.23 47.42
CA ARG C 179 -20.07 -38.09 48.33
C ARG C 179 -20.95 -38.32 49.56
N GLY C 180 -21.52 -39.51 49.72
CA GLY C 180 -22.21 -39.86 50.94
C GLY C 180 -23.65 -39.39 51.07
N GLU C 181 -24.24 -38.89 49.99
CA GLU C 181 -25.64 -38.47 50.04
C GLU C 181 -26.60 -39.64 49.94
N ILE C 182 -26.14 -40.83 49.53
CA ILE C 182 -26.89 -42.07 49.68
C ILE C 182 -26.00 -43.06 50.41
N SER C 183 -26.58 -43.79 51.36
CA SER C 183 -25.79 -44.70 52.19
C SER C 183 -25.57 -46.06 51.54
N SER C 184 -26.25 -46.35 50.43
CA SER C 184 -26.07 -47.62 49.75
C SER C 184 -26.46 -47.44 48.29
N ARG C 185 -26.04 -48.39 47.46
CA ARG C 185 -26.35 -48.33 46.04
C ARG C 185 -27.82 -48.55 45.77
N GLU C 186 -28.46 -49.43 46.55
CA GLU C 186 -29.86 -49.78 46.30
C GLU C 186 -30.79 -48.59 46.49
N GLU C 187 -30.40 -47.60 47.29
CA GLU C 187 -31.28 -46.49 47.61
C GLU C 187 -31.66 -45.66 46.39
N PHE C 188 -30.84 -45.64 45.35
CA PHE C 188 -31.03 -44.75 44.21
C PHE C 188 -32.17 -45.27 43.36
N LYS C 189 -33.38 -44.83 43.69
CA LYS C 189 -34.60 -45.25 42.98
C LYS C 189 -35.01 -44.19 41.97
N ILE C 190 -34.22 -44.09 40.89
CA ILE C 190 -34.56 -43.28 39.74
C ILE C 190 -34.32 -44.13 38.50
N PRO C 191 -35.34 -44.47 37.73
CA PRO C 191 -35.15 -45.38 36.60
C PRO C 191 -34.28 -44.77 35.51
N VAL C 192 -33.59 -45.65 34.78
CA VAL C 192 -32.75 -45.22 33.66
C VAL C 192 -33.59 -44.57 32.57
N GLU C 193 -34.85 -45.01 32.41
CA GLU C 193 -35.69 -44.52 31.34
C GLU C 193 -35.97 -43.03 31.44
N GLU C 194 -35.79 -42.42 32.62
CA GLU C 194 -35.99 -41.00 32.77
C GLU C 194 -34.80 -40.17 32.27
N PHE C 195 -33.67 -40.81 32.00
CA PHE C 195 -32.53 -40.11 31.43
C PHE C 195 -32.58 -40.03 29.90
N GLU C 196 -33.42 -40.82 29.23
CA GLU C 196 -33.35 -40.94 27.80
C GLU C 196 -34.44 -40.16 27.09
N MET C 197 -34.18 -39.84 25.82
CA MET C 197 -35.14 -39.14 24.97
C MET C 197 -36.17 -40.12 24.43
N LYS C 198 -37.43 -39.67 24.38
CA LYS C 198 -38.53 -40.51 23.94
C LYS C 198 -38.85 -40.26 22.46
N ILE C 199 -39.52 -41.24 21.87
CA ILE C 199 -39.97 -41.19 20.47
C ILE C 199 -38.80 -41.01 19.51
N LEU D 7 13.54 -17.11 51.53
CA LEU D 7 13.60 -18.26 50.63
C LEU D 7 13.04 -17.88 49.26
N LYS D 8 13.07 -18.83 48.34
CA LYS D 8 12.50 -18.70 47.01
C LYS D 8 11.37 -19.72 46.86
N PHE D 9 10.87 -19.85 45.64
CA PHE D 9 9.75 -20.74 45.34
C PHE D 9 10.19 -21.83 44.39
N GLU D 10 9.50 -22.96 44.43
CA GLU D 10 9.82 -24.09 43.57
C GLU D 10 9.02 -24.01 42.27
N ILE D 11 9.67 -24.36 41.17
CA ILE D 11 9.06 -24.37 39.84
C ILE D 11 8.39 -25.72 39.62
N PRO D 12 7.10 -25.76 39.31
CA PRO D 12 6.43 -27.05 39.07
C PRO D 12 7.00 -27.80 37.88
N VAL D 13 6.90 -29.12 37.94
CA VAL D 13 7.52 -30.04 37.00
C VAL D 13 6.47 -31.04 36.52
N CYS D 14 6.45 -31.30 35.21
CA CYS D 14 5.51 -32.26 34.64
C CYS D 14 5.74 -33.66 35.19
N THR D 15 4.75 -34.30 35.61
CA THR D 15 4.70 -35.68 36.09
C THR D 15 5.11 -36.68 35.03
N SER D 16 4.78 -36.52 33.72
CA SER D 16 5.09 -37.47 32.65
C SER D 16 6.56 -37.37 32.23
N CYS D 17 7.02 -36.18 31.84
CA CYS D 17 8.35 -36.02 31.26
C CYS D 17 9.37 -35.36 32.19
N GLY D 18 8.94 -34.61 33.19
CA GLY D 18 9.85 -34.02 34.15
C GLY D 18 10.41 -32.65 33.79
N ARG D 19 9.95 -32.04 32.70
CA ARG D 19 10.38 -30.69 32.36
C ARG D 19 9.61 -29.65 33.16
N GLU D 20 10.22 -28.48 33.33
CA GLU D 20 9.56 -27.37 34.01
C GLU D 20 8.42 -26.82 33.18
N ILE D 21 7.41 -26.28 33.86
CA ILE D 21 6.28 -25.62 33.22
C ILE D 21 6.63 -24.15 33.00
N THR D 22 6.49 -23.69 31.75
CA THR D 22 6.79 -22.31 31.40
C THR D 22 5.67 -21.36 31.84
N PRO D 23 5.94 -20.04 31.89
CA PRO D 23 4.98 -19.12 32.54
C PRO D 23 3.57 -19.09 31.96
N ARG D 24 3.39 -19.20 30.63
CA ARG D 24 2.06 -18.99 30.06
C ARG D 24 1.59 -20.15 29.18
N GLU D 25 2.15 -21.34 29.31
CA GLU D 25 1.71 -22.45 28.48
C GLU D 25 0.37 -23.01 28.98
N HIS D 26 -0.29 -23.80 28.12
CA HIS D 26 -1.60 -24.36 28.43
C HIS D 26 -1.47 -25.71 29.13
N ALA D 27 -0.94 -25.65 30.36
CA ALA D 27 -0.76 -26.83 31.19
C ALA D 27 -1.97 -27.04 32.10
N THR D 28 -1.97 -28.16 32.82
CA THR D 28 -3.03 -28.42 33.79
C THR D 28 -2.47 -29.20 34.99
N HIS D 29 -3.21 -29.17 36.09
CA HIS D 29 -2.87 -29.96 37.26
C HIS D 29 -4.13 -30.29 38.05
N PHE D 30 -4.15 -31.49 38.65
CA PHE D 30 -5.33 -32.00 39.33
C PHE D 30 -4.92 -33.11 40.29
N VAL D 31 -5.79 -33.40 41.27
CA VAL D 31 -5.49 -34.50 42.19
C VAL D 31 -5.68 -35.84 41.48
N CYS D 32 -5.02 -36.87 42.01
CA CYS D 32 -5.08 -38.18 41.39
C CYS D 32 -6.52 -38.68 41.35
N PRO D 33 -7.03 -39.06 40.18
CA PRO D 33 -8.43 -39.51 40.11
C PRO D 33 -8.70 -40.75 40.97
N ASN D 34 -7.71 -41.63 41.11
CA ASN D 34 -7.93 -42.91 41.80
C ASN D 34 -7.87 -42.76 43.31
N CYS D 35 -6.85 -42.07 43.83
CA CYS D 35 -6.62 -42.00 45.27
C CYS D 35 -6.84 -40.62 45.87
N GLY D 36 -6.48 -39.55 45.16
CA GLY D 36 -6.64 -38.22 45.68
C GLY D 36 -5.56 -37.76 46.64
N GLU D 37 -4.42 -38.46 46.69
CA GLU D 37 -3.36 -38.15 47.65
C GLU D 37 -2.20 -37.38 47.03
N ALA D 38 -2.07 -37.36 45.71
CA ALA D 38 -0.97 -36.69 45.03
C ALA D 38 -1.53 -35.77 43.96
N ILE D 39 -0.69 -34.85 43.50
CA ILE D 39 -1.06 -33.86 42.50
C ILE D 39 -0.35 -34.20 41.19
N ILE D 40 -1.12 -34.36 40.12
CA ILE D 40 -0.61 -34.64 38.78
C ILE D 40 -0.50 -33.31 38.03
N TRP D 41 0.65 -33.09 37.39
CA TRP D 41 0.89 -31.98 36.47
C TRP D 41 1.08 -32.52 35.07
N ARG D 42 0.46 -31.87 34.07
CA ARG D 42 0.66 -32.21 32.67
C ARG D 42 0.97 -30.95 31.88
N CYS D 43 2.11 -30.96 31.18
CA CYS D 43 2.52 -29.85 30.33
C CYS D 43 1.77 -29.90 28.99
N GLU D 44 1.87 -28.80 28.24
CA GLU D 44 1.11 -28.68 27.00
C GLU D 44 1.48 -29.75 26.00
N THR D 45 2.77 -30.07 25.86
CA THR D 45 3.21 -31.05 24.88
C THR D 45 2.68 -32.45 25.22
N CYS D 46 2.74 -32.85 26.50
CA CYS D 46 2.23 -34.16 26.89
C CYS D 46 0.72 -34.26 26.69
N ARG D 47 -0.02 -33.19 26.98
CA ARG D 47 -1.46 -33.21 26.74
C ARG D 47 -1.77 -33.30 25.25
N LEU D 48 -1.00 -32.60 24.41
CA LEU D 48 -1.26 -32.61 22.98
C LEU D 48 -1.03 -33.99 22.38
N LEU D 49 0.03 -34.68 22.79
CA LEU D 49 0.36 -36.00 22.27
C LEU D 49 -0.29 -37.14 23.05
N ALA D 50 -1.09 -36.83 24.07
CA ALA D 50 -1.79 -37.83 24.89
C ALA D 50 -0.84 -38.82 25.54
N LYS D 51 0.24 -38.32 26.13
CA LYS D 51 1.19 -39.16 26.84
C LYS D 51 0.55 -39.73 28.11
N PRO D 52 0.84 -40.99 28.45
CA PRO D 52 0.34 -41.54 29.71
C PRO D 52 1.09 -41.01 30.92
N TYR D 53 0.41 -41.03 32.07
CA TYR D 53 0.98 -40.61 33.35
C TYR D 53 0.63 -41.62 34.41
N LYS D 54 1.43 -41.66 35.48
CA LYS D 54 1.29 -42.64 36.55
C LYS D 54 1.36 -41.95 37.91
N CYS D 55 0.38 -42.23 38.77
CA CYS D 55 0.39 -41.64 40.11
C CYS D 55 1.57 -42.18 40.91
N PRO D 56 2.31 -41.31 41.61
CA PRO D 56 3.47 -41.79 42.38
C PRO D 56 3.09 -42.49 43.69
N LYS D 57 1.82 -42.49 44.09
CA LYS D 57 1.42 -43.11 45.35
C LYS D 57 0.66 -44.41 45.14
N CYS D 58 -0.44 -44.40 44.37
CA CYS D 58 -1.26 -45.58 44.20
C CYS D 58 -0.94 -46.36 42.93
N GLY D 59 -0.23 -45.75 41.98
CA GLY D 59 0.18 -46.44 40.78
C GLY D 59 -0.83 -46.52 39.66
N TRP D 60 -2.02 -45.93 39.83
CA TRP D 60 -2.99 -45.89 38.76
C TRP D 60 -2.44 -45.03 37.61
N GLU D 61 -2.60 -45.51 36.39
CA GLU D 61 -1.97 -44.84 35.27
C GLU D 61 -2.97 -44.53 34.17
N GLY D 62 -2.65 -43.48 33.42
CA GLY D 62 -3.26 -43.21 32.15
C GLY D 62 -4.33 -42.15 32.19
N PRO D 63 -4.40 -41.34 31.13
CA PRO D 63 -5.48 -40.37 30.88
C PRO D 63 -6.82 -41.07 30.65
N GLY E 2 57.16 -2.59 3.45
CA GLY E 2 56.03 -2.12 4.21
C GLY E 2 56.07 -0.65 4.59
N ASP E 3 55.43 -0.30 5.69
CA ASP E 3 55.35 1.09 6.10
C ASP E 3 55.97 1.27 7.48
N PRO E 4 56.71 2.36 7.70
CA PRO E 4 57.23 2.64 9.04
C PRO E 4 56.13 3.11 9.98
N LYS E 5 56.49 3.19 11.26
CA LYS E 5 55.54 3.53 12.32
C LYS E 5 54.93 4.91 12.13
N ARG E 6 53.65 5.03 12.47
CA ARG E 6 52.94 6.31 12.55
C ARG E 6 52.34 6.44 13.95
N GLN E 7 52.53 7.60 14.59
CA GLN E 7 52.01 7.80 15.93
C GLN E 7 50.50 8.02 15.90
N ARG E 8 49.77 7.29 16.75
CA ARG E 8 48.32 7.19 16.69
C ARG E 8 47.66 7.93 17.86
N LYS E 9 46.42 8.36 17.65
CA LYS E 9 45.65 9.06 18.67
C LYS E 9 45.46 8.21 19.91
N LYS E 10 45.51 8.86 21.07
CA LYS E 10 45.32 8.21 22.36
C LYS E 10 43.87 8.18 22.82
N TYR E 11 42.93 8.73 22.06
CA TYR E 11 41.52 8.77 22.43
C TYR E 11 40.66 8.33 21.25
N GLU E 12 39.44 7.88 21.55
CA GLU E 12 38.48 7.41 20.56
C GLU E 12 37.28 8.33 20.51
N THR E 13 36.74 8.55 19.31
CA THR E 13 35.61 9.42 19.06
C THR E 13 34.29 8.64 19.08
N PRO E 14 33.16 9.30 19.30
CA PRO E 14 31.88 8.58 19.36
C PRO E 14 31.50 8.00 18.00
N PRO E 15 30.81 6.86 17.98
CA PRO E 15 30.38 6.28 16.69
C PRO E 15 29.30 7.08 15.97
N HIS E 16 28.56 7.95 16.66
CA HIS E 16 27.54 8.79 16.04
C HIS E 16 27.58 10.14 16.76
N PRO E 17 27.71 11.25 16.03
CA PRO E 17 27.89 12.55 16.71
C PRO E 17 26.65 13.08 17.42
N TRP E 18 25.43 12.74 16.98
CA TRP E 18 24.23 13.36 17.55
C TRP E 18 23.26 12.29 18.07
N ILE E 19 23.52 11.82 19.29
CA ILE E 19 22.61 10.96 20.04
C ILE E 19 22.24 11.72 21.31
N LYS E 20 20.94 11.90 21.54
CA LYS E 20 20.47 12.85 22.56
C LYS E 20 20.94 12.47 23.96
N GLU E 21 20.77 11.19 24.33
CA GLU E 21 21.08 10.76 25.69
C GLU E 21 22.57 10.92 26.00
N ARG E 22 23.43 10.53 25.07
CA ARG E 22 24.87 10.69 25.27
C ARG E 22 25.25 12.15 25.39
N LEU E 23 24.67 13.02 24.55
CA LEU E 23 24.95 14.45 24.63
C LEU E 23 24.59 15.00 26.00
N ASP E 24 23.41 14.64 26.53
CA ASP E 24 23.01 15.13 27.85
C ASP E 24 23.98 14.66 28.94
N ARG E 25 24.32 13.37 28.94
CA ARG E 25 25.22 12.82 29.96
C ARG E 25 26.58 13.51 29.92
N GLU E 26 27.14 13.69 28.72
CA GLU E 26 28.45 14.31 28.60
C GLU E 26 28.42 15.78 28.95
N ARG E 27 27.31 16.48 28.66
CA ARG E 27 27.22 17.87 29.06
C ARG E 27 27.24 18.02 30.57
N VAL E 28 26.54 17.12 31.28
CA VAL E 28 26.57 17.16 32.74
C VAL E 28 28.00 16.98 33.25
N LEU E 29 28.72 15.98 32.71
CA LEU E 29 30.09 15.77 33.17
C LEU E 29 30.98 16.98 32.87
N MET E 30 30.87 17.55 31.66
CA MET E 30 31.69 18.70 31.30
C MET E 30 31.44 19.88 32.22
N ASP E 31 30.18 20.16 32.53
CA ASP E 31 29.89 21.25 33.45
C ASP E 31 30.44 20.97 34.84
N LYS E 32 30.28 19.74 35.33
CA LYS E 32 30.67 19.47 36.72
C LYS E 32 32.17 19.57 36.93
N TYR E 33 32.98 19.04 36.01
CA TYR E 33 34.42 19.03 36.25
C TYR E 33 35.18 20.14 35.53
N GLU E 34 34.47 21.05 34.84
CA GLU E 34 35.07 22.20 34.16
C GLU E 34 36.21 21.79 33.22
N LEU E 35 35.91 20.83 32.34
CA LEU E 35 36.84 20.42 31.29
C LEU E 35 36.77 21.40 30.12
N LYS E 36 37.86 21.47 29.36
CA LYS E 36 37.95 22.49 28.31
C LYS E 36 37.22 22.08 27.02
N ASN E 37 37.29 20.81 26.62
CA ASN E 37 36.67 20.38 25.37
C ASN E 37 36.31 18.90 25.47
N LYS E 38 35.64 18.39 24.43
CA LYS E 38 35.18 17.01 24.44
C LYS E 38 36.36 16.03 24.45
N LYS E 39 37.39 16.30 23.65
CA LYS E 39 38.48 15.33 23.51
C LYS E 39 39.13 15.04 24.85
N GLU E 40 39.30 16.06 25.70
CA GLU E 40 39.81 15.85 27.04
C GLU E 40 38.97 14.80 27.77
N LEU E 41 37.65 14.99 27.81
CA LEU E 41 36.77 13.99 28.40
C LEU E 41 36.98 12.64 27.72
N TRP E 42 37.00 12.62 26.39
CA TRP E 42 37.13 11.36 25.68
C TRP E 42 38.43 10.65 26.06
N LYS E 43 39.49 11.42 26.29
CA LYS E 43 40.76 10.81 26.71
C LYS E 43 40.54 9.96 27.95
N HIS E 44 39.92 10.54 28.97
CA HIS E 44 39.72 9.79 30.21
C HIS E 44 38.84 8.58 29.97
N GLU E 45 37.79 8.72 29.14
CA GLU E 45 36.94 7.57 28.86
C GLU E 45 37.78 6.43 28.30
N THR E 46 38.68 6.75 27.38
CA THR E 46 39.49 5.70 26.77
C THR E 46 40.33 5.00 27.82
N GLN E 47 40.94 5.76 28.74
CA GLN E 47 41.74 5.15 29.80
C GLN E 47 40.92 4.08 30.51
N LEU E 48 39.69 4.44 30.91
CA LEU E 48 38.84 3.49 31.60
C LEU E 48 38.62 2.25 30.75
N LYS E 49 38.25 2.44 29.48
CA LYS E 49 37.99 1.28 28.62
C LYS E 49 39.20 0.36 28.59
N ASN E 50 40.40 0.93 28.48
CA ASN E 50 41.55 0.06 28.34
C ASN E 50 41.73 -0.80 29.59
N PHE E 51 41.52 -0.21 30.78
CA PHE E 51 41.58 -0.99 32.01
C PHE E 51 40.63 -2.18 31.93
N ARG E 52 39.37 -1.92 31.57
CA ARG E 52 38.40 -3.01 31.56
C ARG E 52 38.80 -4.07 30.54
N ARG E 53 39.34 -3.64 29.39
CA ARG E 53 39.71 -4.61 28.36
C ARG E 53 40.82 -5.52 28.83
N ARG E 54 41.69 -5.02 29.71
CA ARG E 54 42.74 -5.89 30.25
C ARG E 54 42.17 -6.88 31.26
N ALA E 55 41.18 -6.45 32.05
CA ALA E 55 40.58 -7.37 33.01
C ALA E 55 39.78 -8.46 32.30
N ARG E 56 39.04 -8.11 31.26
CA ARG E 56 38.25 -9.09 30.54
C ARG E 56 39.14 -10.18 29.94
N ARG E 57 40.30 -9.78 29.41
CA ARG E 57 41.23 -10.75 28.82
C ARG E 57 41.92 -11.61 29.89
N LEU E 58 42.21 -11.04 31.06
CA LEU E 58 42.92 -11.78 32.10
C LEU E 58 42.03 -12.76 32.84
N LEU E 59 40.73 -12.50 32.91
CA LEU E 59 39.81 -13.46 33.53
C LEU E 59 39.80 -14.78 32.78
N ALA E 60 39.79 -14.72 31.44
CA ALA E 60 39.70 -15.91 30.60
C ALA E 60 41.07 -16.46 30.19
N ALA E 61 42.13 -16.09 30.89
CA ALA E 61 43.48 -16.57 30.59
C ALA E 61 43.96 -17.47 31.71
N ARG E 62 45.00 -18.26 31.41
CA ARG E 62 45.65 -19.12 32.39
C ARG E 62 47.09 -19.33 31.95
N GLY E 63 47.93 -19.71 32.91
CA GLY E 63 49.35 -19.86 32.64
C GLY E 63 50.23 -19.04 33.56
N LYS E 64 51.48 -18.84 33.20
CA LYS E 64 52.43 -18.19 34.09
C LYS E 64 52.55 -16.68 33.86
N GLN E 65 52.58 -16.24 32.60
CA GLN E 65 52.64 -14.80 32.31
C GLN E 65 51.32 -14.11 32.64
N ALA E 66 50.19 -14.83 32.51
CA ALA E 66 48.89 -14.26 32.86
C ALA E 66 48.83 -13.85 34.33
N GLU E 67 49.39 -14.67 35.22
CA GLU E 67 49.37 -14.33 36.65
C GLU E 67 50.20 -13.08 36.94
N ILE E 68 51.37 -12.97 36.32
CA ILE E 68 52.22 -11.81 36.54
C ILE E 68 51.49 -10.55 36.07
N GLU E 69 50.85 -10.63 34.92
CA GLU E 69 50.10 -9.51 34.38
C GLU E 69 48.89 -9.18 35.27
N ARG E 70 48.26 -10.21 35.81
CA ARG E 70 47.09 -10.07 36.68
C ARG E 70 47.42 -9.28 37.95
N GLU E 71 48.56 -9.59 38.57
CA GLU E 71 49.01 -8.88 39.77
C GLU E 71 49.56 -7.50 39.43
N GLN E 72 50.19 -7.34 38.25
CA GLN E 72 50.65 -6.01 37.85
C GLN E 72 49.49 -5.05 37.64
N LEU E 73 48.40 -5.52 37.01
CA LEU E 73 47.23 -4.66 36.82
C LEU E 73 46.66 -4.23 38.17
N LEU E 74 46.49 -5.17 39.10
CA LEU E 74 45.98 -4.80 40.42
C LEU E 74 46.90 -3.81 41.14
N ALA E 75 48.22 -4.05 41.09
CA ALA E 75 49.17 -3.18 41.77
C ALA E 75 49.12 -1.76 41.21
N ARG E 76 49.10 -1.63 39.87
CA ARG E 76 49.03 -0.29 39.27
C ARG E 76 47.74 0.41 39.66
N LEU E 77 46.61 -0.31 39.65
CA LEU E 77 45.34 0.34 39.99
C LEU E 77 45.34 0.84 41.43
N LYS E 78 45.93 0.08 42.37
CA LYS E 78 45.94 0.62 43.73
C LYS E 78 47.00 1.69 43.94
N ARG E 79 48.07 1.72 43.13
CA ARG E 79 49.03 2.81 43.24
C ARG E 79 48.41 4.15 42.82
N LEU E 80 47.57 4.15 41.78
CA LEU E 80 46.88 5.36 41.36
C LEU E 80 45.78 5.78 42.34
N GLY E 81 45.40 4.93 43.28
CA GLY E 81 44.35 5.27 44.22
C GLY E 81 42.94 4.99 43.74
N LEU E 82 42.77 4.17 42.70
CA LEU E 82 41.44 3.86 42.19
C LEU E 82 40.80 2.65 42.85
N LEU E 83 41.55 1.83 43.57
CA LEU E 83 41.02 0.67 44.27
C LEU E 83 41.63 0.61 45.67
N PRO E 84 40.91 0.04 46.64
CA PRO E 84 41.50 -0.17 47.98
C PRO E 84 42.50 -1.32 47.96
N GLU E 85 43.22 -1.44 49.09
CA GLU E 85 44.34 -2.38 49.18
C GLU E 85 43.93 -3.83 49.11
N ASP E 86 42.67 -4.17 49.41
CA ASP E 86 42.23 -5.56 49.42
C ASP E 86 41.28 -5.89 48.27
N ALA E 87 41.39 -5.18 47.14
CA ALA E 87 40.50 -5.41 46.02
C ALA E 87 40.94 -6.64 45.22
N VAL E 88 39.99 -7.19 44.46
CA VAL E 88 40.26 -8.33 43.57
C VAL E 88 39.98 -7.94 42.13
N LEU E 89 40.24 -8.87 41.20
CA LEU E 89 40.16 -8.55 39.77
C LEU E 89 38.73 -8.19 39.34
N ASP E 90 37.73 -8.88 39.90
CA ASP E 90 36.34 -8.58 39.56
C ASP E 90 35.98 -7.12 39.86
N ASP E 91 36.59 -6.53 40.88
CA ASP E 91 36.33 -5.13 41.22
C ASP E 91 36.71 -4.18 40.11
N VAL E 92 37.59 -4.61 39.18
CA VAL E 92 37.94 -3.75 38.06
C VAL E 92 36.70 -3.45 37.22
N LEU E 93 35.75 -4.38 37.15
CA LEU E 93 34.60 -4.21 36.26
C LEU E 93 33.53 -3.29 36.83
N SER E 94 33.70 -2.75 38.04
CA SER E 94 32.72 -1.83 38.62
C SER E 94 33.20 -0.38 38.65
N LEU E 95 34.34 -0.08 38.02
CA LEU E 95 34.87 1.27 37.94
C LEU E 95 34.06 2.12 36.98
N THR E 96 33.85 3.39 37.34
CA THR E 96 33.11 4.34 36.52
C THR E 96 34.02 5.47 36.05
N ILE E 97 33.52 6.25 35.10
CA ILE E 97 34.25 7.41 34.58
C ILE E 97 34.48 8.43 35.68
N GLU E 98 33.53 8.56 36.62
CA GLU E 98 33.68 9.51 37.72
C GLU E 98 34.86 9.17 38.62
N ASP E 99 35.23 7.89 38.73
CA ASP E 99 36.38 7.52 39.54
C ASP E 99 37.66 8.12 38.98
N ILE E 100 37.81 8.12 37.65
CA ILE E 100 39.02 8.63 37.04
C ILE E 100 39.09 10.15 37.15
N LEU E 101 37.98 10.85 36.92
CA LEU E 101 38.01 12.30 36.95
C LEU E 101 38.32 12.85 38.34
N GLU E 102 37.95 12.12 39.40
CA GLU E 102 38.28 12.54 40.76
C GLU E 102 39.77 12.54 41.02
N ARG E 103 40.57 11.91 40.18
CA ARG E 103 42.03 11.84 40.35
C ARG E 103 42.77 12.94 39.59
N ARG E 104 42.08 13.77 38.84
CA ARG E 104 42.73 14.90 38.17
C ARG E 104 43.31 15.87 39.20
N LEU E 105 44.48 16.44 38.89
CA LEU E 105 45.09 17.41 39.78
C LEU E 105 44.19 18.62 39.99
N GLN E 106 43.44 19.02 38.96
CA GLN E 106 42.47 20.10 39.12
C GLN E 106 41.43 19.76 40.20
N THR E 107 40.83 18.57 40.11
CA THR E 107 39.83 18.16 41.08
C THR E 107 40.42 18.09 42.49
N ILE E 108 41.61 17.48 42.62
CA ILE E 108 42.22 17.29 43.93
C ILE E 108 42.61 18.63 44.55
N VAL E 109 43.06 19.58 43.74
CA VAL E 109 43.36 20.90 44.26
C VAL E 109 42.09 21.58 44.77
N TYR E 110 40.97 21.40 44.06
CA TYR E 110 39.71 21.94 44.55
C TYR E 110 39.21 21.20 45.80
N LYS E 111 39.38 19.88 45.86
CA LYS E 111 38.86 19.11 46.99
C LYS E 111 39.58 19.44 48.29
N LYS E 112 40.88 19.70 48.22
CA LYS E 112 41.67 19.96 49.42
C LYS E 112 41.42 21.35 50.01
N GLY E 113 40.80 22.26 49.26
CA GLY E 113 40.56 23.59 49.75
C GLY E 113 41.64 24.60 49.45
N LEU E 114 42.45 24.38 48.40
CA LEU E 114 43.42 25.37 47.97
C LEU E 114 42.81 26.43 47.05
N ALA E 115 41.67 26.13 46.42
CA ALA E 115 40.92 27.08 45.62
C ALA E 115 39.47 27.10 46.08
N ARG E 116 38.71 28.07 45.60
CA ARG E 116 37.28 28.18 45.89
C ARG E 116 36.40 27.54 44.84
N THR E 117 36.89 27.44 43.60
CA THR E 117 36.13 26.91 42.49
C THR E 117 37.05 26.03 41.64
N MET E 118 36.43 25.20 40.80
CA MET E 118 37.19 24.41 39.84
C MET E 118 37.99 25.28 38.87
N ARG E 119 37.38 26.36 38.40
CA ARG E 119 38.03 27.29 37.48
C ARG E 119 39.25 27.93 38.09
N GLN E 120 39.14 28.33 39.37
CA GLN E 120 40.28 28.90 40.08
C GLN E 120 41.39 27.87 40.25
N ALA E 121 41.03 26.61 40.52
CA ALA E 121 42.05 25.57 40.61
C ALA E 121 42.79 25.41 39.29
N ARG E 122 42.07 25.47 38.17
CA ARG E 122 42.73 25.37 36.88
C ARG E 122 43.71 26.52 36.66
N GLN E 123 43.29 27.75 36.98
CA GLN E 123 44.22 28.88 36.81
C GLN E 123 45.42 28.77 37.74
N LEU E 124 45.21 28.32 38.99
CA LEU E 124 46.33 28.15 39.91
C LEU E 124 47.33 27.14 39.37
N ILE E 125 46.84 26.04 38.78
CA ILE E 125 47.76 25.06 38.21
C ILE E 125 48.51 25.63 37.02
N VAL E 126 47.79 26.29 36.10
CA VAL E 126 48.43 26.76 34.86
C VAL E 126 49.45 27.87 35.15
N HIS E 127 49.17 28.75 36.11
CA HIS E 127 50.09 29.86 36.38
C HIS E 127 51.29 29.46 37.21
N GLY E 128 51.31 28.27 37.80
CA GLY E 128 52.47 27.80 38.53
C GLY E 128 52.48 28.10 40.01
N HIS E 129 51.34 27.91 40.67
CA HIS E 129 51.23 28.17 42.11
C HIS E 129 51.14 26.90 42.95
N ILE E 130 51.15 25.72 42.32
CA ILE E 130 50.94 24.45 43.01
C ILE E 130 52.18 23.58 42.86
N GLU E 131 52.66 23.03 43.97
CA GLU E 131 53.76 22.08 43.96
C GLU E 131 53.28 20.71 44.44
N VAL E 132 53.77 19.67 43.78
CA VAL E 132 53.46 18.28 44.08
C VAL E 132 54.78 17.61 44.45
N ASN E 133 54.93 17.27 45.72
CA ASN E 133 56.14 16.61 46.24
C ASN E 133 57.40 17.38 45.87
N GLY E 134 57.36 18.70 46.04
CA GLY E 134 58.50 19.56 45.75
C GLY E 134 58.73 19.95 44.31
N GLN E 135 57.85 19.53 43.41
CA GLN E 135 57.98 19.83 41.99
C GLN E 135 56.77 20.58 41.45
N ILE E 136 57.00 21.62 40.65
CA ILE E 136 55.91 22.38 40.06
C ILE E 136 55.43 21.72 38.76
N ILE E 137 54.13 21.43 38.71
CA ILE E 137 53.52 20.79 37.55
C ILE E 137 52.36 21.66 37.07
N ARG E 138 52.33 21.95 35.78
CA ARG E 138 51.33 22.86 35.22
C ARG E 138 50.30 22.16 34.34
N SER E 139 50.07 20.87 34.54
CA SER E 139 49.09 20.15 33.74
C SER E 139 47.87 19.79 34.59
N PRO E 140 46.72 20.43 34.38
CA PRO E 140 45.55 20.11 35.21
C PRO E 140 45.02 18.69 35.06
N SER E 141 45.36 17.99 33.98
CA SER E 141 44.87 16.62 33.77
C SER E 141 45.79 15.57 34.36
N TYR E 142 46.88 15.95 35.01
CA TYR E 142 47.79 14.97 35.61
C TYR E 142 47.07 14.17 36.69
N LEU E 143 47.21 12.85 36.64
CA LEU E 143 46.54 11.96 37.58
C LEU E 143 47.46 11.70 38.78
N VAL E 144 46.96 12.01 39.97
CA VAL E 144 47.78 12.06 41.18
C VAL E 144 47.84 10.67 41.82
N LEU E 145 49.05 10.22 42.11
CA LEU E 145 49.23 8.98 42.84
C LEU E 145 48.86 9.15 44.31
N LYS E 146 48.46 8.05 44.94
CA LYS E 146 48.04 8.11 46.34
C LYS E 146 49.21 8.45 47.26
N GLU E 147 50.41 7.95 46.95
CA GLU E 147 51.55 8.16 47.83
C GLU E 147 51.99 9.61 47.91
N GLU E 148 51.61 10.46 46.96
CA GLU E 148 52.01 11.85 46.94
C GLU E 148 50.84 12.81 47.12
N GLU E 149 49.64 12.29 47.40
CA GLU E 149 48.45 13.12 47.46
C GLU E 149 48.54 14.16 48.58
N ASP E 150 49.11 13.78 49.73
CA ASP E 150 49.12 14.68 50.88
C ASP E 150 50.29 15.65 50.88
N THR E 151 51.29 15.48 50.02
CA THR E 151 52.34 16.49 49.86
C THR E 151 52.04 17.45 48.71
N ILE E 152 50.83 18.00 48.65
CA ILE E 152 50.41 18.91 47.60
C ILE E 152 50.12 20.25 48.25
N THR E 153 50.92 21.27 47.93
CA THR E 153 50.76 22.55 48.60
C THR E 153 50.97 23.69 47.60
N TYR E 154 50.90 24.91 48.12
CA TYR E 154 51.32 26.08 47.36
C TYR E 154 52.83 26.03 47.14
N ALA E 155 53.27 26.52 46.00
CA ALA E 155 54.69 26.62 45.73
C ALA E 155 55.33 27.58 46.73
N ARG E 156 56.54 27.23 47.19
CA ARG E 156 57.22 28.03 48.21
C ARG E 156 57.68 29.39 47.69
N THR E 157 57.63 29.62 46.38
CA THR E 157 57.97 30.91 45.80
C THR E 157 56.74 31.66 45.32
N SER E 158 55.55 31.14 45.59
CA SER E 158 54.30 31.71 45.12
C SER E 158 53.86 32.87 46.01
N PRO E 159 53.15 33.84 45.44
CA PRO E 159 52.47 34.84 46.30
C PRO E 159 51.49 34.21 47.27
N PHE E 160 50.83 33.12 46.90
CA PHE E 160 49.85 32.47 47.76
C PHE E 160 50.47 31.76 48.96
N ALA E 161 51.79 31.62 49.00
CA ALA E 161 52.43 31.01 50.17
C ALA E 161 52.69 32.06 51.25
N ASN E 162 51.66 32.84 51.57
CA ASN E 162 51.72 33.85 52.61
C ASN E 162 50.32 34.01 53.18
N PRO E 163 50.08 33.60 54.42
CA PRO E 163 48.71 33.61 54.96
C PRO E 163 48.06 34.98 55.00
N GLN E 164 48.78 36.06 54.72
CA GLN E 164 48.21 37.40 54.70
C GLN E 164 47.92 37.92 53.30
N HIS E 165 48.11 37.09 52.27
CA HIS E 165 47.81 37.53 50.91
C HIS E 165 46.31 37.74 50.75
N PRO E 166 45.91 38.84 50.10
CA PRO E 166 44.46 39.12 49.98
C PRO E 166 43.66 38.02 49.31
N GLU E 167 44.18 37.41 48.25
CA GLU E 167 43.39 36.40 47.55
C GLU E 167 43.34 35.10 48.33
N ARG E 168 44.38 34.79 49.12
CA ARG E 168 44.36 33.57 49.92
C ARG E 168 43.34 33.66 51.05
N MET E 169 43.20 34.85 51.66
CA MET E 169 42.22 35.00 52.73
C MET E 169 40.80 34.78 52.22
N MET E 170 40.51 35.26 51.01
CA MET E 170 39.20 35.01 50.42
C MET E 170 38.98 33.53 50.12
N ILE E 171 40.03 32.81 49.75
CA ILE E 171 39.93 31.36 49.56
C ILE E 171 39.66 30.68 50.89
N GLU E 172 40.31 31.13 51.96
CA GLU E 172 40.14 30.52 53.27
C GLU E 172 38.77 30.80 53.87
N LYS E 173 38.13 31.89 53.48
CA LYS E 173 36.83 32.25 54.03
C LYS E 173 35.74 31.26 53.62
N ALA E 174 35.96 30.45 52.60
CA ALA E 174 34.98 29.47 52.15
C ALA E 174 35.00 28.21 53.02
N ALA F 2 75.72 -3.96 -0.66
CA ALA F 2 76.98 -4.21 -1.36
C ALA F 2 76.73 -4.58 -2.81
N ARG F 3 76.70 -3.57 -3.68
CA ARG F 3 76.63 -3.83 -5.11
C ARG F 3 77.96 -4.34 -5.72
N LYS F 4 79.07 -3.69 -5.36
CA LYS F 4 80.38 -4.04 -5.95
C LYS F 4 81.57 -4.38 -5.04
N GLY F 5 81.43 -4.21 -3.73
CA GLY F 5 82.56 -4.46 -2.84
C GLY F 5 82.23 -4.65 -1.37
N PRO F 6 83.23 -5.00 -0.56
CA PRO F 6 82.97 -5.23 0.87
C PRO F 6 82.30 -4.05 1.56
N LYS F 7 81.48 -4.38 2.56
CA LYS F 7 80.85 -3.37 3.41
C LYS F 7 81.87 -2.96 4.47
N ARG F 8 81.92 -1.64 4.73
CA ARG F 8 82.75 -1.05 5.79
C ARG F 8 82.03 -0.23 6.88
N HIS F 9 80.70 -0.26 6.91
CA HIS F 9 79.90 0.58 7.80
C HIS F 9 78.95 -0.36 8.53
N LEU F 10 78.37 0.12 9.63
CA LEU F 10 77.38 -0.65 10.39
C LEU F 10 76.42 0.30 11.07
N LYS F 11 75.13 0.22 10.74
CA LYS F 11 74.11 1.00 11.40
C LYS F 11 73.84 0.47 12.81
N ARG F 12 73.47 1.38 13.72
CA ARG F 12 73.20 1.00 15.10
C ARG F 12 72.06 -0.01 15.19
N LEU F 13 70.99 0.21 14.40
CA LEU F 13 69.84 -0.68 14.44
C LEU F 13 70.16 -2.10 14.02
N ALA F 14 71.24 -2.32 13.26
CA ALA F 14 71.63 -3.64 12.80
C ALA F 14 72.81 -4.22 13.58
N ALA F 15 73.14 -3.64 14.73
CA ALA F 15 74.25 -4.14 15.53
C ALA F 15 73.91 -5.48 16.18
N PRO F 16 74.93 -6.26 16.55
CA PRO F 16 74.68 -7.56 17.18
C PRO F 16 73.91 -7.44 18.48
N THR F 17 73.11 -8.47 18.76
CA THR F 17 72.18 -8.46 19.88
C THR F 17 72.83 -8.69 21.23
N SER F 18 74.11 -9.08 21.26
CA SER F 18 74.81 -9.37 22.52
C SER F 18 75.53 -8.15 23.10
N TRP F 19 75.56 -7.03 22.39
CA TRP F 19 76.21 -5.81 22.89
C TRP F 19 75.25 -5.05 23.79
N TYR F 20 75.80 -4.39 24.83
CA TYR F 20 75.05 -3.43 25.62
C TYR F 20 75.25 -2.05 24.98
N ILE F 21 74.28 -1.62 24.18
CA ILE F 21 74.40 -0.41 23.38
C ILE F 21 73.01 0.19 23.20
N GLU F 22 72.94 1.52 23.25
CA GLU F 22 71.67 2.23 23.04
C GLU F 22 71.43 2.39 21.55
N ARG F 23 70.44 1.68 21.01
CA ARG F 23 70.30 1.46 19.58
C ARG F 23 69.69 2.64 18.81
N LYS F 24 69.07 3.60 19.49
CA LYS F 24 68.45 4.73 18.80
C LYS F 24 69.15 6.05 19.04
N ALA F 25 70.22 6.08 19.83
CA ALA F 25 70.84 7.35 20.20
C ALA F 25 71.64 7.96 19.05
N TYR F 26 72.16 7.15 18.14
CA TYR F 26 72.96 7.63 17.03
C TYR F 26 72.68 6.80 15.79
N LYS F 27 73.23 7.26 14.66
CA LYS F 27 73.06 6.56 13.39
C LYS F 27 74.04 5.39 13.23
N TRP F 28 75.30 5.57 13.62
CA TRP F 28 76.37 4.64 13.30
C TRP F 28 76.93 3.96 14.54
N ALA F 29 77.44 2.74 14.34
CA ALA F 29 78.18 1.98 15.34
C ALA F 29 79.56 1.61 14.78
N VAL F 30 80.48 1.22 15.65
CA VAL F 30 81.80 0.80 15.20
C VAL F 30 81.72 -0.55 14.47
N ARG F 31 82.26 -0.64 13.26
CA ARG F 31 82.27 -1.92 12.55
C ARG F 31 83.54 -2.61 13.01
N PRO F 32 83.41 -3.71 13.76
CA PRO F 32 84.60 -4.36 14.29
C PRO F 32 85.58 -4.91 13.26
N ARG F 33 86.86 -4.87 13.59
CA ARG F 33 87.89 -5.42 12.72
C ARG F 33 87.93 -6.94 12.80
N PRO F 34 88.24 -7.62 11.68
CA PRO F 34 88.48 -9.07 11.74
C PRO F 34 89.52 -9.39 12.81
N GLY F 35 89.37 -10.54 13.45
CA GLY F 35 90.28 -10.95 14.48
C GLY F 35 89.98 -12.31 15.09
N PRO F 36 90.21 -12.44 16.40
CA PRO F 36 90.15 -13.75 17.08
C PRO F 36 88.80 -14.47 17.08
N HIS F 37 87.76 -13.84 17.60
CA HIS F 37 86.48 -14.50 17.80
C HIS F 37 85.61 -14.31 16.56
N ASN F 38 84.30 -14.53 16.67
CA ASN F 38 83.39 -14.18 15.58
C ASN F 38 82.50 -13.02 16.00
N MET F 39 81.63 -12.59 15.08
CA MET F 39 80.80 -11.41 15.32
C MET F 39 79.79 -11.63 16.45
N ARG F 40 79.27 -12.85 16.58
CA ARG F 40 78.24 -13.13 17.57
C ARG F 40 78.76 -13.30 18.98
N THR F 41 80.08 -13.36 19.17
CA THR F 41 80.62 -13.69 20.49
C THR F 41 81.68 -12.69 20.96
N SER F 42 81.68 -11.45 20.46
CA SER F 42 82.69 -10.49 20.83
C SER F 42 82.16 -9.07 20.66
N ILE F 43 82.97 -8.10 21.08
CA ILE F 43 82.60 -6.69 21.01
C ILE F 43 83.85 -5.84 20.85
N PRO F 44 83.75 -4.74 20.09
CA PRO F 44 84.89 -3.84 19.93
C PRO F 44 85.35 -3.24 21.26
N LEU F 45 86.65 -2.97 21.33
CA LEU F 45 87.29 -2.51 22.57
C LEU F 45 86.84 -1.10 22.95
N LEU F 46 86.45 -0.28 21.98
CA LEU F 46 86.00 1.09 22.28
C LEU F 46 84.79 1.07 23.20
N TYR F 47 83.87 0.13 23.01
CA TYR F 47 82.70 0.06 23.89
C TYR F 47 83.08 -0.41 25.29
N ILE F 48 84.18 -1.16 25.42
CA ILE F 48 84.66 -1.50 26.76
C ILE F 48 85.23 -0.28 27.46
N VAL F 49 86.03 0.51 26.75
CA VAL F 49 86.68 1.66 27.38
C VAL F 49 85.66 2.78 27.66
N ARG F 50 84.84 3.11 26.68
CA ARG F 50 83.91 4.25 26.76
C ARG F 50 82.59 3.87 27.43
N ASP F 51 81.92 2.84 26.93
CA ASP F 51 80.55 2.58 27.35
C ASP F 51 80.48 1.74 28.63
N TYR F 52 81.28 0.68 28.74
CA TYR F 52 81.20 -0.22 29.89
C TYR F 52 81.88 0.36 31.12
N LEU F 53 83.19 0.60 31.05
CA LEU F 53 83.94 1.06 32.22
C LEU F 53 83.71 2.53 32.52
N GLY F 54 83.54 3.37 31.50
CA GLY F 54 83.35 4.78 31.72
C GLY F 54 84.62 5.57 31.96
N TYR F 55 85.78 5.03 31.57
CA TYR F 55 87.03 5.77 31.73
C TYR F 55 87.17 6.92 30.75
N ALA F 56 86.35 6.99 29.71
CA ALA F 56 86.36 8.10 28.77
C ALA F 56 84.93 8.46 28.40
N LYS F 57 84.73 9.74 28.05
CA LYS F 57 83.42 10.24 27.68
C LYS F 57 83.19 10.24 26.17
N THR F 58 84.22 10.56 25.38
CA THR F 58 84.11 10.64 23.94
C THR F 58 85.10 9.67 23.30
N ALA F 59 84.86 9.39 22.02
CA ALA F 59 85.75 8.50 21.28
C ALA F 59 87.17 9.04 21.20
N ARG F 60 87.32 10.37 21.10
CA ARG F 60 88.66 10.94 20.93
C ARG F 60 89.55 10.68 22.14
N GLU F 61 89.02 10.88 23.36
CA GLU F 61 89.86 10.62 24.52
C GLU F 61 89.96 9.13 24.86
N ALA F 62 89.03 8.31 24.39
CA ALA F 62 89.21 6.86 24.49
C ALA F 62 90.40 6.40 23.65
N ARG F 63 90.57 7.00 22.46
CA ARG F 63 91.69 6.62 21.60
C ARG F 63 93.02 7.03 22.19
N LYS F 64 93.08 8.20 22.85
CA LYS F 64 94.32 8.62 23.49
C LYS F 64 94.70 7.68 24.63
N ILE F 65 93.72 7.19 25.39
CA ILE F 65 93.98 6.20 26.43
C ILE F 65 94.54 4.91 25.83
N LEU F 66 93.96 4.45 24.71
CA LEU F 66 94.41 3.22 24.09
C LEU F 66 95.82 3.35 23.51
N ASN F 67 96.13 4.48 22.90
CA ASN F 67 97.42 4.62 22.23
C ASN F 67 98.59 4.68 23.21
N GLU F 68 98.33 5.08 24.45
CA GLU F 68 99.40 5.12 25.46
C GLU F 68 99.70 3.75 26.06
N GLY F 69 98.88 2.73 25.77
CA GLY F 69 99.18 1.38 26.19
C GLY F 69 98.67 0.99 27.56
N LYS F 70 97.45 1.41 27.92
CA LYS F 70 96.92 1.22 29.26
C LYS F 70 96.03 -0.01 29.39
N PHE F 71 95.65 -0.65 28.29
CA PHE F 71 94.75 -1.80 28.31
C PHE F 71 95.46 -3.02 27.73
N LEU F 72 95.32 -4.15 28.41
CA LEU F 72 95.90 -5.43 28.01
C LEU F 72 94.79 -6.44 27.79
N VAL F 73 94.87 -7.19 26.71
CA VAL F 73 93.92 -8.26 26.41
C VAL F 73 94.71 -9.55 26.27
N ASP F 74 94.42 -10.51 27.15
CA ASP F 74 95.15 -11.78 27.21
C ASP F 74 96.65 -11.54 27.36
N GLY F 75 97.02 -10.53 28.14
CA GLY F 75 98.40 -10.25 28.45
C GLY F 75 99.16 -9.43 27.43
N ARG F 76 98.52 -8.99 26.35
CA ARG F 76 99.20 -8.24 25.30
C ARG F 76 98.57 -6.86 25.12
N VAL F 77 99.42 -5.89 24.81
CA VAL F 77 98.97 -4.52 24.60
C VAL F 77 98.13 -4.44 23.34
N ARG F 78 96.95 -3.82 23.43
CA ARG F 78 96.07 -3.62 22.29
C ARG F 78 95.75 -2.15 22.15
N LYS F 79 96.08 -1.58 20.99
CA LYS F 79 95.83 -0.17 20.71
C LYS F 79 94.69 0.08 19.73
N ASP F 80 94.28 -0.91 18.95
CA ASP F 80 93.24 -0.72 17.95
C ASP F 80 91.87 -0.61 18.63
N TYR F 81 91.16 0.49 18.40
CA TYR F 81 89.83 0.63 19.00
C TYR F 81 88.81 -0.29 18.35
N LYS F 82 89.13 -0.92 17.23
CA LYS F 82 88.22 -1.85 16.58
C LYS F 82 88.47 -3.31 16.97
N PHE F 83 89.41 -3.57 17.88
CA PHE F 83 89.83 -4.93 18.20
C PHE F 83 88.72 -5.71 18.89
N PRO F 84 88.40 -6.92 18.40
CA PRO F 84 87.29 -7.69 19.00
C PRO F 84 87.72 -8.43 20.27
N VAL F 85 86.93 -8.26 21.34
CA VAL F 85 87.17 -8.85 22.64
C VAL F 85 86.03 -9.82 22.93
N GLY F 86 86.36 -11.08 23.20
CA GLY F 86 85.35 -12.12 23.24
C GLY F 86 85.32 -13.05 24.43
N ILE F 87 84.55 -14.14 24.29
CA ILE F 87 84.29 -15.07 25.38
C ILE F 87 85.60 -15.66 25.90
N MET F 88 85.78 -15.61 27.23
CA MET F 88 86.88 -16.16 28.03
C MET F 88 88.15 -15.33 28.00
N ASP F 89 88.17 -14.18 27.31
CA ASP F 89 89.32 -13.30 27.35
C ASP F 89 89.48 -12.68 28.74
N VAL F 90 90.66 -12.14 28.99
CA VAL F 90 90.96 -11.41 30.22
C VAL F 90 91.32 -9.98 29.83
N VAL F 91 90.62 -9.02 30.42
CA VAL F 91 90.89 -7.60 30.24
C VAL F 91 91.61 -7.12 31.48
N SER F 92 92.80 -6.55 31.31
CA SER F 92 93.63 -6.13 32.42
C SER F 92 93.98 -4.66 32.34
N ILE F 93 93.86 -3.96 33.46
CA ILE F 93 94.30 -2.58 33.62
C ILE F 93 95.32 -2.54 34.75
N PRO F 94 96.61 -2.43 34.43
CA PRO F 94 97.65 -2.52 35.46
C PRO F 94 97.83 -1.23 36.25
N GLU F 95 97.57 -0.09 35.60
CA GLU F 95 97.69 1.19 36.28
C GLU F 95 96.64 1.36 37.37
N THR F 96 95.55 0.61 37.29
CA THR F 96 94.53 0.57 38.33
C THR F 96 94.50 -0.76 39.06
N GLY F 97 95.21 -1.76 38.55
CA GLY F 97 95.27 -3.06 39.17
C GLY F 97 93.98 -3.85 39.16
N GLU F 98 93.26 -3.87 38.04
CA GLU F 98 92.04 -4.67 37.97
C GLU F 98 92.06 -5.58 36.75
N HIS F 99 91.26 -6.64 36.84
CA HIS F 99 91.21 -7.70 35.83
C HIS F 99 89.78 -8.22 35.73
N TYR F 100 89.37 -8.55 34.50
CA TYR F 100 88.03 -9.06 34.27
C TYR F 100 88.07 -10.21 33.27
N ARG F 101 87.09 -11.08 33.36
CA ARG F 101 86.85 -12.10 32.34
C ARG F 101 85.55 -11.78 31.61
N VAL F 102 85.58 -11.89 30.28
CA VAL F 102 84.42 -11.61 29.44
C VAL F 102 83.54 -12.85 29.38
N LEU F 103 82.28 -12.72 29.77
CA LEU F 103 81.39 -13.88 29.75
C LEU F 103 79.98 -13.49 29.34
N PRO F 104 79.22 -14.42 28.76
CA PRO F 104 77.83 -14.12 28.40
C PRO F 104 76.89 -14.14 29.60
N ASN F 105 75.78 -13.45 29.44
CA ASN F 105 74.75 -13.32 30.46
C ASN F 105 73.78 -14.49 30.40
N ARG F 106 72.84 -14.51 31.35
CA ARG F 106 71.70 -15.39 31.27
C ARG F 106 70.79 -15.05 30.10
N ILE F 107 70.85 -13.81 29.60
CA ILE F 107 70.08 -13.41 28.43
C ILE F 107 70.89 -13.44 27.14
N GLY F 108 72.18 -13.81 27.22
CA GLY F 108 73.03 -13.86 26.05
C GLY F 108 73.84 -12.61 25.76
N LYS F 109 73.96 -11.68 26.70
CA LYS F 109 74.71 -10.44 26.50
C LYS F 109 76.05 -10.51 27.22
N LEU F 110 77.05 -9.85 26.64
CA LEU F 110 78.42 -9.88 27.15
C LEU F 110 78.57 -8.97 28.37
N ILE F 111 79.25 -9.48 29.40
CA ILE F 111 79.48 -8.76 30.64
C ILE F 111 80.92 -9.04 31.12
N LEU F 112 81.35 -8.23 32.09
CA LEU F 112 82.68 -8.31 32.68
C LEU F 112 82.57 -8.85 34.10
N HIS F 113 83.27 -9.94 34.39
CA HIS F 113 83.25 -10.57 35.70
C HIS F 113 84.59 -10.35 36.39
N PRO F 114 84.62 -9.66 37.53
CA PRO F 114 85.89 -9.42 38.22
C PRO F 114 86.54 -10.72 38.70
N ILE F 115 87.87 -10.75 38.64
CA ILE F 115 88.64 -11.93 39.03
C ILE F 115 89.87 -11.50 39.83
N SER F 116 90.58 -12.49 40.37
CA SER F 116 91.81 -12.26 41.10
C SER F 116 92.97 -11.98 40.13
N GLU F 117 94.04 -11.40 40.67
CA GLU F 117 95.22 -11.16 39.85
C GLU F 117 95.90 -12.45 39.44
N GLU F 118 95.88 -13.47 40.30
CA GLU F 118 96.53 -14.74 39.97
C GLU F 118 95.80 -15.45 38.84
N GLU F 119 94.47 -15.53 38.93
CA GLU F 119 93.68 -16.22 37.92
C GLU F 119 93.75 -15.52 36.56
N ALA F 120 94.18 -14.26 36.52
CA ALA F 120 94.29 -13.53 35.27
C ALA F 120 95.38 -14.05 34.36
N ASN F 121 96.26 -14.93 34.84
CA ASN F 121 97.36 -15.42 34.02
C ASN F 121 96.96 -16.58 33.11
N ILE F 122 95.78 -17.15 33.25
CA ILE F 122 95.40 -18.35 32.52
C ILE F 122 94.17 -18.08 31.68
N LYS F 123 94.14 -18.67 30.49
CA LYS F 123 92.99 -18.62 29.61
C LYS F 123 92.63 -20.04 29.18
N PRO F 124 91.38 -20.47 29.37
CA PRO F 124 90.96 -21.77 28.85
C PRO F 124 90.59 -21.66 27.37
N LEU F 125 91.00 -22.67 26.60
CA LEU F 125 90.80 -22.70 25.17
C LEU F 125 90.21 -24.04 24.77
N ARG F 126 89.02 -24.02 24.19
CA ARG F 126 88.41 -25.24 23.68
C ARG F 126 89.03 -25.61 22.34
N ILE F 127 89.25 -26.90 22.13
CA ILE F 127 89.89 -27.38 20.90
C ILE F 127 88.81 -27.51 19.82
N ARG F 128 88.87 -26.63 18.83
CA ARG F 128 87.87 -26.62 17.77
C ARG F 128 88.21 -27.59 16.65
N ASN F 129 89.48 -27.67 16.24
CA ASN F 129 89.87 -28.59 15.19
C ASN F 129 91.32 -29.02 15.43
N LYS F 130 91.73 -30.07 14.71
CA LYS F 130 93.04 -30.68 14.89
C LYS F 130 93.51 -31.30 13.59
N ARG F 131 94.77 -31.07 13.23
CA ARG F 131 95.22 -31.50 11.91
C ARG F 131 96.70 -31.87 11.93
N MET F 132 97.11 -32.59 10.89
CA MET F 132 98.51 -32.89 10.62
C MET F 132 99.14 -31.78 9.78
N VAL F 133 100.40 -31.49 10.05
CA VAL F 133 101.11 -30.40 9.41
C VAL F 133 102.52 -30.86 9.04
N LYS F 134 103.13 -30.12 8.12
CA LYS F 134 104.37 -30.53 7.48
C LYS F 134 105.47 -30.79 8.51
N GLY F 135 106.28 -31.81 8.25
CA GLY F 135 107.15 -32.39 9.24
C GLY F 135 106.48 -33.44 10.08
N ALA F 136 105.22 -33.77 9.79
CA ALA F 136 104.43 -34.71 10.58
C ALA F 136 104.32 -34.26 12.04
N LYS F 137 103.78 -33.05 12.23
CA LYS F 137 103.46 -32.53 13.55
C LYS F 137 101.96 -32.27 13.62
N ILE F 138 101.45 -31.94 14.82
CA ILE F 138 100.03 -31.71 15.00
C ILE F 138 99.79 -30.24 15.27
N GLN F 139 98.83 -29.65 14.55
CA GLN F 139 98.34 -28.30 14.82
C GLN F 139 96.97 -28.37 15.47
N LEU F 140 96.84 -27.68 16.60
CA LEU F 140 95.59 -27.51 17.33
C LEU F 140 95.01 -26.15 17.01
N ASN F 141 93.74 -26.11 16.61
CA ASN F 141 93.02 -24.88 16.28
C ASN F 141 91.94 -24.65 17.33
N PHE F 142 92.03 -23.51 18.02
CA PHE F 142 91.23 -23.24 19.21
C PHE F 142 89.97 -22.45 18.86
N HIS F 143 89.15 -22.21 19.89
CA HIS F 143 87.85 -21.56 19.66
C HIS F 143 88.00 -20.07 19.40
N ASP F 144 89.11 -19.47 19.84
CA ASP F 144 89.35 -18.05 19.60
C ASP F 144 90.21 -17.81 18.37
N GLY F 145 90.37 -18.83 17.52
CA GLY F 145 91.05 -18.68 16.26
C GLY F 145 92.55 -18.90 16.28
N THR F 146 93.16 -19.04 17.46
CA THR F 146 94.61 -19.20 17.57
C THR F 146 95.00 -20.67 17.37
N ASN F 147 96.31 -20.91 17.35
CA ASN F 147 96.86 -22.20 16.97
C ASN F 147 98.04 -22.57 17.85
N HIS F 148 98.30 -23.88 17.97
CA HIS F 148 99.46 -24.38 18.71
C HIS F 148 99.98 -25.66 18.06
N LEU F 149 101.26 -25.95 18.29
CA LEU F 149 101.92 -27.12 17.70
C LEU F 149 102.33 -28.12 18.76
N ILE F 150 102.08 -29.40 18.50
CA ILE F 150 102.55 -30.47 19.38
C ILE F 150 103.24 -31.59 18.60
N PRO F 151 104.18 -32.30 19.21
CA PRO F 151 104.88 -33.38 18.50
C PRO F 151 103.98 -34.61 18.31
N LEU F 152 104.39 -35.44 17.36
CA LEU F 152 103.60 -36.61 17.00
C LEU F 152 103.47 -37.61 18.14
N SER F 153 104.39 -37.60 19.11
CA SER F 153 104.30 -38.52 20.23
C SER F 153 103.15 -38.21 21.18
N GLU F 154 102.63 -36.99 21.13
CA GLU F 154 101.58 -36.54 22.06
C GLU F 154 100.17 -36.68 21.48
N LYS F 155 100.03 -37.32 20.32
CA LYS F 155 98.79 -37.25 19.56
C LYS F 155 97.60 -37.84 20.28
N ASP F 156 97.82 -38.67 21.31
CA ASP F 156 96.72 -39.31 22.02
C ASP F 156 96.26 -38.54 23.24
N ASN F 157 96.86 -37.39 23.54
CA ASN F 157 96.50 -36.60 24.70
C ASN F 157 95.60 -35.41 24.37
N TYR F 158 95.21 -35.23 23.11
CA TYR F 158 94.38 -34.09 22.71
C TYR F 158 93.38 -34.54 21.66
N PHE F 159 92.12 -34.15 21.84
CA PHE F 159 91.07 -34.40 20.87
C PHE F 159 90.13 -33.21 20.85
N THR F 160 89.33 -33.12 19.79
CA THR F 160 88.38 -32.03 19.68
C THR F 160 87.41 -32.06 20.86
N SER F 161 87.01 -30.87 21.31
CA SER F 161 86.13 -30.56 22.45
C SER F 161 86.84 -30.64 23.80
N TYR F 162 88.12 -31.01 23.85
CA TYR F 162 88.87 -30.86 25.09
C TYR F 162 89.21 -29.40 25.31
N THR F 163 89.50 -29.05 26.56
CA THR F 163 89.92 -27.71 26.92
C THR F 163 91.37 -27.72 27.41
N VAL F 164 92.13 -26.71 27.01
CA VAL F 164 93.52 -26.54 27.41
C VAL F 164 93.65 -25.23 28.18
N LEU F 165 94.21 -25.30 29.38
CA LEU F 165 94.49 -24.11 30.16
C LEU F 165 95.86 -23.59 29.76
N MET F 166 95.92 -22.34 29.29
CA MET F 166 97.13 -21.79 28.71
C MET F 166 97.58 -20.56 29.50
N LYS F 167 98.87 -20.49 29.77
CA LYS F 167 99.46 -19.34 30.45
C LYS F 167 99.73 -18.23 29.43
N VAL F 168 99.19 -17.04 29.67
CA VAL F 168 99.31 -15.94 28.71
C VAL F 168 100.14 -14.83 29.34
N PRO F 169 100.90 -14.05 28.56
CA PRO F 169 101.05 -14.12 27.10
C PRO F 169 102.13 -15.08 26.60
N GLU F 170 102.72 -15.87 27.50
CA GLU F 170 103.80 -16.78 27.12
C GLU F 170 103.31 -17.93 26.24
N ARG F 171 102.02 -18.26 26.28
CA ARG F 171 101.45 -19.35 25.49
C ARG F 171 102.15 -20.67 25.79
N GLU F 172 102.01 -21.12 27.04
CA GLU F 172 102.56 -22.37 27.51
C GLU F 172 101.44 -23.22 28.10
N ILE F 173 101.38 -24.49 27.68
CA ILE F 173 100.35 -25.39 28.15
C ILE F 173 100.65 -25.80 29.59
N LEU F 174 99.62 -25.93 30.41
CA LEU F 174 99.81 -26.40 31.78
C LEU F 174 98.79 -27.43 32.24
N GLU F 175 97.74 -27.72 31.46
CA GLU F 175 96.72 -28.67 31.88
C GLU F 175 95.80 -28.98 30.72
N VAL F 176 95.38 -30.24 30.61
CA VAL F 176 94.44 -30.69 29.59
C VAL F 176 93.21 -31.25 30.29
N LEU F 177 92.03 -30.75 29.92
CA LEU F 177 90.78 -31.17 30.52
C LEU F 177 89.92 -31.92 29.51
N PRO F 178 89.71 -33.22 29.66
CA PRO F 178 88.99 -33.98 28.64
C PRO F 178 87.48 -33.75 28.67
N PHE F 179 86.85 -34.05 27.54
CA PHE F 179 85.40 -34.02 27.41
C PHE F 179 84.88 -35.44 27.60
N GLU F 180 84.25 -35.68 28.73
CA GLU F 180 83.73 -37.01 29.06
C GLU F 180 82.68 -36.88 30.15
N LYS F 181 82.05 -38.00 30.49
CA LYS F 181 81.03 -38.01 31.54
C LYS F 181 81.65 -37.66 32.88
N GLY F 182 80.95 -36.81 33.64
CA GLY F 182 81.43 -36.33 34.91
C GLY F 182 82.22 -35.05 34.86
N ALA F 183 82.54 -34.54 33.66
CA ALA F 183 83.24 -33.27 33.54
C ALA F 183 82.30 -32.10 33.80
N TYR F 184 82.88 -30.99 34.22
CA TYR F 184 82.13 -29.78 34.53
C TYR F 184 82.13 -28.86 33.31
N VAL F 185 80.93 -28.39 32.92
CA VAL F 185 80.78 -27.59 31.71
C VAL F 185 79.99 -26.32 32.01
N PHE F 186 80.24 -25.31 31.17
CA PHE F 186 79.57 -24.02 31.19
C PHE F 186 79.02 -23.77 29.79
N VAL F 187 77.73 -23.49 29.68
CA VAL F 187 77.09 -23.30 28.38
C VAL F 187 77.37 -21.89 27.87
N THR F 188 77.74 -21.78 26.58
CA THR F 188 78.11 -20.49 26.01
C THR F 188 77.14 -19.93 24.99
N GLN F 189 76.21 -20.73 24.45
CA GLN F 189 75.25 -20.24 23.47
C GLN F 189 73.92 -20.98 23.65
N GLY F 190 72.87 -20.40 23.07
CA GLY F 190 71.58 -21.06 23.00
C GLY F 190 70.63 -20.65 24.10
N LYS F 191 69.54 -21.42 24.19
CA LYS F 191 68.49 -21.12 25.16
C LYS F 191 68.99 -21.30 26.59
N ASN F 192 69.81 -22.31 26.85
CA ASN F 192 70.34 -22.58 28.18
C ASN F 192 71.69 -21.91 28.43
N VAL F 193 71.94 -20.77 27.79
CA VAL F 193 73.22 -20.07 27.94
C VAL F 193 73.43 -19.62 29.38
N ALA F 194 74.68 -19.68 29.83
CA ALA F 194 75.19 -19.30 31.15
C ALA F 194 74.80 -20.28 32.27
N ARG F 195 74.11 -21.37 31.97
CA ARG F 195 73.92 -22.44 32.94
C ARG F 195 75.13 -23.37 32.92
N LYS F 196 75.39 -24.02 34.05
CA LYS F 196 76.57 -24.87 34.18
C LYS F 196 76.22 -26.13 34.97
N GLY F 197 77.05 -27.15 34.80
CA GLY F 197 76.85 -28.40 35.51
C GLY F 197 77.76 -29.55 35.12
N ARG F 198 77.23 -30.77 35.13
CA ARG F 198 78.02 -31.97 34.85
C ARG F 198 77.39 -32.77 33.71
N ILE F 199 78.22 -33.56 33.05
CA ILE F 199 77.82 -34.31 31.86
C ILE F 199 77.27 -35.66 32.27
N VAL F 200 76.09 -36.01 31.73
CA VAL F 200 75.42 -37.27 32.02
C VAL F 200 75.48 -38.23 30.82
N GLU F 201 75.18 -37.74 29.62
CA GLU F 201 75.08 -38.61 28.46
C GLU F 201 75.45 -37.83 27.19
N ILE F 202 75.87 -38.56 26.16
CA ILE F 202 76.26 -38.00 24.86
C ILE F 202 75.57 -38.79 23.76
N LYS F 203 74.99 -38.08 22.79
CA LYS F 203 74.20 -38.71 21.73
C LYS F 203 74.64 -38.24 20.35
N LYS F 204 74.59 -39.15 19.37
CA LYS F 204 75.01 -38.87 18.00
C LYS F 204 73.93 -39.30 17.02
N PHE F 205 74.01 -38.77 15.80
CA PHE F 205 72.99 -38.92 14.78
C PHE F 205 73.66 -39.09 13.41
N PRO F 206 72.93 -39.62 12.43
CA PRO F 206 73.51 -39.79 11.09
C PRO F 206 73.51 -38.51 10.27
N MET F 207 74.30 -38.54 9.18
CA MET F 207 74.30 -37.53 8.12
C MET F 207 74.61 -36.12 8.62
N GLY F 208 75.57 -36.00 9.53
CA GLY F 208 76.11 -34.70 9.84
C GLY F 208 75.28 -33.80 10.73
N TRP F 209 74.16 -34.27 11.26
CA TRP F 209 73.47 -33.50 12.30
C TRP F 209 74.34 -33.48 13.56
N PRO F 210 74.43 -32.35 14.24
CA PRO F 210 75.36 -32.24 15.38
C PRO F 210 74.91 -33.05 16.58
N ASP F 211 75.86 -33.35 17.45
CA ASP F 211 75.62 -34.18 18.62
C ASP F 211 75.24 -33.35 19.85
N VAL F 212 74.48 -33.99 20.75
CA VAL F 212 73.78 -33.33 21.84
C VAL F 212 74.23 -33.94 23.17
N VAL F 213 74.19 -33.13 24.23
CA VAL F 213 74.62 -33.56 25.56
C VAL F 213 73.53 -33.26 26.59
N THR F 214 73.39 -34.16 27.56
CA THR F 214 72.56 -33.95 28.74
C THR F 214 73.42 -33.57 29.92
N ILE F 215 72.98 -32.57 30.67
CA ILE F 215 73.75 -31.94 31.74
C ILE F 215 72.87 -31.84 32.98
N GLU F 216 73.44 -32.21 34.13
CA GLU F 216 72.79 -32.08 35.42
C GLU F 216 73.35 -30.86 36.15
N ASP F 217 72.46 -29.99 36.63
CA ASP F 217 72.90 -28.78 37.29
C ASP F 217 73.08 -29.06 38.78
N GLU F 218 73.31 -28.01 39.57
CA GLU F 218 73.50 -28.20 41.00
C GLU F 218 72.20 -28.63 41.69
N GLU F 219 71.10 -27.94 41.40
CA GLU F 219 69.84 -28.28 42.05
C GLU F 219 69.25 -29.60 41.58
N GLY F 220 69.92 -30.33 40.70
CA GLY F 220 69.50 -31.66 40.33
C GLY F 220 68.64 -31.78 39.08
N GLU F 221 68.55 -30.75 38.26
CA GLU F 221 67.73 -30.78 37.05
C GLU F 221 68.58 -31.12 35.84
N LEU F 222 68.01 -31.90 34.92
CA LEU F 222 68.69 -32.33 33.70
C LEU F 222 68.17 -31.53 32.52
N PHE F 223 69.09 -31.00 31.71
CA PHE F 223 68.74 -30.25 30.51
C PHE F 223 69.72 -30.59 29.38
N ASP F 224 69.30 -30.38 28.15
CA ASP F 224 70.10 -30.71 26.97
C ASP F 224 70.61 -29.47 26.27
N THR F 225 71.74 -29.62 25.57
CA THR F 225 72.24 -28.58 24.68
C THR F 225 73.14 -29.23 23.62
N LEU F 226 73.54 -28.42 22.64
CA LEU F 226 74.50 -28.90 21.65
C LEU F 226 75.85 -29.15 22.32
N LYS F 227 76.56 -30.18 21.83
CA LYS F 227 77.87 -30.49 22.38
C LYS F 227 78.84 -29.33 22.19
N GLU F 228 78.83 -28.70 21.01
CA GLU F 228 79.74 -27.60 20.74
C GLU F 228 79.41 -26.34 21.53
N TYR F 229 78.24 -26.29 22.19
CA TYR F 229 77.92 -25.19 23.09
C TYR F 229 78.38 -25.44 24.52
N ALA F 230 78.96 -26.60 24.83
CA ALA F 230 79.32 -26.98 26.20
C ALA F 230 80.84 -26.86 26.37
N PHE F 231 81.26 -25.89 27.18
CA PHE F 231 82.67 -25.54 27.32
C PHE F 231 83.21 -26.12 28.64
N VAL F 232 84.13 -27.08 28.53
CA VAL F 232 84.67 -27.75 29.72
C VAL F 232 85.51 -26.76 30.52
N VAL F 233 85.29 -26.72 31.84
CA VAL F 233 86.00 -25.81 32.72
C VAL F 233 86.61 -26.50 33.93
N GLY F 234 86.38 -27.80 34.11
CA GLY F 234 86.96 -28.46 35.27
C GLY F 234 86.82 -29.96 35.16
N ARG F 235 87.35 -30.65 36.18
CA ARG F 235 87.20 -32.09 36.30
C ARG F 235 85.88 -32.47 36.96
N ASP F 236 85.72 -32.10 38.23
CA ASP F 236 84.45 -32.20 38.92
C ASP F 236 84.14 -30.92 39.69
N LYS F 237 85.05 -29.98 39.74
CA LYS F 237 84.88 -28.63 40.24
C LYS F 237 85.41 -27.66 39.20
N PRO F 238 84.88 -26.44 39.13
CA PRO F 238 85.42 -25.45 38.21
C PRO F 238 86.87 -25.11 38.53
N ARG F 239 87.66 -24.89 37.47
CA ARG F 239 89.02 -24.43 37.61
C ARG F 239 89.18 -22.93 37.39
N ILE F 240 88.10 -22.23 37.05
CA ILE F 240 88.08 -20.78 36.93
C ILE F 240 86.89 -20.27 37.74
N SER F 241 86.92 -18.98 38.05
CA SER F 241 85.82 -18.35 38.78
C SER F 241 84.72 -17.94 37.81
N LEU F 242 83.51 -18.43 38.05
CA LEU F 242 82.35 -18.15 37.23
C LEU F 242 81.20 -17.69 38.09
N PRO F 243 80.36 -16.76 37.60
CA PRO F 243 79.22 -16.31 38.40
C PRO F 243 78.21 -17.41 38.63
N SER G 2 8.58 3.17 46.90
CA SER G 2 7.69 2.05 47.17
C SER G 2 6.58 2.42 48.16
N GLN G 3 6.68 3.63 48.74
CA GLN G 3 5.60 4.10 49.61
C GLN G 3 4.38 4.53 48.80
N GLU G 4 4.62 5.20 47.67
CA GLU G 4 3.51 5.64 46.82
C GLU G 4 2.74 4.45 46.24
N TRP G 5 3.46 3.51 45.64
CA TRP G 5 2.77 2.45 44.90
C TRP G 5 2.09 1.46 45.82
N LYS G 6 2.55 1.32 47.06
CA LYS G 6 1.83 0.51 48.04
C LYS G 6 0.43 1.06 48.30
N GLU G 7 0.34 2.38 48.52
CA GLU G 7 -0.98 2.97 48.77
C GLU G 7 -1.82 3.02 47.50
N TYR G 8 -1.18 3.16 46.33
CA TYR G 8 -1.91 3.03 45.07
C TYR G 8 -2.55 1.65 44.95
N ALA G 9 -1.78 0.61 45.26
CA ALA G 9 -2.30 -0.75 45.21
C ALA G 9 -3.43 -0.94 46.21
N LYS G 10 -3.27 -0.39 47.41
CA LYS G 10 -4.34 -0.43 48.41
C LYS G 10 -5.61 0.25 47.92
N ARG G 11 -5.46 1.42 47.30
CA ARG G 11 -6.61 2.16 46.78
C ARG G 11 -7.32 1.36 45.69
N VAL G 12 -6.56 0.79 44.76
CA VAL G 12 -7.18 0.04 43.66
C VAL G 12 -7.93 -1.17 44.20
N LEU G 13 -7.34 -1.86 45.17
CA LEU G 13 -7.92 -3.11 45.67
C LEU G 13 -9.29 -2.90 46.29
N ASP G 14 -9.45 -1.86 47.11
CA ASP G 14 -10.68 -1.71 47.87
C ASP G 14 -11.87 -1.25 47.05
N GLU G 15 -11.65 -0.58 45.92
CA GLU G 15 -12.72 -0.08 45.07
C GLU G 15 -12.95 -0.93 43.83
N TRP G 16 -12.42 -2.15 43.80
CA TRP G 16 -12.44 -3.01 42.63
C TRP G 16 -13.41 -4.17 42.87
N GLN G 17 -14.32 -4.38 41.91
CA GLN G 17 -15.21 -5.54 41.95
C GLN G 17 -14.78 -6.51 40.85
N PRO G 18 -14.10 -7.61 41.22
CA PRO G 18 -13.60 -8.57 40.23
C PRO G 18 -14.66 -9.36 39.45
N LYS G 19 -14.45 -9.49 38.15
CA LYS G 19 -15.35 -10.24 37.27
C LYS G 19 -14.85 -11.63 36.87
N THR G 20 -13.67 -12.01 37.34
CA THR G 20 -13.07 -13.30 36.98
C THR G 20 -12.63 -14.09 38.22
N LYS G 21 -12.47 -15.40 38.06
CA LYS G 21 -12.12 -16.25 39.19
C LYS G 21 -10.77 -15.88 39.80
N LEU G 22 -9.74 -15.68 38.95
CA LEU G 22 -8.43 -15.29 39.45
C LEU G 22 -8.49 -13.92 40.11
N GLY G 23 -9.26 -13.00 39.54
CA GLY G 23 -9.47 -11.72 40.18
C GLY G 23 -10.08 -11.86 41.57
N MET G 24 -10.98 -12.82 41.74
CA MET G 24 -11.56 -13.07 43.07
C MET G 24 -10.52 -13.63 44.02
N LEU G 25 -9.69 -14.56 43.55
CA LEU G 25 -8.61 -15.07 44.40
C LEU G 25 -7.69 -13.96 44.87
N VAL G 26 -7.44 -12.97 44.00
CA VAL G 26 -6.60 -11.84 44.40
C VAL G 26 -7.35 -10.91 45.35
N LYS G 27 -8.65 -10.72 45.12
CA LYS G 27 -9.44 -9.80 45.95
C LYS G 27 -9.52 -10.28 47.39
N GLU G 28 -9.62 -11.59 47.60
CA GLU G 28 -9.87 -12.16 48.92
C GLU G 28 -8.59 -12.49 49.69
N GLY G 29 -7.42 -12.15 49.15
CA GLY G 29 -6.18 -12.40 49.85
C GLY G 29 -5.67 -13.82 49.79
N GLN G 30 -6.20 -14.66 48.91
CA GLN G 30 -5.67 -16.00 48.74
C GLN G 30 -4.43 -16.03 47.85
N ILE G 31 -4.15 -14.95 47.12
CA ILE G 31 -2.93 -14.80 46.35
C ILE G 31 -2.32 -13.46 46.72
N THR G 32 -1.07 -13.46 47.16
CA THR G 32 -0.41 -12.25 47.63
C THR G 32 0.88 -11.90 46.92
N ASP G 33 1.34 -12.74 45.98
CA ASP G 33 2.60 -12.47 45.29
C ASP G 33 2.42 -12.64 43.79
N ILE G 34 3.19 -11.85 43.03
CA ILE G 34 3.08 -11.84 41.57
C ILE G 34 3.43 -13.20 40.99
N HIS G 35 4.42 -13.87 41.57
CA HIS G 35 4.89 -15.14 41.02
C HIS G 35 3.85 -16.25 41.09
N GLU G 36 2.78 -16.07 41.85
CA GLU G 36 1.77 -17.11 42.01
C GLU G 36 0.73 -17.14 40.90
N ILE G 37 0.77 -16.22 39.92
CA ILE G 37 -0.19 -16.27 38.82
C ILE G 37 0.34 -17.01 37.59
N PHE G 38 1.60 -17.42 37.59
CA PHE G 38 2.22 -18.03 36.42
C PHE G 38 2.39 -19.54 36.60
N ARG G 39 2.55 -20.21 35.46
CA ARG G 39 2.90 -21.64 35.38
C ARG G 39 1.76 -22.56 35.85
N LYS G 40 0.50 -22.15 35.68
CA LYS G 40 -0.62 -23.04 35.97
C LYS G 40 -1.78 -22.94 34.98
N GLY G 41 -1.61 -22.25 33.85
CA GLY G 41 -2.63 -22.22 32.83
C GLY G 41 -3.76 -21.24 33.05
N TYR G 42 -3.65 -20.33 34.02
CA TYR G 42 -4.70 -19.36 34.28
C TYR G 42 -4.93 -18.44 33.08
N GLN G 43 -6.18 -18.04 32.86
CA GLN G 43 -6.47 -16.95 31.95
C GLN G 43 -6.45 -15.64 32.73
N ILE G 44 -5.75 -14.64 32.19
CA ILE G 44 -5.58 -13.34 32.82
C ILE G 44 -6.31 -12.31 31.95
N LYS G 45 -7.42 -11.79 32.46
CA LYS G 45 -8.30 -10.93 31.66
C LYS G 45 -8.65 -9.60 32.32
N GLU G 46 -8.21 -9.34 33.54
CA GLU G 46 -8.50 -8.10 34.24
C GLU G 46 -7.21 -7.35 34.51
N PRO G 47 -7.03 -6.12 34.04
CA PRO G 47 -5.77 -5.39 34.30
C PRO G 47 -5.55 -5.03 35.76
N GLU G 48 -6.59 -5.02 36.60
CA GLU G 48 -6.42 -4.70 38.01
C GLU G 48 -5.56 -5.71 38.75
N ILE G 49 -5.44 -6.93 38.23
CA ILE G 49 -4.61 -7.96 38.85
C ILE G 49 -3.15 -7.49 38.90
N ILE G 50 -2.63 -7.02 37.77
CA ILE G 50 -1.25 -6.53 37.73
C ILE G 50 -1.12 -5.26 38.56
N ASP G 51 -2.14 -4.40 38.55
CA ASP G 51 -2.09 -3.16 39.31
C ASP G 51 -1.98 -3.43 40.81
N VAL G 52 -2.65 -4.47 41.31
CA VAL G 52 -2.54 -4.81 42.72
C VAL G 52 -1.23 -5.53 43.01
N LEU G 53 -0.86 -6.51 42.18
CA LEU G 53 0.31 -7.34 42.52
C LEU G 53 1.63 -6.70 42.11
N LEU G 54 1.67 -5.88 41.07
CA LEU G 54 2.89 -5.22 40.61
C LEU G 54 2.60 -3.74 40.35
N PRO G 55 2.32 -2.97 41.40
CA PRO G 55 1.85 -1.59 41.19
C PRO G 55 2.82 -0.67 40.46
N GLU G 56 4.12 -0.97 40.45
CA GLU G 56 5.08 -0.05 39.87
C GLU G 56 5.11 -0.04 38.34
N VAL G 57 4.30 -0.86 37.66
CA VAL G 57 4.20 -0.73 36.21
C VAL G 57 3.36 0.47 35.78
N ASN G 58 2.79 1.20 36.72
CA ASN G 58 2.04 2.41 36.40
C ASN G 58 2.89 3.67 36.48
N ALA G 59 4.18 3.56 36.81
CA ALA G 59 5.05 4.71 36.81
C ALA G 59 5.46 5.09 35.39
N ARG G 60 5.85 6.34 35.21
CA ARG G 60 6.23 6.82 33.88
C ARG G 60 7.59 6.28 33.45
N GLU G 61 8.49 6.05 34.40
CA GLU G 61 9.80 5.49 34.08
C GLU G 61 9.76 4.01 33.76
N ASN G 62 8.64 3.35 33.98
CA ASN G 62 8.50 1.92 33.72
C ASN G 62 7.57 1.62 32.56
N GLN G 63 7.34 2.59 31.68
CA GLN G 63 6.52 2.45 30.48
C GLN G 63 7.26 3.07 29.30
N GLU G 64 7.16 2.44 28.14
CA GLU G 64 7.80 2.97 26.94
C GLU G 64 6.87 2.82 25.75
N ILE G 65 6.70 3.88 24.96
CA ILE G 65 5.93 3.85 23.73
C ILE G 65 6.91 3.53 22.61
N LEU G 66 6.88 2.30 22.11
CA LEU G 66 7.89 1.88 21.15
C LEU G 66 7.66 2.51 19.78
N ASP G 67 6.41 2.53 19.29
CA ASP G 67 6.20 3.31 18.06
C ASP G 67 4.72 3.55 17.77
N ILE G 68 4.49 4.51 16.87
CA ILE G 68 3.15 4.97 16.48
C ILE G 68 3.08 5.03 14.96
N ALA G 69 2.11 4.34 14.38
CA ALA G 69 1.92 4.33 12.93
C ALA G 69 0.48 4.67 12.59
N LEU G 70 0.27 5.24 11.42
CA LEU G 70 -1.07 5.55 10.93
C LEU G 70 -1.32 4.78 9.65
N THR G 71 -2.42 4.03 9.62
CA THR G 71 -2.76 3.13 8.53
C THR G 71 -4.09 3.53 7.91
N VAL G 72 -4.32 3.08 6.67
CA VAL G 72 -5.37 3.64 5.83
C VAL G 72 -6.22 2.53 5.22
N ARG G 73 -7.53 2.70 5.29
CA ARG G 73 -8.50 1.88 4.60
C ARG G 73 -9.19 2.73 3.52
N MET G 74 -9.32 2.18 2.32
CA MET G 74 -9.84 2.91 1.17
C MET G 74 -11.35 2.73 1.02
N THR G 75 -12.07 3.81 0.72
CA THR G 75 -13.51 3.75 0.51
C THR G 75 -13.93 4.71 -0.59
N ASP G 76 -15.17 4.54 -1.08
CA ASP G 76 -15.69 5.44 -2.11
C ASP G 76 -15.85 6.87 -1.61
N SER G 77 -15.81 7.10 -0.30
CA SER G 77 -15.85 8.44 0.27
C SER G 77 -14.51 8.84 0.87
N GLY G 78 -13.41 8.30 0.38
CA GLY G 78 -12.10 8.74 0.80
C GLY G 78 -11.37 7.74 1.67
N ARG G 79 -10.37 8.25 2.39
CA ARG G 79 -9.46 7.42 3.19
C ARG G 79 -9.87 7.46 4.66
N ARG G 80 -10.06 6.28 5.25
CA ARG G 80 -10.35 6.14 6.67
C ARG G 80 -9.05 5.83 7.40
N VAL G 81 -8.71 6.65 8.38
CA VAL G 81 -7.41 6.64 9.04
C VAL G 81 -7.53 5.96 10.40
N ARG G 82 -6.52 5.17 10.76
CA ARG G 82 -6.47 4.43 12.00
C ARG G 82 -5.08 4.57 12.61
N PHE G 83 -5.00 4.59 13.94
CA PHE G 83 -3.71 4.63 14.64
C PHE G 83 -3.38 3.27 15.22
N ARG G 84 -2.11 2.88 15.13
CA ARG G 84 -1.57 1.67 15.75
C ARG G 84 -0.39 2.04 16.64
N VAL G 85 -0.44 1.60 17.90
CA VAL G 85 0.56 1.94 18.89
C VAL G 85 1.17 0.66 19.47
N LEU G 86 2.49 0.59 19.50
CA LEU G 86 3.23 -0.50 20.11
C LEU G 86 3.92 0.00 21.37
N ALA G 87 3.67 -0.66 22.51
CA ALA G 87 4.13 -0.20 23.82
C ALA G 87 4.56 -1.37 24.71
N ALA G 88 5.35 -1.06 25.74
CA ALA G 88 5.89 -2.06 26.66
C ALA G 88 5.94 -1.52 28.09
N VAL G 89 5.81 -2.44 29.06
CA VAL G 89 5.90 -2.12 30.49
C VAL G 89 6.75 -3.16 31.20
N GLY G 90 7.20 -2.81 32.40
CA GLY G 90 7.97 -3.75 33.22
C GLY G 90 8.26 -3.17 34.59
N ASN G 91 8.90 -4.00 35.42
CA ASN G 91 9.27 -3.60 36.77
C ASN G 91 10.77 -3.41 36.95
N ARG G 92 11.54 -3.47 35.86
CA ARG G 92 13.00 -3.39 35.86
C ARG G 92 13.66 -4.41 36.77
N ASP G 93 12.94 -5.44 37.23
CA ASP G 93 13.60 -6.53 37.94
C ASP G 93 13.47 -7.82 37.15
N GLY G 94 12.29 -8.39 37.00
CA GLY G 94 12.22 -9.64 36.26
C GLY G 94 10.95 -9.89 35.49
N TYR G 95 10.10 -8.87 35.33
CA TYR G 95 8.80 -9.03 34.70
C TYR G 95 8.62 -8.00 33.60
N VAL G 96 8.11 -8.43 32.45
CA VAL G 96 8.01 -7.53 31.30
C VAL G 96 6.80 -7.93 30.45
N GLY G 97 6.20 -6.93 29.80
CA GLY G 97 5.04 -7.17 28.95
C GLY G 97 5.01 -6.22 27.77
N LEU G 98 4.39 -6.68 26.68
CA LEU G 98 4.38 -6.00 25.38
C LEU G 98 2.99 -6.04 24.77
N GLY G 99 2.51 -4.90 24.26
CA GLY G 99 1.15 -4.82 23.73
C GLY G 99 0.97 -3.87 22.56
N ILE G 100 -0.14 -4.10 21.84
CA ILE G 100 -0.51 -3.33 20.65
C ILE G 100 -1.92 -2.80 20.82
N GLY G 101 -2.13 -1.53 20.48
CA GLY G 101 -3.44 -0.91 20.59
C GLY G 101 -3.82 -0.14 19.33
N HIS G 102 -5.12 -0.04 19.09
CA HIS G 102 -5.68 0.62 17.92
C HIS G 102 -6.76 1.62 18.33
N GLY G 103 -6.91 2.68 17.54
CA GLY G 103 -7.97 3.63 17.81
C GLY G 103 -8.08 4.72 16.77
N ARG G 104 -9.17 5.48 16.86
CA ARG G 104 -9.43 6.58 15.94
C ARG G 104 -8.57 7.80 16.27
N GLU G 105 -8.18 7.96 17.53
CA GLU G 105 -7.26 9.02 17.92
C GLU G 105 -6.12 8.41 18.72
N VAL G 106 -5.01 9.15 18.78
CA VAL G 106 -3.76 8.61 19.34
C VAL G 106 -3.94 8.20 20.79
N GLY G 107 -4.67 9.02 21.57
CA GLY G 107 -4.79 8.75 23.00
C GLY G 107 -5.52 7.47 23.32
N ILE G 108 -6.57 7.15 22.56
CA ILE G 108 -7.29 5.90 22.73
C ILE G 108 -6.36 4.71 22.47
N ALA G 109 -5.59 4.79 21.38
CA ALA G 109 -4.67 3.71 21.05
C ALA G 109 -3.60 3.53 22.12
N ILE G 110 -3.10 4.64 22.66
CA ILE G 110 -2.08 4.56 23.72
C ILE G 110 -2.66 3.89 24.96
N ARG G 111 -3.88 4.28 25.36
CA ARG G 111 -4.51 3.66 26.52
C ARG G 111 -4.69 2.16 26.31
N LYS G 112 -5.21 1.76 25.15
CA LYS G 112 -5.46 0.34 24.92
C LYS G 112 -4.16 -0.46 24.83
N ALA G 113 -3.12 0.13 24.24
CA ALA G 113 -1.83 -0.55 24.13
C ALA G 113 -1.20 -0.79 25.50
N ILE G 114 -1.20 0.24 26.36
CA ILE G 114 -0.71 0.04 27.72
C ILE G 114 -1.52 -1.05 28.42
N ASN G 115 -2.85 -1.05 28.21
CA ASN G 115 -3.69 -2.04 28.84
C ASN G 115 -3.33 -3.46 28.40
N TYR G 116 -3.11 -3.67 27.10
CA TYR G 116 -2.82 -5.02 26.63
C TYR G 116 -1.43 -5.49 27.02
N ALA G 117 -0.49 -4.58 27.23
CA ALA G 117 0.86 -4.98 27.67
C ALA G 117 0.80 -5.64 29.04
N LYS G 118 -0.01 -5.12 29.97
CA LYS G 118 -0.15 -5.72 31.28
C LYS G 118 -0.70 -7.15 31.19
N LEU G 119 -1.78 -7.19 30.40
CA LEU G 119 -2.34 -8.54 30.30
C LEU G 119 -1.35 -9.53 29.68
N ASN G 120 -0.34 -9.24 28.89
CA ASN G 120 0.63 -10.13 28.27
C ASN G 120 1.92 -10.27 29.09
N ILE G 121 1.86 -10.02 30.40
CA ILE G 121 3.06 -10.03 31.25
C ILE G 121 3.70 -11.42 31.28
N ILE G 122 5.04 -11.45 31.33
CA ILE G 122 5.81 -12.68 31.51
C ILE G 122 6.90 -12.47 32.55
N GLU G 123 7.35 -13.58 33.14
CA GLU G 123 8.53 -13.62 34.00
C GLU G 123 9.66 -14.39 33.32
N ILE G 124 10.89 -13.96 33.57
CA ILE G 124 12.06 -14.44 32.84
C ILE G 124 13.13 -14.91 33.84
N LYS G 125 14.26 -15.35 33.30
CA LYS G 125 15.43 -15.74 34.11
C LYS G 125 16.63 -14.88 33.73
N ARG G 126 17.42 -14.50 34.74
CA ARG G 126 18.59 -13.65 34.58
C ARG G 126 19.80 -14.30 35.25
N GLY G 127 20.99 -13.91 34.79
CA GLY G 127 22.21 -14.47 35.34
C GLY G 127 23.45 -13.90 34.69
N CYS G 128 24.54 -14.65 34.77
CA CYS G 128 25.83 -14.25 34.19
C CYS G 128 26.49 -15.46 33.57
N GLY G 129 26.69 -15.45 32.25
CA GLY G 129 27.25 -16.59 31.57
C GLY G 129 28.45 -16.33 30.66
N SER G 130 29.07 -15.16 30.79
CA SER G 130 30.12 -14.74 29.87
C SER G 130 31.46 -15.36 30.22
N TRP G 131 32.20 -15.77 29.18
CA TRP G 131 33.54 -16.36 29.39
C TRP G 131 34.50 -15.36 30.03
N GLU G 132 34.30 -14.06 29.81
CA GLU G 132 35.21 -13.04 30.33
C GLU G 132 34.61 -12.23 31.47
N CYS G 133 33.58 -12.79 32.12
CA CYS G 133 33.02 -12.21 33.35
C CYS G 133 32.23 -13.33 34.01
N ARG G 134 32.70 -13.83 35.15
CA ARG G 134 32.02 -14.93 35.81
C ARG G 134 31.77 -14.48 37.25
N CYS G 135 30.73 -13.67 37.44
CA CYS G 135 30.54 -12.96 38.69
C CYS G 135 29.29 -13.37 39.46
N ARG G 136 28.48 -14.27 38.91
CA ARG G 136 27.30 -14.83 39.58
C ARG G 136 26.27 -13.78 39.96
N ARG G 137 26.23 -12.65 39.28
CA ARG G 137 25.21 -11.64 39.52
C ARG G 137 24.25 -11.56 38.33
N PRO G 138 22.98 -11.20 38.57
CA PRO G 138 21.96 -11.27 37.49
C PRO G 138 21.86 -9.99 36.66
N HIS G 139 22.94 -9.66 35.97
CA HIS G 139 22.99 -8.45 35.16
C HIS G 139 22.84 -8.71 33.66
N SER G 140 22.83 -9.97 33.22
CA SER G 140 22.81 -10.34 31.81
C SER G 140 21.84 -11.51 31.65
N VAL G 141 21.83 -12.11 30.47
CA VAL G 141 21.17 -13.40 30.28
C VAL G 141 22.10 -14.48 30.83
N PRO G 142 21.58 -15.57 31.39
CA PRO G 142 22.46 -16.63 31.90
C PRO G 142 23.12 -17.47 30.80
N PHE G 143 22.56 -17.49 29.59
CA PHE G 143 23.11 -18.25 28.48
C PHE G 143 22.50 -17.72 27.18
N THR G 144 23.09 -18.13 26.05
CA THR G 144 22.65 -17.67 24.74
C THR G 144 21.24 -18.14 24.41
N VAL G 145 20.41 -17.23 23.89
CA VAL G 145 19.04 -17.58 23.51
C VAL G 145 18.68 -16.91 22.17
N GLU G 146 17.59 -17.39 21.58
CA GLU G 146 17.12 -16.94 20.27
C GLU G 146 15.61 -16.73 20.27
N GLY G 147 15.16 -15.86 19.35
CA GLY G 147 13.73 -15.66 19.13
C GLY G 147 13.48 -15.18 17.71
N LYS G 148 12.24 -15.30 17.25
CA LYS G 148 11.94 -14.90 15.88
C LYS G 148 10.51 -14.45 15.70
N GLU G 149 10.31 -13.61 14.67
CA GLU G 149 8.99 -13.11 14.30
C GLU G 149 9.07 -12.53 12.89
N GLY G 150 8.18 -12.99 12.01
CA GLY G 150 8.25 -12.59 10.62
C GLY G 150 9.59 -12.96 10.02
N SER G 151 10.22 -12.01 9.33
CA SER G 151 11.55 -12.20 8.77
C SER G 151 12.67 -11.98 9.77
N VAL G 152 12.37 -11.58 11.01
CA VAL G 152 13.40 -11.18 11.95
C VAL G 152 13.80 -12.37 12.83
N ARG G 153 15.11 -12.59 12.93
CA ARG G 153 15.74 -13.52 13.87
C ARG G 153 16.64 -12.73 14.81
N VAL G 154 16.57 -13.03 16.11
CA VAL G 154 17.37 -12.35 17.13
C VAL G 154 18.12 -13.39 17.96
N LYS G 155 19.42 -13.18 18.17
CA LYS G 155 20.22 -13.99 19.07
C LYS G 155 20.86 -13.09 20.13
N LEU G 156 20.66 -13.46 21.39
CA LEU G 156 21.18 -12.74 22.55
C LEU G 156 22.27 -13.56 23.23
N ILE G 157 23.37 -12.89 23.58
CA ILE G 157 24.62 -13.50 24.07
C ILE G 157 25.05 -12.84 25.38
N PRO G 158 25.45 -13.62 26.39
CA PRO G 158 25.89 -13.03 27.66
C PRO G 158 27.11 -12.11 27.49
N GLY G 159 27.11 -11.01 28.25
CA GLY G 159 28.20 -10.05 28.19
C GLY G 159 28.77 -9.65 29.54
N PRO G 160 29.98 -9.08 29.53
CA PRO G 160 30.62 -8.69 30.79
C PRO G 160 29.93 -7.51 31.47
N ARG G 161 30.07 -7.46 32.80
CA ARG G 161 29.50 -6.37 33.57
C ARG G 161 30.11 -5.03 33.15
N GLY G 162 29.25 -4.04 32.93
CA GLY G 162 29.69 -2.73 32.47
C GLY G 162 29.83 -2.56 30.97
N LEU G 163 29.49 -3.58 30.18
CA LEU G 163 29.58 -3.45 28.72
C LEU G 163 28.52 -2.52 28.17
N GLY G 164 27.31 -2.59 28.70
CA GLY G 164 26.17 -1.93 28.08
C GLY G 164 25.39 -2.88 27.20
N LEU G 165 24.38 -2.33 26.55
CA LEU G 165 23.45 -3.10 25.71
C LEU G 165 23.85 -2.92 24.24
N VAL G 166 24.52 -3.91 23.68
CA VAL G 166 25.02 -3.82 22.28
C VAL G 166 23.93 -4.40 21.39
N ILE G 167 22.94 -3.56 21.09
CA ILE G 167 21.75 -3.97 20.35
C ILE G 167 21.03 -2.71 19.90
N GLY G 168 20.17 -2.83 18.90
CA GLY G 168 19.39 -1.69 18.44
C GLY G 168 18.46 -1.14 19.51
N ASP G 169 17.97 0.08 19.25
CA ASP G 169 17.30 0.88 20.28
C ASP G 169 16.04 0.22 20.84
N VAL G 170 15.22 -0.37 19.96
CA VAL G 170 14.00 -1.06 20.42
C VAL G 170 14.37 -2.17 21.40
N GLY G 171 15.37 -2.96 21.05
CA GLY G 171 15.85 -3.99 21.95
C GLY G 171 16.39 -3.42 23.25
N LYS G 172 17.05 -2.26 23.18
CA LYS G 172 17.54 -1.59 24.39
C LYS G 172 16.41 -1.28 25.33
N LYS G 173 15.34 -0.65 24.83
CA LYS G 173 14.22 -0.30 25.69
C LYS G 173 13.60 -1.53 26.34
N ILE G 174 13.36 -2.57 25.53
CA ILE G 174 12.73 -3.77 26.06
C ILE G 174 13.61 -4.42 27.13
N LEU G 175 14.91 -4.59 26.85
CA LEU G 175 15.78 -5.25 27.81
C LEU G 175 15.92 -4.43 29.09
N ARG G 176 15.97 -3.10 28.98
CA ARG G 176 16.02 -2.28 30.18
C ARG G 176 14.78 -2.48 31.05
N LEU G 177 13.59 -2.54 30.44
CA LEU G 177 12.39 -2.76 31.25
C LEU G 177 12.39 -4.11 31.96
N ALA G 178 13.15 -5.09 31.46
CA ALA G 178 13.23 -6.41 32.10
C ALA G 178 14.29 -6.49 33.19
N GLY G 179 15.11 -5.45 33.37
CA GLY G 179 16.17 -5.49 34.37
C GLY G 179 17.47 -6.11 33.94
N ILE G 180 17.86 -5.97 32.68
CA ILE G 180 19.12 -6.50 32.16
C ILE G 180 19.99 -5.32 31.73
N GLN G 181 21.27 -5.36 32.11
CA GLN G 181 22.19 -4.25 31.88
C GLN G 181 23.21 -4.48 30.77
N ASP G 182 23.59 -5.72 30.48
CA ASP G 182 24.66 -6.01 29.52
C ASP G 182 24.26 -7.15 28.60
N VAL G 183 24.59 -7.03 27.31
CA VAL G 183 24.28 -8.08 26.34
C VAL G 183 25.04 -7.84 25.03
N TRP G 184 25.30 -8.93 24.30
CA TRP G 184 25.72 -8.89 22.91
C TRP G 184 24.61 -9.49 22.05
N SER G 185 24.60 -9.16 20.76
CA SER G 185 23.50 -9.61 19.92
C SER G 185 23.92 -9.82 18.47
N GLN G 186 23.12 -10.62 17.76
CA GLN G 186 23.26 -10.82 16.32
C GLN G 186 21.87 -10.96 15.70
N THR G 187 21.65 -10.32 14.54
CA THR G 187 20.32 -10.29 13.92
C THR G 187 20.37 -10.62 12.43
N LEU G 188 19.25 -11.15 11.94
CA LEU G 188 18.98 -11.34 10.53
C LEU G 188 17.60 -10.79 10.21
N GLY G 189 17.34 -10.54 8.93
CA GLY G 189 16.04 -10.04 8.50
C GLY G 189 15.90 -8.54 8.55
N GLU G 190 14.64 -8.09 8.46
CA GLU G 190 14.29 -6.68 8.32
C GLU G 190 14.03 -6.07 9.69
N THR G 191 15.09 -5.54 10.33
CA THR G 191 14.95 -4.94 11.65
C THR G 191 14.19 -3.63 11.63
N ARG G 192 14.03 -3.00 10.47
CA ARG G 192 13.27 -1.75 10.40
C ARG G 192 11.76 -1.97 10.54
N THR G 193 11.28 -3.21 10.53
CA THR G 193 9.88 -3.53 10.83
C THR G 193 9.78 -3.66 12.34
N THR G 194 9.43 -2.56 13.01
CA THR G 194 9.61 -2.44 14.46
C THR G 194 8.74 -3.43 15.24
N VAL G 195 7.50 -3.65 14.79
CA VAL G 195 6.62 -4.63 15.44
C VAL G 195 7.30 -6.00 15.50
N ASN G 196 7.89 -6.45 14.39
CA ASN G 196 8.52 -7.76 14.36
C ASN G 196 9.81 -7.80 15.16
N PHE G 197 10.62 -6.73 15.11
CA PHE G 197 11.84 -6.64 15.90
C PHE G 197 11.54 -6.79 17.39
N ALA G 198 10.57 -6.01 17.89
CA ALA G 198 10.19 -6.08 19.30
C ALA G 198 9.63 -7.45 19.67
N LYS G 199 8.79 -8.03 18.82
CA LYS G 199 8.25 -9.35 19.15
C LYS G 199 9.35 -10.41 19.19
N ALA G 200 10.34 -10.32 18.30
CA ALA G 200 11.43 -11.29 18.32
C ALA G 200 12.25 -11.18 19.59
N VAL G 201 12.53 -9.94 20.05
CA VAL G 201 13.26 -9.77 21.30
C VAL G 201 12.45 -10.32 22.49
N PHE G 202 11.14 -10.03 22.50
CA PHE G 202 10.27 -10.52 23.58
C PHE G 202 10.24 -12.04 23.61
N ASN G 203 10.15 -12.68 22.44
CA ASN G 203 10.19 -14.13 22.36
C ASN G 203 11.52 -14.68 22.86
N ALA G 204 12.63 -14.03 22.51
CA ALA G 204 13.93 -14.47 23.01
C ALA G 204 13.99 -14.40 24.53
N LEU G 205 13.47 -13.33 25.13
CA LEU G 205 13.44 -13.25 26.59
C LEU G 205 12.56 -14.36 27.19
N TYR G 206 11.40 -14.63 26.57
CA TYR G 206 10.55 -15.71 27.07
C TYR G 206 11.26 -17.05 27.01
N ASN G 207 12.06 -17.28 25.96
CA ASN G 207 12.70 -18.57 25.76
C ASN G 207 13.81 -18.89 26.77
N THR G 208 14.15 -18.01 27.71
CA THR G 208 15.05 -18.40 28.80
C THR G 208 14.43 -19.46 29.69
N ASN G 209 13.11 -19.63 29.67
CA ASN G 209 12.44 -20.66 30.47
C ASN G 209 12.46 -22.04 29.82
N LYS G 210 12.86 -22.16 28.56
CA LYS G 210 12.76 -23.44 27.86
C LYS G 210 14.04 -24.27 27.91
N VAL G 211 15.15 -23.71 28.38
CA VAL G 211 16.41 -24.43 28.44
C VAL G 211 16.44 -25.29 29.70
N VAL G 212 16.87 -26.54 29.56
CA VAL G 212 17.01 -27.47 30.68
C VAL G 212 18.30 -27.16 31.45
N VAL G 213 18.20 -27.10 32.77
CA VAL G 213 19.36 -26.79 33.63
C VAL G 213 19.44 -27.68 34.87
N THR G 214 20.64 -27.76 35.45
CA THR G 214 20.89 -28.57 36.65
C THR G 214 21.13 -27.68 37.87
N PRO G 215 20.90 -28.22 39.08
CA PRO G 215 21.07 -27.45 40.32
C PRO G 215 22.46 -26.82 40.38
N GLU G 216 23.47 -27.53 39.87
CA GLU G 216 24.84 -27.02 39.84
C GLU G 216 24.94 -25.74 39.00
N MET G 217 24.22 -25.71 37.88
CA MET G 217 24.19 -24.57 36.98
C MET G 217 23.62 -23.32 37.66
N ILE G 218 22.63 -23.51 38.52
CA ILE G 218 22.00 -22.39 39.20
C ILE G 218 23.02 -21.65 40.05
N GLU G 219 23.89 -22.39 40.74
CA GLU G 219 24.95 -21.77 41.51
C GLU G 219 26.00 -21.13 40.60
N ARG G 220 26.35 -21.79 39.50
CA ARG G 220 27.48 -21.35 38.69
C ARG G 220 27.18 -20.05 37.94
N TYR G 221 25.97 -19.91 37.40
CA TYR G 221 25.62 -18.72 36.63
C TYR G 221 24.84 -17.69 37.44
N GLY G 222 24.60 -17.94 38.72
CA GLY G 222 23.81 -17.03 39.54
C GLY G 222 22.39 -16.81 39.04
N ILE G 223 21.71 -17.89 38.65
CA ILE G 223 20.41 -17.78 38.00
C ILE G 223 19.35 -17.31 39.00
N VAL G 224 18.57 -16.31 38.60
CA VAL G 224 17.50 -15.76 39.41
C VAL G 224 16.22 -15.75 38.58
N VAL G 225 15.11 -16.20 39.17
CA VAL G 225 13.81 -16.24 38.52
C VAL G 225 12.94 -15.14 39.11
N GLY G 226 12.50 -14.20 38.27
CA GLY G 226 11.75 -13.06 38.75
C GLY G 226 12.58 -12.05 39.51
N ARG G 227 12.07 -11.59 40.66
CA ARG G 227 12.77 -10.59 41.45
C ARG G 227 14.10 -11.13 41.97
N ALA G 228 15.11 -10.26 42.02
CA ALA G 228 16.41 -10.66 42.55
C ALA G 228 16.34 -11.01 44.02
N MET G 229 15.56 -10.26 44.79
CA MET G 229 15.22 -10.57 46.18
C MET G 229 16.44 -10.64 47.09
N PRO G 230 17.07 -9.51 47.41
CA PRO G 230 18.20 -9.46 48.34
C PRO G 230 17.81 -9.96 49.73
N ALA H 2 106.88 25.56 -47.58
CA ALA H 2 106.66 25.04 -46.24
C ALA H 2 107.70 25.60 -45.27
N THR H 3 107.22 26.08 -44.12
CA THR H 3 108.08 26.67 -43.10
C THR H 3 108.20 25.71 -41.92
N PHE H 4 109.43 25.44 -41.50
CA PHE H 4 109.71 24.57 -40.37
C PHE H 4 110.36 25.38 -39.26
N LYS H 5 109.86 25.20 -38.04
CA LYS H 5 110.45 25.82 -36.85
C LYS H 5 111.30 24.78 -36.15
N LEU H 6 112.61 25.05 -36.04
CA LEU H 6 113.57 24.04 -35.67
C LEU H 6 113.96 24.15 -34.21
N VAL H 7 114.09 23.00 -33.55
CA VAL H 7 114.59 22.91 -32.19
C VAL H 7 115.80 21.98 -32.23
N ILE H 8 116.99 22.56 -32.09
CA ILE H 8 118.24 21.81 -32.20
C ILE H 8 118.77 21.60 -30.79
N SER H 9 118.98 20.34 -30.43
CA SER H 9 119.42 19.97 -29.09
C SER H 9 120.84 19.40 -29.14
N ASP H 10 121.73 19.96 -28.33
CA ASP H 10 123.09 19.46 -28.25
C ASP H 10 123.23 18.51 -27.06
N PRO H 11 123.30 17.20 -27.32
CA PRO H 11 123.31 16.23 -26.20
C PRO H 11 124.51 16.36 -25.29
N LYS H 12 125.61 16.95 -25.75
CA LYS H 12 126.81 17.07 -24.94
C LYS H 12 126.77 18.28 -24.02
N THR H 13 125.71 19.08 -24.06
CA THR H 13 125.60 20.26 -23.22
C THR H 13 124.27 20.40 -22.50
N GLY H 14 123.20 19.77 -22.98
CA GLY H 14 121.89 20.02 -22.44
C GLY H 14 121.29 21.35 -22.85
N ILE H 15 121.88 22.04 -23.83
CA ILE H 15 121.43 23.34 -24.29
C ILE H 15 120.79 23.18 -25.66
N ALA H 16 119.71 23.91 -25.89
CA ALA H 16 118.97 23.84 -27.14
C ALA H 16 118.80 25.23 -27.74
N LYS H 17 118.66 25.29 -29.05
CA LYS H 17 118.47 26.55 -29.76
C LYS H 17 117.36 26.40 -30.79
N GLN H 18 116.58 27.45 -30.97
CA GLN H 18 115.47 27.46 -31.92
C GLN H 18 115.74 28.48 -33.02
N ILE H 19 115.64 28.03 -34.28
CA ILE H 19 115.73 28.90 -35.44
C ILE H 19 114.61 28.52 -36.40
N GLU H 20 114.31 29.44 -37.32
CA GLU H 20 113.29 29.24 -38.34
C GLU H 20 113.95 29.12 -39.71
N ILE H 21 113.55 28.10 -40.47
CA ILE H 21 114.11 27.82 -41.78
C ILE H 21 112.98 27.67 -42.79
N THR H 22 113.08 28.41 -43.89
CA THR H 22 112.08 28.38 -44.94
C THR H 22 112.75 28.62 -46.29
N GLY H 23 112.05 28.20 -47.35
CA GLY H 23 112.56 28.35 -48.68
C GLY H 23 113.01 27.02 -49.26
N PRO H 24 113.99 27.06 -50.16
CA PRO H 24 114.53 25.81 -50.71
C PRO H 24 115.17 24.91 -49.66
N GLU H 25 115.67 25.48 -48.56
CA GLU H 25 116.26 24.65 -47.52
C GLU H 25 115.22 23.72 -46.89
N ALA H 26 114.03 24.24 -46.59
CA ALA H 26 113.00 23.42 -45.96
C ALA H 26 112.43 22.37 -46.89
N GLU H 27 112.63 22.50 -48.20
CA GLU H 27 112.06 21.54 -49.14
C GLU H 27 112.76 20.19 -49.08
N LYS H 28 114.08 20.18 -48.84
CA LYS H 28 114.80 18.92 -48.73
C LYS H 28 114.30 18.11 -47.53
N LEU H 29 114.00 18.78 -46.42
CA LEU H 29 113.60 18.10 -45.20
C LEU H 29 112.20 17.50 -45.29
N ILE H 30 111.45 17.79 -46.34
CA ILE H 30 110.12 17.23 -46.54
C ILE H 30 110.28 15.82 -47.10
N GLY H 31 110.16 14.82 -46.23
CA GLY H 31 110.19 13.44 -46.67
C GLY H 31 110.97 12.49 -45.78
N LYS H 32 111.69 13.01 -44.81
CA LYS H 32 112.46 12.14 -43.93
C LYS H 32 111.62 11.72 -42.72
N ARG H 33 111.89 10.53 -42.23
CA ARG H 33 111.15 9.93 -41.13
C ARG H 33 111.79 10.34 -39.80
N ILE H 34 111.37 9.66 -38.74
CA ILE H 34 111.97 9.81 -37.42
C ILE H 34 113.06 8.76 -37.25
N GLY H 35 114.27 9.20 -36.93
CA GLY H 35 115.38 8.30 -36.75
C GLY H 35 116.34 8.19 -37.91
N ASP H 36 116.45 9.22 -38.75
CA ASP H 36 117.39 9.21 -39.88
C ASP H 36 118.20 10.50 -39.87
N GLN H 37 119.47 10.40 -40.23
CA GLN H 37 120.38 11.53 -40.12
C GLN H 37 120.45 12.31 -41.43
N ILE H 38 120.97 13.53 -41.33
CA ILE H 38 121.18 14.40 -42.48
C ILE H 38 122.22 15.45 -42.09
N PRO H 39 123.25 15.67 -42.92
CA PRO H 39 124.28 16.66 -42.57
C PRO H 39 123.70 18.06 -42.46
N VAL H 40 124.26 18.85 -41.55
CA VAL H 40 123.76 20.21 -41.38
C VAL H 40 124.34 21.13 -42.44
N LYS H 41 125.55 20.83 -42.94
CA LYS H 41 126.14 21.64 -44.01
C LYS H 41 125.30 21.56 -45.27
N GLU H 42 124.77 20.38 -45.60
CA GLU H 42 123.87 20.25 -46.73
C GLU H 42 122.54 20.94 -46.46
N LEU H 43 122.01 20.80 -45.24
CA LEU H 43 120.77 21.48 -44.89
C LEU H 43 120.93 22.99 -44.94
N GLY H 44 122.07 23.49 -44.47
CA GLY H 44 122.47 24.87 -44.66
C GLY H 44 122.19 25.72 -43.43
N ILE H 45 123.20 25.89 -42.58
CA ILE H 45 123.05 26.52 -41.27
C ILE H 45 124.41 26.95 -40.77
N ASN H 46 124.52 28.18 -40.26
CA ASN H 46 125.74 28.62 -39.59
C ASN H 46 125.69 28.11 -38.15
N LEU H 47 126.06 26.83 -38.01
CA LEU H 47 125.92 26.16 -36.71
C LEU H 47 126.84 26.77 -35.66
N ASN H 48 128.06 27.12 -36.04
CA ASN H 48 129.03 27.65 -35.07
C ASN H 48 128.55 28.97 -34.48
N GLU H 49 127.71 29.71 -35.21
CA GLU H 49 127.20 30.97 -34.70
C GLU H 49 126.09 30.77 -33.66
N LEU H 50 125.28 29.73 -33.82
CA LEU H 50 124.11 29.55 -32.96
C LEU H 50 124.52 29.28 -31.52
N PHE H 51 125.41 28.31 -31.32
CA PHE H 51 125.79 27.88 -29.98
C PHE H 51 127.04 28.57 -29.47
N GLY H 52 127.75 29.31 -30.31
CA GLY H 52 129.00 29.92 -29.88
C GLY H 52 130.06 28.91 -29.51
N LYS H 53 130.23 27.88 -30.33
CA LYS H 53 131.16 26.80 -30.02
C LYS H 53 131.69 26.23 -31.33
N GLU H 54 132.97 25.85 -31.32
CA GLU H 54 133.55 25.18 -32.47
C GLU H 54 132.96 23.78 -32.61
N PHE H 55 132.78 23.34 -33.86
CA PHE H 55 132.17 22.04 -34.10
C PHE H 55 133.07 21.22 -35.01
N PRO H 56 133.04 19.89 -34.85
CA PRO H 56 133.75 19.03 -35.80
C PRO H 56 133.11 19.11 -37.18
N GLU H 57 133.94 18.86 -38.19
CA GLU H 57 133.46 18.93 -39.58
C GLU H 57 132.53 17.74 -39.87
N ASP H 58 131.84 17.85 -41.00
CA ASP H 58 130.81 16.90 -41.46
C ASP H 58 129.92 16.39 -40.34
N VAL H 59 129.50 17.27 -39.43
CA VAL H 59 128.54 16.87 -38.39
C VAL H 59 127.16 16.70 -39.01
N LYS H 60 126.27 16.04 -38.27
CA LYS H 60 124.93 15.78 -38.77
C LYS H 60 123.95 15.71 -37.62
N MET H 61 122.66 15.74 -37.97
CA MET H 61 121.57 15.74 -37.01
C MET H 61 120.53 14.72 -37.44
N GLU H 62 119.71 14.28 -36.48
CA GLU H 62 118.65 13.32 -36.76
C GLU H 62 117.32 13.83 -36.22
N ILE H 63 116.26 13.53 -36.96
CA ILE H 63 114.93 14.01 -36.63
C ILE H 63 114.37 13.19 -35.47
N ARG H 64 113.94 13.90 -34.42
CA ARG H 64 113.45 13.25 -33.20
C ARG H 64 111.96 13.41 -32.97
N GLY H 65 111.34 14.47 -33.48
CA GLY H 65 109.90 14.60 -33.32
C GLY H 65 109.37 15.89 -33.88
N GLY H 66 108.10 16.16 -33.63
CA GLY H 66 107.48 17.37 -34.12
C GLY H 66 106.01 17.50 -33.76
N THR H 67 105.45 18.66 -34.10
CA THR H 67 104.05 18.96 -33.83
C THR H 67 103.46 19.51 -35.12
N ASP H 68 102.16 19.29 -35.32
CA ASP H 68 101.52 19.77 -36.54
C ASP H 68 100.92 21.18 -36.36
N LYS H 69 100.28 21.67 -37.42
CA LYS H 69 99.66 22.99 -37.39
C LYS H 69 98.53 23.15 -36.35
N ASP H 70 97.77 22.08 -36.10
CA ASP H 70 96.70 22.10 -35.13
C ASP H 70 97.17 21.80 -33.71
N GLY H 71 98.45 21.45 -33.52
CA GLY H 71 99.00 21.20 -32.20
C GLY H 71 99.17 19.74 -31.83
N PHE H 72 98.88 18.82 -32.75
CA PHE H 72 99.01 17.38 -32.50
C PHE H 72 100.44 16.91 -32.78
N PRO H 73 100.95 16.01 -31.94
CA PRO H 73 102.33 15.54 -32.13
C PRO H 73 102.45 14.35 -33.06
N MET H 74 103.70 13.98 -33.34
CA MET H 74 104.03 12.86 -34.21
C MET H 74 104.38 11.62 -33.39
N ARG H 75 104.12 10.45 -33.97
CA ARG H 75 104.31 9.18 -33.30
C ARG H 75 105.30 8.31 -34.08
N PRO H 76 106.37 7.84 -33.45
CA PRO H 76 107.36 7.02 -34.19
C PRO H 76 106.80 5.71 -34.72
N ASP H 77 105.80 5.12 -34.06
CA ASP H 77 105.34 3.78 -34.39
C ASP H 77 104.28 3.75 -35.47
N ILE H 78 103.82 4.90 -35.96
CA ILE H 78 102.79 4.98 -37.00
C ILE H 78 103.44 5.36 -38.32
N HIS H 79 103.10 4.66 -39.39
CA HIS H 79 103.72 4.85 -40.70
C HIS H 79 103.00 5.92 -41.50
N GLY H 80 103.77 6.65 -42.30
CA GLY H 80 103.22 7.59 -43.25
C GLY H 80 102.95 8.96 -42.68
N PRO H 81 102.41 9.86 -43.50
CA PRO H 81 102.14 11.23 -43.07
C PRO H 81 100.73 11.48 -42.55
N ARG H 82 99.87 10.47 -42.50
CA ARG H 82 98.46 10.68 -42.19
C ARG H 82 98.29 11.00 -40.70
N ARG H 83 97.10 11.52 -40.40
CA ARG H 83 96.70 11.89 -39.03
C ARG H 83 95.63 10.89 -38.61
N VAL H 84 95.72 10.38 -37.39
CA VAL H 84 94.81 9.33 -36.94
C VAL H 84 94.31 9.66 -35.54
N ARG H 85 93.26 8.95 -35.12
CA ARG H 85 92.73 9.03 -33.76
C ARG H 85 92.66 7.62 -33.19
N ILE H 86 93.51 7.32 -32.22
CA ILE H 86 93.68 5.96 -31.73
C ILE H 86 93.66 5.91 -30.20
N LEU H 87 93.40 4.71 -29.69
CA LEU H 87 93.31 4.46 -28.26
C LEU H 87 94.69 4.16 -27.70
N LEU H 88 95.11 4.92 -26.70
CA LEU H 88 96.47 4.86 -26.18
C LEU H 88 96.46 4.62 -24.68
N SER H 89 97.52 3.96 -24.21
CA SER H 89 97.75 3.73 -22.80
C SER H 89 99.06 4.30 -22.28
N LYS H 90 100.00 4.64 -23.17
CA LYS H 90 101.25 5.27 -22.77
C LYS H 90 101.90 5.87 -24.01
N GLY H 91 103.14 6.32 -23.86
CA GLY H 91 103.95 6.75 -24.99
C GLY H 91 103.72 8.19 -25.35
N PRO H 92 104.40 8.66 -26.40
CA PRO H 92 104.22 10.05 -26.85
C PRO H 92 102.77 10.32 -27.24
N GLY H 93 102.29 11.49 -26.83
CA GLY H 93 100.93 11.88 -27.12
C GLY H 93 99.89 11.49 -26.10
N PHE H 94 100.31 11.02 -24.91
CA PHE H 94 99.35 10.67 -23.86
C PHE H 94 100.08 10.61 -22.52
N ARG H 95 99.67 11.46 -21.59
CA ARG H 95 100.18 11.41 -20.22
C ARG H 95 99.11 10.80 -19.33
N PRO H 96 99.26 9.54 -18.86
CA PRO H 96 98.13 8.80 -18.27
C PRO H 96 97.42 9.43 -17.07
N LYS H 97 98.14 9.70 -15.97
CA LYS H 97 97.63 10.25 -14.69
C LYS H 97 96.88 9.24 -13.81
N GLU H 98 96.66 8.01 -14.27
CA GLU H 98 95.89 7.07 -13.46
C GLU H 98 96.21 5.65 -13.93
N LYS H 99 96.32 4.75 -12.97
CA LYS H 99 96.83 3.39 -13.21
C LYS H 99 95.92 2.65 -14.18
N GLY H 100 96.46 2.29 -15.34
CA GLY H 100 95.70 1.57 -16.35
C GLY H 100 94.78 2.42 -17.19
N GLU H 101 94.84 3.74 -17.06
CA GLU H 101 93.95 4.62 -17.82
C GLU H 101 94.29 4.58 -19.30
N ARG H 102 93.26 4.47 -20.13
CA ARG H 102 93.39 4.51 -21.58
C ARG H 102 92.50 5.60 -22.13
N ARG H 103 93.00 6.35 -23.11
CA ARG H 103 92.23 7.44 -23.69
C ARG H 103 92.48 7.49 -25.19
N LYS H 104 91.48 7.98 -25.93
CA LYS H 104 91.57 8.12 -27.37
C LYS H 104 92.11 9.51 -27.72
N LYS H 105 93.18 9.56 -28.52
CA LYS H 105 93.87 10.80 -28.83
C LYS H 105 94.12 10.90 -30.33
N THR H 106 94.25 12.14 -30.81
CA THR H 106 94.60 12.43 -32.19
C THR H 106 96.11 12.65 -32.30
N VAL H 107 96.76 11.91 -33.21
CA VAL H 107 98.20 11.95 -33.38
C VAL H 107 98.56 11.97 -34.87
N ARG H 108 99.84 12.27 -35.14
CA ARG H 108 100.38 12.36 -36.48
C ARG H 108 101.23 11.12 -36.80
N GLY H 109 101.86 11.14 -37.97
CA GLY H 109 102.61 10.02 -38.46
C GLY H 109 104.12 10.24 -38.45
N ASN H 110 104.82 9.42 -39.24
CA ASN H 110 106.28 9.39 -39.29
C ASN H 110 106.86 10.36 -40.31
N THR H 111 106.36 10.32 -41.54
CA THR H 111 106.90 11.15 -42.60
C THR H 111 106.60 12.63 -42.34
N ILE H 112 107.57 13.49 -42.65
CA ILE H 112 107.35 14.92 -42.53
C ILE H 112 106.45 15.40 -43.67
N SER H 113 105.64 16.40 -43.39
CA SER H 113 104.60 16.89 -44.28
C SER H 113 104.56 18.41 -44.18
N PRO H 114 103.96 19.08 -45.16
CA PRO H 114 103.83 20.54 -45.08
C PRO H 114 103.00 21.02 -43.89
N GLU H 115 102.08 20.20 -43.37
CA GLU H 115 101.28 20.63 -42.23
C GLU H 115 102.10 20.74 -40.95
N ILE H 116 103.23 20.05 -40.89
CA ILE H 116 104.09 20.06 -39.71
C ILE H 116 104.73 21.42 -39.53
N VAL H 117 104.82 21.88 -38.29
CA VAL H 117 105.39 23.17 -37.95
C VAL H 117 106.69 23.02 -37.16
N GLN H 118 106.63 22.42 -35.98
CA GLN H 118 107.80 22.22 -35.13
C GLN H 118 108.52 20.94 -35.53
N VAL H 119 109.84 21.01 -35.59
CA VAL H 119 110.70 19.85 -35.82
C VAL H 119 111.79 19.87 -34.76
N ASN H 120 111.86 18.80 -33.96
CA ASN H 120 112.87 18.64 -32.91
C ASN H 120 113.91 17.64 -33.39
N VAL H 121 115.18 18.08 -33.41
CA VAL H 121 116.32 17.27 -33.81
C VAL H 121 117.43 17.43 -32.78
N LYS H 122 118.31 16.43 -32.72
CA LYS H 122 119.48 16.51 -31.87
C LYS H 122 120.75 16.31 -32.70
N LEU H 123 121.80 17.00 -32.30
CA LEU H 123 123.06 16.96 -33.02
C LEU H 123 123.80 15.66 -32.72
N VAL H 124 124.26 14.99 -33.78
CA VAL H 124 125.03 13.76 -33.68
C VAL H 124 126.41 14.06 -34.24
N TYR H 125 127.43 14.04 -33.38
CA TYR H 125 128.78 14.34 -33.81
C TYR H 125 129.34 13.12 -34.54
N ALA I 2 -84.10 25.15 -34.25
CA ALA I 2 -83.68 23.95 -34.95
C ALA I 2 -84.14 22.70 -34.20
N LYS I 3 -83.45 22.40 -33.11
CA LYS I 3 -83.80 21.25 -32.32
C LYS I 3 -85.13 21.49 -31.60
N PRO I 4 -86.10 20.60 -31.74
CA PRO I 4 -87.42 20.84 -31.12
C PRO I 4 -87.34 20.85 -29.60
N LEU I 5 -88.23 21.62 -28.98
CA LEU I 5 -88.23 21.75 -27.53
C LEU I 5 -88.52 20.44 -26.82
N SER I 6 -89.23 19.50 -27.48
CA SER I 6 -89.47 18.20 -26.88
C SER I 6 -88.17 17.41 -26.73
N GLU I 7 -87.18 17.68 -27.58
CA GLU I 7 -85.88 17.04 -27.45
C GLU I 7 -84.93 17.80 -26.54
N ARG I 8 -85.07 19.13 -26.45
CA ARG I 8 -84.24 19.90 -25.55
C ARG I 8 -84.52 19.54 -24.10
N PHE I 9 -85.79 19.31 -23.75
CA PHE I 9 -86.18 18.94 -22.40
C PHE I 9 -86.82 17.55 -22.46
N PHE I 10 -85.98 16.53 -22.45
CA PHE I 10 -86.41 15.14 -22.57
C PHE I 10 -86.39 14.50 -21.19
N ILE I 11 -87.52 13.91 -20.79
CA ILE I 11 -87.65 13.26 -19.50
C ILE I 11 -87.88 11.77 -19.75
N PRO I 12 -86.94 10.90 -19.37
CA PRO I 12 -87.17 9.46 -19.49
C PRO I 12 -87.87 8.91 -18.26
N HIS I 13 -88.47 7.73 -18.43
CA HIS I 13 -89.18 7.08 -17.34
C HIS I 13 -88.76 5.63 -17.12
N GLU I 14 -87.87 5.08 -17.95
CA GLU I 14 -87.38 3.73 -17.76
C GLU I 14 -85.85 3.73 -17.76
N ILE I 15 -85.28 2.66 -17.22
CA ILE I 15 -83.84 2.48 -17.18
C ILE I 15 -83.42 1.82 -18.50
N LYS I 16 -82.89 2.63 -19.42
CA LYS I 16 -82.33 2.15 -20.67
C LYS I 16 -81.28 3.16 -21.12
N VAL I 17 -80.42 2.72 -22.04
CA VAL I 17 -79.23 3.51 -22.41
C VAL I 17 -79.67 4.87 -22.92
N MET I 18 -79.24 5.92 -22.22
CA MET I 18 -79.54 7.31 -22.57
C MET I 18 -81.03 7.57 -22.67
N GLY I 19 -81.85 6.75 -22.03
CA GLY I 19 -83.29 6.90 -22.07
C GLY I 19 -83.92 6.69 -23.42
N ARG I 20 -83.19 6.09 -24.37
CA ARG I 20 -83.68 5.98 -25.75
C ARG I 20 -83.53 4.60 -26.37
N TRP I 21 -82.65 3.73 -25.87
CA TRP I 21 -82.38 2.46 -26.53
C TRP I 21 -82.21 1.35 -25.51
N SER I 22 -82.88 0.23 -25.74
CA SER I 22 -82.76 -0.95 -24.90
C SER I 22 -81.80 -1.94 -25.53
N THR I 23 -81.12 -2.71 -24.69
CA THR I 23 -80.15 -3.70 -25.14
C THR I 23 -80.58 -5.12 -24.81
N GLU I 24 -81.89 -5.38 -24.79
CA GLU I 24 -82.40 -6.68 -24.37
C GLU I 24 -82.22 -7.75 -25.43
N ASP I 25 -82.26 -7.38 -26.72
CA ASP I 25 -82.08 -8.32 -27.81
C ASP I 25 -80.66 -8.33 -28.38
N VAL I 26 -79.75 -7.58 -27.78
CA VAL I 26 -78.38 -7.52 -28.28
C VAL I 26 -77.67 -8.82 -27.95
N GLU I 27 -77.08 -9.46 -28.96
CA GLU I 27 -76.36 -10.69 -28.77
C GLU I 27 -74.89 -10.52 -29.16
N VAL I 28 -74.02 -11.23 -28.44
CA VAL I 28 -72.59 -11.23 -28.67
C VAL I 28 -72.20 -12.62 -29.14
N ARG I 29 -71.80 -12.73 -30.41
CA ARG I 29 -71.54 -14.02 -31.02
C ARG I 29 -70.21 -14.62 -30.59
N ASP I 30 -69.18 -13.80 -30.44
CA ASP I 30 -67.85 -14.32 -30.12
C ASP I 30 -67.80 -14.80 -28.68
N PRO I 31 -67.49 -16.08 -28.42
CA PRO I 31 -67.48 -16.57 -27.04
C PRO I 31 -66.39 -15.96 -26.17
N SER I 32 -65.31 -15.47 -26.74
CA SER I 32 -64.24 -14.90 -25.94
C SER I 32 -64.56 -13.50 -25.42
N LEU I 33 -65.29 -12.70 -26.21
CA LEU I 33 -65.58 -11.32 -25.86
C LEU I 33 -66.84 -11.15 -25.03
N LYS I 34 -67.63 -12.22 -24.85
CA LYS I 34 -68.91 -12.09 -24.17
C LYS I 34 -68.81 -11.64 -22.71
N PRO I 35 -67.95 -12.22 -21.86
CA PRO I 35 -67.89 -11.74 -20.48
C PRO I 35 -67.26 -10.36 -20.31
N TYR I 36 -66.74 -9.74 -21.37
CA TYR I 36 -66.07 -8.46 -21.24
C TYR I 36 -66.83 -7.30 -21.88
N ILE I 37 -67.94 -7.57 -22.57
CA ILE I 37 -68.77 -6.52 -23.15
C ILE I 37 -69.97 -6.34 -22.23
N ASN I 38 -69.92 -5.32 -21.38
CA ASN I 38 -70.94 -5.12 -20.35
C ASN I 38 -72.20 -4.51 -20.96
N LEU I 39 -73.34 -5.16 -20.74
CA LEU I 39 -74.61 -4.71 -21.29
C LEU I 39 -75.71 -4.60 -20.23
N GLU I 40 -75.35 -4.54 -18.95
CA GLU I 40 -76.34 -4.48 -17.89
C GLU I 40 -77.12 -3.17 -17.96
N PRO I 41 -78.42 -3.19 -17.66
CA PRO I 41 -79.25 -2.00 -17.89
C PRO I 41 -78.81 -0.83 -17.02
N ARG I 42 -78.78 0.35 -17.63
CA ARG I 42 -78.24 1.55 -17.01
C ARG I 42 -78.61 2.75 -17.85
N LEU I 43 -79.00 3.85 -17.19
CA LEU I 43 -79.50 5.02 -17.91
C LEU I 43 -78.35 5.95 -18.34
N LEU I 44 -77.58 6.44 -17.39
CA LEU I 44 -76.51 7.39 -17.69
C LEU I 44 -75.17 6.67 -17.71
N PRO I 45 -74.47 6.64 -18.84
CA PRO I 45 -73.13 6.00 -18.89
C PRO I 45 -72.02 6.95 -18.48
N HIS I 46 -71.94 7.23 -17.17
CA HIS I 46 -70.89 8.09 -16.62
C HIS I 46 -70.59 7.60 -15.20
N THR I 47 -69.48 6.88 -15.05
CA THR I 47 -69.09 6.31 -13.77
C THR I 47 -68.01 7.11 -13.04
N HIS I 48 -67.58 8.25 -13.60
CA HIS I 48 -66.65 9.17 -12.94
C HIS I 48 -65.29 8.53 -12.66
N GLY I 49 -64.85 7.65 -13.54
CA GLY I 49 -63.50 7.10 -13.47
C GLY I 49 -63.18 6.34 -12.20
N ARG I 50 -64.13 5.59 -11.68
CA ARG I 50 -63.93 4.83 -10.46
C ARG I 50 -63.42 3.41 -10.71
N HIS I 51 -63.26 3.01 -11.97
CA HIS I 51 -62.89 1.64 -12.31
C HIS I 51 -61.39 1.44 -12.50
N ALA I 52 -60.65 2.52 -12.82
CA ALA I 52 -59.25 2.36 -13.22
C ALA I 52 -58.34 1.91 -12.08
N LYS I 53 -58.73 2.16 -10.83
CA LYS I 53 -57.87 1.81 -9.71
C LYS I 53 -57.68 0.30 -9.58
N LYS I 54 -58.74 -0.47 -9.78
CA LYS I 54 -58.68 -1.91 -9.51
C LYS I 54 -58.35 -2.70 -10.76
N HIS I 55 -57.60 -3.78 -10.57
CA HIS I 55 -57.23 -4.67 -11.67
C HIS I 55 -58.46 -5.38 -12.22
N PHE I 56 -58.56 -5.44 -13.55
CA PHE I 56 -59.71 -5.98 -14.27
C PHE I 56 -61.01 -5.23 -13.96
N GLY I 57 -60.91 -4.01 -13.43
CA GLY I 57 -62.10 -3.25 -13.11
C GLY I 57 -62.90 -2.83 -14.33
N LYS I 58 -62.22 -2.56 -15.45
CA LYS I 58 -62.88 -2.10 -16.66
C LYS I 58 -63.83 -3.12 -17.27
N ALA I 59 -63.76 -4.38 -16.82
CA ALA I 59 -64.67 -5.40 -17.34
C ALA I 59 -66.12 -5.05 -17.05
N ASN I 60 -66.41 -4.55 -15.86
CA ASN I 60 -67.78 -4.17 -15.50
C ASN I 60 -68.05 -2.69 -15.74
N VAL I 61 -67.71 -2.19 -16.93
CA VAL I 61 -68.05 -0.84 -17.34
C VAL I 61 -68.85 -0.95 -18.64
N HIS I 62 -70.00 -0.30 -18.69
CA HIS I 62 -70.89 -0.41 -19.85
C HIS I 62 -70.17 0.04 -21.12
N ILE I 63 -70.43 -0.71 -22.20
CA ILE I 63 -69.65 -0.56 -23.43
C ILE I 63 -69.78 0.84 -24.02
N VAL I 64 -70.95 1.46 -23.88
CA VAL I 64 -71.15 2.81 -24.42
C VAL I 64 -70.27 3.82 -23.70
N GLU I 65 -70.14 3.70 -22.37
CA GLU I 65 -69.24 4.62 -21.66
C GLU I 65 -67.79 4.39 -22.08
N ARG I 66 -67.40 3.14 -22.32
CA ARG I 66 -66.06 2.88 -22.82
C ARG I 66 -65.84 3.59 -24.16
N LEU I 67 -66.83 3.54 -25.05
CA LEU I 67 -66.70 4.25 -26.33
C LEU I 67 -66.58 5.76 -26.13
N ILE I 68 -67.38 6.31 -25.23
CA ILE I 68 -67.35 7.74 -24.97
C ILE I 68 -65.97 8.15 -24.47
N ASN I 69 -65.41 7.34 -23.57
CA ASN I 69 -64.08 7.61 -23.03
C ASN I 69 -63.01 7.58 -24.12
N LYS I 70 -63.16 6.63 -25.05
CA LYS I 70 -62.22 6.45 -26.16
C LYS I 70 -62.14 7.66 -27.09
N ILE I 71 -63.25 8.34 -27.34
CA ILE I 71 -63.24 9.51 -28.23
C ILE I 71 -62.87 10.84 -27.54
N MET I 72 -62.75 10.82 -26.22
CA MET I 72 -62.43 12.02 -25.45
C MET I 72 -60.93 12.19 -25.52
N ARG I 73 -60.46 12.56 -26.71
CA ARG I 73 -59.03 12.68 -26.97
C ARG I 73 -58.68 13.56 -28.15
N SER I 74 -57.38 13.75 -28.34
CA SER I 74 -56.84 14.51 -29.44
C SER I 74 -56.66 13.65 -30.70
N GLY I 75 -56.02 12.50 -30.57
CA GLY I 75 -55.97 11.51 -31.64
C GLY I 75 -54.61 11.11 -32.19
N GLY I 76 -53.73 12.06 -32.47
CA GLY I 76 -52.50 11.77 -33.18
C GLY I 76 -51.25 12.34 -32.56
N SER I 77 -51.09 12.23 -31.24
CA SER I 77 -50.09 13.02 -30.53
C SER I 77 -48.66 12.61 -30.91
N HIS I 78 -48.27 11.38 -30.59
CA HIS I 78 -46.89 10.94 -30.79
C HIS I 78 -46.76 9.79 -31.79
N TYR I 79 -47.82 9.47 -32.53
CA TYR I 79 -47.70 8.61 -33.70
C TYR I 79 -48.66 9.12 -34.77
N LYS I 80 -48.38 8.73 -36.01
CA LYS I 80 -49.13 9.24 -37.15
C LYS I 80 -50.28 8.32 -37.50
N VAL I 81 -51.40 8.92 -37.90
CA VAL I 81 -52.59 8.18 -38.33
C VAL I 81 -52.86 8.58 -39.77
N ALA I 82 -52.85 7.60 -40.67
CA ALA I 82 -53.01 7.83 -42.10
C ALA I 82 -52.01 8.87 -42.61
N GLY I 83 -50.80 8.83 -42.05
CA GLY I 83 -49.71 9.66 -42.53
C GLY I 83 -49.55 11.02 -41.89
N HIS I 84 -50.24 11.31 -40.78
CA HIS I 84 -50.14 12.62 -40.16
C HIS I 84 -50.22 12.54 -38.64
N PHE I 85 -49.46 13.40 -37.98
CA PHE I 85 -49.78 13.81 -36.61
C PHE I 85 -51.05 14.64 -36.62
N MET I 86 -51.92 14.42 -35.63
CA MET I 86 -53.11 15.24 -35.46
C MET I 86 -53.11 15.82 -34.04
N ARG I 87 -52.38 16.91 -33.87
CA ARG I 87 -52.22 17.56 -32.58
C ARG I 87 -53.21 18.73 -32.51
N ARG I 88 -54.26 18.56 -31.69
CA ARG I 88 -55.34 19.54 -31.61
C ARG I 88 -55.24 20.47 -30.40
N GLU I 89 -54.64 20.02 -29.31
CA GLU I 89 -54.27 20.87 -28.17
C GLU I 89 -55.45 21.67 -27.60
N HIS I 90 -55.46 22.98 -27.82
CA HIS I 90 -56.46 23.84 -27.19
C HIS I 90 -57.87 23.64 -27.74
N ARG I 91 -58.04 22.88 -28.82
CA ARG I 91 -59.36 22.62 -29.39
C ARG I 91 -59.65 21.13 -29.45
N SER I 92 -59.02 20.34 -28.58
CA SER I 92 -59.29 18.92 -28.46
C SER I 92 -60.48 18.67 -27.53
N LEU I 93 -60.79 17.39 -27.34
CA LEU I 93 -61.89 16.99 -26.48
C LEU I 93 -61.35 16.37 -25.20
N ASN I 94 -60.08 16.62 -24.87
CA ASN I 94 -59.52 16.08 -23.65
C ASN I 94 -60.34 16.65 -22.49
N SER I 95 -60.75 15.75 -21.60
CA SER I 95 -61.59 16.10 -20.44
C SER I 95 -62.96 16.76 -20.69
N LYS I 96 -63.44 16.84 -21.94
CA LYS I 96 -64.78 17.42 -22.17
C LYS I 96 -65.77 16.29 -22.42
N LYS I 97 -66.30 15.72 -21.34
CA LYS I 97 -67.15 14.53 -21.46
C LYS I 97 -68.53 14.86 -22.03
N VAL I 98 -69.01 16.09 -21.84
CA VAL I 98 -70.35 16.45 -22.35
C VAL I 98 -70.37 16.45 -23.87
N LYS I 99 -69.36 17.06 -24.48
CA LYS I 99 -69.29 17.09 -25.95
C LYS I 99 -69.12 15.70 -26.53
N ALA I 100 -68.30 14.85 -25.91
CA ALA I 100 -68.14 13.47 -26.38
C ALA I 100 -69.46 12.71 -26.27
N TYR I 101 -70.18 12.90 -25.17
CA TYR I 101 -71.49 12.30 -24.99
C TYR I 101 -72.44 12.69 -26.12
N GLU I 102 -72.48 13.98 -26.45
CA GLU I 102 -73.34 14.43 -27.56
C GLU I 102 -72.90 13.85 -28.90
N VAL I 103 -71.58 13.73 -29.12
CA VAL I 103 -71.08 13.13 -30.36
C VAL I 103 -71.60 11.70 -30.49
N VAL I 104 -71.48 10.92 -29.43
CA VAL I 104 -71.93 9.53 -29.47
C VAL I 104 -73.44 9.46 -29.69
N LYS I 105 -74.20 10.34 -29.03
CA LYS I 105 -75.66 10.32 -29.20
C LYS I 105 -76.07 10.61 -30.63
N GLU I 106 -75.48 11.63 -31.23
CA GLU I 106 -75.82 11.97 -32.62
C GLU I 106 -75.41 10.87 -33.58
N ALA I 107 -74.24 10.25 -33.34
CA ALA I 107 -73.81 9.13 -34.18
C ALA I 107 -74.79 7.97 -34.08
N PHE I 108 -75.29 7.67 -32.87
CA PHE I 108 -76.27 6.60 -32.73
C PHE I 108 -77.55 6.91 -33.50
N LYS I 109 -78.04 8.15 -33.43
CA LYS I 109 -79.25 8.48 -34.17
C LYS I 109 -79.03 8.32 -35.68
N ILE I 110 -77.89 8.79 -36.18
CA ILE I 110 -77.59 8.64 -37.60
C ILE I 110 -77.51 7.16 -37.99
N ILE I 111 -76.89 6.34 -37.15
CA ILE I 111 -76.77 4.91 -37.44
C ILE I 111 -78.15 4.28 -37.53
N GLU I 112 -79.01 4.56 -36.54
CA GLU I 112 -80.33 3.94 -36.52
C GLU I 112 -81.15 4.37 -37.74
N LYS I 113 -81.05 5.64 -38.12
CA LYS I 113 -81.79 6.09 -39.30
C LYS I 113 -81.25 5.43 -40.57
N ARG I 114 -79.93 5.26 -40.68
CA ARG I 114 -79.36 4.77 -41.93
C ARG I 114 -79.56 3.26 -42.15
N THR I 115 -79.60 2.46 -41.08
CA THR I 115 -79.64 1.01 -41.24
C THR I 115 -80.94 0.36 -40.78
N GLY I 116 -81.74 1.04 -39.98
CA GLY I 116 -82.98 0.45 -39.48
C GLY I 116 -82.82 -0.51 -38.33
N LYS I 117 -81.64 -0.61 -37.74
CA LYS I 117 -81.36 -1.55 -36.65
C LYS I 117 -81.00 -0.80 -35.38
N ASN I 118 -81.01 -1.54 -34.28
CA ASN I 118 -80.64 -0.98 -32.99
C ASN I 118 -79.15 -0.64 -32.98
N PRO I 119 -78.77 0.60 -32.67
CA PRO I 119 -77.36 1.01 -32.81
C PRO I 119 -76.38 0.20 -31.99
N ILE I 120 -76.79 -0.26 -30.80
CA ILE I 120 -75.90 -1.06 -29.96
C ILE I 120 -75.48 -2.33 -30.67
N GLN I 121 -76.43 -2.97 -31.36
CA GLN I 121 -76.11 -4.19 -32.11
C GLN I 121 -75.09 -3.93 -33.20
N VAL I 122 -75.24 -2.83 -33.94
CA VAL I 122 -74.29 -2.50 -34.99
C VAL I 122 -72.91 -2.24 -34.40
N LEU I 123 -72.86 -1.55 -33.26
CA LEU I 123 -71.57 -1.31 -32.59
C LEU I 123 -70.91 -2.63 -32.18
N VAL I 124 -71.71 -3.56 -31.65
CA VAL I 124 -71.17 -4.86 -31.25
C VAL I 124 -70.62 -5.60 -32.46
N TRP I 125 -71.35 -5.59 -33.58
CA TRP I 125 -70.85 -6.23 -34.80
C TRP I 125 -69.53 -5.61 -35.24
N ALA I 126 -69.43 -4.28 -35.19
CA ALA I 126 -68.20 -3.61 -35.60
C ALA I 126 -67.02 -4.02 -34.71
N ILE I 127 -67.22 -4.04 -33.39
CA ILE I 127 -66.10 -4.39 -32.53
C ILE I 127 -65.72 -5.86 -32.71
N GLU I 128 -66.71 -6.72 -33.02
CA GLU I 128 -66.39 -8.12 -33.29
C GLU I 128 -65.53 -8.25 -34.54
N ASN I 129 -65.85 -7.49 -35.58
CA ASN I 129 -65.06 -7.59 -36.81
C ASN I 129 -63.71 -6.90 -36.70
N ALA I 130 -63.53 -5.97 -35.77
CA ALA I 130 -62.28 -5.23 -35.64
C ALA I 130 -61.30 -5.82 -34.63
N ALA I 131 -61.66 -6.90 -33.94
CA ALA I 131 -60.83 -7.44 -32.87
C ALA I 131 -59.86 -8.48 -33.42
N PRO I 132 -58.55 -8.25 -33.40
CA PRO I 132 -57.61 -9.25 -33.92
C PRO I 132 -57.51 -10.47 -33.01
N ARG I 133 -57.03 -11.57 -33.59
CA ARG I 133 -56.87 -12.82 -32.85
C ARG I 133 -55.42 -13.24 -32.64
N GLU I 134 -54.47 -12.67 -33.37
CA GLU I 134 -53.06 -13.06 -33.30
C GLU I 134 -52.20 -11.83 -33.50
N ASP I 135 -51.12 -11.71 -32.72
CA ASP I 135 -50.23 -10.55 -32.83
C ASP I 135 -48.78 -11.02 -32.71
N THR I 136 -47.87 -10.08 -32.47
CA THR I 136 -46.44 -10.38 -32.50
C THR I 136 -45.72 -9.68 -31.35
N THR I 137 -44.56 -10.23 -31.00
CA THR I 137 -43.65 -9.66 -30.02
C THR I 137 -42.26 -9.61 -30.63
N SER I 138 -41.44 -8.69 -30.13
CA SER I 138 -40.19 -8.32 -30.79
C SER I 138 -38.98 -8.94 -30.11
N VAL I 139 -38.02 -9.38 -30.93
CA VAL I 139 -36.73 -9.89 -30.47
C VAL I 139 -35.62 -9.18 -31.24
N MET I 140 -34.42 -9.18 -30.68
CA MET I 140 -33.27 -8.50 -31.26
C MET I 140 -32.12 -9.47 -31.43
N PHE I 141 -31.53 -9.50 -32.63
CA PHE I 141 -30.38 -10.36 -32.88
C PHE I 141 -29.47 -9.73 -33.92
N GLY I 142 -28.18 -9.62 -33.59
CA GLY I 142 -27.21 -9.07 -34.53
C GLY I 142 -27.50 -7.66 -34.95
N GLY I 143 -28.16 -6.88 -34.10
CA GLY I 143 -28.58 -5.54 -34.48
C GLY I 143 -29.71 -5.50 -35.47
N ILE I 144 -30.54 -6.54 -35.51
CA ILE I 144 -31.70 -6.61 -36.41
C ILE I 144 -32.90 -7.06 -35.60
N ARG I 145 -34.06 -6.44 -35.85
CA ARG I 145 -35.28 -6.70 -35.08
C ARG I 145 -36.18 -7.68 -35.82
N TYR I 146 -36.65 -8.71 -35.09
CA TYR I 146 -37.46 -9.77 -35.66
C TYR I 146 -38.77 -9.92 -34.89
N HIS I 147 -39.76 -10.50 -35.56
CA HIS I 147 -41.10 -10.73 -35.02
C HIS I 147 -41.30 -12.20 -34.64
N VAL I 148 -42.09 -12.42 -33.59
CA VAL I 148 -42.48 -13.76 -33.16
C VAL I 148 -43.97 -13.76 -32.82
N ALA I 149 -44.72 -14.72 -33.38
CA ALA I 149 -46.17 -14.70 -33.29
C ALA I 149 -46.65 -15.22 -31.95
N VAL I 150 -47.68 -14.56 -31.40
CA VAL I 150 -48.31 -14.92 -30.14
C VAL I 150 -49.82 -14.71 -30.26
N ASP I 151 -50.54 -15.17 -29.24
CA ASP I 151 -51.97 -14.99 -29.10
C ASP I 151 -52.30 -13.73 -28.30
N ILE I 152 -53.56 -13.32 -28.34
CA ILE I 152 -54.03 -12.08 -27.70
C ILE I 152 -55.14 -12.43 -26.72
N SER I 153 -55.07 -11.86 -25.51
CA SER I 153 -56.12 -12.04 -24.52
C SER I 153 -57.35 -11.21 -24.89
N PRO I 154 -58.54 -11.64 -24.44
CA PRO I 154 -59.77 -10.93 -24.87
C PRO I 154 -59.87 -9.47 -24.45
N MET I 155 -59.36 -9.11 -23.26
CA MET I 155 -59.44 -7.72 -22.84
C MET I 155 -58.61 -6.81 -23.75
N ARG I 156 -57.41 -7.27 -24.13
CA ARG I 156 -56.61 -6.50 -25.08
C ARG I 156 -57.28 -6.42 -26.45
N ARG I 157 -57.90 -7.51 -26.90
CA ARG I 157 -58.65 -7.48 -28.15
C ARG I 157 -59.70 -6.38 -28.13
N LEU I 158 -60.48 -6.32 -27.04
CA LEU I 158 -61.52 -5.31 -26.90
C LEU I 158 -60.93 -3.90 -26.91
N ASP I 159 -59.86 -3.70 -26.13
CA ASP I 159 -59.24 -2.37 -26.05
C ASP I 159 -58.73 -1.92 -27.41
N VAL I 160 -58.05 -2.82 -28.14
CA VAL I 160 -57.49 -2.46 -29.44
C VAL I 160 -58.58 -2.16 -30.45
N ALA I 161 -59.67 -2.94 -30.45
CA ALA I 161 -60.77 -2.68 -31.37
C ALA I 161 -61.40 -1.31 -31.12
N LEU I 162 -61.65 -0.99 -29.85
CA LEU I 162 -62.22 0.32 -29.52
C LEU I 162 -61.27 1.45 -29.92
N ARG I 163 -59.98 1.31 -29.63
CA ARG I 163 -59.02 2.34 -29.98
C ARG I 163 -58.98 2.58 -31.49
N ASN I 164 -58.99 1.50 -32.28
CA ASN I 164 -58.87 1.67 -33.73
C ASN I 164 -60.15 2.25 -34.33
N ILE I 165 -61.32 1.90 -33.79
CA ILE I 165 -62.56 2.55 -34.24
C ILE I 165 -62.50 4.06 -33.96
N ALA I 166 -62.05 4.43 -32.76
CA ALA I 166 -61.95 5.85 -32.44
C ALA I 166 -60.96 6.56 -33.36
N LEU I 167 -59.81 5.95 -33.62
CA LEU I 167 -58.80 6.59 -34.46
C LEU I 167 -59.31 6.74 -35.90
N GLY I 168 -60.02 5.75 -36.42
CA GLY I 168 -60.60 5.87 -37.75
C GLY I 168 -61.57 7.04 -37.84
N ALA I 169 -62.46 7.16 -36.85
CA ALA I 169 -63.37 8.31 -36.84
C ALA I 169 -62.58 9.62 -36.75
N SER I 170 -61.54 9.65 -35.93
CA SER I 170 -60.73 10.87 -35.78
C SER I 170 -60.10 11.28 -37.11
N ALA I 171 -59.58 10.31 -37.87
CA ALA I 171 -58.95 10.64 -39.14
C ALA I 171 -59.98 11.09 -40.18
N LYS I 172 -61.20 10.53 -40.17
CA LYS I 172 -62.15 10.88 -41.23
C LYS I 172 -62.65 12.32 -41.15
N CYS I 173 -62.57 12.98 -40.00
CA CYS I 173 -63.10 14.33 -39.87
C CYS I 173 -62.03 15.41 -39.81
N TYR I 174 -60.76 15.06 -39.92
CA TYR I 174 -59.66 16.00 -39.71
C TYR I 174 -59.48 16.87 -40.95
N ARG I 175 -59.77 18.17 -40.82
CA ARG I 175 -59.57 19.15 -41.89
C ARG I 175 -60.36 18.79 -43.15
N THR I 176 -61.57 18.25 -42.97
CA THR I 176 -62.49 17.94 -44.06
C THR I 176 -63.88 18.42 -43.67
N LYS I 177 -64.78 18.47 -44.66
CA LYS I 177 -66.12 18.99 -44.42
C LYS I 177 -66.99 18.07 -43.57
N MET I 178 -66.62 16.81 -43.43
CA MET I 178 -67.36 15.88 -42.59
C MET I 178 -67.26 16.27 -41.11
N SER I 179 -68.31 15.98 -40.36
CA SER I 179 -68.32 16.24 -38.93
C SER I 179 -67.98 14.97 -38.14
N PHE I 180 -67.63 15.17 -36.87
CA PHE I 180 -67.15 14.08 -36.03
C PHE I 180 -68.21 12.99 -35.86
N ALA I 181 -69.47 13.37 -35.63
CA ALA I 181 -70.53 12.39 -35.46
C ALA I 181 -70.74 11.56 -36.74
N GLU I 182 -70.79 12.22 -37.89
CA GLU I 182 -70.97 11.50 -39.15
C GLU I 182 -69.81 10.55 -39.42
N ALA I 183 -68.58 10.98 -39.13
CA ALA I 183 -67.42 10.13 -39.33
C ALA I 183 -67.48 8.89 -38.44
N LEU I 184 -67.90 9.06 -37.19
CA LEU I 184 -68.02 7.91 -36.29
C LEU I 184 -69.09 6.93 -36.77
N ALA I 185 -70.25 7.44 -37.18
CA ALA I 185 -71.29 6.55 -37.69
C ALA I 185 -70.81 5.80 -38.93
N GLU I 186 -70.12 6.50 -39.82
CA GLU I 186 -69.58 5.88 -41.03
C GLU I 186 -68.58 4.78 -40.70
N GLU I 187 -67.64 5.06 -39.79
CA GLU I 187 -66.64 4.06 -39.44
C GLU I 187 -67.28 2.83 -38.83
N ILE I 188 -68.26 3.03 -37.94
CA ILE I 188 -68.93 1.88 -37.33
C ILE I 188 -69.67 1.05 -38.37
N ILE I 189 -70.39 1.72 -39.29
CA ILE I 189 -71.14 0.99 -40.30
C ILE I 189 -70.22 0.24 -41.24
N LEU I 190 -69.13 0.87 -41.68
CA LEU I 190 -68.19 0.20 -42.57
C LEU I 190 -67.55 -1.01 -41.90
N ALA I 191 -67.15 -0.87 -40.64
CA ALA I 191 -66.57 -2.00 -39.93
C ALA I 191 -67.58 -3.13 -39.74
N ALA I 192 -68.86 -2.79 -39.56
CA ALA I 192 -69.87 -3.84 -39.39
C ALA I 192 -70.04 -4.70 -40.63
N ASN I 193 -69.74 -4.16 -41.81
CA ASN I 193 -69.93 -4.85 -43.08
C ASN I 193 -68.63 -5.36 -43.70
N LYS I 194 -67.51 -5.25 -42.97
CA LYS I 194 -66.20 -5.73 -43.44
C LYS I 194 -65.78 -5.03 -44.74
N ASP I 195 -66.04 -3.74 -44.82
CA ASP I 195 -65.57 -2.95 -45.96
C ASP I 195 -64.14 -2.50 -45.70
N PRO I 196 -63.20 -2.76 -46.62
CA PRO I 196 -61.81 -2.32 -46.42
C PRO I 196 -61.63 -0.80 -46.39
N LYS I 197 -62.71 -0.05 -46.62
CA LYS I 197 -62.66 1.40 -46.40
C LYS I 197 -62.61 1.75 -44.92
N SER I 198 -62.86 0.80 -44.03
CA SER I 198 -62.82 1.03 -42.60
C SER I 198 -61.38 0.94 -42.09
N TYR I 199 -60.96 1.92 -41.30
CA TYR I 199 -59.60 1.91 -40.75
C TYR I 199 -59.38 0.70 -39.85
N ALA I 200 -60.33 0.44 -38.95
CA ALA I 200 -60.16 -0.61 -37.95
C ALA I 200 -60.07 -1.99 -38.59
N TYR I 201 -60.93 -2.27 -39.56
CA TYR I 201 -60.95 -3.59 -40.18
C TYR I 201 -59.67 -3.85 -40.97
N SER I 202 -59.21 -2.86 -41.74
CA SER I 202 -57.95 -3.00 -42.46
C SER I 202 -56.78 -3.19 -41.48
N LYS I 203 -56.80 -2.46 -40.37
CA LYS I 203 -55.74 -2.60 -39.39
C LYS I 203 -55.75 -4.02 -38.85
N LYS I 204 -56.96 -4.52 -38.63
CA LYS I 204 -57.16 -5.87 -38.12
C LYS I 204 -56.61 -6.92 -39.09
N LEU I 205 -56.84 -6.72 -40.38
CA LEU I 205 -56.35 -7.65 -41.40
C LEU I 205 -54.84 -7.61 -41.50
N GLU I 206 -54.28 -6.41 -41.43
CA GLU I 206 -52.84 -6.22 -41.53
C GLU I 206 -52.11 -6.88 -40.34
N ILE I 207 -52.64 -6.71 -39.13
CA ILE I 207 -52.03 -7.32 -37.96
C ILE I 207 -52.03 -8.83 -38.10
N GLU I 208 -53.16 -9.40 -38.52
CA GLU I 208 -53.23 -10.85 -38.66
C GLU I 208 -52.30 -11.37 -39.74
N ARG I 209 -52.18 -10.64 -40.85
CA ARG I 209 -51.28 -11.06 -41.92
C ARG I 209 -49.83 -11.08 -41.44
N ILE I 210 -49.41 -10.02 -40.74
CA ILE I 210 -48.05 -9.96 -40.24
C ILE I 210 -47.80 -11.08 -39.23
N ALA I 211 -48.77 -11.33 -38.34
CA ALA I 211 -48.61 -12.42 -37.38
C ALA I 211 -48.51 -13.78 -38.09
N GLU I 212 -49.32 -13.99 -39.12
CA GLU I 212 -49.30 -15.25 -39.85
C GLU I 212 -47.96 -15.48 -40.53
N SER I 213 -47.39 -14.44 -41.15
CA SER I 213 -46.16 -14.66 -41.88
C SER I 213 -44.91 -14.65 -41.00
N SER I 214 -45.04 -14.84 -39.69
CA SER I 214 -43.91 -14.80 -38.78
C SER I 214 -43.95 -15.93 -37.76
N ARG I 215 -44.61 -17.03 -38.09
CA ARG I 215 -44.71 -18.17 -37.19
C ARG I 215 -43.42 -19.00 -37.18
N THR J 2 24.07 -43.18 -0.05
CA THR J 2 24.33 -44.32 0.81
C THR J 2 24.75 -43.87 2.21
N LEU J 3 24.83 -44.82 3.13
CA LEU J 3 25.28 -44.53 4.48
C LEU J 3 26.75 -44.12 4.47
N LEU J 4 27.06 -43.01 5.10
CA LEU J 4 28.42 -42.52 5.19
C LEU J 4 28.96 -42.42 6.61
N ASP J 5 28.09 -42.25 7.61
CA ASP J 5 28.53 -41.83 8.93
C ASP J 5 27.55 -42.35 9.99
N PRO J 6 27.84 -43.51 10.58
CA PRO J 6 26.93 -44.05 11.62
C PRO J 6 26.74 -43.16 12.84
N LEU J 7 27.78 -42.44 13.27
CA LEU J 7 27.67 -41.63 14.49
C LEU J 7 26.76 -40.42 14.28
N ALA J 8 26.80 -39.79 13.10
CA ALA J 8 25.94 -38.64 12.84
C ALA J 8 24.47 -39.04 12.84
N ASN J 9 24.14 -40.18 12.23
CA ASN J 9 22.76 -40.68 12.24
C ASN J 9 22.26 -40.89 13.66
N ALA J 10 23.10 -41.46 14.53
CA ALA J 10 22.68 -41.75 15.90
C ALA J 10 22.34 -40.48 16.67
N LEU J 11 23.17 -39.44 16.54
CA LEU J 11 22.95 -38.23 17.32
C LEU J 11 21.79 -37.41 16.77
N SER J 12 21.65 -37.34 15.44
CA SER J 12 20.47 -36.68 14.87
C SER J 12 19.20 -37.42 15.25
N HIS J 13 19.25 -38.75 15.31
CA HIS J 13 18.09 -39.54 15.72
C HIS J 13 17.70 -39.23 17.16
N ILE J 14 18.69 -39.16 18.06
CA ILE J 14 18.41 -38.86 19.46
C ILE J 14 17.80 -37.46 19.60
N THR J 15 18.37 -36.46 18.92
CA THR J 15 17.82 -35.12 19.06
C THR J 15 16.42 -34.99 18.46
N ASN J 16 16.13 -35.70 17.36
CA ASN J 16 14.76 -35.70 16.85
C ASN J 16 13.80 -36.35 17.84
N SER J 17 14.21 -37.47 18.45
CA SER J 17 13.30 -38.20 19.34
C SER J 17 13.01 -37.42 20.61
N GLU J 18 14.01 -36.77 21.20
CA GLU J 18 13.76 -36.04 22.44
C GLU J 18 12.80 -34.87 22.24
N ARG J 19 12.77 -34.28 21.04
CA ARG J 19 11.88 -33.14 20.80
C ARG J 19 10.40 -33.53 20.80
N VAL J 20 10.06 -34.80 20.62
CA VAL J 20 8.66 -35.24 20.67
C VAL J 20 8.40 -36.16 21.86
N GLY J 21 9.30 -36.21 22.83
CA GLY J 21 9.04 -36.88 24.09
C GLY J 21 9.16 -38.39 24.11
N LYS J 22 9.95 -38.98 23.21
CA LYS J 22 10.17 -40.42 23.24
C LYS J 22 10.95 -40.82 24.48
N ARG J 23 10.63 -41.99 25.03
CA ARG J 23 11.30 -42.48 26.23
C ARG J 23 12.45 -43.43 25.95
N GLU J 24 12.55 -43.99 24.75
CA GLU J 24 13.71 -44.81 24.38
C GLU J 24 13.89 -44.79 22.86
N VAL J 25 15.10 -45.12 22.42
CA VAL J 25 15.43 -45.22 21.01
C VAL J 25 16.29 -46.45 20.74
N TYR J 26 16.31 -46.85 19.47
CA TYR J 26 17.16 -47.92 18.96
C TYR J 26 18.12 -47.34 17.92
N ILE J 27 19.42 -47.51 18.16
CA ILE J 27 20.48 -47.06 17.25
C ILE J 27 20.88 -48.28 16.43
N LYS J 28 20.59 -48.25 15.11
CA LYS J 28 20.48 -49.46 14.31
C LYS J 28 21.81 -50.05 13.86
N PRO J 29 22.69 -49.31 13.15
CA PRO J 29 24.06 -49.83 12.99
C PRO J 29 24.92 -49.43 14.17
N ALA J 30 25.33 -50.39 14.99
CA ALA J 30 26.16 -50.08 16.13
C ALA J 30 27.63 -50.13 15.75
N SER J 31 28.49 -49.64 16.65
CA SER J 31 29.93 -49.69 16.50
C SER J 31 30.53 -49.36 17.85
N LYS J 32 31.84 -49.60 17.99
CA LYS J 32 32.52 -49.35 19.25
C LYS J 32 32.55 -47.86 19.59
N LEU J 33 32.76 -47.00 18.58
CA LEU J 33 32.85 -45.56 18.83
C LEU J 33 31.52 -45.02 19.35
N ILE J 34 30.39 -45.48 18.80
CA ILE J 34 29.08 -45.10 19.31
C ILE J 34 28.94 -45.53 20.78
N GLY J 35 29.45 -46.72 21.11
CA GLY J 35 29.42 -47.16 22.50
C GLY J 35 30.21 -46.27 23.44
N GLU J 36 31.40 -45.84 23.02
CA GLU J 36 32.20 -44.94 23.86
C GLU J 36 31.50 -43.59 24.03
N VAL J 37 30.93 -43.06 22.95
CA VAL J 37 30.19 -41.80 23.06
C VAL J 37 29.03 -41.95 24.03
N LEU J 38 28.31 -43.08 23.96
CA LEU J 38 27.18 -43.30 24.87
C LEU J 38 27.64 -43.39 26.32
N ARG J 39 28.78 -44.04 26.56
CA ARG J 39 29.31 -44.11 27.93
C ARG J 39 29.59 -42.70 28.47
N VAL J 40 30.24 -41.87 27.65
CA VAL J 40 30.53 -40.51 28.10
C VAL J 40 29.24 -39.72 28.35
N MET J 41 28.25 -39.88 27.46
CA MET J 41 26.96 -39.19 27.66
C MET J 41 26.30 -39.66 28.96
N GLN J 42 26.39 -40.94 29.28
CA GLN J 42 25.79 -41.44 30.52
C GLN J 42 26.49 -40.90 31.75
N LYS J 43 27.82 -40.74 31.68
CA LYS J 43 28.58 -40.28 32.84
C LYS J 43 28.15 -38.89 33.30
N TYR J 44 27.79 -38.02 32.36
CA TYR J 44 27.37 -36.67 32.71
C TYR J 44 25.87 -36.53 32.89
N GLY J 45 25.11 -37.61 32.75
CA GLY J 45 23.68 -37.59 33.05
C GLY J 45 22.76 -37.21 31.92
N TYR J 46 23.22 -37.28 30.67
CA TYR J 46 22.36 -36.92 29.55
C TYR J 46 21.46 -38.08 29.08
N ILE J 47 21.80 -39.32 29.40
CA ILE J 47 20.99 -40.48 29.07
C ILE J 47 20.96 -41.41 30.28
N GLY J 48 20.08 -42.40 30.22
CA GLY J 48 19.96 -43.46 31.21
C GLY J 48 20.73 -44.69 30.81
N GLU J 49 20.19 -45.86 31.16
CA GLU J 49 20.83 -47.11 30.82
C GLU J 49 20.75 -47.39 29.34
N PHE J 50 21.75 -48.11 28.82
CA PHE J 50 21.76 -48.54 27.43
C PHE J 50 22.34 -49.95 27.34
N GLU J 51 21.94 -50.69 26.30
CA GLU J 51 22.39 -52.06 26.16
C GLU J 51 22.59 -52.45 24.70
N PHE J 52 23.60 -53.30 24.49
CA PHE J 52 23.90 -53.87 23.19
C PHE J 52 23.03 -55.11 22.95
N ILE J 53 22.42 -55.19 21.77
CA ILE J 53 21.60 -56.32 21.35
C ILE J 53 22.21 -56.88 20.08
N ASP J 54 22.34 -58.20 20.04
CA ASP J 54 23.06 -58.88 18.97
C ASP J 54 22.09 -59.44 17.93
N ASP J 55 22.18 -58.92 16.71
CA ASP J 55 21.64 -59.60 15.55
C ASP J 55 22.78 -60.38 14.89
N GLY J 56 22.56 -60.89 13.69
CA GLY J 56 23.69 -61.40 12.94
C GLY J 56 24.49 -60.33 12.23
N ARG J 57 24.01 -59.09 12.30
CA ARG J 57 24.58 -57.92 11.65
C ARG J 57 25.47 -57.18 12.65
N ALA J 58 25.74 -55.90 12.40
CA ALA J 58 26.65 -55.10 13.23
C ALA J 58 26.11 -54.75 14.62
N GLY J 59 24.92 -55.18 15.00
CA GLY J 59 24.41 -54.97 16.34
C GLY J 59 23.51 -53.74 16.45
N VAL J 60 22.80 -53.66 17.59
CA VAL J 60 21.84 -52.60 17.87
C VAL J 60 22.08 -52.08 19.29
N TYR J 61 21.85 -50.79 19.50
CA TYR J 61 21.88 -50.22 20.85
C TYR J 61 20.48 -49.76 21.26
N ARG J 62 20.04 -50.18 22.43
CA ARG J 62 18.79 -49.71 23.01
C ARG J 62 19.11 -48.72 24.13
N VAL J 63 18.58 -47.49 24.01
CA VAL J 63 18.96 -46.38 24.88
C VAL J 63 17.72 -45.77 25.52
N GLN J 64 17.82 -45.46 26.82
CA GLN J 64 16.74 -44.83 27.57
C GLN J 64 16.99 -43.32 27.68
N LEU J 65 15.98 -42.54 27.33
CA LEU J 65 16.05 -41.09 27.36
C LEU J 65 15.31 -40.53 28.56
N LEU J 66 15.77 -39.37 29.05
CA LEU J 66 15.24 -38.77 30.27
C LEU J 66 14.80 -37.31 30.11
N GLY J 67 14.76 -36.80 28.89
CA GLY J 67 14.40 -35.40 28.67
C GLY J 67 15.38 -34.38 29.21
N LYS J 68 16.68 -34.68 29.18
CA LYS J 68 17.69 -33.77 29.72
C LYS J 68 18.62 -33.21 28.66
N ILE J 69 18.31 -33.40 27.38
CA ILE J 69 19.17 -32.97 26.28
C ILE J 69 18.51 -31.77 25.60
N ASN J 70 19.21 -30.65 25.58
CA ASN J 70 18.79 -29.55 24.71
C ASN J 70 19.14 -29.83 23.25
N LYS J 71 20.34 -30.34 22.98
CA LYS J 71 20.81 -30.55 21.61
C LYS J 71 22.08 -31.41 21.63
N ALA J 72 22.27 -32.16 20.55
CA ALA J 72 23.43 -33.04 20.40
C ALA J 72 23.71 -33.28 18.92
N GLY J 73 24.98 -33.25 18.54
CA GLY J 73 25.33 -33.42 17.13
C GLY J 73 26.79 -33.73 16.90
N ALA J 74 27.05 -34.35 15.75
CA ALA J 74 28.40 -34.65 15.30
C ALA J 74 29.10 -33.39 14.81
N ILE J 75 30.44 -33.46 14.77
CA ILE J 75 31.27 -32.38 14.25
C ILE J 75 32.00 -32.91 13.02
N LYS J 76 31.71 -32.31 11.86
CA LYS J 76 32.31 -32.70 10.59
C LYS J 76 32.81 -31.46 9.89
N PRO J 77 34.08 -31.43 9.45
CA PRO J 77 35.07 -32.50 9.60
C PRO J 77 35.58 -32.61 11.03
N ARG J 78 36.31 -33.69 11.34
CA ARG J 78 36.81 -33.94 12.69
C ARG J 78 38.09 -33.13 12.89
N PHE J 79 37.93 -31.87 13.28
CA PHE J 79 39.05 -30.94 13.38
C PHE J 79 40.03 -31.40 14.46
N PRO J 80 41.33 -31.35 14.19
CA PRO J 80 42.32 -31.49 15.28
C PRO J 80 42.34 -30.26 16.16
N VAL J 81 42.65 -30.47 17.44
CA VAL J 81 42.68 -29.40 18.44
C VAL J 81 43.85 -29.65 19.40
N LYS J 82 44.48 -28.57 19.86
CA LYS J 82 45.59 -28.64 20.79
C LYS J 82 45.12 -28.44 22.22
N ALA J 83 46.01 -28.77 23.16
CA ALA J 83 45.63 -28.89 24.57
C ALA J 83 45.29 -27.56 25.24
N ARG J 84 45.67 -26.43 24.65
CA ARG J 84 45.35 -25.13 25.23
C ARG J 84 44.47 -24.28 24.32
N ASP J 85 43.75 -24.92 23.40
CA ASP J 85 42.92 -24.21 22.42
C ASP J 85 41.43 -24.50 22.48
N TYR J 86 40.91 -24.91 23.62
CA TYR J 86 39.52 -25.35 23.67
C TYR J 86 38.50 -24.21 23.67
N GLU J 87 38.89 -23.00 24.08
CA GLU J 87 37.89 -21.95 24.32
C GLU J 87 37.16 -21.54 23.04
N ARG J 88 37.89 -21.35 21.93
CA ARG J 88 37.23 -20.90 20.70
C ARG J 88 36.24 -21.94 20.18
N TRP J 89 36.54 -23.23 20.35
CA TRP J 89 35.57 -24.26 19.97
C TRP J 89 34.37 -24.26 20.90
N GLU J 90 34.58 -23.98 22.19
CA GLU J 90 33.45 -23.84 23.11
C GLU J 90 32.54 -22.70 22.67
N LYS J 91 33.11 -21.56 22.29
CA LYS J 91 32.28 -20.46 21.84
C LYS J 91 31.60 -20.77 20.51
N ARG J 92 32.22 -21.62 19.69
CA ARG J 92 31.57 -22.03 18.46
C ARG J 92 30.34 -22.90 18.72
N PHE J 93 30.43 -23.88 19.63
CA PHE J 93 29.39 -24.89 19.74
C PHE J 93 28.53 -24.82 21.00
N LEU J 94 28.94 -24.11 22.05
CA LEU J 94 28.26 -24.14 23.33
C LEU J 94 27.68 -22.79 23.71
N PRO J 95 26.66 -22.76 24.59
CA PRO J 95 25.97 -21.50 24.89
C PRO J 95 26.51 -20.66 26.04
N ALA J 96 27.35 -21.18 26.92
CA ALA J 96 27.95 -20.41 28.01
C ALA J 96 29.23 -21.11 28.45
N PHE J 97 29.96 -20.48 29.38
CA PHE J 97 31.38 -20.80 29.52
C PHE J 97 31.64 -22.24 29.97
N GLU J 98 30.79 -22.82 30.81
CA GLU J 98 31.00 -24.23 31.14
C GLU J 98 29.76 -25.07 30.89
N PHE J 99 28.98 -24.71 29.88
CA PHE J 99 27.67 -25.30 29.60
C PHE J 99 27.87 -26.39 28.55
N GLY J 100 27.65 -27.65 28.95
CA GLY J 100 27.78 -28.77 28.03
C GLY J 100 29.18 -29.32 27.91
N ILE J 101 29.35 -30.24 26.96
CA ILE J 101 30.61 -30.95 26.73
C ILE J 101 30.88 -31.04 25.24
N LEU J 102 32.15 -30.94 24.88
CA LEU J 102 32.66 -31.37 23.57
C LEU J 102 33.30 -32.73 23.75
N ILE J 103 33.01 -33.66 22.84
CA ILE J 103 33.53 -35.02 22.93
C ILE J 103 34.74 -35.15 21.99
N VAL J 104 35.85 -35.64 22.54
CA VAL J 104 37.16 -35.59 21.91
C VAL J 104 37.75 -36.99 21.87
N SER J 105 38.33 -37.34 20.73
CA SER J 105 39.05 -38.59 20.52
C SER J 105 40.55 -38.32 20.65
N THR J 106 41.18 -38.92 21.66
CA THR J 106 42.60 -38.76 21.95
C THR J 106 43.28 -40.13 21.84
N SER J 107 44.61 -40.11 21.78
CA SER J 107 45.33 -41.39 21.83
C SER J 107 45.29 -42.03 23.22
N GLN J 108 44.60 -41.43 24.18
CA GLN J 108 44.27 -42.09 25.43
C GLN J 108 42.80 -42.49 25.54
N GLY J 109 42.05 -42.41 24.44
CA GLY J 109 40.66 -42.83 24.40
C GLY J 109 39.72 -41.67 24.13
N VAL J 110 38.42 -41.96 24.23
CA VAL J 110 37.36 -40.99 23.97
C VAL J 110 36.95 -40.39 25.32
N MET J 111 36.85 -39.06 25.39
CA MET J 111 36.57 -38.41 26.66
C MET J 111 36.00 -37.01 26.40
N SER J 112 35.46 -36.42 27.46
CA SER J 112 35.01 -35.04 27.35
C SER J 112 36.21 -34.10 27.25
N HIS J 113 35.96 -32.89 26.75
CA HIS J 113 37.05 -31.92 26.63
C HIS J 113 37.50 -31.40 27.99
N LYS J 114 36.66 -31.50 29.02
CA LYS J 114 37.08 -31.12 30.37
C LYS J 114 38.15 -32.07 30.92
N GLU J 115 37.91 -33.38 30.81
CA GLU J 115 38.89 -34.35 31.27
C GLU J 115 40.20 -34.23 30.48
N ALA J 116 40.10 -34.08 29.16
CA ALA J 116 41.30 -33.96 28.33
C ALA J 116 42.07 -32.68 28.67
N ARG J 117 41.36 -31.58 28.93
CA ARG J 117 42.04 -30.35 29.33
C ARG J 117 42.74 -30.52 30.66
N GLU J 118 42.13 -31.28 31.59
CA GLU J 118 42.81 -31.57 32.84
C GLU J 118 44.06 -32.42 32.63
N LYS J 119 44.00 -33.40 31.72
CA LYS J 119 45.17 -34.23 31.44
C LYS J 119 46.24 -33.50 30.64
N GLY J 120 45.90 -32.39 29.98
CA GLY J 120 46.85 -31.66 29.17
C GLY J 120 47.11 -32.22 27.79
N ILE J 121 46.07 -32.71 27.10
CA ILE J 121 46.22 -33.32 25.79
C ILE J 121 45.19 -32.73 24.83
N GLY J 122 45.51 -32.81 23.54
CA GLY J 122 44.59 -32.50 22.46
C GLY J 122 44.00 -33.74 21.83
N GLY J 123 43.51 -33.59 20.61
CA GLY J 123 42.92 -34.71 19.90
C GLY J 123 42.06 -34.23 18.72
N ARG J 124 41.02 -35.00 18.43
CA ARG J 124 40.09 -34.71 17.34
C ARG J 124 38.68 -34.53 17.89
N LEU J 125 38.04 -33.41 17.55
CA LEU J 125 36.65 -33.20 17.95
C LEU J 125 35.74 -34.14 17.17
N ILE J 126 34.80 -34.80 17.85
CA ILE J 126 33.84 -35.62 17.12
C ILE J 126 32.38 -35.30 17.44
N ALA J 127 32.03 -34.69 18.57
CA ALA J 127 30.63 -34.42 18.87
C ALA J 127 30.50 -33.35 19.94
N TYR J 128 29.30 -32.78 20.03
CA TYR J 128 28.91 -31.87 21.10
C TYR J 128 27.55 -32.27 21.65
N VAL J 129 27.37 -32.07 22.95
CA VAL J 129 26.09 -32.32 23.64
C VAL J 129 25.90 -31.24 24.70
N TYR J 130 24.72 -30.62 24.72
CA TYR J 130 24.37 -29.75 25.84
C TYR J 130 22.86 -29.75 26.10
N ALA K 2 82.17 -11.22 -23.69
CA ALA K 2 82.24 -11.99 -24.92
C ALA K 2 81.75 -13.42 -24.72
N ILE K 3 82.43 -14.17 -23.85
CA ILE K 3 82.07 -15.55 -23.53
C ILE K 3 81.45 -15.53 -22.14
N TRP K 4 80.16 -15.84 -22.06
CA TRP K 4 79.41 -15.74 -20.82
C TRP K 4 79.00 -17.13 -20.36
N GLN K 5 79.20 -17.41 -19.07
CA GLN K 5 78.94 -18.72 -18.49
C GLN K 5 77.94 -18.64 -17.32
N GLY K 6 77.02 -17.68 -17.38
CA GLY K 6 76.13 -17.40 -16.26
C GLY K 6 74.99 -18.37 -16.01
N ARG K 7 74.04 -18.43 -16.93
CA ARG K 7 72.86 -19.26 -16.77
C ARG K 7 72.21 -19.46 -18.12
N SER K 8 71.41 -20.51 -18.23
CA SER K 8 70.68 -20.76 -19.46
C SER K 8 69.53 -19.77 -19.60
N LEU K 9 69.24 -19.39 -20.85
CA LEU K 9 68.12 -18.53 -21.17
C LEU K 9 66.83 -19.31 -21.37
N ARG K 10 66.78 -20.56 -20.92
CA ARG K 10 65.63 -21.44 -21.10
C ARG K 10 65.30 -22.14 -19.80
N LYS K 11 64.01 -22.26 -19.49
CA LYS K 11 63.56 -23.07 -18.39
C LYS K 11 63.44 -24.53 -18.82
N PRO K 12 63.51 -25.47 -17.88
CA PRO K 12 63.40 -26.90 -18.26
C PRO K 12 62.07 -27.26 -18.91
N SER K 13 61.03 -26.45 -18.74
CA SER K 13 59.78 -26.66 -19.45
C SER K 13 59.84 -26.20 -20.91
N GLY K 14 60.89 -25.49 -21.31
CA GLY K 14 61.00 -24.94 -22.64
C GLY K 14 60.66 -23.47 -22.77
N GLY K 15 60.19 -22.82 -21.69
CA GLY K 15 59.86 -21.41 -21.76
C GLY K 15 61.07 -20.49 -21.68
N ARG K 16 60.90 -19.28 -22.19
CA ARG K 16 61.99 -18.32 -22.30
C ARG K 16 62.15 -17.50 -21.03
N ILE K 17 63.35 -17.00 -20.81
CA ILE K 17 63.72 -16.24 -19.64
C ILE K 17 64.17 -14.85 -20.07
N VAL K 18 63.66 -13.81 -19.41
CA VAL K 18 64.03 -12.43 -19.68
C VAL K 18 65.06 -12.01 -18.65
N LEU K 19 66.25 -11.61 -19.10
CA LEU K 19 67.33 -11.26 -18.18
C LEU K 19 66.96 -10.05 -17.35
N ALA K 20 67.35 -10.07 -16.07
CA ALA K 20 66.98 -9.04 -15.12
C ALA K 20 68.17 -8.18 -14.65
N ARG K 21 69.34 -8.38 -15.22
CA ARG K 21 70.52 -7.63 -14.84
C ARG K 21 71.57 -7.77 -15.93
N LYS K 22 72.59 -6.93 -15.87
CA LYS K 22 73.68 -7.01 -16.82
C LYS K 22 74.61 -8.18 -16.46
N LYS K 23 75.50 -8.52 -17.39
CA LYS K 23 76.46 -9.58 -17.14
C LYS K 23 77.53 -9.10 -16.16
N ARG K 24 77.81 -9.90 -15.14
CA ARG K 24 78.85 -9.58 -14.18
C ARG K 24 80.21 -10.08 -14.66
N LYS K 25 81.26 -9.39 -14.24
CA LYS K 25 82.62 -9.71 -14.70
C LYS K 25 83.08 -11.09 -14.22
N ARG K 26 82.67 -11.50 -13.02
CA ARG K 26 83.05 -12.78 -12.43
C ARG K 26 82.40 -13.99 -13.11
N GLU K 27 81.64 -13.79 -14.19
CA GLU K 27 80.93 -14.87 -14.87
C GLU K 27 81.49 -15.21 -16.23
N LEU K 28 82.58 -14.57 -16.65
CA LEU K 28 83.06 -14.69 -18.02
C LEU K 28 84.01 -15.86 -18.19
N GLY K 29 84.06 -16.38 -19.43
CA GLY K 29 85.03 -17.38 -19.82
C GLY K 29 86.16 -16.79 -20.63
N ARG K 30 87.01 -17.68 -21.16
CA ARG K 30 88.13 -17.26 -21.99
C ARG K 30 88.26 -18.22 -23.18
N GLU K 31 89.02 -17.78 -24.17
CA GLU K 31 89.25 -18.58 -25.37
C GLU K 31 89.91 -19.91 -25.02
N PRO K 32 89.53 -21.00 -25.67
CA PRO K 32 90.21 -22.27 -25.43
C PRO K 32 91.63 -22.26 -25.99
N SER K 33 92.51 -22.98 -25.29
CA SER K 33 93.86 -23.20 -25.77
C SER K 33 93.85 -24.48 -26.61
N ASN K 34 94.11 -24.34 -27.91
CA ASN K 34 94.17 -25.49 -28.81
C ASN K 34 95.62 -25.95 -28.89
N THR K 35 96.03 -26.72 -27.89
CA THR K 35 97.43 -27.12 -27.76
C THR K 35 97.86 -27.96 -28.96
N ARG K 36 98.79 -27.43 -29.74
CA ARG K 36 99.30 -28.07 -30.95
C ARG K 36 100.59 -28.83 -30.69
N VAL K 37 100.89 -29.74 -31.60
CA VAL K 37 102.21 -30.37 -31.66
C VAL K 37 103.11 -29.49 -32.52
N ALA K 38 104.28 -29.14 -32.00
CA ALA K 38 105.20 -28.27 -32.69
C ALA K 38 106.63 -28.70 -32.38
N GLU K 39 107.59 -28.08 -33.07
CA GLU K 39 108.99 -28.36 -32.81
C GLU K 39 109.48 -27.73 -31.51
N GLN K 40 108.81 -26.68 -31.03
CA GLN K 40 109.22 -25.95 -29.85
C GLN K 40 108.02 -25.71 -28.95
N ASP K 41 108.28 -25.45 -27.67
CA ASP K 41 107.21 -25.22 -26.72
C ASP K 41 106.89 -23.73 -26.60
N LYS K 42 105.67 -23.44 -26.17
CA LYS K 42 105.21 -22.06 -26.03
C LYS K 42 104.08 -22.04 -25.03
N ARG K 43 104.22 -21.24 -23.96
CA ARG K 43 103.22 -21.13 -22.91
C ARG K 43 103.09 -19.67 -22.50
N LYS K 44 101.95 -19.33 -21.90
CA LYS K 44 101.70 -17.99 -21.41
C LYS K 44 101.05 -18.06 -20.02
N ILE K 45 101.03 -16.93 -19.34
CA ILE K 45 100.56 -16.86 -17.95
C ILE K 45 99.35 -15.94 -17.89
N ILE K 46 98.29 -16.42 -17.24
CA ILE K 46 97.02 -15.70 -17.15
C ILE K 46 96.82 -15.25 -15.71
N ARG K 47 96.51 -13.97 -15.52
CA ARG K 47 96.11 -13.42 -14.24
C ARG K 47 94.60 -13.67 -14.07
N THR K 48 94.23 -14.35 -12.98
CA THR K 48 92.88 -14.85 -12.78
C THR K 48 92.28 -14.29 -11.49
N TYR K 49 91.01 -14.63 -11.28
CA TYR K 49 90.19 -14.09 -10.20
C TYR K 49 90.87 -14.20 -8.84
N GLY K 50 90.83 -13.10 -8.09
CA GLY K 50 91.52 -13.02 -6.82
C GLY K 50 93.00 -12.80 -6.92
N GLY K 51 93.49 -12.39 -8.09
CA GLY K 51 94.92 -12.24 -8.31
C GLY K 51 95.69 -13.55 -8.31
N ASN K 52 95.17 -14.58 -8.97
CA ASN K 52 95.86 -15.86 -9.05
C ASN K 52 96.44 -16.04 -10.46
N LYS K 53 97.04 -17.21 -10.71
CA LYS K 53 97.71 -17.44 -11.99
C LYS K 53 97.34 -18.80 -12.57
N LYS K 54 97.31 -18.87 -13.90
CA LYS K 54 97.19 -20.11 -14.65
C LYS K 54 98.27 -20.15 -15.73
N VAL K 55 98.86 -21.33 -15.94
CA VAL K 55 99.88 -21.52 -16.97
C VAL K 55 99.21 -22.24 -18.14
N ARG K 56 99.11 -21.56 -19.27
CA ARG K 56 98.38 -22.05 -20.44
C ARG K 56 99.38 -22.45 -21.52
N LEU K 57 99.36 -23.74 -21.89
CA LEU K 57 100.27 -24.28 -22.89
C LEU K 57 99.61 -24.22 -24.26
N THR K 58 100.22 -23.49 -25.18
CA THR K 58 99.66 -23.33 -26.52
C THR K 58 100.32 -24.22 -27.57
N ALA K 59 101.58 -24.60 -27.38
CA ALA K 59 102.26 -25.49 -28.32
C ALA K 59 103.20 -26.40 -27.53
N ALA K 60 103.10 -27.70 -27.76
CA ALA K 60 103.84 -28.69 -26.99
C ALA K 60 104.78 -29.49 -27.89
N ALA K 61 105.99 -29.73 -27.39
CA ALA K 61 106.97 -30.54 -28.09
C ALA K 61 107.44 -31.76 -27.31
N TYR K 62 107.25 -31.79 -26.00
CA TYR K 62 107.71 -32.90 -25.17
C TYR K 62 106.56 -33.43 -24.33
N ALA K 63 106.75 -34.63 -23.79
CA ALA K 63 105.79 -35.24 -22.88
C ALA K 63 106.53 -36.01 -21.79
N ASN K 64 105.90 -36.11 -20.63
CA ASN K 64 106.38 -36.95 -19.55
C ASN K 64 105.55 -38.23 -19.56
N VAL K 65 106.22 -39.37 -19.75
CA VAL K 65 105.56 -40.65 -20.00
C VAL K 65 105.85 -41.58 -18.83
N PHE K 66 104.78 -42.11 -18.23
CA PHE K 66 104.86 -42.92 -17.03
C PHE K 66 104.45 -44.36 -17.32
N ASP K 67 105.08 -45.28 -16.58
CA ASP K 67 104.79 -46.71 -16.67
C ASP K 67 104.03 -47.15 -15.42
N LYS K 68 103.61 -48.42 -15.41
CA LYS K 68 102.96 -48.97 -14.24
C LYS K 68 103.92 -49.21 -13.07
N SER K 69 105.23 -49.09 -13.30
CA SER K 69 106.21 -49.30 -12.25
C SER K 69 106.58 -48.02 -11.50
N GLY K 70 106.14 -46.86 -11.97
CA GLY K 70 106.43 -45.60 -11.31
C GLY K 70 107.61 -44.83 -11.85
N LYS K 71 108.17 -45.23 -12.98
CA LYS K 71 109.29 -44.51 -13.59
C LYS K 71 108.80 -43.66 -14.75
N GLY K 72 109.30 -42.43 -14.82
CA GLY K 72 108.90 -41.49 -15.85
C GLY K 72 110.06 -41.08 -16.72
N ARG K 73 109.76 -40.80 -17.98
CA ARG K 73 110.77 -40.38 -18.96
C ARG K 73 110.24 -39.21 -19.77
N LYS K 74 111.09 -38.20 -19.97
CA LYS K 74 110.76 -37.05 -20.78
C LYS K 74 111.17 -37.31 -22.23
N VAL K 75 110.19 -37.36 -23.12
CA VAL K 75 110.40 -37.70 -24.53
C VAL K 75 109.62 -36.73 -25.40
N ARG K 76 109.93 -36.74 -26.69
CA ARG K 76 109.29 -35.83 -27.63
C ARG K 76 108.07 -36.47 -28.27
N ILE K 77 107.13 -35.62 -28.70
CA ILE K 77 105.85 -36.05 -29.25
C ILE K 77 105.94 -36.07 -30.77
N ILE K 78 105.50 -37.16 -31.38
CA ILE K 78 105.49 -37.28 -32.83
C ILE K 78 104.19 -36.70 -33.37
N ARG K 79 103.05 -37.27 -32.97
CA ARG K 79 101.77 -36.80 -33.46
C ARG K 79 100.63 -37.35 -32.59
N VAL K 80 99.42 -36.89 -32.90
CA VAL K 80 98.19 -37.34 -32.25
C VAL K 80 97.57 -38.42 -33.13
N ILE K 81 97.42 -39.62 -32.58
CA ILE K 81 96.79 -40.70 -33.33
C ILE K 81 95.27 -40.52 -33.36
N GLU K 82 94.68 -40.19 -32.22
CA GLU K 82 93.24 -39.98 -32.16
C GLU K 82 92.88 -39.17 -30.92
N ASN K 83 91.69 -38.58 -30.96
CA ASN K 83 91.15 -37.79 -29.86
C ASN K 83 89.64 -37.95 -29.83
N PRO K 84 89.09 -38.66 -28.84
CA PRO K 84 87.63 -38.88 -28.80
C PRO K 84 86.83 -37.63 -28.46
N ALA K 85 87.47 -36.53 -28.07
CA ALA K 85 86.73 -35.34 -27.68
C ALA K 85 86.08 -34.66 -28.87
N ASN K 86 86.79 -34.57 -30.00
CA ASN K 86 86.30 -33.87 -31.18
C ASN K 86 86.75 -34.61 -32.43
N ARG K 87 85.83 -34.74 -33.39
CA ARG K 87 86.04 -35.63 -34.53
C ARG K 87 87.19 -35.20 -35.44
N GLN K 88 87.63 -33.93 -35.37
CA GLN K 88 88.67 -33.44 -36.26
C GLN K 88 89.89 -32.91 -35.51
N PHE K 89 90.04 -33.23 -34.22
CA PHE K 89 91.23 -32.80 -33.51
C PHE K 89 92.47 -33.56 -33.96
N ALA K 90 92.31 -34.84 -34.29
CA ALA K 90 93.46 -35.65 -34.69
C ALA K 90 94.08 -35.15 -35.99
N ARG K 91 93.25 -34.70 -36.94
CA ARG K 91 93.76 -34.16 -38.18
C ARG K 91 94.59 -32.90 -37.94
N ARG K 92 94.19 -32.09 -36.96
CA ARG K 92 94.86 -30.84 -36.65
C ARG K 92 95.94 -30.97 -35.58
N ASN K 93 96.11 -32.15 -35.00
CA ASN K 93 97.11 -32.40 -33.94
C ASN K 93 96.82 -31.58 -32.68
N ILE K 94 95.56 -31.59 -32.25
CA ILE K 94 95.15 -30.89 -31.03
C ILE K 94 95.25 -31.85 -29.86
N ILE K 95 95.89 -31.41 -28.78
CA ILE K 95 96.14 -32.25 -27.60
C ILE K 95 95.23 -31.79 -26.46
N THR K 96 94.46 -32.73 -25.91
CA THR K 96 93.67 -32.49 -24.71
C THR K 96 93.81 -33.70 -23.80
N LYS K 97 93.18 -33.63 -22.62
CA LYS K 97 93.12 -34.80 -21.76
C LYS K 97 92.34 -35.91 -22.45
N GLY K 98 92.88 -37.13 -22.36
CA GLY K 98 92.28 -38.28 -22.99
C GLY K 98 92.75 -38.59 -24.40
N ALA K 99 93.55 -37.73 -25.01
CA ALA K 99 94.02 -37.98 -26.37
C ALA K 99 95.09 -39.07 -26.37
N ILE K 100 95.19 -39.77 -27.50
CA ILE K 100 96.22 -40.79 -27.71
C ILE K 100 97.33 -40.19 -28.56
N ILE K 101 98.54 -40.19 -28.03
CA ILE K 101 99.68 -39.63 -28.72
C ILE K 101 100.68 -40.74 -29.00
N GLU K 102 101.49 -40.57 -30.04
CA GLU K 102 102.58 -41.50 -30.31
C GLU K 102 103.90 -40.81 -30.03
N THR K 103 104.76 -41.49 -29.26
CA THR K 103 106.07 -40.98 -28.88
C THR K 103 107.14 -41.93 -29.42
N GLU K 104 108.40 -41.61 -29.12
CA GLU K 104 109.49 -42.46 -29.57
C GLU K 104 109.49 -43.81 -28.87
N ILE K 105 108.82 -43.94 -27.73
CA ILE K 105 108.76 -45.19 -26.98
C ILE K 105 107.39 -45.83 -27.06
N GLY K 106 106.49 -45.33 -27.91
CA GLY K 106 105.21 -45.94 -28.14
C GLY K 106 104.05 -45.03 -27.77
N LYS K 107 102.84 -45.56 -27.96
CA LYS K 107 101.62 -44.80 -27.74
C LYS K 107 101.36 -44.58 -26.25
N ALA K 108 100.68 -43.48 -25.94
CA ALA K 108 100.36 -43.13 -24.57
C ALA K 108 99.07 -42.32 -24.51
N LYS K 109 98.43 -42.35 -23.34
CA LYS K 109 97.18 -41.62 -23.10
C LYS K 109 97.42 -40.48 -22.13
N VAL K 110 97.01 -39.27 -22.53
CA VAL K 110 97.29 -38.05 -21.77
C VAL K 110 96.39 -37.99 -20.54
N THR K 111 96.99 -37.72 -19.39
CA THR K 111 96.28 -37.65 -18.11
C THR K 111 96.20 -36.23 -17.54
N SER K 112 96.78 -35.24 -18.19
CA SER K 112 96.81 -33.88 -17.69
C SER K 112 95.89 -32.99 -18.52
N ARG K 113 95.60 -31.79 -17.98
CA ARG K 113 94.82 -30.79 -18.67
C ARG K 113 95.76 -29.66 -19.10
N PRO K 114 96.34 -29.74 -20.30
CA PRO K 114 97.41 -28.79 -20.67
C PRO K 114 96.97 -27.33 -20.66
N GLY K 115 95.70 -27.04 -20.96
CA GLY K 115 95.22 -25.68 -20.89
C GLY K 115 95.21 -25.10 -19.49
N GLN K 116 95.16 -25.95 -18.48
CA GLN K 116 95.12 -25.52 -17.09
C GLN K 116 96.45 -25.67 -16.36
N ASP K 117 97.20 -26.74 -16.65
CA ASP K 117 98.40 -27.08 -15.88
C ASP K 117 99.69 -26.65 -16.56
N GLY K 118 99.72 -26.56 -17.88
CA GLY K 118 100.91 -26.13 -18.58
C GLY K 118 101.87 -27.22 -19.02
N VAL K 119 101.60 -28.48 -18.68
CA VAL K 119 102.47 -29.60 -19.04
C VAL K 119 101.64 -30.74 -19.62
N VAL K 120 102.31 -31.67 -20.29
CA VAL K 120 101.71 -32.86 -20.85
C VAL K 120 102.21 -34.07 -20.07
N ASN K 121 101.30 -34.77 -19.40
CA ASN K 121 101.61 -36.01 -18.70
C ASN K 121 100.77 -37.12 -19.29
N ALA K 122 101.39 -38.28 -19.50
CA ALA K 122 100.71 -39.41 -20.14
C ALA K 122 101.11 -40.71 -19.48
N ILE K 123 100.23 -41.70 -19.57
CA ILE K 123 100.51 -43.06 -19.15
C ILE K 123 100.78 -43.92 -20.38
N LEU K 124 101.85 -44.72 -20.30
CA LEU K 124 102.27 -45.53 -21.43
C LEU K 124 101.34 -46.71 -21.61
N LEU K 125 100.89 -46.93 -22.84
CA LEU K 125 99.99 -48.02 -23.16
C LEU K 125 100.81 -49.21 -23.66
N GLU K 126 100.54 -50.39 -23.11
CA GLU K 126 101.31 -51.58 -23.45
C GLU K 126 100.92 -52.13 -24.82
N MET L 1 -97.35 16.01 10.34
CA MET L 1 -96.58 16.72 9.33
C MET L 1 -95.10 16.33 9.42
N ARG L 2 -94.72 15.33 8.64
CA ARG L 2 -93.34 14.87 8.62
C ARG L 2 -92.47 15.81 7.81
N ILE L 3 -91.30 16.13 8.36
CA ILE L 3 -90.23 16.82 7.64
C ILE L 3 -88.96 16.03 7.87
N ILE L 4 -88.28 15.64 6.80
CA ILE L 4 -87.02 14.93 6.94
C ILE L 4 -85.93 15.66 6.16
N GLN L 5 -84.74 15.79 6.76
CA GLN L 5 -83.61 16.51 6.18
C GLN L 5 -82.46 15.56 5.90
N THR L 6 -81.77 15.77 4.77
CA THR L 6 -80.59 14.99 4.43
C THR L 6 -79.51 15.88 3.80
N THR L 7 -78.28 15.36 3.78
CA THR L 7 -77.09 16.10 3.36
C THR L 7 -76.28 15.28 2.36
N GLY L 8 -75.65 15.96 1.40
CA GLY L 8 -74.76 15.31 0.46
C GLY L 8 -73.59 16.21 0.09
N LYS L 9 -72.43 15.58 -0.17
CA LYS L 9 -71.21 16.31 -0.49
C LYS L 9 -70.47 15.66 -1.66
N ARG L 10 -69.88 16.51 -2.51
CA ARG L 10 -69.04 16.03 -3.62
C ARG L 10 -68.08 17.16 -4.01
N LYS L 11 -66.80 17.01 -3.64
CA LYS L 11 -65.70 17.92 -3.99
C LYS L 11 -66.04 19.40 -3.83
N THR L 12 -66.24 19.86 -2.60
CA THR L 12 -66.50 21.24 -2.18
C THR L 12 -67.93 21.70 -2.50
N ALA L 13 -68.77 20.87 -3.11
CA ALA L 13 -70.19 21.18 -3.19
C ALA L 13 -70.94 20.54 -2.02
N ILE L 14 -71.92 21.27 -1.47
CA ILE L 14 -72.70 20.83 -0.31
C ILE L 14 -74.18 21.05 -0.62
N ALA L 15 -74.98 20.00 -0.43
CA ALA L 15 -76.41 20.04 -0.72
C ALA L 15 -77.21 19.61 0.50
N ARG L 16 -78.24 20.39 0.83
CA ARG L 16 -79.18 20.10 1.90
C ARG L 16 -80.58 19.96 1.30
N ALA L 17 -81.21 18.80 1.52
CA ALA L 17 -82.50 18.50 0.96
C ALA L 17 -83.53 18.25 2.06
N VAL L 18 -84.77 18.65 1.79
CA VAL L 18 -85.90 18.49 2.71
C VAL L 18 -87.01 17.75 1.97
N ILE L 19 -87.64 16.79 2.64
CA ILE L 19 -88.69 15.97 2.04
C ILE L 19 -89.90 15.91 2.96
N ARG L 20 -91.08 15.96 2.33
CA ARG L 20 -92.38 15.86 3.00
C ARG L 20 -93.40 15.32 1.99
N GLU L 21 -94.56 14.90 2.50
CA GLU L 21 -95.63 14.40 1.65
C GLU L 21 -96.11 15.47 0.68
N GLY L 22 -96.28 15.10 -0.58
CA GLY L 22 -96.63 16.05 -1.61
C GLY L 22 -97.17 15.41 -2.87
N LYS L 23 -96.96 16.09 -4.00
CA LYS L 23 -97.57 15.70 -5.27
C LYS L 23 -96.57 15.33 -6.36
N GLY L 24 -95.27 15.37 -6.07
CA GLY L 24 -94.26 15.02 -7.04
C GLY L 24 -93.39 16.16 -7.53
N ARG L 25 -93.31 17.27 -6.79
CA ARG L 25 -92.56 18.44 -7.22
C ARG L 25 -91.15 18.41 -6.63
N VAL L 26 -90.16 18.50 -7.50
CA VAL L 26 -88.75 18.47 -7.10
C VAL L 26 -88.08 19.71 -7.66
N ARG L 27 -87.56 20.57 -6.78
CA ARG L 27 -86.95 21.83 -7.16
C ARG L 27 -85.50 21.86 -6.73
N ILE L 28 -84.65 22.43 -7.58
CA ILE L 28 -83.22 22.59 -7.31
C ILE L 28 -82.92 24.08 -7.33
N ASN L 29 -82.61 24.64 -6.16
CA ASN L 29 -82.39 26.08 -6.01
C ASN L 29 -83.55 26.89 -6.58
N GLY L 30 -84.77 26.36 -6.42
CA GLY L 30 -85.97 27.03 -6.88
C GLY L 30 -86.44 26.67 -8.27
N LYS L 31 -85.67 25.91 -9.03
CA LYS L 31 -86.01 25.56 -10.40
C LYS L 31 -86.55 24.13 -10.49
N PRO L 32 -87.58 23.89 -11.29
CA PRO L 32 -88.04 22.51 -11.49
C PRO L 32 -86.93 21.63 -12.04
N VAL L 33 -86.85 20.39 -11.55
CA VAL L 33 -85.77 19.50 -11.97
C VAL L 33 -85.90 19.13 -13.44
N GLU L 34 -87.13 19.18 -13.99
CA GLU L 34 -87.36 18.85 -15.38
C GLU L 34 -86.72 19.83 -16.36
N LEU L 35 -86.30 21.01 -15.90
CA LEU L 35 -85.71 22.03 -16.78
C LEU L 35 -84.21 22.21 -16.56
N VAL L 36 -83.56 21.34 -15.78
CA VAL L 36 -82.12 21.46 -15.56
C VAL L 36 -81.38 21.14 -16.86
N GLU L 37 -80.35 21.95 -17.15
CA GLU L 37 -79.49 21.75 -18.31
C GLU L 37 -78.03 21.78 -17.87
N PRO L 38 -77.14 21.04 -18.55
CA PRO L 38 -77.38 20.18 -19.72
C PRO L 38 -78.06 18.86 -19.39
N GLU L 39 -78.37 18.08 -20.43
CA GLU L 39 -79.05 16.81 -20.23
C GLU L 39 -78.25 15.86 -19.35
N ILE L 40 -76.93 15.86 -19.50
CA ILE L 40 -76.08 14.96 -18.72
C ILE L 40 -76.21 15.27 -17.22
N ALA L 41 -76.36 16.55 -16.89
CA ALA L 41 -76.59 16.92 -15.50
C ALA L 41 -78.00 16.53 -15.05
N ARG L 42 -78.98 16.67 -15.93
CA ARG L 42 -80.36 16.34 -15.57
C ARG L 42 -80.52 14.86 -15.26
N PHE L 43 -79.93 14.00 -16.09
CA PHE L 43 -80.04 12.56 -15.86
C PHE L 43 -79.33 12.14 -14.57
N THR L 44 -78.29 12.87 -14.17
CA THR L 44 -77.61 12.55 -12.92
C THR L 44 -78.55 12.67 -11.72
N ILE L 45 -79.36 13.73 -11.69
CA ILE L 45 -80.25 13.95 -10.55
C ILE L 45 -81.43 12.98 -10.56
N LEU L 46 -81.92 12.63 -11.76
CA LEU L 46 -83.18 11.91 -11.89
C LEU L 46 -83.07 10.40 -11.65
N GLU L 47 -81.87 9.83 -11.61
CA GLU L 47 -81.75 8.37 -11.52
C GLU L 47 -82.42 7.77 -10.28
N PRO L 48 -82.20 8.26 -9.06
CA PRO L 48 -82.88 7.65 -7.90
C PRO L 48 -84.40 7.70 -7.98
N LEU L 49 -84.97 8.77 -8.52
CA LEU L 49 -86.42 8.88 -8.63
C LEU L 49 -86.98 7.84 -9.60
N ILE L 50 -86.27 7.60 -10.71
CA ILE L 50 -86.70 6.59 -11.66
C ILE L 50 -86.54 5.19 -11.06
N LEU L 51 -85.48 4.97 -10.29
CA LEU L 51 -85.29 3.67 -9.63
C LEU L 51 -86.42 3.38 -8.64
N ALA L 52 -86.85 4.40 -7.89
CA ALA L 52 -87.87 4.19 -6.86
C ALA L 52 -89.20 3.80 -7.48
N GLY L 53 -89.58 4.43 -8.58
CA GLY L 53 -90.81 4.10 -9.27
C GLY L 53 -91.81 5.24 -9.21
N GLU L 54 -92.83 5.13 -10.07
CA GLU L 54 -93.80 6.22 -10.22
C GLU L 54 -94.68 6.39 -9.00
N GLU L 55 -95.02 5.29 -8.32
CA GLU L 55 -95.87 5.39 -7.14
C GLU L 55 -95.23 6.26 -6.05
N ILE L 56 -93.98 5.95 -5.70
CA ILE L 56 -93.30 6.68 -4.65
C ILE L 56 -92.97 8.10 -5.09
N TRP L 57 -92.60 8.28 -6.36
CA TRP L 57 -92.16 9.58 -6.86
C TRP L 57 -93.28 10.62 -6.74
N ASN L 58 -94.50 10.26 -7.12
CA ASN L 58 -95.60 11.21 -7.16
C ASN L 58 -96.21 11.48 -5.78
N SER L 59 -95.77 10.80 -4.74
CA SER L 59 -96.36 10.94 -3.42
C SER L 59 -95.56 11.85 -2.48
N VAL L 60 -94.54 12.55 -2.98
CA VAL L 60 -93.69 13.40 -2.13
C VAL L 60 -93.33 14.68 -2.87
N ASP L 61 -92.82 15.64 -2.11
CA ASP L 61 -92.24 16.87 -2.64
C ASP L 61 -90.85 17.06 -2.03
N ILE L 62 -89.88 17.45 -2.85
CA ILE L 62 -88.49 17.57 -2.43
C ILE L 62 -87.95 18.94 -2.81
N ASP L 63 -87.30 19.60 -1.87
CA ASP L 63 -86.65 20.89 -2.07
C ASP L 63 -85.17 20.74 -1.74
N VAL L 64 -84.30 21.17 -2.66
CA VAL L 64 -82.85 21.00 -2.50
C VAL L 64 -82.17 22.34 -2.65
N LYS L 65 -81.30 22.68 -1.68
CA LYS L 65 -80.44 23.85 -1.75
C LYS L 65 -78.99 23.37 -1.81
N VAL L 66 -78.25 23.79 -2.84
CA VAL L 66 -76.89 23.32 -3.04
C VAL L 66 -75.98 24.50 -3.37
N GLN L 67 -74.78 24.50 -2.80
CA GLN L 67 -73.82 25.57 -2.99
C GLN L 67 -72.41 25.01 -3.11
N GLY L 68 -71.53 25.77 -3.77
CA GLY L 68 -70.15 25.39 -3.94
C GLY L 68 -69.91 24.45 -5.11
N GLY L 69 -68.63 24.25 -5.43
CA GLY L 69 -68.27 23.35 -6.50
C GLY L 69 -68.75 23.83 -7.86
N GLY L 70 -68.92 22.87 -8.78
CA GLY L 70 -69.33 23.16 -10.14
C GLY L 70 -70.60 22.44 -10.57
N PHE L 71 -70.96 22.53 -11.85
CA PHE L 71 -72.29 22.07 -12.27
C PHE L 71 -72.40 20.54 -12.22
N MET L 72 -71.29 19.82 -12.32
CA MET L 72 -71.34 18.38 -12.15
C MET L 72 -71.18 17.96 -10.69
N GLY L 73 -70.39 18.69 -9.91
CA GLY L 73 -70.34 18.44 -8.48
C GLY L 73 -71.68 18.65 -7.80
N GLN L 74 -72.39 19.72 -8.20
CA GLN L 74 -73.67 20.03 -7.56
C GLN L 74 -74.73 19.00 -7.90
N ALA L 75 -74.73 18.48 -9.14
CA ALA L 75 -75.70 17.45 -9.50
C ALA L 75 -75.51 16.17 -8.69
N GLU L 76 -74.26 15.73 -8.52
CA GLU L 76 -73.99 14.50 -7.80
C GLU L 76 -74.29 14.63 -6.31
N ALA L 77 -73.99 15.79 -5.72
CA ALA L 77 -74.32 16.00 -4.31
C ALA L 77 -75.83 15.97 -4.09
N ALA L 78 -76.59 16.60 -4.99
CA ALA L 78 -78.04 16.55 -4.89
C ALA L 78 -78.56 15.12 -5.06
N ARG L 79 -77.94 14.36 -5.97
CA ARG L 79 -78.31 12.95 -6.15
C ARG L 79 -78.12 12.17 -4.86
N ILE L 80 -76.98 12.37 -4.18
CA ILE L 80 -76.72 11.67 -2.92
C ILE L 80 -77.76 12.06 -1.87
N ALA L 81 -78.04 13.36 -1.77
CA ALA L 81 -79.02 13.82 -0.78
C ALA L 81 -80.40 13.22 -1.04
N ILE L 82 -80.83 13.21 -2.29
CA ILE L 82 -82.15 12.67 -2.64
C ILE L 82 -82.23 11.18 -2.35
N ALA L 83 -81.19 10.42 -2.71
CA ALA L 83 -81.22 8.98 -2.43
C ALA L 83 -81.29 8.70 -0.94
N ARG L 84 -80.51 9.41 -0.14
CA ARG L 84 -80.56 9.21 1.31
C ARG L 84 -81.94 9.57 1.87
N ALA L 85 -82.52 10.68 1.39
CA ALA L 85 -83.85 11.06 1.86
C ALA L 85 -84.90 10.02 1.49
N LEU L 86 -84.82 9.46 0.28
CA LEU L 86 -85.80 8.45 -0.12
C LEU L 86 -85.66 7.17 0.70
N VAL L 87 -84.44 6.74 1.01
CA VAL L 87 -84.33 5.53 1.81
C VAL L 87 -84.82 5.77 3.23
N GLU L 88 -84.57 6.96 3.79
CA GLU L 88 -85.01 7.19 5.16
C GLU L 88 -86.52 7.40 5.25
N TRP L 89 -87.11 8.07 4.26
CA TRP L 89 -88.53 8.40 4.29
C TRP L 89 -89.40 7.14 4.19
N THR L 90 -89.14 6.31 3.18
CA THR L 90 -90.03 5.17 2.94
C THR L 90 -89.70 3.98 3.83
N GLY L 91 -88.46 3.86 4.27
CA GLY L 91 -88.08 2.84 5.24
C GLY L 91 -88.26 1.40 4.81
N ASP L 92 -87.94 1.08 3.55
CA ASP L 92 -88.03 -0.30 3.08
C ASP L 92 -86.67 -0.74 2.53
N MET L 93 -86.35 -2.01 2.73
CA MET L 93 -85.01 -2.50 2.44
C MET L 93 -84.87 -3.06 1.03
N ASN L 94 -85.96 -3.27 0.30
CA ASN L 94 -85.84 -3.64 -1.10
C ASN L 94 -85.32 -2.47 -1.91
N LEU L 95 -85.80 -1.26 -1.63
CA LEU L 95 -85.32 -0.07 -2.34
C LEU L 95 -83.87 0.22 -1.99
N LYS L 96 -83.52 0.10 -0.70
CA LYS L 96 -82.13 0.33 -0.29
C LYS L 96 -81.19 -0.68 -0.96
N GLU L 97 -81.59 -1.95 -0.96
CA GLU L 97 -80.82 -2.98 -1.66
C GLU L 97 -80.74 -2.68 -3.14
N LYS L 98 -81.76 -2.04 -3.71
CA LYS L 98 -81.72 -1.68 -5.11
C LYS L 98 -80.71 -0.57 -5.39
N PHE L 99 -80.52 0.35 -4.44
CA PHE L 99 -79.58 1.44 -4.64
C PHE L 99 -78.14 0.95 -4.60
N ILE L 100 -77.82 0.05 -3.66
CA ILE L 100 -76.45 -0.40 -3.49
C ILE L 100 -75.99 -1.18 -4.71
N LYS L 101 -76.89 -1.97 -5.31
CA LYS L 101 -76.55 -2.75 -6.50
C LYS L 101 -76.25 -1.85 -7.68
N TYR L 102 -77.09 -0.84 -7.92
CA TYR L 102 -76.94 0.02 -9.08
C TYR L 102 -75.74 0.96 -8.93
N ASP L 103 -75.61 1.61 -7.77
CA ASP L 103 -74.51 2.54 -7.54
C ASP L 103 -74.32 2.70 -6.04
N ARG L 104 -73.24 2.12 -5.50
CA ARG L 104 -72.99 2.17 -4.07
C ARG L 104 -72.76 3.59 -3.59
N THR L 105 -72.09 4.41 -4.41
CA THR L 105 -71.77 5.78 -4.04
C THR L 105 -73.02 6.60 -3.74
N MET L 106 -74.18 6.18 -4.26
CA MET L 106 -75.44 6.87 -3.95
C MET L 106 -75.67 6.98 -2.45
N LEU L 107 -75.25 5.97 -1.68
CA LEU L 107 -75.50 6.00 -0.25
C LEU L 107 -74.25 6.14 0.60
N VAL L 108 -73.06 5.81 0.06
CA VAL L 108 -71.83 5.90 0.85
C VAL L 108 -70.99 7.13 0.50
N GLY L 109 -71.29 7.81 -0.61
CA GLY L 109 -70.58 9.02 -0.95
C GLY L 109 -69.27 8.77 -1.69
N ASP L 110 -68.54 9.87 -1.90
CA ASP L 110 -67.27 9.86 -2.63
C ASP L 110 -66.26 10.70 -1.86
N PRO L 111 -65.20 10.09 -1.30
CA PRO L 111 -64.25 10.85 -0.50
C PRO L 111 -63.12 11.56 -1.25
N ARG L 112 -63.04 11.46 -2.58
CA ARG L 112 -61.90 12.01 -3.30
C ARG L 112 -61.87 13.54 -3.26
N ARG L 113 -60.66 14.09 -3.17
CA ARG L 113 -60.41 15.53 -3.19
C ARG L 113 -59.15 15.80 -4.01
N THR L 114 -58.94 17.06 -4.40
CA THR L 114 -57.73 17.43 -5.15
C THR L 114 -56.49 17.25 -4.28
N GLU L 115 -55.38 16.81 -4.91
CA GLU L 115 -54.04 16.70 -4.32
C GLU L 115 -53.31 18.04 -4.39
N PRO L 116 -52.77 18.54 -3.28
CA PRO L 116 -52.07 19.82 -3.31
C PRO L 116 -50.87 19.81 -4.26
N HIS L 117 -50.63 20.95 -4.91
CA HIS L 117 -49.59 21.12 -5.90
C HIS L 117 -48.21 21.33 -5.25
N LYS L 118 -47.15 21.04 -6.01
CA LYS L 118 -45.78 20.98 -5.54
C LYS L 118 -44.84 21.75 -6.46
N PRO L 119 -43.67 22.14 -5.98
CA PRO L 119 -42.71 22.88 -6.82
C PRO L 119 -42.26 22.09 -8.04
N ASN L 120 -41.53 22.77 -8.93
CA ASN L 120 -41.31 22.37 -10.32
C ASN L 120 -42.61 22.37 -11.13
N ARG L 121 -42.99 23.56 -11.63
CA ARG L 121 -44.19 23.76 -12.43
C ARG L 121 -45.44 23.60 -11.54
N SER L 122 -45.42 24.34 -10.43
CA SER L 122 -46.44 24.22 -9.39
C SER L 122 -47.83 24.52 -9.91
N THR L 123 -47.96 25.53 -10.78
CA THR L 123 -49.26 25.96 -11.24
C THR L 123 -49.97 24.88 -12.06
N LYS L 124 -49.24 23.93 -12.65
CA LYS L 124 -49.87 22.91 -13.48
C LYS L 124 -50.40 21.73 -12.66
N GLY L 125 -49.69 21.29 -11.63
CA GLY L 125 -50.15 20.18 -10.83
C GLY L 125 -49.10 19.57 -9.93
N PRO L 126 -49.52 18.65 -9.05
CA PRO L 126 -48.57 18.04 -8.12
C PRO L 126 -47.48 17.22 -8.79
N ARG L 127 -47.75 16.62 -9.94
CA ARG L 127 -46.83 15.67 -10.55
C ARG L 127 -46.24 16.13 -11.89
N ALA L 128 -46.98 16.91 -12.69
CA ALA L 128 -46.45 17.41 -13.95
C ALA L 128 -45.25 18.34 -13.72
N LYS L 129 -44.25 18.24 -14.61
CA LYS L 129 -42.98 18.94 -14.42
C LYS L 129 -42.51 19.59 -15.73
N ARG L 130 -41.46 20.40 -15.62
CA ARG L 130 -40.87 21.12 -16.74
C ARG L 130 -40.11 20.18 -17.68
N GLN L 131 -40.09 20.48 -18.96
CA GLN L 131 -39.36 19.64 -19.91
C GLN L 131 -37.87 19.70 -19.58
N LYS L 132 -37.21 18.54 -19.62
CA LYS L 132 -35.79 18.45 -19.29
C LYS L 132 -34.86 18.42 -20.51
N SER L 133 -33.80 19.22 -20.45
CA SER L 133 -32.83 19.30 -21.55
C SER L 133 -31.40 19.10 -21.04
N TYR L 134 -30.56 18.47 -21.85
CA TYR L 134 -29.17 18.21 -21.47
C TYR L 134 -28.09 19.03 -22.17
N ARG L 135 -28.46 19.77 -23.22
CA ARG L 135 -27.47 20.55 -23.96
C ARG L 135 -28.02 21.91 -24.40
N GLN M 2 -76.08 46.75 27.88
CA GLN M 2 -75.91 46.16 29.20
C GLN M 2 -75.19 44.81 29.11
N LYS M 3 -74.53 44.56 27.98
CA LYS M 3 -73.73 43.36 27.79
C LYS M 3 -72.32 43.77 27.38
N ALA M 4 -71.33 42.97 27.78
CA ALA M 4 -69.94 43.20 27.45
C ALA M 4 -69.42 42.11 26.53
N ARG M 5 -68.60 42.49 25.56
CA ARG M 5 -68.04 41.57 24.58
C ARG M 5 -66.54 41.44 24.80
N ILE M 6 -66.08 40.22 24.99
CA ILE M 6 -64.68 39.92 25.31
C ILE M 6 -64.06 39.16 24.14
N LYS M 7 -62.95 39.68 23.62
CA LYS M 7 -62.22 39.10 22.49
C LYS M 7 -60.85 38.64 22.94
N LEU M 8 -60.47 37.44 22.52
CA LEU M 8 -59.20 36.85 22.92
C LEU M 8 -58.44 36.34 21.69
N ALA M 9 -57.11 36.37 21.77
CA ALA M 9 -56.28 35.89 20.69
C ALA M 9 -54.93 35.45 21.24
N SER M 10 -54.35 34.41 20.63
CA SER M 10 -53.07 33.87 21.10
C SER M 10 -52.49 32.93 20.05
N THR M 11 -51.17 32.76 20.11
CA THR M 11 -50.47 31.72 19.35
C THR M 11 -50.46 30.37 20.06
N ASN M 12 -50.96 30.29 21.29
CA ASN M 12 -50.94 29.04 22.06
C ASN M 12 -52.36 28.66 22.44
N VAL M 13 -52.75 27.43 22.12
CA VAL M 13 -54.12 26.97 22.36
C VAL M 13 -54.39 26.79 23.85
N ARG M 14 -53.42 26.27 24.60
CA ARG M 14 -53.67 25.95 26.01
C ARG M 14 -53.96 27.21 26.84
N SER M 15 -53.18 28.27 26.65
CA SER M 15 -53.35 29.48 27.43
C SER M 15 -54.71 30.14 27.14
N LEU M 16 -55.09 30.10 25.87
CA LEU M 16 -56.34 30.66 25.42
C LEU M 16 -57.48 29.93 26.13
N GLU M 17 -57.37 28.60 26.16
CA GLU M 17 -58.38 27.77 26.81
C GLU M 17 -58.45 28.06 28.31
N GLU M 18 -57.29 28.27 28.93
CA GLU M 18 -57.23 28.56 30.36
C GLU M 18 -57.95 29.86 30.70
N VAL M 19 -57.70 30.91 29.91
CA VAL M 19 -58.35 32.20 30.18
C VAL M 19 -59.85 32.09 30.00
N ALA M 20 -60.29 31.42 28.94
CA ALA M 20 -61.73 31.27 28.70
C ALA M 20 -62.40 30.49 29.82
N ASN M 21 -61.75 29.42 30.30
CA ASN M 21 -62.31 28.63 31.39
C ASN M 21 -62.37 29.42 32.69
N GLN M 22 -61.37 30.26 32.96
CA GLN M 22 -61.43 31.09 34.16
C GLN M 22 -62.58 32.10 34.08
N ILE M 23 -62.78 32.72 32.92
CA ILE M 23 -63.92 33.63 32.78
C ILE M 23 -65.23 32.87 32.95
N LYS M 24 -65.29 31.63 32.44
CA LYS M 24 -66.48 30.82 32.59
C LYS M 24 -66.74 30.48 34.05
N GLN M 25 -65.67 30.17 34.80
CA GLN M 25 -65.83 29.91 36.23
C GLN M 25 -66.33 31.15 36.96
N ILE M 26 -65.81 32.32 36.61
CA ILE M 26 -66.30 33.55 37.24
C ILE M 26 -67.78 33.76 36.93
N ALA M 27 -68.19 33.53 35.69
CA ALA M 27 -69.59 33.67 35.33
C ALA M 27 -70.47 32.61 35.97
N GLU M 28 -69.90 31.46 36.32
CA GLU M 28 -70.65 30.45 37.06
C GLU M 28 -70.81 30.82 38.53
N ARG M 29 -69.79 31.42 39.12
CA ARG M 29 -69.78 31.80 40.53
C ARG M 29 -70.79 32.89 40.87
N THR M 30 -71.58 33.34 39.89
CA THR M 30 -72.53 34.42 40.09
C THR M 30 -73.75 34.14 39.23
N GLY M 31 -74.87 34.77 39.58
CA GLY M 31 -76.08 34.55 38.81
C GLY M 31 -76.11 35.45 37.60
N VAL M 32 -75.67 34.90 36.48
CA VAL M 32 -75.47 35.67 35.25
C VAL M 32 -75.34 34.68 34.10
N ARG M 33 -75.99 35.00 32.98
CA ARG M 33 -75.89 34.18 31.79
C ARG M 33 -74.71 34.63 30.93
N MET M 34 -73.96 33.66 30.43
CA MET M 34 -72.74 33.92 29.67
C MET M 34 -72.74 33.02 28.44
N SER M 35 -72.90 33.62 27.26
CA SER M 35 -72.83 32.85 26.02
C SER M 35 -71.46 32.19 25.88
N GLY M 36 -71.47 30.90 25.55
CA GLY M 36 -70.27 30.10 25.57
C GLY M 36 -69.20 30.65 24.65
N PRO M 37 -67.94 30.32 24.91
CA PRO M 37 -66.85 30.85 24.07
C PRO M 37 -66.96 30.36 22.64
N ILE M 38 -67.19 31.29 21.73
CA ILE M 38 -67.38 31.00 20.30
C ILE M 38 -66.00 30.99 19.62
N PRO M 39 -65.65 29.90 18.93
CA PRO M 39 -64.36 29.88 18.21
C PRO M 39 -64.50 30.50 16.83
N LEU M 40 -63.75 31.57 16.60
CA LEU M 40 -63.66 32.20 15.29
C LEU M 40 -62.57 31.52 14.45
N PRO M 41 -62.63 31.62 13.12
CA PRO M 41 -61.65 30.92 12.29
C PRO M 41 -60.21 31.34 12.58
N THR M 42 -59.32 30.35 12.58
CA THR M 42 -57.91 30.59 12.87
C THR M 42 -57.25 31.39 11.75
N LYS M 43 -56.40 32.35 12.11
CA LYS M 43 -55.68 33.16 11.15
C LYS M 43 -54.35 32.46 10.85
N ARG M 44 -54.07 32.24 9.57
CA ARG M 44 -52.84 31.56 9.16
C ARG M 44 -51.94 32.47 8.32
N ILE M 45 -50.67 32.55 8.70
CA ILE M 45 -49.70 33.35 7.94
C ILE M 45 -48.63 32.44 7.35
N ARG M 46 -48.69 32.24 6.05
CA ARG M 46 -47.78 31.35 5.34
C ARG M 46 -46.82 32.15 4.48
N ILE M 47 -45.53 31.85 4.59
CA ILE M 47 -44.49 32.49 3.79
C ILE M 47 -43.62 31.42 3.16
N VAL M 48 -43.45 31.49 1.84
CA VAL M 48 -42.69 30.50 1.08
C VAL M 48 -41.40 31.15 0.58
N THR M 49 -40.26 30.52 0.84
CA THR M 49 -38.98 31.11 0.46
C THR M 49 -38.04 30.08 -0.20
N ARG M 50 -37.21 30.57 -1.12
CA ARG M 50 -36.14 29.75 -1.68
C ARG M 50 -35.08 29.47 -0.61
N LYS M 51 -34.57 28.23 -0.59
CA LYS M 51 -33.68 27.81 0.48
C LYS M 51 -32.24 28.26 0.26
N SER M 52 -31.74 28.17 -0.97
CA SER M 52 -30.31 28.42 -1.21
C SER M 52 -29.99 29.91 -1.16
N PRO M 53 -28.82 30.28 -0.64
CA PRO M 53 -28.38 31.69 -0.70
C PRO M 53 -27.97 32.12 -2.10
N ASP M 54 -27.35 31.23 -2.88
CA ASP M 54 -26.98 31.49 -4.27
C ASP M 54 -28.11 31.03 -5.18
N GLY M 55 -27.82 30.90 -6.48
CA GLY M 55 -28.79 30.40 -7.43
C GLY M 55 -28.42 29.11 -8.15
N GLU M 56 -27.39 28.42 -7.68
CA GLU M 56 -26.95 27.17 -8.26
C GLU M 56 -27.73 26.00 -7.67
N GLY M 57 -27.92 24.94 -8.47
CA GLY M 57 -28.57 23.74 -8.02
C GLY M 57 -30.09 23.79 -8.16
N SER M 58 -30.71 22.63 -7.93
CA SER M 58 -32.17 22.53 -8.00
C SER M 58 -32.82 23.49 -7.01
N ALA M 59 -33.89 24.14 -7.45
CA ALA M 59 -34.63 25.06 -6.58
C ALA M 59 -35.50 24.27 -5.60
N THR M 60 -35.35 24.58 -4.32
CA THR M 60 -36.14 23.98 -3.25
C THR M 60 -36.62 25.09 -2.31
N PHE M 61 -37.74 24.84 -1.62
CA PHE M 61 -38.46 25.89 -0.92
C PHE M 61 -38.85 25.47 0.50
N ASP M 62 -38.87 26.46 1.39
CA ASP M 62 -39.42 26.35 2.74
C ASP M 62 -40.82 26.95 2.78
N ARG M 63 -41.70 26.34 3.57
CA ARG M 63 -43.05 26.85 3.81
C ARG M 63 -43.22 27.10 5.32
N TRP M 64 -42.97 28.33 5.75
CA TRP M 64 -43.07 28.71 7.16
C TRP M 64 -44.48 29.19 7.49
N GLU M 65 -44.97 28.81 8.68
CA GLU M 65 -46.35 29.10 9.08
C GLU M 65 -46.42 29.64 10.49
N LEU M 66 -47.29 30.65 10.69
CA LEU M 66 -47.66 31.15 12.01
C LEU M 66 -49.18 31.10 12.17
N ARG M 67 -49.65 30.55 13.29
CA ARG M 67 -51.07 30.33 13.52
C ARG M 67 -51.54 31.15 14.71
N ILE M 68 -52.61 31.92 14.53
CA ILE M 68 -53.18 32.79 15.56
C ILE M 68 -54.63 32.38 15.79
N HIS M 69 -54.91 31.84 16.96
CA HIS M 69 -56.23 31.36 17.36
C HIS M 69 -57.04 32.47 18.03
N LYS M 70 -58.37 32.33 18.01
CA LYS M 70 -59.26 33.38 18.49
C LYS M 70 -60.50 32.77 19.15
N ARG M 71 -61.07 33.53 20.09
CA ARG M 71 -62.31 33.17 20.78
C ARG M 71 -63.14 34.43 21.02
N LEU M 72 -64.44 34.25 21.20
CA LEU M 72 -65.37 35.34 21.48
C LEU M 72 -66.31 34.95 22.60
N ILE M 73 -66.49 35.85 23.58
CA ILE M 73 -67.30 35.59 24.77
C ILE M 73 -68.24 36.77 25.02
N ASP M 74 -69.51 36.47 25.28
CA ASP M 74 -70.50 37.47 25.64
C ASP M 74 -70.95 37.29 27.08
N ILE M 75 -71.07 38.41 27.79
CA ILE M 75 -71.52 38.38 29.18
C ILE M 75 -72.27 39.69 29.45
N GLU M 76 -73.18 39.65 30.42
CA GLU M 76 -73.97 40.82 30.76
C GLU M 76 -73.25 41.66 31.80
N ALA M 77 -73.13 42.95 31.53
CA ALA M 77 -72.29 43.84 32.35
C ALA M 77 -72.95 44.04 33.71
N ASP M 78 -72.48 43.31 34.71
CA ASP M 78 -72.87 43.50 36.10
C ASP M 78 -71.61 43.70 36.93
N GLU M 79 -71.62 44.74 37.77
CA GLU M 79 -70.40 45.17 38.44
C GLU M 79 -69.87 44.12 39.40
N ARG M 80 -70.76 43.40 40.08
CA ARG M 80 -70.31 42.32 40.95
C ARG M 80 -69.54 41.26 40.17
N ALA M 81 -69.92 41.04 38.91
CA ALA M 81 -69.22 40.11 38.04
C ALA M 81 -68.14 40.77 37.20
N MET M 82 -68.26 42.07 36.93
CA MET M 82 -67.29 42.76 36.11
C MET M 82 -65.98 43.00 36.87
N ARG M 83 -66.04 43.16 38.19
CA ARG M 83 -64.82 43.38 38.96
C ARG M 83 -63.94 42.13 38.95
N GLN M 84 -64.54 40.95 39.07
CA GLN M 84 -63.74 39.72 39.09
C GLN M 84 -63.05 39.48 37.76
N ILE M 85 -63.74 39.72 36.64
CA ILE M 85 -63.12 39.51 35.34
C ILE M 85 -62.09 40.59 35.03
N MET M 86 -62.33 41.83 35.47
CA MET M 86 -61.39 42.91 35.18
C MET M 86 -60.08 42.77 35.93
N ARG M 87 -60.03 41.97 36.99
CA ARG M 87 -58.82 41.78 37.77
C ARG M 87 -58.05 40.53 37.39
N ILE M 88 -58.45 39.84 36.33
CA ILE M 88 -57.73 38.64 35.89
C ILE M 88 -56.54 39.07 35.04
N ARG M 89 -55.44 38.33 35.16
CA ARG M 89 -54.23 38.60 34.40
C ARG M 89 -53.97 37.41 33.47
N VAL M 90 -54.03 37.66 32.17
CA VAL M 90 -53.77 36.63 31.18
C VAL M 90 -52.26 36.55 30.99
N PRO M 91 -51.73 35.41 30.52
CA PRO M 91 -50.30 35.35 30.21
C PRO M 91 -49.91 36.36 29.14
N GLU M 92 -48.62 36.68 29.10
CA GLU M 92 -48.14 37.74 28.23
C GLU M 92 -48.37 37.44 26.75
N ASP M 93 -48.55 36.18 26.38
CA ASP M 93 -48.76 35.79 24.99
C ASP M 93 -50.24 35.78 24.59
N VAL M 94 -51.09 36.51 25.32
CA VAL M 94 -52.52 36.54 25.07
C VAL M 94 -52.98 37.98 25.03
N THR M 95 -53.72 38.34 24.00
CA THR M 95 -54.34 39.65 23.89
C THR M 95 -55.79 39.55 24.34
N ILE M 96 -56.22 40.49 25.19
CA ILE M 96 -57.58 40.54 25.69
C ILE M 96 -58.13 41.93 25.46
N GLU M 97 -59.36 42.00 24.97
CA GLU M 97 -60.03 43.27 24.69
C GLU M 97 -61.48 43.19 25.17
N ILE M 98 -61.90 44.16 25.97
CA ILE M 98 -63.22 44.18 26.58
C ILE M 98 -63.95 45.44 26.15
N GLU M 99 -65.20 45.28 25.70
CA GLU M 99 -66.01 46.40 25.24
C GLU M 99 -67.45 46.18 25.70
N LEU M 100 -68.20 47.29 25.78
CA LEU M 100 -69.59 47.27 26.22
C LEU M 100 -70.51 47.61 25.06
N ILE M 101 -71.48 46.75 24.81
CA ILE M 101 -72.43 46.96 23.71
C ILE M 101 -73.82 47.23 24.27
N LYS N 11 -52.83 -55.56 -49.14
CA LYS N 11 -52.19 -55.71 -47.84
C LYS N 11 -51.91 -54.34 -47.24
N GLU N 12 -50.69 -54.11 -46.79
CA GLU N 12 -50.25 -52.83 -46.25
C GLU N 12 -48.96 -52.43 -46.94
N LYS N 13 -48.97 -51.31 -47.67
CA LYS N 13 -47.78 -50.78 -48.30
C LYS N 13 -47.09 -49.86 -47.32
N TRP N 14 -45.91 -50.26 -46.82
CA TRP N 14 -45.14 -49.51 -45.86
C TRP N 14 -43.88 -48.96 -46.49
N GLY N 15 -43.51 -47.74 -46.09
CA GLY N 15 -42.29 -47.11 -46.59
C GLY N 15 -41.35 -46.65 -45.49
N ILE N 16 -40.38 -45.81 -45.83
CA ILE N 16 -39.38 -45.31 -44.89
C ILE N 16 -39.29 -43.79 -45.02
N ALA N 17 -39.28 -43.09 -43.89
CA ALA N 17 -39.05 -41.65 -43.84
C ALA N 17 -37.65 -41.37 -43.33
N HIS N 18 -36.81 -40.80 -44.19
CA HIS N 18 -35.47 -40.37 -43.84
C HIS N 18 -35.52 -38.87 -43.53
N ILE N 19 -35.13 -38.50 -42.33
CA ILE N 19 -35.10 -37.10 -41.90
C ILE N 19 -33.67 -36.70 -41.64
N TYR N 20 -33.21 -35.67 -42.35
CA TYR N 20 -31.88 -35.09 -42.19
C TYR N 20 -32.05 -33.74 -41.51
N SER N 21 -31.47 -33.57 -40.33
CA SER N 21 -31.71 -32.37 -39.54
C SER N 21 -30.39 -31.77 -39.06
N SER N 22 -30.09 -30.57 -39.51
CA SER N 22 -28.90 -29.82 -39.09
C SER N 22 -29.32 -28.48 -38.48
N TYR N 23 -28.33 -27.64 -38.18
CA TYR N 23 -28.60 -26.30 -37.69
C TYR N 23 -29.01 -25.34 -38.80
N ASN N 24 -28.83 -25.70 -40.07
CA ASN N 24 -29.12 -24.80 -41.18
C ASN N 24 -30.33 -25.19 -42.02
N ASN N 25 -30.80 -26.44 -41.96
CA ASN N 25 -31.89 -26.89 -42.83
C ASN N 25 -32.46 -28.21 -42.31
N THR N 26 -33.57 -28.64 -42.93
CA THR N 26 -34.21 -29.92 -42.65
C THR N 26 -34.70 -30.53 -43.96
N ILE N 27 -34.53 -31.84 -44.12
CA ILE N 27 -34.95 -32.55 -45.32
C ILE N 27 -35.75 -33.80 -44.93
N ILE N 28 -36.94 -33.95 -45.51
CA ILE N 28 -37.82 -35.08 -45.24
C ILE N 28 -38.03 -35.83 -46.55
N HIS N 29 -37.64 -37.10 -46.59
CA HIS N 29 -37.55 -37.89 -47.81
C HIS N 29 -38.21 -39.25 -47.58
N ILE N 30 -39.30 -39.52 -48.27
CA ILE N 30 -40.04 -40.78 -48.12
C ILE N 30 -39.73 -41.68 -49.30
N THR N 31 -39.23 -42.88 -49.01
CA THR N 31 -38.93 -43.94 -49.97
C THR N 31 -39.80 -45.17 -49.67
N ASP N 32 -39.63 -46.21 -50.47
CA ASP N 32 -40.33 -47.48 -50.28
C ASP N 32 -39.61 -48.28 -49.20
N ILE N 33 -40.04 -49.54 -48.99
CA ILE N 33 -39.51 -50.34 -47.88
C ILE N 33 -38.04 -50.70 -48.11
N THR N 34 -37.60 -50.80 -49.37
CA THR N 34 -36.23 -51.17 -49.66
C THR N 34 -35.31 -49.97 -49.78
N GLY N 35 -35.85 -48.77 -49.95
CA GLY N 35 -35.07 -47.55 -50.06
C GLY N 35 -34.65 -47.17 -51.47
N ALA N 36 -34.86 -48.05 -52.45
CA ALA N 36 -34.35 -47.79 -53.79
C ALA N 36 -35.24 -46.88 -54.63
N GLU N 37 -36.49 -46.65 -54.22
CA GLU N 37 -37.44 -45.86 -55.00
C GLU N 37 -37.94 -44.68 -54.16
N THR N 38 -37.86 -43.48 -54.74
CA THR N 38 -38.25 -42.25 -54.05
C THR N 38 -39.74 -41.97 -54.25
N ILE N 39 -40.45 -41.80 -53.15
CA ILE N 39 -41.88 -41.48 -53.17
C ILE N 39 -42.12 -39.99 -53.09
N SER N 40 -41.43 -39.28 -52.19
CA SER N 40 -41.53 -37.83 -52.14
C SER N 40 -40.33 -37.25 -51.38
N ARG N 41 -40.11 -35.94 -51.56
CA ARG N 41 -38.89 -35.32 -51.04
C ARG N 41 -39.11 -33.81 -50.90
N TRP N 42 -39.07 -33.30 -49.67
CA TRP N 42 -39.28 -31.87 -49.41
C TRP N 42 -38.26 -31.36 -48.40
N SER N 43 -37.79 -30.12 -48.61
CA SER N 43 -36.84 -29.50 -47.71
C SER N 43 -37.35 -28.14 -47.25
N GLY N 44 -36.60 -27.54 -46.30
CA GLY N 44 -37.01 -26.26 -45.72
C GLY N 44 -37.03 -25.11 -46.70
N GLY N 45 -36.12 -25.11 -47.67
CA GLY N 45 -36.04 -24.03 -48.65
C GLY N 45 -37.13 -24.07 -49.71
N MET N 46 -37.94 -25.12 -49.73
CA MET N 46 -39.06 -25.21 -50.65
C MET N 46 -40.39 -24.71 -50.06
N VAL N 47 -40.42 -24.31 -48.79
CA VAL N 47 -41.67 -23.95 -48.14
C VAL N 47 -41.61 -22.57 -47.50
N VAL N 48 -40.42 -21.98 -47.41
CA VAL N 48 -40.24 -20.63 -46.88
C VAL N 48 -39.31 -19.85 -47.82
N LYS N 49 -39.29 -18.54 -47.66
CA LYS N 49 -38.53 -17.65 -48.53
C LYS N 49 -37.30 -17.05 -47.89
N ALA N 50 -37.09 -17.21 -46.60
CA ALA N 50 -35.97 -16.63 -45.88
C ALA N 50 -35.00 -17.73 -45.43
N ASP N 51 -33.70 -17.48 -45.61
CA ASP N 51 -32.70 -18.46 -45.18
C ASP N 51 -32.77 -18.69 -43.68
N ARG N 52 -33.08 -17.65 -42.92
CA ARG N 52 -33.06 -17.73 -41.47
C ARG N 52 -34.12 -18.68 -40.93
N ASP N 53 -35.22 -18.86 -41.66
CA ASP N 53 -36.32 -19.69 -41.19
C ASP N 53 -36.25 -21.12 -41.70
N GLU N 54 -35.26 -21.47 -42.51
CA GLU N 54 -35.16 -22.84 -43.04
C GLU N 54 -35.10 -23.92 -41.96
N PRO N 55 -34.35 -23.80 -40.87
CA PRO N 55 -34.31 -24.88 -39.88
C PRO N 55 -35.35 -24.80 -38.76
N SER N 56 -36.36 -23.93 -38.86
CA SER N 56 -37.31 -23.76 -37.77
C SER N 56 -38.28 -24.94 -37.68
N PRO N 57 -38.90 -25.15 -36.51
CA PRO N 57 -39.92 -26.21 -36.40
C PRO N 57 -41.11 -26.05 -37.34
N TYR N 58 -41.56 -24.82 -37.60
CA TYR N 58 -42.73 -24.60 -38.43
C TYR N 58 -42.47 -24.97 -39.89
N ALA N 59 -41.27 -24.67 -40.39
CA ALA N 59 -40.90 -25.09 -41.74
C ALA N 59 -40.86 -26.61 -41.84
N ALA N 60 -40.35 -27.27 -40.79
CA ALA N 60 -40.33 -28.73 -40.77
C ALA N 60 -41.76 -29.29 -40.82
N MET N 61 -42.68 -28.68 -40.07
CA MET N 61 -44.07 -29.12 -40.11
C MET N 61 -44.67 -28.96 -41.51
N LEU N 62 -44.43 -27.82 -42.14
CA LEU N 62 -45.00 -27.59 -43.48
C LEU N 62 -44.47 -28.60 -44.49
N ALA N 63 -43.15 -28.82 -44.49
CA ALA N 63 -42.56 -29.77 -45.44
C ALA N 63 -43.04 -31.20 -45.17
N ALA N 64 -43.11 -31.59 -43.90
CA ALA N 64 -43.59 -32.92 -43.57
C ALA N 64 -45.02 -33.13 -44.03
N ARG N 65 -45.87 -32.09 -43.90
CA ARG N 65 -47.24 -32.21 -44.37
C ARG N 65 -47.31 -32.40 -45.88
N ARG N 66 -46.54 -31.62 -46.64
CA ARG N 66 -46.56 -31.78 -48.09
C ARG N 66 -46.09 -33.19 -48.49
N ALA N 67 -44.99 -33.65 -47.90
CA ALA N 67 -44.46 -34.97 -48.23
C ALA N 67 -45.46 -36.08 -47.87
N ALA N 68 -46.09 -35.96 -46.70
CA ALA N 68 -47.05 -36.98 -46.26
C ALA N 68 -48.26 -37.03 -47.18
N GLU N 69 -48.76 -35.88 -47.62
CA GLU N 69 -49.87 -35.88 -48.56
C GLU N 69 -49.50 -36.56 -49.88
N GLU N 70 -48.32 -36.24 -50.41
CA GLU N 70 -47.90 -36.87 -51.66
C GLU N 70 -47.73 -38.38 -51.47
N ALA N 71 -47.26 -38.82 -50.30
CA ALA N 71 -47.12 -40.25 -50.05
C ALA N 71 -48.47 -40.93 -49.94
N LEU N 72 -49.44 -40.29 -49.26
CA LEU N 72 -50.75 -40.89 -49.07
C LEU N 72 -51.50 -41.04 -50.38
N GLU N 73 -51.33 -40.09 -51.30
CA GLU N 73 -52.03 -40.21 -52.59
C GLU N 73 -51.58 -41.44 -53.37
N LYS N 74 -50.37 -41.95 -53.12
CA LYS N 74 -49.81 -43.06 -53.88
C LYS N 74 -49.96 -44.41 -53.20
N GLY N 75 -50.58 -44.48 -52.03
CA GLY N 75 -50.93 -45.76 -51.42
C GLY N 75 -50.14 -46.13 -50.19
N ILE N 76 -49.20 -45.31 -49.72
CA ILE N 76 -48.47 -45.62 -48.51
C ILE N 76 -49.40 -45.49 -47.31
N VAL N 77 -49.34 -46.46 -46.41
CA VAL N 77 -50.15 -46.45 -45.20
C VAL N 77 -49.33 -46.06 -43.97
N GLY N 78 -48.08 -46.52 -43.87
CA GLY N 78 -47.25 -46.18 -42.73
C GLY N 78 -45.78 -46.13 -43.11
N VAL N 79 -44.98 -45.61 -42.19
CA VAL N 79 -43.54 -45.51 -42.39
C VAL N 79 -42.80 -45.90 -41.11
N HIS N 80 -41.57 -46.38 -41.29
CA HIS N 80 -40.56 -46.41 -40.23
C HIS N 80 -39.68 -45.19 -40.40
N ILE N 81 -39.13 -44.68 -39.29
CA ILE N 81 -38.46 -43.40 -39.27
C ILE N 81 -36.98 -43.58 -38.99
N ARG N 82 -36.13 -42.97 -39.82
CA ARG N 82 -34.69 -42.87 -39.59
C ARG N 82 -34.30 -41.40 -39.58
N VAL N 83 -33.88 -40.89 -38.42
CA VAL N 83 -33.49 -39.49 -38.27
C VAL N 83 -32.00 -39.41 -38.03
N ARG N 84 -31.34 -38.45 -38.70
CA ARG N 84 -29.90 -38.27 -38.58
C ARG N 84 -29.51 -36.81 -38.49
N ALA N 85 -28.53 -36.53 -37.65
CA ALA N 85 -27.73 -35.32 -37.71
C ALA N 85 -26.67 -35.48 -38.81
N PRO N 86 -25.94 -34.40 -39.16
CA PRO N 86 -24.90 -34.56 -40.18
C PRO N 86 -23.84 -35.60 -39.84
N GLY N 87 -23.31 -35.58 -38.62
CA GLY N 87 -22.35 -36.58 -38.20
C GLY N 87 -21.00 -36.48 -38.88
N GLY N 88 -20.30 -37.62 -38.91
CA GLY N 88 -18.96 -37.69 -39.42
C GLY N 88 -17.99 -36.89 -38.58
N SER N 89 -17.39 -35.85 -39.16
CA SER N 89 -16.59 -34.91 -38.39
C SER N 89 -17.35 -33.63 -38.05
N LYS N 90 -18.62 -33.53 -38.43
CA LYS N 90 -19.48 -32.40 -38.08
C LYS N 90 -20.26 -32.72 -36.80
N SER N 91 -21.27 -31.91 -36.49
CA SER N 91 -22.01 -32.04 -35.24
C SER N 91 -22.81 -33.34 -35.20
N LYS N 92 -22.86 -33.95 -34.02
CA LYS N 92 -23.58 -35.20 -33.80
C LYS N 92 -25.01 -34.99 -33.32
N THR N 93 -25.45 -33.75 -33.15
CA THR N 93 -26.74 -33.44 -32.56
C THR N 93 -27.70 -32.93 -33.62
N PRO N 94 -28.92 -33.47 -33.69
CA PRO N 94 -29.89 -32.99 -34.68
C PRO N 94 -30.31 -31.55 -34.40
N GLY N 95 -30.78 -30.89 -35.46
CA GLY N 95 -31.32 -29.57 -35.33
C GLY N 95 -32.70 -29.58 -34.72
N PRO N 96 -33.28 -28.38 -34.57
CA PRO N 96 -34.56 -28.25 -33.88
C PRO N 96 -35.78 -28.70 -34.69
N GLY N 97 -35.60 -29.17 -35.92
CA GLY N 97 -36.74 -29.53 -36.75
C GLY N 97 -37.14 -31.00 -36.77
N ALA N 98 -36.31 -31.88 -36.20
CA ALA N 98 -36.54 -33.32 -36.36
C ALA N 98 -37.83 -33.78 -35.68
N GLN N 99 -38.01 -33.43 -34.40
CA GLN N 99 -39.17 -33.94 -33.66
C GLN N 99 -40.47 -33.33 -34.17
N ALA N 100 -40.44 -32.05 -34.55
CA ALA N 100 -41.60 -31.43 -35.17
C ALA N 100 -41.99 -32.14 -36.45
N ALA N 101 -41.00 -32.53 -37.26
CA ALA N 101 -41.29 -33.30 -38.46
C ALA N 101 -41.90 -34.65 -38.13
N ILE N 102 -41.42 -35.29 -37.06
CA ILE N 102 -41.97 -36.60 -36.67
C ILE N 102 -43.44 -36.47 -36.29
N ARG N 103 -43.78 -35.46 -35.47
CA ARG N 103 -45.17 -35.32 -35.04
C ARG N 103 -46.11 -34.99 -36.19
N ALA N 104 -45.64 -34.20 -37.16
CA ALA N 104 -46.50 -33.78 -38.27
C ALA N 104 -46.86 -34.95 -39.18
N LEU N 105 -45.96 -35.91 -39.37
CA LEU N 105 -46.27 -37.08 -40.20
C LEU N 105 -47.46 -37.85 -39.66
N ALA N 106 -47.50 -38.06 -38.34
CA ALA N 106 -48.61 -38.79 -37.73
C ALA N 106 -49.91 -38.00 -37.84
N ARG N 107 -49.84 -36.69 -37.66
CA ARG N 107 -51.03 -35.85 -37.73
C ARG N 107 -51.65 -35.87 -39.11
N ALA N 108 -50.81 -35.91 -40.15
CA ALA N 108 -51.28 -35.88 -41.53
C ALA N 108 -51.99 -37.17 -41.94
N GLY N 109 -51.89 -38.23 -41.15
CA GLY N 109 -52.63 -39.46 -41.42
C GLY N 109 -51.78 -40.72 -41.51
N LEU N 110 -50.46 -40.62 -41.49
CA LEU N 110 -49.62 -41.81 -41.59
C LEU N 110 -49.52 -42.52 -40.24
N LYS N 111 -49.50 -43.85 -40.28
CA LYS N 111 -49.11 -44.64 -39.12
C LYS N 111 -47.60 -44.66 -38.97
N ILE N 112 -47.13 -44.87 -37.75
CA ILE N 112 -45.72 -44.77 -37.41
C ILE N 112 -45.26 -46.11 -36.85
N GLY N 113 -44.19 -46.66 -37.43
CA GLY N 113 -43.57 -47.85 -36.90
C GLY N 113 -42.46 -47.54 -35.91
N ARG N 114 -41.30 -48.16 -36.08
CA ARG N 114 -40.19 -47.94 -35.16
C ARG N 114 -39.40 -46.69 -35.54
N VAL N 115 -38.80 -46.07 -34.52
CA VAL N 115 -38.04 -44.84 -34.66
C VAL N 115 -36.62 -45.11 -34.17
N GLU N 116 -35.63 -44.77 -34.99
CA GLU N 116 -34.24 -44.99 -34.64
C GLU N 116 -33.39 -43.83 -35.17
N ASP N 117 -32.24 -43.62 -34.53
CA ASP N 117 -31.28 -42.62 -34.97
C ASP N 117 -30.14 -43.30 -35.71
N VAL N 118 -29.78 -42.76 -36.88
CA VAL N 118 -28.77 -43.38 -37.72
C VAL N 118 -27.63 -42.40 -38.02
N THR N 119 -27.37 -41.49 -37.10
CA THR N 119 -26.26 -40.54 -37.25
C THR N 119 -24.94 -41.29 -37.43
N PRO N 120 -24.19 -41.06 -38.50
CA PRO N 120 -22.90 -41.76 -38.67
C PRO N 120 -21.88 -41.30 -37.63
N ILE N 121 -21.25 -42.27 -36.97
CA ILE N 121 -20.36 -42.01 -35.85
C ILE N 121 -19.02 -42.69 -36.11
N PRO N 122 -17.91 -41.96 -36.17
CA PRO N 122 -16.61 -42.61 -36.41
C PRO N 122 -16.05 -43.27 -35.16
N HIS N 123 -15.24 -44.29 -35.39
CA HIS N 123 -14.34 -44.81 -34.36
C HIS N 123 -12.95 -44.20 -34.58
N ASP N 124 -12.90 -42.87 -34.37
CA ASP N 124 -11.73 -42.03 -34.63
C ASP N 124 -11.36 -41.92 -36.11
N GLY N 125 -12.20 -41.16 -36.82
CA GLY N 125 -11.96 -40.81 -38.22
C GLY N 125 -11.07 -39.59 -38.49
N THR N 126 -11.58 -38.62 -39.25
CA THR N 126 -10.75 -37.56 -39.84
C THR N 126 -10.76 -36.27 -39.01
N ARG N 127 -9.88 -35.34 -39.41
CA ARG N 127 -9.67 -34.07 -38.71
C ARG N 127 -10.71 -33.05 -39.13
N PRO N 128 -11.36 -32.37 -38.19
CA PRO N 128 -12.38 -31.38 -38.55
C PRO N 128 -11.79 -30.01 -38.83
N LYS N 129 -12.63 -29.14 -39.42
CA LYS N 129 -12.18 -27.83 -39.86
C LYS N 129 -11.95 -26.90 -38.66
N GLY N 130 -11.32 -25.76 -38.90
CA GLY N 130 -11.09 -24.77 -37.86
C GLY N 130 -9.73 -24.56 -37.22
N GLY N 131 -8.84 -25.54 -37.33
CA GLY N 131 -7.52 -25.44 -36.71
C GLY N 131 -7.56 -25.95 -35.28
N ARG N 132 -6.43 -25.92 -34.58
CA ARG N 132 -6.40 -26.43 -33.19
C ARG N 132 -6.97 -25.46 -32.17
N ARG N 133 -7.48 -24.35 -32.66
CA ARG N 133 -8.04 -23.26 -31.88
C ARG N 133 -9.53 -23.06 -32.11
N GLY N 134 -10.12 -23.67 -33.15
CA GLY N 134 -11.54 -23.56 -33.41
C GLY N 134 -11.94 -22.19 -33.97
N ARG N 135 -13.25 -22.03 -34.17
CA ARG N 135 -13.81 -20.73 -34.54
C ARG N 135 -13.56 -19.74 -33.42
N ARG N 136 -13.08 -18.56 -33.77
CA ARG N 136 -12.82 -17.52 -32.79
C ARG N 136 -13.77 -16.35 -32.98
N VAL N 137 -14.91 -16.43 -32.28
CA VAL N 137 -15.93 -15.40 -32.33
C VAL N 137 -16.22 -14.91 -30.91
N PRO O 2 17.92 -28.25 -3.65
CA PRO O 2 19.36 -28.17 -3.33
C PRO O 2 19.70 -28.88 -2.02
N GLY O 3 20.71 -29.75 -2.05
CA GLY O 3 21.15 -30.46 -0.87
C GLY O 3 22.12 -29.63 -0.04
N LYS O 4 22.92 -30.32 0.77
CA LYS O 4 23.88 -29.66 1.64
C LYS O 4 24.98 -28.97 0.84
N LYS O 5 25.39 -27.79 1.31
CA LYS O 5 26.42 -27.02 0.63
C LYS O 5 27.74 -27.79 0.59
N ALA O 6 28.42 -27.73 -0.56
CA ALA O 6 29.53 -28.62 -0.85
C ALA O 6 30.67 -27.84 -1.49
N PRO O 7 31.91 -28.35 -1.40
CA PRO O 7 32.34 -29.53 -0.63
C PRO O 7 32.64 -29.21 0.84
N ASN O 8 32.33 -30.14 1.74
CA ASN O 8 32.58 -29.99 3.17
C ASN O 8 33.75 -30.84 3.67
N GLY O 9 34.33 -31.67 2.80
CA GLY O 9 35.28 -32.67 3.28
C GLY O 9 36.58 -32.07 3.79
N GLU O 10 37.24 -32.83 4.67
CA GLU O 10 38.47 -32.38 5.30
C GLU O 10 39.59 -32.18 4.27
N PHE O 11 39.64 -33.00 3.23
CA PHE O 11 40.71 -32.95 2.24
C PHE O 11 40.27 -32.31 0.92
N ALA O 12 39.26 -31.44 0.95
CA ALA O 12 38.74 -30.80 -0.25
C ALA O 12 39.06 -29.31 -0.31
N GLY O 13 40.27 -28.91 0.12
CA GLY O 13 40.59 -27.50 0.18
C GLY O 13 40.69 -26.84 -1.19
N ARG O 14 41.29 -27.55 -2.16
CA ARG O 14 41.51 -26.96 -3.48
C ARG O 14 40.20 -26.62 -4.18
N LYS O 15 39.23 -27.54 -4.13
CA LYS O 15 37.93 -27.29 -4.77
C LYS O 15 37.18 -26.15 -4.09
N LEU O 16 37.20 -26.09 -2.76
CA LEU O 16 36.54 -25.00 -2.04
C LEU O 16 37.13 -23.64 -2.44
N LYS O 17 38.47 -23.56 -2.49
CA LYS O 17 39.12 -22.31 -2.90
C LYS O 17 38.76 -21.93 -4.33
N LEU O 18 38.73 -22.91 -5.24
CA LEU O 18 38.35 -22.63 -6.62
C LEU O 18 36.91 -22.15 -6.74
N LYS O 19 35.99 -22.74 -5.97
CA LYS O 19 34.60 -22.30 -5.97
C LYS O 19 34.49 -20.84 -5.55
N ARG O 20 35.14 -20.48 -4.45
CA ARG O 20 35.08 -19.09 -4.00
C ARG O 20 35.69 -18.14 -5.02
N LYS O 21 36.81 -18.53 -5.65
CA LYS O 21 37.40 -17.67 -6.67
C LYS O 21 36.47 -17.50 -7.87
N LYS O 22 35.82 -18.58 -8.29
CA LYS O 22 34.95 -18.52 -9.47
C LYS O 22 33.79 -17.57 -9.26
N PHE O 23 33.09 -17.67 -8.11
CA PHE O 23 31.91 -16.85 -7.99
C PHE O 23 32.19 -15.42 -7.51
N ARG O 24 33.44 -15.10 -7.16
CA ARG O 24 33.77 -13.73 -6.80
C ARG O 24 33.72 -12.79 -8.01
N TRP O 25 33.97 -13.32 -9.21
CA TRP O 25 33.85 -12.51 -10.42
C TRP O 25 32.41 -12.08 -10.71
N SER O 26 31.41 -12.66 -10.03
CA SER O 26 30.03 -12.17 -10.16
C SER O 26 29.78 -10.89 -9.38
N ASP O 27 30.72 -10.44 -8.55
CA ASP O 27 30.59 -9.21 -7.78
C ASP O 27 31.16 -8.05 -8.59
N ILE O 28 30.30 -7.12 -9.00
CA ILE O 28 30.71 -6.04 -9.90
C ILE O 28 31.72 -5.11 -9.23
N ARG O 29 31.66 -4.94 -7.91
CA ARG O 29 32.68 -4.16 -7.21
C ARG O 29 34.07 -4.76 -7.39
N TYR O 30 34.21 -6.05 -7.12
CA TYR O 30 35.50 -6.72 -7.24
C TYR O 30 36.01 -6.70 -8.68
N LYS O 31 35.13 -6.99 -9.64
CA LYS O 31 35.55 -7.07 -11.03
C LYS O 31 36.07 -5.72 -11.54
N ARG O 32 35.37 -4.63 -11.22
CA ARG O 32 35.79 -3.32 -11.70
C ARG O 32 37.14 -2.92 -11.12
N ARG O 33 37.38 -3.20 -9.83
CA ARG O 33 38.65 -2.81 -9.22
C ARG O 33 39.81 -3.59 -9.81
N VAL O 34 39.70 -4.91 -9.88
CA VAL O 34 40.82 -5.75 -10.29
C VAL O 34 41.14 -5.56 -11.77
N LEU O 35 40.10 -5.40 -12.61
CA LEU O 35 40.33 -5.13 -14.02
C LEU O 35 40.64 -3.66 -14.32
N ARG O 36 40.50 -2.78 -13.32
CA ARG O 36 40.86 -1.37 -13.44
C ARG O 36 40.02 -0.65 -14.51
N LEU O 37 38.73 -0.99 -14.56
CA LEU O 37 37.86 -0.45 -15.61
C LEU O 37 37.65 1.05 -15.46
N LYS O 38 37.51 1.55 -14.23
CA LYS O 38 37.30 2.98 -14.04
C LYS O 38 38.48 3.78 -14.54
N GLU O 39 39.70 3.32 -14.26
CA GLU O 39 40.89 4.01 -14.75
C GLU O 39 40.94 4.08 -16.27
N LYS O 40 40.44 3.04 -16.95
CA LYS O 40 40.49 2.99 -18.40
C LYS O 40 39.64 4.07 -19.06
N SER O 41 38.62 4.61 -18.39
CA SER O 41 37.70 5.54 -19.04
C SER O 41 37.59 6.89 -18.32
N ASP O 42 38.38 7.13 -17.29
CA ASP O 42 38.25 8.38 -16.52
C ASP O 42 38.93 9.53 -17.24
N PRO O 43 38.20 10.60 -17.60
CA PRO O 43 38.86 11.77 -18.20
C PRO O 43 39.77 12.52 -17.23
N LEU O 44 39.54 12.42 -15.92
CA LEU O 44 40.42 13.05 -14.95
C LEU O 44 41.64 12.21 -14.60
N GLU O 45 41.72 10.98 -15.12
CA GLU O 45 42.91 10.12 -14.97
C GLU O 45 43.27 9.89 -13.50
N GLY O 46 42.27 9.60 -12.68
CA GLY O 46 42.49 9.23 -11.30
C GLY O 46 42.70 10.39 -10.33
N ALA O 47 42.65 11.63 -10.80
CA ALA O 47 42.92 12.78 -9.96
C ALA O 47 41.68 13.22 -9.18
N PRO O 48 41.85 13.87 -8.02
CA PRO O 48 40.70 14.43 -7.31
C PRO O 48 40.22 15.78 -7.84
N GLN O 49 41.05 16.52 -8.59
CA GLN O 49 40.69 17.83 -9.14
C GLN O 49 41.40 17.99 -10.47
N ALA O 50 40.92 18.93 -11.29
CA ALA O 50 41.61 19.18 -12.56
C ALA O 50 41.42 20.63 -12.99
N ARG O 51 42.29 21.08 -13.90
CA ARG O 51 42.26 22.44 -14.44
C ARG O 51 41.89 22.42 -15.91
N GLY O 52 41.08 23.39 -16.33
CA GLY O 52 40.64 23.48 -17.71
C GLY O 52 40.34 24.90 -18.14
N ILE O 53 40.00 25.05 -19.41
CA ILE O 53 39.70 26.35 -20.02
C ILE O 53 38.26 26.34 -20.52
N VAL O 54 37.53 27.41 -20.24
CA VAL O 54 36.11 27.51 -20.59
C VAL O 54 35.96 27.81 -22.08
N LEU O 55 35.09 27.07 -22.76
CA LEU O 55 34.82 27.28 -24.17
C LEU O 55 33.47 27.96 -24.43
N GLU O 56 32.44 27.67 -23.63
CA GLU O 56 31.16 28.33 -23.77
C GLU O 56 30.32 28.10 -22.52
N LYS O 57 29.28 28.93 -22.36
CA LYS O 57 28.28 28.80 -21.31
C LYS O 57 27.00 28.21 -21.88
N ILE O 58 26.32 27.41 -21.07
CA ILE O 58 25.12 26.69 -21.47
C ILE O 58 24.13 26.68 -20.30
N ALA O 59 22.96 26.07 -20.55
CA ALA O 59 21.95 25.86 -19.52
C ALA O 59 21.27 24.52 -19.75
N VAL O 60 21.05 23.77 -18.67
CA VAL O 60 20.47 22.43 -18.70
C VAL O 60 19.14 22.45 -17.97
N GLU O 61 18.12 21.86 -18.58
CA GLU O 61 16.82 21.76 -17.94
C GLU O 61 16.84 20.71 -16.82
N ALA O 62 16.16 21.01 -15.72
CA ALA O 62 16.00 20.04 -14.65
C ALA O 62 15.04 18.95 -15.05
N LYS O 63 15.17 17.78 -14.42
CA LYS O 63 14.33 16.64 -14.74
C LYS O 63 12.99 16.72 -14.02
N GLN O 64 12.01 16.00 -14.57
CA GLN O 64 10.67 15.98 -14.02
C GLN O 64 10.65 15.32 -12.63
N PRO O 65 9.77 15.76 -11.74
CA PRO O 65 8.84 16.86 -12.00
C PRO O 65 9.31 18.21 -11.46
N ASN O 66 10.60 18.50 -11.57
CA ASN O 66 11.10 19.83 -11.23
C ASN O 66 11.13 20.72 -12.47
N SER O 67 11.23 22.02 -12.24
CA SER O 67 11.35 23.00 -13.32
C SER O 67 12.41 24.03 -12.97
N GLY O 68 13.19 24.41 -13.96
CA GLY O 68 14.23 25.40 -13.78
C GLY O 68 15.38 25.15 -14.73
N MET O 69 16.26 26.14 -14.81
CA MET O 69 17.45 26.07 -15.66
C MET O 69 18.70 26.09 -14.79
N ARG O 70 19.58 25.11 -15.00
CA ARG O 70 20.83 25.01 -14.25
C ARG O 70 21.99 25.47 -15.13
N LYS O 71 22.78 26.41 -14.62
CA LYS O 71 23.84 27.05 -15.41
C LYS O 71 25.13 26.25 -15.32
N ALA O 72 25.76 26.01 -16.46
CA ALA O 72 26.96 25.18 -16.54
C ALA O 72 27.93 25.76 -17.58
N VAL O 73 29.11 25.15 -17.65
CA VAL O 73 30.14 25.52 -18.63
C VAL O 73 30.70 24.27 -19.29
N ARG O 74 31.16 24.45 -20.53
CA ARG O 74 31.97 23.45 -21.22
C ARG O 74 33.44 23.77 -21.01
N VAL O 75 34.21 22.78 -20.57
CA VAL O 75 35.59 22.96 -20.14
C VAL O 75 36.47 21.99 -20.91
N GLN O 76 37.58 22.49 -21.45
CA GLN O 76 38.60 21.65 -22.09
C GLN O 76 39.78 21.49 -21.14
N LEU O 77 40.08 20.26 -20.77
CA LEU O 77 41.09 19.96 -19.77
C LEU O 77 42.50 20.09 -20.33
N ILE O 78 43.41 20.61 -19.51
CA ILE O 78 44.78 20.86 -19.96
C ILE O 78 45.55 19.56 -20.17
N LYS O 79 45.34 18.57 -19.30
CA LYS O 79 46.20 17.39 -19.31
C LYS O 79 46.01 16.53 -20.55
N ASN O 80 44.80 16.42 -21.09
CA ASN O 80 44.57 15.55 -22.24
C ASN O 80 43.68 16.13 -23.33
N GLY O 81 43.13 17.32 -23.17
CA GLY O 81 42.34 17.93 -24.23
C GLY O 81 40.89 17.51 -24.33
N LYS O 82 40.41 16.63 -23.46
CA LYS O 82 39.02 16.21 -23.49
C LYS O 82 38.09 17.32 -22.96
N VAL O 83 36.85 17.33 -23.43
CA VAL O 83 35.87 18.36 -23.09
C VAL O 83 34.78 17.74 -22.21
N VAL O 84 34.47 18.41 -21.09
CA VAL O 84 33.45 17.96 -20.14
C VAL O 84 32.60 19.13 -19.68
N THR O 85 31.39 18.82 -19.19
CA THR O 85 30.47 19.81 -18.67
C THR O 85 30.58 19.91 -17.15
N ALA O 86 30.58 21.13 -16.63
CA ALA O 86 30.71 21.37 -15.19
C ALA O 86 29.68 22.38 -14.71
N PHE O 87 29.05 22.07 -13.57
CA PHE O 87 28.04 22.93 -12.95
C PHE O 87 28.70 24.11 -12.23
N CYS O 88 27.96 25.22 -12.11
CA CYS O 88 28.43 26.42 -11.41
C CYS O 88 27.52 26.73 -10.22
N PRO O 89 27.87 26.28 -9.02
CA PRO O 89 26.94 26.41 -7.88
C PRO O 89 26.84 27.83 -7.35
N GLY O 90 25.64 28.18 -6.90
CA GLY O 90 25.42 29.46 -6.27
C GLY O 90 24.44 30.36 -6.99
N ASP O 91 23.93 31.37 -6.30
CA ASP O 91 22.98 32.31 -6.88
C ASP O 91 23.75 33.42 -7.60
N GLY O 92 23.56 33.50 -8.92
CA GLY O 92 24.28 34.47 -9.71
C GLY O 92 25.71 34.11 -10.05
N ALA O 93 26.11 32.85 -9.84
CA ALA O 93 27.50 32.47 -10.02
C ALA O 93 27.94 32.50 -11.48
N ILE O 94 27.01 32.28 -12.41
CA ILE O 94 27.36 32.24 -13.82
C ILE O 94 27.84 33.59 -14.33
N LYS O 95 27.55 34.67 -13.60
CA LYS O 95 27.97 36.01 -14.00
C LYS O 95 29.46 36.27 -13.75
N PHE O 96 30.11 35.46 -12.92
CA PHE O 96 31.53 35.61 -12.65
C PHE O 96 32.42 34.86 -13.62
N ILE O 97 31.84 34.13 -14.56
CA ILE O 97 32.60 33.33 -15.52
C ILE O 97 32.61 34.04 -16.87
N ASP O 98 33.70 33.87 -17.60
CA ASP O 98 33.82 34.41 -18.95
C ASP O 98 34.51 33.39 -19.85
N GLU O 99 34.35 33.54 -21.17
CA GLU O 99 35.01 32.66 -22.11
C GLU O 99 36.51 32.96 -22.07
N HIS O 100 37.30 31.89 -22.22
CA HIS O 100 38.79 31.85 -22.20
C HIS O 100 39.40 31.91 -20.80
N ASP O 101 38.55 31.84 -19.78
CA ASP O 101 38.99 31.84 -18.39
C ASP O 101 39.40 30.42 -18.02
N GLU O 102 40.28 30.28 -17.04
CA GLU O 102 40.67 28.94 -16.59
C GLU O 102 39.98 28.64 -15.26
N VAL O 103 39.52 27.40 -15.11
CA VAL O 103 38.77 26.97 -13.95
C VAL O 103 39.41 25.71 -13.37
N ILE O 104 39.13 25.47 -12.09
CA ILE O 104 39.45 24.23 -11.41
C ILE O 104 38.14 23.52 -11.08
N ILE O 105 38.04 22.25 -11.46
CA ILE O 105 36.83 21.47 -11.26
C ILE O 105 37.18 20.25 -10.41
N GLU O 106 36.14 19.70 -9.79
CA GLU O 106 36.17 18.54 -8.91
C GLU O 106 34.82 17.82 -8.99
N GLY O 107 34.72 16.61 -8.44
CA GLY O 107 33.48 15.86 -8.49
C GLY O 107 32.25 16.51 -7.88
N ILE O 108 31.10 16.27 -8.49
CA ILE O 108 29.87 16.89 -7.99
C ILE O 108 29.31 16.18 -6.75
N GLY O 109 29.67 14.92 -6.53
CA GLY O 109 29.40 14.25 -5.28
C GLY O 109 28.17 13.37 -5.18
N GLY O 110 27.68 12.82 -6.29
CA GLY O 110 26.50 12.00 -6.27
C GLY O 110 26.78 10.53 -5.99
N PRO O 111 25.76 9.68 -6.06
CA PRO O 111 25.95 8.25 -5.79
C PRO O 111 26.93 7.61 -6.77
N LYS O 112 27.69 6.65 -6.25
CA LYS O 112 28.66 5.87 -7.03
C LYS O 112 29.71 6.77 -7.68
N GLY O 113 30.06 7.87 -7.01
CA GLY O 113 31.01 8.83 -7.54
C GLY O 113 30.56 9.54 -8.79
N GLY O 114 29.27 9.67 -9.03
CA GLY O 114 28.76 10.29 -10.24
C GLY O 114 27.90 11.53 -10.03
N SER O 115 26.88 11.70 -10.86
CA SER O 115 26.00 12.86 -10.84
C SER O 115 25.01 12.79 -9.66
N MET O 116 24.25 13.87 -9.48
CA MET O 116 23.34 13.96 -8.34
C MET O 116 22.11 14.79 -8.69
N GLY O 117 21.06 14.63 -7.88
CA GLY O 117 19.94 15.55 -7.89
C GLY O 117 19.11 15.49 -9.16
N ASP O 118 18.60 16.65 -9.58
CA ASP O 118 17.79 16.75 -10.78
C ASP O 118 18.60 17.08 -12.03
N ILE O 119 19.91 16.91 -11.99
CA ILE O 119 20.74 17.13 -13.18
C ILE O 119 21.63 15.94 -13.49
N PRO O 120 21.09 14.81 -13.92
CA PRO O 120 21.97 13.74 -14.42
C PRO O 120 22.64 14.19 -15.71
N GLY O 121 23.82 13.65 -15.95
CA GLY O 121 24.62 14.03 -17.08
C GLY O 121 25.75 14.99 -16.77
N ILE O 122 25.69 15.68 -15.64
CA ILE O 122 26.78 16.56 -15.21
C ILE O 122 27.45 15.91 -14.01
N ARG O 123 28.76 15.68 -14.11
CA ARG O 123 29.51 14.96 -13.10
C ARG O 123 30.49 15.84 -12.32
N TYR O 124 30.61 17.13 -12.65
CA TYR O 124 31.64 17.98 -12.06
C TYR O 124 31.06 19.34 -11.68
N LYS O 125 31.81 20.08 -10.87
CA LYS O 125 31.43 21.42 -10.44
C LYS O 125 32.64 22.32 -10.36
N VAL O 126 32.43 23.62 -10.55
CA VAL O 126 33.50 24.60 -10.53
C VAL O 126 33.80 25.02 -9.11
N VAL O 127 35.09 25.08 -8.77
CA VAL O 127 35.55 25.45 -7.44
C VAL O 127 36.33 26.77 -7.44
N LYS O 128 37.17 26.99 -8.46
CA LYS O 128 37.97 28.21 -8.57
C LYS O 128 37.83 28.80 -9.97
N VAL O 129 37.93 30.13 -10.05
CA VAL O 129 37.91 30.86 -11.31
C VAL O 129 39.07 31.84 -11.33
N ASN O 130 39.97 31.68 -12.28
CA ASN O 130 41.20 32.47 -12.36
C ASN O 130 41.94 32.46 -11.01
N ARG O 131 41.99 31.27 -10.39
CA ARG O 131 42.71 31.02 -9.15
C ARG O 131 42.11 31.73 -7.93
N VAL O 132 40.84 32.13 -7.99
CA VAL O 132 40.14 32.69 -6.84
C VAL O 132 38.95 31.79 -6.52
N SER O 133 38.71 31.56 -5.23
CA SER O 133 37.60 30.72 -4.80
C SER O 133 36.27 31.28 -5.26
N LEU O 134 35.47 30.45 -5.94
CA LEU O 134 34.18 30.89 -6.45
C LEU O 134 33.19 31.19 -5.32
N LYS O 135 33.28 30.45 -4.22
CA LYS O 135 32.39 30.68 -3.09
C LYS O 135 32.57 32.09 -2.53
N GLU O 136 33.81 32.54 -2.39
CA GLU O 136 34.05 33.92 -1.98
C GLU O 136 33.40 34.90 -2.96
N LEU O 137 33.69 34.75 -4.26
CA LEU O 137 33.15 35.67 -5.26
C LEU O 137 31.64 35.76 -5.19
N VAL O 138 30.95 34.61 -5.08
CA VAL O 138 29.50 34.63 -4.98
C VAL O 138 29.05 35.34 -3.72
N LYS O 139 29.75 35.13 -2.60
CA LYS O 139 29.40 35.84 -1.37
C LYS O 139 29.88 37.29 -1.38
N GLY O 140 31.05 37.57 -1.94
CA GLY O 140 31.72 38.84 -1.78
C GLY O 140 33.16 38.64 -1.30
N ARG O 141 33.57 39.45 -0.34
CA ARG O 141 34.80 39.26 0.43
C ARG O 141 36.05 39.26 -0.43
N LYS O 142 35.94 39.38 -1.74
CA LYS O 142 37.04 39.20 -2.67
C LYS O 142 36.53 39.57 -4.06
N GLU O 143 37.47 39.96 -4.93
CA GLU O 143 37.14 40.47 -6.25
C GLU O 143 37.87 39.65 -7.30
N LYS O 144 37.23 39.49 -8.46
CA LYS O 144 37.83 38.78 -9.57
C LYS O 144 38.85 39.66 -10.26
N PRO O 145 40.09 39.22 -10.41
CA PRO O 145 41.17 40.09 -10.90
C PRO O 145 41.05 40.33 -12.41
N ARG O 146 41.94 41.19 -12.90
CA ARG O 146 42.00 41.62 -14.30
C ARG O 146 40.61 41.81 -14.90
N ARG O 147 39.85 42.70 -14.26
CA ARG O 147 38.51 43.07 -14.71
C ARG O 147 37.58 41.86 -14.79
N ASP P 3 -81.55 42.31 -62.36
CA ASP P 3 -81.50 42.55 -60.93
C ASP P 3 -80.14 42.21 -60.33
N PHE P 4 -79.80 40.92 -60.37
CA PHE P 4 -78.57 40.46 -59.75
C PHE P 4 -77.38 40.71 -60.67
N ARG P 5 -76.28 41.19 -60.09
CA ARG P 5 -75.02 41.39 -60.78
C ARG P 5 -73.93 40.65 -60.02
N HIS P 6 -73.13 39.86 -60.74
CA HIS P 6 -72.06 39.10 -60.10
C HIS P 6 -70.87 39.98 -59.73
N ILE P 7 -70.68 41.12 -60.39
CA ILE P 7 -69.59 42.03 -60.08
C ILE P 7 -70.15 43.45 -60.00
N VAL P 8 -69.81 44.16 -58.92
CA VAL P 8 -70.26 45.53 -58.72
C VAL P 8 -69.05 46.38 -58.31
N ARG P 9 -68.78 47.44 -59.06
CA ARG P 9 -67.64 48.30 -58.81
C ARG P 9 -68.06 49.46 -57.91
N VAL P 10 -67.39 49.61 -56.77
CA VAL P 10 -67.68 50.67 -55.81
C VAL P 10 -66.38 51.42 -55.52
N ALA P 11 -66.37 52.72 -55.81
CA ALA P 11 -65.22 53.58 -55.56
C ALA P 11 -63.96 53.05 -56.25
N GLY P 12 -64.13 52.40 -57.40
CA GLY P 12 -63.00 51.97 -58.20
C GLY P 12 -62.48 50.62 -57.74
N VAL P 13 -63.26 49.86 -56.98
CA VAL P 13 -62.94 48.49 -56.63
C VAL P 13 -63.99 47.46 -57.01
N ASP P 14 -63.57 46.33 -57.56
CA ASP P 14 -64.50 45.31 -58.01
C ASP P 14 -64.87 44.49 -56.78
N LEU P 15 -66.16 44.46 -56.47
CA LEU P 15 -66.68 43.75 -55.31
C LEU P 15 -67.36 42.45 -55.74
N ASP P 16 -67.22 41.43 -54.91
CA ASP P 16 -67.94 40.18 -55.13
C ASP P 16 -69.43 40.41 -54.98
N GLY P 17 -70.21 39.69 -55.78
CA GLY P 17 -71.65 39.87 -55.77
C GLY P 17 -72.40 38.82 -54.96
N ASN P 18 -71.74 37.72 -54.64
CA ASN P 18 -72.36 36.65 -53.87
C ASN P 18 -72.11 36.78 -52.37
N LYS P 19 -71.33 37.76 -51.93
CA LYS P 19 -71.04 37.96 -50.52
C LYS P 19 -72.06 38.91 -49.88
N GLN P 20 -72.18 38.81 -48.55
CA GLN P 20 -72.92 39.80 -47.80
C GLN P 20 -72.26 41.16 -47.95
N LEU P 21 -73.09 42.21 -47.98
CA LEU P 21 -72.59 43.55 -48.27
C LEU P 21 -71.51 43.98 -47.28
N ARG P 22 -71.72 43.71 -45.99
CA ARG P 22 -70.79 44.16 -44.97
C ARG P 22 -69.40 43.54 -45.17
N TRP P 23 -69.34 42.26 -45.52
CA TRP P 23 -68.05 41.62 -45.78
C TRP P 23 -67.52 41.96 -47.16
N ALA P 24 -68.38 42.18 -48.15
CA ALA P 24 -67.93 42.55 -49.48
C ALA P 24 -67.19 43.89 -49.45
N LEU P 25 -67.66 44.82 -48.63
CA LEU P 25 -67.04 46.15 -48.57
C LEU P 25 -65.60 46.13 -48.07
N THR P 26 -65.19 45.10 -47.32
CA THR P 26 -63.84 45.09 -46.77
C THR P 26 -62.75 44.88 -47.81
N ALA P 27 -63.11 44.51 -49.04
CA ALA P 27 -62.12 44.42 -50.11
C ALA P 27 -61.49 45.77 -50.42
N ILE P 28 -62.11 46.86 -49.98
CA ILE P 28 -61.52 48.19 -50.10
C ILE P 28 -60.47 48.36 -49.01
N LYS P 29 -59.29 48.85 -49.40
CA LYS P 29 -58.23 49.10 -48.45
C LYS P 29 -58.52 50.40 -47.70
N GLY P 30 -58.67 50.30 -46.38
CA GLY P 30 -59.15 51.38 -45.55
C GLY P 30 -60.48 51.11 -44.89
N VAL P 31 -61.12 49.97 -45.18
CA VAL P 31 -62.45 49.64 -44.68
C VAL P 31 -62.39 48.24 -44.08
N GLY P 32 -62.48 48.16 -42.75
CA GLY P 32 -62.66 46.89 -42.07
C GLY P 32 -64.12 46.60 -41.79
N ILE P 33 -64.35 45.50 -41.06
CA ILE P 33 -65.72 45.03 -40.87
C ILE P 33 -66.53 46.00 -40.01
N ASN P 34 -65.92 46.56 -38.95
CA ASN P 34 -66.67 47.46 -38.07
C ASN P 34 -67.10 48.73 -38.80
N PHE P 35 -66.17 49.36 -39.51
CA PHE P 35 -66.48 50.58 -40.26
C PHE P 35 -67.50 50.30 -41.37
N ALA P 36 -67.39 49.14 -42.03
CA ALA P 36 -68.35 48.79 -43.08
C ALA P 36 -69.76 48.62 -42.52
N THR P 37 -69.89 47.99 -41.36
CA THR P 37 -71.19 47.91 -40.72
C THR P 37 -71.73 49.29 -40.38
N MET P 38 -70.86 50.19 -39.91
CA MET P 38 -71.31 51.55 -39.62
C MET P 38 -71.86 52.24 -40.86
N VAL P 39 -71.14 52.12 -41.99
CA VAL P 39 -71.58 52.82 -43.21
C VAL P 39 -72.86 52.19 -43.75
N CYS P 40 -72.99 50.86 -43.66
CA CYS P 40 -74.24 50.23 -44.08
C CYS P 40 -75.41 50.71 -43.23
N ARG P 41 -75.21 50.86 -41.92
CA ARG P 41 -76.30 51.32 -41.07
C ARG P 41 -76.66 52.79 -41.36
N VAL P 42 -75.65 53.62 -41.62
CA VAL P 42 -75.94 55.02 -41.90
C VAL P 42 -76.66 55.18 -43.23
N ALA P 43 -76.30 54.37 -44.23
CA ALA P 43 -76.98 54.42 -45.51
C ALA P 43 -78.42 53.92 -45.45
N GLY P 44 -78.83 53.29 -44.34
CA GLY P 44 -80.15 52.68 -44.29
C GLY P 44 -80.27 51.41 -45.10
N LEU P 45 -79.22 50.59 -45.08
CA LEU P 45 -79.17 49.35 -45.85
C LEU P 45 -78.89 48.18 -44.90
N ASP P 46 -79.50 47.05 -45.22
CA ASP P 46 -79.30 45.83 -44.42
C ASP P 46 -77.89 45.31 -44.59
N PRO P 47 -77.09 45.20 -43.53
CA PRO P 47 -75.72 44.68 -43.69
C PRO P 47 -75.65 43.26 -44.20
N PHE P 48 -76.73 42.48 -44.09
CA PHE P 48 -76.72 41.08 -44.48
C PHE P 48 -77.27 40.84 -45.89
N MET P 49 -77.67 41.87 -46.62
CA MET P 49 -78.13 41.68 -47.99
C MET P 49 -76.96 41.40 -48.92
N LYS P 50 -77.22 40.64 -49.98
CA LYS P 50 -76.19 40.33 -50.95
C LYS P 50 -75.74 41.58 -51.69
N ALA P 51 -74.44 41.68 -51.93
CA ALA P 51 -73.88 42.84 -52.61
C ALA P 51 -74.36 42.97 -54.05
N GLY P 52 -74.81 41.87 -54.66
CA GLY P 52 -75.24 41.87 -56.05
C GLY P 52 -76.63 42.40 -56.31
N TYR P 53 -77.37 42.79 -55.28
CA TYR P 53 -78.70 43.36 -55.45
C TYR P 53 -78.71 44.88 -55.37
N LEU P 54 -77.54 45.51 -55.30
CA LEU P 54 -77.48 46.96 -55.18
C LEU P 54 -78.00 47.63 -56.45
N THR P 55 -78.39 48.89 -56.30
CA THR P 55 -78.80 49.75 -57.40
C THR P 55 -77.75 50.84 -57.59
N ASP P 56 -77.99 51.71 -58.59
CA ASP P 56 -77.03 52.77 -58.87
C ASP P 56 -77.11 53.89 -57.84
N GLU P 57 -78.32 54.25 -57.40
CA GLU P 57 -78.46 55.30 -56.39
C GLU P 57 -77.83 54.89 -55.08
N GLN P 58 -77.96 53.62 -54.70
CA GLN P 58 -77.33 53.12 -53.48
C GLN P 58 -75.81 53.18 -53.57
N VAL P 59 -75.24 52.81 -54.72
CA VAL P 59 -73.79 52.88 -54.89
C VAL P 59 -73.31 54.33 -54.81
N LYS P 60 -74.06 55.24 -55.44
CA LYS P 60 -73.72 56.66 -55.35
C LYS P 60 -73.76 57.14 -53.90
N LYS P 61 -74.78 56.72 -53.15
CA LYS P 61 -74.89 57.13 -51.76
C LYS P 61 -73.73 56.60 -50.92
N ILE P 62 -73.34 55.34 -51.16
CA ILE P 62 -72.22 54.76 -50.43
C ILE P 62 -70.93 55.52 -50.74
N GLU P 63 -70.71 55.85 -52.02
CA GLU P 63 -69.52 56.61 -52.39
C GLU P 63 -69.53 58.00 -51.77
N GLU P 64 -70.72 58.63 -51.68
CA GLU P 64 -70.82 59.92 -51.02
C GLU P 64 -70.49 59.82 -49.53
N ILE P 65 -70.99 58.77 -48.87
CA ILE P 65 -70.67 58.57 -47.46
C ILE P 65 -69.18 58.38 -47.26
N LEU P 66 -68.57 57.55 -48.11
CA LEU P 66 -67.13 57.32 -48.00
C LEU P 66 -66.31 58.57 -48.33
N GLN P 67 -66.86 59.49 -49.11
CA GLN P 67 -66.16 60.74 -49.37
C GLN P 67 -66.02 61.57 -48.09
N ASP P 68 -67.07 61.64 -47.28
CA ASP P 68 -67.06 62.47 -46.06
C ASP P 68 -67.90 61.79 -45.00
N PRO P 69 -67.34 60.80 -44.30
CA PRO P 69 -68.15 60.07 -43.31
C PRO P 69 -68.59 60.91 -42.13
N VAL P 70 -67.72 61.80 -41.63
CA VAL P 70 -68.05 62.55 -40.42
C VAL P 70 -69.26 63.45 -40.66
N ALA P 71 -69.32 64.11 -41.81
CA ALA P 71 -70.46 64.96 -42.13
C ALA P 71 -71.75 64.17 -42.32
N HIS P 72 -71.69 62.85 -42.42
CA HIS P 72 -72.88 62.03 -42.56
C HIS P 72 -73.29 61.33 -41.26
N GLY P 73 -72.66 61.67 -40.14
CA GLY P 73 -73.08 61.14 -38.85
C GLY P 73 -72.22 60.04 -38.26
N ILE P 74 -71.11 59.69 -38.89
CA ILE P 74 -70.20 58.71 -38.30
C ILE P 74 -69.33 59.43 -37.26
N PRO P 75 -69.18 58.88 -36.05
CA PRO P 75 -68.47 59.61 -34.98
C PRO P 75 -67.02 59.89 -35.35
N ARG P 76 -66.50 60.97 -34.76
CA ARG P 76 -65.12 61.40 -35.02
C ARG P 76 -64.06 60.45 -34.47
N TRP P 77 -64.44 59.52 -33.59
CA TRP P 77 -63.47 58.57 -33.05
C TRP P 77 -63.40 57.27 -33.86
N ALA P 78 -64.12 57.18 -34.97
CA ALA P 78 -64.15 55.98 -35.79
C ALA P 78 -63.37 56.09 -37.09
N VAL P 79 -62.82 57.25 -37.41
CA VAL P 79 -62.14 57.44 -38.69
C VAL P 79 -60.66 57.10 -38.53
N ASN P 80 -60.02 56.75 -39.64
CA ASN P 80 -58.64 56.28 -39.59
C ASN P 80 -57.60 57.39 -39.69
N ARG P 81 -58.01 58.66 -39.73
CA ARG P 81 -57.06 59.78 -39.69
C ARG P 81 -57.68 60.96 -38.96
N PRO P 82 -57.94 60.83 -37.66
CA PRO P 82 -58.43 61.97 -36.90
C PRO P 82 -57.34 63.03 -36.72
N LYS P 83 -57.76 64.29 -36.75
CA LYS P 83 -56.87 65.43 -36.48
C LYS P 83 -55.68 65.46 -37.45
N ASP P 84 -56.01 65.59 -38.74
CA ASP P 84 -55.01 65.55 -39.81
C ASP P 84 -53.88 66.54 -39.56
N TYR P 85 -52.66 66.13 -39.91
CA TYR P 85 -51.47 66.93 -39.60
C TYR P 85 -51.44 68.24 -40.37
N GLU P 86 -52.03 68.30 -41.56
CA GLU P 86 -51.95 69.52 -42.34
C GLU P 86 -53.11 70.47 -42.05
N THR P 87 -54.34 70.01 -42.30
CA THR P 87 -55.51 70.86 -42.14
C THR P 87 -56.03 70.90 -40.72
N GLY P 88 -55.86 69.81 -39.95
CA GLY P 88 -56.40 69.73 -38.63
C GLY P 88 -57.81 69.15 -38.53
N ARG P 89 -58.39 68.73 -39.64
CA ARG P 89 -59.72 68.14 -39.64
C ARG P 89 -59.65 66.63 -39.38
N ASP P 90 -60.82 66.02 -39.23
CA ASP P 90 -60.94 64.58 -39.02
C ASP P 90 -61.29 63.93 -40.35
N LEU P 91 -60.34 63.19 -40.93
CA LEU P 91 -60.45 62.67 -42.29
C LEU P 91 -60.40 61.15 -42.30
N HIS P 92 -60.95 60.58 -43.37
CA HIS P 92 -60.89 59.14 -43.63
C HIS P 92 -60.44 58.92 -45.06
N LEU P 93 -59.45 58.04 -45.27
CA LEU P 93 -58.81 57.86 -46.56
C LEU P 93 -58.87 56.40 -46.97
N ILE P 94 -58.85 56.17 -48.28
CA ILE P 94 -58.86 54.82 -48.84
C ILE P 94 -57.85 54.73 -49.98
N THR P 95 -57.19 53.57 -50.08
CA THR P 95 -56.41 53.14 -51.25
C THR P 95 -55.23 54.09 -51.47
N ALA P 96 -55.10 54.71 -52.64
CA ALA P 96 -53.88 55.42 -53.00
C ALA P 96 -53.62 56.61 -52.10
N LYS P 97 -54.68 57.35 -51.74
CA LYS P 97 -54.51 58.48 -50.83
C LYS P 97 -54.01 58.01 -49.47
N LEU P 98 -54.57 56.91 -48.96
CA LEU P 98 -54.11 56.36 -47.70
C LEU P 98 -52.63 55.98 -47.77
N ASP P 99 -52.23 55.30 -48.86
CA ASP P 99 -50.84 54.90 -49.00
C ASP P 99 -49.92 56.10 -49.08
N MET P 100 -50.31 57.14 -49.82
CA MET P 100 -49.45 58.31 -49.95
C MET P 100 -49.36 59.08 -48.63
N ALA P 101 -50.45 59.13 -47.85
CA ALA P 101 -50.37 59.78 -46.54
C ALA P 101 -49.43 59.04 -45.60
N ILE P 102 -49.48 57.70 -45.61
CA ILE P 102 -48.55 56.94 -44.77
C ILE P 102 -47.11 57.19 -45.19
N ARG P 103 -46.87 57.17 -46.52
CA ARG P 103 -45.53 57.42 -47.02
C ARG P 103 -45.05 58.82 -46.62
N GLU P 104 -45.95 59.81 -46.67
CA GLU P 104 -45.58 61.16 -46.27
C GLU P 104 -45.22 61.23 -44.79
N ASP P 105 -45.98 60.53 -43.93
CA ASP P 105 -45.66 60.51 -42.51
C ASP P 105 -44.26 59.96 -42.27
N ILE P 106 -43.95 58.82 -42.88
CA ILE P 106 -42.62 58.22 -42.70
C ILE P 106 -41.54 59.14 -43.25
N MET P 107 -41.78 59.75 -44.42
CA MET P 107 -40.79 60.66 -44.99
C MET P 107 -40.56 61.86 -44.09
N ARG P 108 -41.62 62.42 -43.50
CA ARG P 108 -41.45 63.54 -42.58
C ARG P 108 -40.60 63.14 -41.39
N LEU P 109 -40.83 61.95 -40.85
CA LEU P 109 -39.97 61.48 -39.76
C LEU P 109 -38.52 61.40 -40.22
N ARG P 110 -38.29 60.91 -41.44
CA ARG P 110 -36.92 60.73 -41.92
C ARG P 110 -36.22 62.05 -42.18
N ARG P 111 -36.96 63.08 -42.62
CA ARG P 111 -36.32 64.34 -42.99
C ARG P 111 -35.71 65.04 -41.79
N ILE P 112 -36.34 64.93 -40.62
CA ILE P 112 -35.80 65.57 -39.42
C ILE P 112 -34.81 64.68 -38.68
N ARG P 113 -34.56 63.47 -39.18
CA ARG P 113 -33.59 62.53 -38.59
C ARG P 113 -33.98 62.14 -37.16
N ALA P 114 -35.25 61.81 -36.97
CA ALA P 114 -35.72 61.29 -35.70
C ALA P 114 -35.40 59.80 -35.57
N TYR P 115 -35.32 59.32 -34.33
CA TYR P 115 -34.97 57.94 -34.05
C TYR P 115 -35.86 56.97 -34.83
N ARG P 116 -37.16 57.22 -34.84
CA ARG P 116 -38.09 56.36 -35.57
C ARG P 116 -37.78 56.35 -37.07
N GLY P 117 -37.46 57.52 -37.64
CA GLY P 117 -37.12 57.57 -39.05
C GLY P 117 -35.89 56.75 -39.40
N ILE P 118 -34.89 56.78 -38.51
CA ILE P 118 -33.68 56.00 -38.73
C ILE P 118 -34.00 54.50 -38.64
N ARG P 119 -34.86 54.12 -37.69
CA ARG P 119 -35.29 52.72 -37.61
C ARG P 119 -36.02 52.29 -38.89
N HIS P 120 -36.87 53.18 -39.43
CA HIS P 120 -37.53 52.89 -40.69
C HIS P 120 -36.51 52.70 -41.82
N GLU P 121 -35.50 53.58 -41.88
CA GLU P 121 -34.50 53.49 -42.94
C GLU P 121 -33.72 52.19 -42.87
N LEU P 122 -33.29 51.79 -41.67
CA LEU P 122 -32.48 50.58 -41.57
C LEU P 122 -33.30 49.30 -41.63
N GLY P 123 -34.62 49.39 -41.64
CA GLY P 123 -35.47 48.20 -41.61
C GLY P 123 -35.42 47.42 -40.32
N LEU P 124 -35.45 48.10 -39.18
CA LEU P 124 -35.40 47.49 -37.86
C LEU P 124 -36.66 47.85 -37.08
N PRO P 125 -37.03 47.06 -36.08
CA PRO P 125 -38.29 47.33 -35.36
C PRO P 125 -38.29 48.72 -34.73
N VAL P 126 -39.45 49.36 -34.75
CA VAL P 126 -39.57 50.76 -34.38
C VAL P 126 -40.28 50.98 -33.05
N ARG P 127 -40.91 49.96 -32.48
CA ARG P 127 -41.73 50.13 -31.28
C ARG P 127 -41.12 49.46 -30.04
N GLY P 128 -39.79 49.56 -29.90
CA GLY P 128 -39.12 49.24 -28.66
C GLY P 128 -38.83 47.78 -28.37
N GLN P 129 -38.91 46.89 -29.36
CA GLN P 129 -38.73 45.46 -29.15
C GLN P 129 -37.26 45.10 -28.91
N ARG P 130 -37.05 43.98 -28.22
CA ARG P 130 -35.74 43.36 -28.13
C ARG P 130 -35.40 42.66 -29.45
N THR P 131 -34.14 42.74 -29.88
CA THR P 131 -33.73 42.20 -31.17
C THR P 131 -32.61 41.15 -31.09
N ARG P 132 -32.25 40.68 -29.90
CA ARG P 132 -31.17 39.69 -29.84
C ARG P 132 -31.64 38.31 -30.28
N SER P 133 -32.83 37.89 -29.86
CA SER P 133 -33.31 36.52 -30.10
C SER P 133 -34.18 36.40 -31.35
N ASN P 134 -35.30 37.13 -31.39
CA ASN P 134 -36.25 36.98 -32.48
C ASN P 134 -35.98 38.04 -33.56
N PHE P 135 -36.91 38.16 -34.53
CA PHE P 135 -36.79 39.08 -35.65
C PHE P 135 -35.58 38.77 -36.54
N ARG P 136 -35.26 37.48 -36.68
CA ARG P 136 -34.15 37.06 -37.52
C ARG P 136 -34.67 36.72 -38.92
N ARG P 137 -34.10 37.35 -39.93
CA ARG P 137 -34.43 37.05 -41.32
C ARG P 137 -33.12 37.05 -42.10
N GLY P 138 -32.62 35.85 -42.41
CA GLY P 138 -31.37 35.72 -43.13
C GLY P 138 -30.92 34.29 -43.28
N GLN P 139 -29.61 34.06 -43.22
CA GLN P 139 -29.04 32.73 -43.26
C GLN P 139 -27.91 32.65 -42.24
N THR P 140 -27.63 31.44 -41.77
CA THR P 140 -26.66 31.25 -40.70
C THR P 140 -25.26 31.59 -41.17
N VAL P 141 -24.50 32.27 -40.31
CA VAL P 141 -23.08 32.54 -40.52
C VAL P 141 -22.28 31.38 -39.93
N GLY P 142 -21.14 31.07 -40.54
CA GLY P 142 -20.31 29.99 -40.05
C GLY P 142 -19.11 30.49 -39.27
N VAL P 143 -18.65 29.65 -38.35
CA VAL P 143 -17.42 29.92 -37.61
C VAL P 143 -16.24 29.28 -38.32
N ALA Q 2 -21.91 75.26 1.79
CA ALA Q 2 -22.18 74.00 2.45
C ALA Q 2 -21.62 72.83 1.65
N LYS Q 3 -20.70 72.08 2.25
CA LYS Q 3 -20.07 70.94 1.59
C LYS Q 3 -20.67 69.60 1.97
N ALA Q 4 -21.21 69.46 3.18
CA ALA Q 4 -21.83 68.20 3.58
C ALA Q 4 -23.07 67.89 2.76
N ASP Q 5 -23.64 68.88 2.07
CA ASP Q 5 -24.78 68.63 1.19
C ASP Q 5 -24.43 67.62 0.11
N TYR Q 6 -23.17 67.58 -0.31
CA TYR Q 6 -22.74 66.65 -1.36
C TYR Q 6 -22.26 65.27 -0.92
N ASN Q 7 -22.85 64.77 0.16
CA ASN Q 7 -22.50 63.45 0.71
C ASN Q 7 -23.91 62.85 0.83
N LYS Q 8 -24.87 63.69 1.23
CA LYS Q 8 -26.24 63.29 1.48
C LYS Q 8 -27.06 62.68 0.32
N ARG Q 9 -27.84 61.64 0.67
CA ARG Q 9 -28.71 60.93 -0.27
C ARG Q 9 -30.07 61.61 -0.38
N LYS Q 10 -30.68 61.44 -1.54
CA LYS Q 10 -32.06 61.89 -1.75
C LYS Q 10 -33.03 60.90 -1.09
N PRO Q 11 -34.04 61.41 -0.37
CA PRO Q 11 -35.02 60.55 0.34
C PRO Q 11 -36.18 60.04 -0.54
N ARG Q 12 -35.94 58.93 -1.21
CA ARG Q 12 -36.96 58.35 -2.08
C ARG Q 12 -38.08 57.68 -1.29
N LYS Q 13 -39.26 57.60 -1.92
CA LYS Q 13 -40.41 56.94 -1.33
C LYS Q 13 -40.87 55.71 -2.08
N PHE Q 14 -40.40 55.47 -3.31
CA PHE Q 14 -40.67 54.22 -4.02
C PHE Q 14 -39.41 53.80 -4.77
N GLY Q 15 -39.44 52.57 -5.28
CA GLY Q 15 -38.30 51.98 -5.95
C GLY Q 15 -37.50 51.08 -5.02
N LYS Q 16 -36.55 50.36 -5.61
CA LYS Q 16 -35.71 49.44 -4.83
C LYS Q 16 -34.87 50.18 -3.80
N GLY Q 17 -34.56 51.46 -4.04
CA GLY Q 17 -33.75 52.26 -3.14
C GLY Q 17 -34.46 52.78 -1.91
N ALA Q 18 -35.76 52.58 -1.78
CA ALA Q 18 -36.52 53.06 -0.64
C ALA Q 18 -36.72 52.00 0.45
N ARG Q 19 -36.16 50.81 0.30
CA ARG Q 19 -36.38 49.73 1.26
C ARG Q 19 -35.07 48.98 1.49
N ARG Q 20 -34.62 48.92 2.74
CA ARG Q 20 -33.44 48.17 3.13
C ARG Q 20 -33.81 47.17 4.22
N CYS Q 21 -33.10 46.04 4.22
CA CYS Q 21 -33.27 45.05 5.29
C CYS Q 21 -32.87 45.63 6.63
N ILE Q 22 -33.72 45.44 7.65
CA ILE Q 22 -33.44 46.00 8.97
C ILE Q 22 -32.36 45.26 9.72
N ARG Q 23 -31.94 44.08 9.24
CA ARG Q 23 -30.93 43.27 9.92
C ARG Q 23 -29.55 43.38 9.28
N CYS Q 24 -29.47 43.43 7.95
CA CYS Q 24 -28.17 43.43 7.28
C CYS Q 24 -27.97 44.56 6.28
N GLY Q 25 -29.01 45.34 5.96
CA GLY Q 25 -28.87 46.48 5.08
C GLY Q 25 -28.96 46.21 3.59
N GLN Q 26 -29.21 44.97 3.17
CA GLN Q 26 -29.28 44.67 1.75
C GLN Q 26 -30.48 45.33 1.09
N TYR Q 27 -30.28 45.81 -0.14
CA TYR Q 27 -31.39 46.14 -1.05
C TYR Q 27 -31.76 44.91 -1.88
N GLY Q 28 -33.00 44.87 -2.35
CA GLY Q 28 -33.40 43.84 -3.28
C GLY Q 28 -34.53 42.94 -2.81
N PRO Q 29 -34.22 41.68 -2.53
CA PRO Q 29 -35.27 40.69 -2.20
C PRO Q 29 -35.84 40.86 -0.81
N ILE Q 30 -36.68 41.88 -0.63
CA ILE Q 30 -37.23 42.24 0.67
C ILE Q 30 -38.63 41.63 0.79
N ILE Q 31 -38.87 40.94 1.90
CA ILE Q 31 -40.18 40.37 2.19
C ILE Q 31 -41.01 41.46 2.87
N ARG Q 32 -42.02 41.96 2.15
CA ARG Q 32 -42.89 43.03 2.64
C ARG Q 32 -44.18 42.51 3.27
N ILE Q 33 -44.34 41.20 3.42
CA ILE Q 33 -45.61 40.64 3.86
C ILE Q 33 -45.88 41.04 5.32
N HIS Q 34 -47.05 41.61 5.57
CA HIS Q 34 -47.54 41.94 6.92
C HIS Q 34 -46.55 42.81 7.70
N GLY Q 35 -45.87 43.72 7.01
CA GLY Q 35 -45.03 44.69 7.68
C GLY Q 35 -43.63 44.22 8.05
N LEU Q 36 -43.28 42.97 7.78
CA LEU Q 36 -41.89 42.56 7.88
C LEU Q 36 -41.06 43.36 6.89
N MET Q 37 -39.83 43.68 7.28
CA MET Q 37 -38.83 44.22 6.35
C MET Q 37 -37.56 43.42 6.56
N LEU Q 38 -37.48 42.26 5.94
CA LEU Q 38 -36.34 41.36 6.10
C LEU Q 38 -36.04 40.70 4.77
N CYS Q 39 -34.75 40.59 4.46
CA CYS Q 39 -34.32 39.89 3.25
C CYS Q 39 -34.71 38.41 3.33
N ARG Q 40 -34.79 37.78 2.15
CA ARG Q 40 -35.06 36.35 2.11
C ARG Q 40 -33.98 35.57 2.86
N HIS Q 41 -32.72 36.00 2.76
CA HIS Q 41 -31.64 35.33 3.47
C HIS Q 41 -31.83 35.44 4.98
N CYS Q 42 -32.14 36.64 5.48
CA CYS Q 42 -32.24 36.84 6.92
C CYS Q 42 -33.50 36.22 7.51
N PHE Q 43 -34.59 36.15 6.73
CA PHE Q 43 -35.82 35.58 7.27
C PHE Q 43 -35.69 34.09 7.54
N ARG Q 44 -34.90 33.37 6.73
CA ARG Q 44 -34.76 31.94 6.92
C ARG Q 44 -34.14 31.61 8.27
N GLU Q 45 -33.12 32.35 8.68
CA GLU Q 45 -32.40 31.98 9.90
C GLU Q 45 -33.03 32.52 11.19
N VAL Q 46 -33.94 33.49 11.12
CA VAL Q 46 -34.58 34.00 12.33
C VAL Q 46 -36.04 33.61 12.42
N ALA Q 47 -36.59 32.95 11.41
CA ALA Q 47 -38.01 32.57 11.45
C ALA Q 47 -38.39 31.75 12.68
N PRO Q 48 -37.60 30.77 13.14
CA PRO Q 48 -37.98 30.07 14.38
C PRO Q 48 -38.05 30.99 15.60
N LYS Q 49 -37.18 32.00 15.68
CA LYS Q 49 -37.22 32.92 16.82
C LYS Q 49 -38.47 33.79 16.82
N LEU Q 50 -39.03 34.06 15.64
CA LEU Q 50 -40.26 34.84 15.53
C LEU Q 50 -41.51 34.01 15.82
N GLY Q 51 -41.40 32.68 15.89
CA GLY Q 51 -42.54 31.83 16.14
C GLY Q 51 -43.09 31.07 14.96
N PHE Q 52 -42.43 31.11 13.80
CA PHE Q 52 -42.86 30.35 12.63
C PHE Q 52 -42.38 28.91 12.71
N ARG Q 53 -43.17 27.99 12.14
CA ARG Q 53 -42.83 26.57 12.11
C ARG Q 53 -43.08 25.99 10.73
N LYS Q 54 -42.33 24.93 10.41
CA LYS Q 54 -42.50 24.20 9.15
C LYS Q 54 -43.32 22.94 9.43
N TYR Q 55 -44.64 23.08 9.30
CA TYR Q 55 -45.53 21.94 9.49
C TYR Q 55 -45.54 21.01 8.28
N GLU Q 56 -45.42 21.56 7.08
CA GLU Q 56 -45.42 20.77 5.85
C GLU Q 56 -44.67 21.49 4.73
N ALA R 2 18.75 -47.53 -3.04
CA ALA R 2 17.83 -47.67 -4.17
C ALA R 2 18.48 -48.47 -5.31
N ARG R 3 17.67 -48.88 -6.27
CA ARG R 3 18.18 -49.58 -7.45
C ARG R 3 19.20 -48.70 -8.19
N MET R 4 20.24 -49.34 -8.71
CA MET R 4 21.40 -48.63 -9.25
C MET R 4 21.00 -47.63 -10.34
N HIS R 5 20.06 -47.99 -11.20
CA HIS R 5 19.68 -47.11 -12.30
C HIS R 5 18.24 -46.62 -12.22
N ALA R 6 17.28 -47.50 -11.94
CA ALA R 6 15.87 -47.11 -11.95
C ALA R 6 15.43 -46.36 -10.69
N ARG R 7 16.28 -46.30 -9.65
CA ARG R 7 16.04 -45.53 -8.43
C ARG R 7 14.80 -45.98 -7.65
N LYS R 8 14.36 -47.22 -7.81
CA LYS R 8 13.27 -47.72 -7.00
C LYS R 8 13.79 -48.22 -5.65
N ARG R 9 12.88 -48.33 -4.68
CA ARG R 9 13.27 -48.64 -3.32
C ARG R 9 12.65 -49.95 -2.82
N GLY R 10 12.67 -51.00 -3.65
CA GLY R 10 12.15 -52.28 -3.23
C GLY R 10 12.93 -52.87 -2.06
N LYS R 11 12.23 -53.62 -1.22
CA LYS R 11 12.80 -54.14 0.02
C LYS R 11 12.79 -55.65 0.14
N SER R 12 12.23 -56.39 -0.81
CA SER R 12 12.08 -57.83 -0.66
C SER R 12 13.44 -58.53 -0.56
N GLY R 13 13.49 -59.56 0.27
CA GLY R 13 14.72 -60.29 0.49
C GLY R 13 14.53 -61.29 1.62
N SER R 14 15.63 -61.93 2.01
CA SER R 14 15.58 -62.98 3.02
C SER R 14 15.81 -62.41 4.42
N LYS R 15 15.26 -63.09 5.42
CA LYS R 15 15.33 -62.65 6.81
C LYS R 15 15.91 -63.80 7.65
N ARG R 16 17.24 -63.83 7.75
CA ARG R 16 17.96 -64.92 8.40
C ARG R 16 17.98 -64.71 9.91
N PRO R 17 17.53 -65.70 10.70
CA PRO R 17 17.63 -65.56 12.14
C PRO R 17 19.08 -65.66 12.60
N PRO R 18 19.44 -65.02 13.72
CA PRO R 18 20.82 -65.12 14.22
C PRO R 18 21.00 -66.40 15.02
N ARG R 19 21.93 -67.23 14.57
CA ARG R 19 22.26 -68.49 15.23
C ARG R 19 23.73 -68.87 14.96
N THR R 20 24.30 -69.68 15.84
CA THR R 20 25.68 -70.12 15.68
C THR R 20 25.84 -71.53 15.15
N ALA R 21 25.25 -72.52 15.83
CA ALA R 21 25.36 -73.93 15.53
C ALA R 21 24.25 -74.38 14.58
N PRO R 22 24.42 -75.52 13.92
CA PRO R 22 23.29 -76.12 13.20
C PRO R 22 22.18 -76.52 14.15
N PRO R 23 20.94 -76.54 13.70
CA PRO R 23 19.83 -76.93 14.57
C PRO R 23 19.92 -78.39 14.99
N ILE R 24 19.22 -78.70 16.08
CA ILE R 24 19.25 -80.05 16.64
C ILE R 24 18.67 -81.07 15.67
N TRP R 25 17.65 -80.67 14.90
CA TRP R 25 16.96 -81.60 14.03
C TRP R 25 17.70 -81.91 12.73
N LEU R 26 18.83 -81.25 12.46
CA LEU R 26 19.59 -81.51 11.24
C LEU R 26 20.60 -82.63 11.52
N GLU R 27 20.44 -83.75 10.80
CA GLU R 27 21.24 -84.94 11.05
C GLU R 27 22.45 -85.09 10.14
N TYR R 28 22.48 -84.39 9.00
CA TYR R 28 23.60 -84.53 8.08
C TYR R 28 24.89 -84.03 8.70
N THR R 29 25.99 -84.73 8.40
CA THR R 29 27.31 -84.29 8.81
C THR R 29 27.95 -83.46 7.69
N VAL R 30 29.17 -82.98 7.93
CA VAL R 30 29.84 -82.14 6.95
C VAL R 30 30.21 -82.95 5.71
N GLU R 31 30.63 -84.21 5.91
CA GLU R 31 31.06 -85.02 4.77
C GLU R 31 29.91 -85.30 3.81
N ASP R 32 28.74 -85.64 4.36
CA ASP R 32 27.56 -85.81 3.53
C ASP R 32 27.24 -84.54 2.75
N ILE R 33 27.38 -83.38 3.40
CA ILE R 33 27.02 -82.13 2.75
C ILE R 33 27.99 -81.82 1.61
N GLU R 34 29.28 -82.06 1.81
CA GLU R 34 30.24 -81.86 0.73
C GLU R 34 29.98 -82.81 -0.42
N ASN R 35 29.65 -84.07 -0.12
CA ASN R 35 29.33 -85.02 -1.17
C ASN R 35 28.11 -84.58 -1.96
N LEU R 36 27.07 -84.10 -1.26
CA LEU R 36 25.87 -83.61 -1.94
C LEU R 36 26.20 -82.42 -2.84
N VAL R 37 27.03 -81.50 -2.34
CA VAL R 37 27.38 -80.32 -3.13
C VAL R 37 28.12 -80.73 -4.40
N VAL R 38 29.07 -81.66 -4.29
CA VAL R 38 29.82 -82.11 -5.47
C VAL R 38 28.88 -82.79 -6.46
N LYS R 39 27.99 -83.65 -5.98
CA LYS R 39 27.06 -84.34 -6.88
C LYS R 39 26.18 -83.34 -7.62
N LEU R 40 25.64 -82.36 -6.91
CA LEU R 40 24.78 -81.38 -7.56
C LEU R 40 25.55 -80.54 -8.58
N ARG R 41 26.79 -80.16 -8.25
CA ARG R 41 27.59 -79.39 -9.20
C ARG R 41 27.89 -80.20 -10.46
N LYS R 42 28.20 -81.48 -10.29
CA LYS R 42 28.42 -82.35 -11.44
C LYS R 42 27.16 -82.55 -12.25
N GLU R 43 25.98 -82.38 -11.64
CA GLU R 43 24.76 -82.41 -12.44
C GLU R 43 24.56 -81.13 -13.27
N GLY R 44 25.33 -80.08 -13.03
CA GLY R 44 25.34 -78.92 -13.88
C GLY R 44 24.63 -77.69 -13.36
N TYR R 45 24.62 -77.45 -12.06
CA TYR R 45 23.88 -76.34 -11.47
C TYR R 45 24.81 -75.19 -11.09
N SER R 46 24.23 -74.00 -11.03
CA SER R 46 24.94 -72.83 -10.54
C SER R 46 25.07 -72.90 -9.02
N THR R 47 25.99 -72.09 -8.49
CA THR R 47 26.20 -72.05 -7.04
C THR R 47 24.95 -71.58 -6.30
N ALA R 48 24.22 -70.61 -6.87
CA ALA R 48 22.96 -70.20 -6.28
C ALA R 48 21.91 -71.30 -6.34
N MET R 49 21.92 -72.10 -7.41
CA MET R 49 20.91 -73.15 -7.56
C MET R 49 21.15 -74.30 -6.59
N ILE R 50 22.43 -74.62 -6.33
CA ILE R 50 22.77 -75.70 -5.41
C ILE R 50 22.23 -75.40 -4.01
N GLY R 51 22.42 -74.16 -3.55
CA GLY R 51 21.92 -73.80 -2.23
C GLY R 51 20.41 -73.83 -2.16
N THR R 52 19.74 -73.42 -3.24
CA THR R 52 18.28 -73.50 -3.29
C THR R 52 17.81 -74.94 -3.15
N ILE R 53 18.43 -75.86 -3.90
CA ILE R 53 18.02 -77.26 -3.83
C ILE R 53 18.29 -77.83 -2.44
N LEU R 54 19.46 -77.52 -1.87
CA LEU R 54 19.78 -78.02 -0.54
C LEU R 54 18.80 -77.51 0.51
N ARG R 55 18.37 -76.25 0.40
CA ARG R 55 17.38 -75.75 1.35
C ARG R 55 16.03 -76.40 1.14
N ASP R 56 15.55 -76.44 -0.11
CA ASP R 56 14.17 -76.82 -0.38
C ASP R 56 13.94 -78.32 -0.18
N GLN R 57 14.86 -79.16 -0.68
CA GLN R 57 14.60 -80.59 -0.74
C GLN R 57 15.24 -81.38 0.39
N TYR R 58 16.41 -80.96 0.88
CA TYR R 58 17.11 -81.71 1.91
C TYR R 58 17.01 -81.08 3.29
N GLY R 59 16.27 -79.99 3.45
CA GLY R 59 16.14 -79.36 4.74
C GLY R 59 17.43 -78.84 5.31
N ILE R 60 18.36 -78.42 4.46
CA ILE R 60 19.63 -77.87 4.92
C ILE R 60 19.58 -76.36 4.80
N PRO R 61 19.39 -75.63 5.89
CA PRO R 61 19.69 -74.20 5.86
C PRO R 61 21.20 -74.08 5.65
N THR R 62 21.61 -72.92 5.15
CA THR R 62 22.88 -72.75 4.44
C THR R 62 24.07 -73.52 5.01
N VAL R 63 24.97 -73.96 4.13
CA VAL R 63 26.22 -74.58 4.55
C VAL R 63 27.08 -73.67 5.41
N LYS R 64 26.75 -72.37 5.50
CA LYS R 64 27.51 -71.47 6.35
C LYS R 64 27.04 -71.60 7.79
N LEU R 65 26.87 -72.82 8.24
CA LEU R 65 26.60 -73.13 9.64
C LEU R 65 27.65 -74.05 10.22
N PHE R 66 28.54 -74.57 9.39
CA PHE R 66 29.63 -75.45 9.80
C PHE R 66 30.96 -74.73 9.64
N ARG R 67 31.89 -75.04 10.55
CA ARG R 67 33.26 -74.57 10.40
C ARG R 67 33.97 -75.37 9.33
N ASP R 68 34.94 -74.73 8.68
CA ASP R 68 35.78 -75.41 7.72
C ASP R 68 36.64 -76.44 8.45
N PRO R 69 36.58 -77.72 8.08
CA PRO R 69 37.45 -78.70 8.74
C PRO R 69 38.93 -78.43 8.59
N ASP R 70 39.34 -77.79 7.49
CA ASP R 70 40.75 -77.47 7.30
C ASP R 70 41.14 -76.20 8.05
N ASN R 71 40.52 -75.08 7.70
CA ASN R 71 40.88 -73.80 8.30
C ASN R 71 39.87 -73.45 9.37
N PRO R 72 40.23 -73.49 10.65
CA PRO R 72 39.28 -73.10 11.70
C PRO R 72 38.97 -71.61 11.74
N ASN R 73 39.69 -70.79 10.97
CA ASN R 73 39.46 -69.35 10.99
C ASN R 73 38.21 -68.93 10.23
N ARG R 74 37.58 -69.82 9.48
CA ARG R 74 36.50 -69.44 8.58
C ARG R 74 35.42 -70.49 8.54
N LYS R 75 34.23 -70.09 8.10
CA LYS R 75 33.12 -70.99 7.92
C LYS R 75 33.07 -71.49 6.48
N LEU R 76 32.22 -72.48 6.25
CA LEU R 76 32.12 -73.14 4.96
C LEU R 76 31.19 -72.36 4.02
N THR R 77 31.56 -72.28 2.75
CA THR R 77 30.68 -71.77 1.69
C THR R 77 30.71 -72.73 0.51
N ILE R 78 29.73 -72.58 -0.38
CA ILE R 78 29.63 -73.50 -1.51
C ILE R 78 30.83 -73.35 -2.44
N THR R 79 31.26 -72.12 -2.70
CA THR R 79 32.42 -71.89 -3.56
C THR R 79 33.69 -72.44 -2.93
N ARG R 80 33.86 -72.29 -1.61
CA ARG R 80 35.04 -72.85 -0.95
C ARG R 80 35.05 -74.38 -1.05
N ILE R 81 33.88 -75.01 -0.88
CA ILE R 81 33.79 -76.46 -1.02
C ILE R 81 34.17 -76.89 -2.43
N LEU R 82 33.65 -76.19 -3.44
CA LEU R 82 33.98 -76.56 -4.81
C LEU R 82 35.46 -76.34 -5.12
N GLU R 83 36.05 -75.27 -4.56
CA GLU R 83 37.49 -75.05 -4.70
C GLU R 83 38.28 -76.21 -4.10
N LYS R 84 37.83 -76.75 -2.97
CA LYS R 84 38.54 -77.85 -2.33
C LYS R 84 38.58 -79.12 -3.19
N HIS R 85 37.75 -79.21 -4.23
CA HIS R 85 37.74 -80.36 -5.13
C HIS R 85 38.11 -80.03 -6.57
N GLY R 86 38.33 -78.76 -6.90
CA GLY R 86 38.73 -78.38 -8.24
C GLY R 86 37.62 -78.12 -9.23
N LEU R 87 36.39 -77.91 -8.77
CA LEU R 87 35.24 -77.68 -9.64
C LEU R 87 34.71 -76.24 -9.56
N ALA R 88 35.53 -75.30 -9.11
CA ALA R 88 35.10 -73.92 -8.95
C ALA R 88 35.06 -73.21 -10.31
N PRO R 89 34.16 -72.26 -10.49
CA PRO R 89 34.08 -71.54 -11.77
C PRO R 89 35.36 -70.77 -12.09
N GLU R 90 35.71 -70.76 -13.38
CA GLU R 90 36.89 -70.03 -13.83
C GLU R 90 36.65 -68.53 -13.88
N ILE R 91 35.45 -68.12 -14.29
CA ILE R 91 35.03 -66.72 -14.27
C ILE R 91 33.98 -66.59 -13.16
N PRO R 92 33.97 -65.49 -12.40
CA PRO R 92 32.92 -65.33 -11.39
C PRO R 92 31.53 -65.36 -12.03
N GLU R 93 30.60 -65.99 -11.32
CA GLU R 93 29.32 -66.36 -11.92
C GLU R 93 28.48 -65.14 -12.32
N ASP R 94 28.47 -64.09 -11.50
CA ASP R 94 27.63 -62.94 -11.82
C ASP R 94 28.10 -62.25 -13.10
N LEU R 95 29.42 -62.11 -13.27
CA LEU R 95 29.98 -61.59 -14.51
C LEU R 95 29.61 -62.47 -15.69
N MET R 96 29.69 -63.79 -15.51
CA MET R 96 29.37 -64.73 -16.58
C MET R 96 27.91 -64.61 -17.02
N PHE R 97 26.99 -64.55 -16.06
CA PHE R 97 25.57 -64.41 -16.40
C PHE R 97 25.30 -63.09 -17.12
N LEU R 98 25.94 -62.00 -16.67
CA LEU R 98 25.74 -60.72 -17.37
C LEU R 98 26.28 -60.75 -18.79
N ILE R 99 27.48 -61.33 -18.98
CA ILE R 99 28.04 -61.44 -20.33
C ILE R 99 27.13 -62.27 -21.22
N LYS R 100 26.58 -63.36 -20.70
CA LYS R 100 25.66 -64.19 -21.46
C LYS R 100 24.40 -63.42 -21.85
N ARG R 101 23.88 -62.58 -20.94
CA ARG R 101 22.73 -61.75 -21.31
C ARG R 101 23.08 -60.77 -22.41
N ALA R 102 24.30 -60.21 -22.38
CA ALA R 102 24.67 -59.22 -23.38
C ALA R 102 24.84 -59.84 -24.77
N VAL R 103 25.30 -61.09 -24.86
CA VAL R 103 25.49 -61.73 -26.17
C VAL R 103 24.13 -61.97 -26.84
N ASN R 104 23.15 -62.46 -26.09
CA ASN R 104 21.83 -62.72 -26.67
C ASN R 104 21.17 -61.42 -27.14
N LEU R 105 21.32 -60.34 -26.35
CA LEU R 105 20.69 -59.08 -26.72
C LEU R 105 21.32 -58.46 -27.97
N ARG R 106 22.63 -58.66 -28.18
CA ARG R 106 23.30 -58.02 -29.31
C ARG R 106 22.85 -58.62 -30.65
N LYS R 107 22.57 -59.92 -30.69
CA LYS R 107 22.09 -60.49 -31.96
C LYS R 107 20.64 -60.12 -32.22
N HIS R 108 19.85 -59.86 -31.17
CA HIS R 108 18.52 -59.29 -31.38
C HIS R 108 18.62 -57.92 -32.03
N LEU R 109 19.57 -57.10 -31.59
CA LEU R 109 19.68 -55.74 -32.10
C LEU R 109 20.21 -55.70 -33.53
N GLU R 110 20.93 -56.72 -33.99
CA GLU R 110 21.34 -56.78 -35.38
C GLU R 110 20.15 -56.92 -36.32
N GLN R 111 19.10 -57.61 -35.88
CA GLN R 111 17.88 -57.76 -36.67
C GLN R 111 16.84 -56.68 -36.40
N HIS R 112 16.98 -55.90 -35.34
CA HIS R 112 16.03 -54.84 -35.00
C HIS R 112 16.78 -53.54 -34.72
N PRO R 113 17.31 -52.88 -35.76
CA PRO R 113 18.08 -51.65 -35.54
C PRO R 113 17.28 -50.48 -34.98
N LYS R 114 15.95 -50.48 -35.08
CA LYS R 114 15.15 -49.35 -34.61
C LYS R 114 14.61 -49.53 -33.18
N ASP R 115 14.95 -50.64 -32.52
CA ASP R 115 14.50 -50.92 -31.15
C ASP R 115 15.45 -50.20 -30.19
N LEU R 116 15.18 -48.90 -29.99
CA LEU R 116 16.06 -48.05 -29.20
C LEU R 116 15.92 -48.25 -27.70
N HIS R 117 14.71 -48.57 -27.22
CA HIS R 117 14.52 -48.77 -25.79
C HIS R 117 15.30 -49.99 -25.29
N SER R 118 15.34 -51.06 -26.08
CA SER R 118 16.15 -52.21 -25.71
C SER R 118 17.64 -51.92 -25.78
N MET R 119 18.06 -50.98 -26.65
CA MET R 119 19.47 -50.65 -26.75
C MET R 119 19.98 -49.98 -25.47
N ARG R 120 19.17 -49.13 -24.84
CA ARG R 120 19.57 -48.54 -23.56
C ARG R 120 19.78 -49.61 -22.50
N GLY R 121 19.01 -50.71 -22.57
CA GLY R 121 19.24 -51.83 -21.68
C GLY R 121 20.59 -52.49 -21.89
N LEU R 122 21.01 -52.64 -23.15
CA LEU R 122 22.35 -53.14 -23.44
C LEU R 122 23.42 -52.21 -22.88
N GLN R 123 23.21 -50.89 -23.00
CA GLN R 123 24.18 -49.94 -22.43
C GLN R 123 24.29 -50.08 -20.91
N LEU R 124 23.15 -50.21 -20.22
CA LEU R 124 23.18 -50.39 -18.76
C LEU R 124 23.86 -51.70 -18.36
N ILE R 125 23.57 -52.79 -19.08
CA ILE R 125 24.21 -54.07 -18.79
C ILE R 125 25.73 -53.96 -18.95
N GLU R 126 26.19 -53.30 -20.00
CA GLU R 126 27.64 -53.22 -20.20
C GLU R 126 28.31 -52.30 -19.18
N SER R 127 27.59 -51.29 -18.68
CA SER R 127 28.08 -50.54 -17.52
C SER R 127 28.27 -51.43 -16.30
N LYS R 128 27.28 -52.31 -16.02
CA LYS R 128 27.43 -53.23 -14.90
C LYS R 128 28.64 -54.16 -15.09
N ILE R 129 28.83 -54.66 -16.31
CA ILE R 129 29.96 -55.55 -16.61
C ILE R 129 31.29 -54.85 -16.35
N ARG R 130 31.41 -53.59 -16.76
CA ARG R 130 32.68 -52.90 -16.56
C ARG R 130 32.94 -52.56 -15.08
N ARG R 131 31.89 -52.23 -14.32
CA ARG R 131 32.07 -52.09 -12.87
C ARG R 131 32.65 -53.37 -12.26
N LEU R 132 32.06 -54.52 -12.62
CA LEU R 132 32.52 -55.79 -12.05
C LEU R 132 33.95 -56.11 -12.48
N VAL R 133 34.32 -55.83 -13.73
CA VAL R 133 35.68 -56.15 -14.16
C VAL R 133 36.70 -55.28 -13.42
N LYS R 134 36.37 -54.00 -13.17
CA LYS R 134 37.25 -53.18 -12.35
C LYS R 134 37.46 -53.80 -10.97
N TYR R 135 36.36 -54.22 -10.33
CA TYR R 135 36.49 -54.81 -8.99
C TYR R 135 37.32 -56.08 -9.01
N TYR R 136 37.08 -56.96 -9.98
CA TYR R 136 37.75 -58.26 -9.98
C TYR R 136 39.23 -58.13 -10.32
N LYS R 137 39.59 -57.19 -11.21
CA LYS R 137 41.01 -56.95 -11.45
C LYS R 137 41.68 -56.39 -10.20
N ARG R 138 40.99 -55.53 -9.45
CA ARG R 138 41.57 -55.04 -8.21
C ARG R 138 41.87 -56.19 -7.24
N LYS R 139 40.99 -57.19 -7.18
CA LYS R 139 41.16 -58.28 -6.22
C LYS R 139 42.07 -59.40 -6.72
N GLY R 140 42.41 -59.43 -8.00
CA GLY R 140 43.25 -60.48 -8.53
C GLY R 140 42.53 -61.72 -9.02
N LYS R 141 41.20 -61.70 -9.11
CA LYS R 141 40.45 -62.85 -9.62
C LYS R 141 40.41 -62.90 -11.15
N LEU R 142 40.86 -61.85 -11.82
CA LEU R 142 41.00 -61.80 -13.26
C LEU R 142 42.43 -61.40 -13.60
N PRO R 143 42.97 -61.91 -14.71
CA PRO R 143 44.31 -61.48 -15.13
C PRO R 143 44.31 -60.00 -15.52
N LYS R 144 45.49 -59.38 -15.37
CA LYS R 144 45.62 -57.96 -15.69
C LYS R 144 45.40 -57.66 -17.17
N ASP R 145 45.60 -58.65 -18.05
CA ASP R 145 45.40 -58.44 -19.48
C ASP R 145 43.99 -58.77 -19.95
N TRP R 146 43.15 -59.33 -19.09
CA TRP R 146 41.79 -59.68 -19.47
C TRP R 146 41.03 -58.44 -19.92
N ARG R 147 40.31 -58.58 -21.03
CA ARG R 147 39.51 -57.49 -21.57
C ARG R 147 38.16 -58.01 -22.08
N TYR R 148 37.13 -57.19 -21.96
CA TYR R 148 35.80 -57.55 -22.44
C TYR R 148 35.59 -56.93 -23.81
N ASP R 149 35.37 -57.78 -24.81
CA ASP R 149 35.12 -57.30 -26.17
C ASP R 149 33.99 -58.12 -26.79
N PRO R 150 32.87 -57.50 -27.14
CA PRO R 150 31.76 -58.27 -27.71
C PRO R 150 32.11 -59.03 -28.98
N GLU R 151 33.06 -58.52 -29.78
CA GLU R 151 33.45 -59.20 -31.00
C GLU R 151 34.16 -60.52 -30.75
N GLN R 152 34.54 -60.81 -29.50
CA GLN R 152 35.17 -62.08 -29.15
C GLN R 152 34.26 -63.27 -29.44
N ARG S 3 80.34 -51.42 3.63
CA ARG S 3 80.77 -50.04 3.70
C ARG S 3 79.63 -49.12 4.16
N ASP S 4 79.98 -48.05 4.84
CA ASP S 4 79.01 -47.06 5.31
C ASP S 4 79.32 -45.70 4.68
N ILE S 5 78.27 -44.97 4.36
CA ILE S 5 78.37 -43.64 3.80
C ILE S 5 77.65 -42.61 4.69
N GLY S 6 77.29 -43.06 5.89
CA GLY S 6 76.56 -42.26 6.87
C GLY S 6 75.06 -42.47 6.79
N LEU S 7 74.53 -43.17 5.79
CA LEU S 7 73.09 -43.43 5.75
C LEU S 7 72.44 -44.38 6.82
N ARG S 8 73.17 -45.45 7.12
CA ARG S 8 72.78 -46.60 7.96
C ARG S 8 71.91 -47.63 7.23
N ILE S 9 72.26 -47.79 6.02
CA ILE S 9 71.45 -48.73 5.25
C ILE S 9 72.38 -49.70 4.54
N GLN S 10 71.89 -50.89 4.19
CA GLN S 10 72.69 -51.90 3.51
C GLN S 10 73.13 -51.47 2.11
N PRO S 11 74.37 -51.81 1.73
CA PRO S 11 74.89 -51.45 0.41
C PRO S 11 74.27 -52.33 -0.67
N PRO S 12 74.42 -51.96 -1.93
CA PRO S 12 73.82 -52.76 -3.01
C PRO S 12 74.50 -54.12 -3.15
N ALA S 13 73.86 -54.97 -3.95
CA ALA S 13 74.33 -56.35 -4.10
C ALA S 13 75.68 -56.42 -4.79
N GLU S 14 75.82 -55.77 -5.93
CA GLU S 14 77.01 -55.87 -6.75
C GLU S 14 77.62 -54.50 -7.00
N LYS S 15 78.83 -54.49 -7.54
CA LYS S 15 79.63 -53.30 -7.72
C LYS S 15 79.45 -52.72 -9.12
N CYS S 16 79.91 -51.48 -9.30
CA CYS S 16 79.83 -50.77 -10.57
C CYS S 16 81.11 -49.97 -10.77
N ASP S 17 81.25 -49.40 -11.95
CA ASP S 17 82.40 -48.58 -12.29
C ASP S 17 82.05 -47.11 -12.45
N ASP S 18 80.85 -46.70 -12.08
CA ASP S 18 80.42 -45.32 -12.27
C ASP S 18 81.13 -44.41 -11.29
N PRO S 19 81.92 -43.43 -11.75
CA PRO S 19 82.51 -42.47 -10.81
C PRO S 19 81.48 -41.61 -10.08
N LYS S 20 80.26 -41.51 -10.60
CA LYS S 20 79.20 -40.77 -9.95
C LYS S 20 78.38 -41.61 -8.98
N CYS S 21 78.90 -42.77 -8.55
CA CYS S 21 78.21 -43.62 -7.60
C CYS S 21 78.70 -43.36 -6.19
N PRO S 22 77.80 -43.15 -5.22
CA PRO S 22 78.27 -42.88 -3.85
C PRO S 22 78.79 -44.10 -3.11
N TRP S 23 78.42 -45.32 -3.54
CA TRP S 23 78.88 -46.53 -2.88
C TRP S 23 80.25 -47.00 -3.37
N HIS S 24 80.48 -46.97 -4.69
CA HIS S 24 81.71 -47.51 -5.27
C HIS S 24 82.56 -46.47 -6.00
N GLY S 25 82.12 -45.22 -6.09
CA GLY S 25 82.87 -44.19 -6.78
C GLY S 25 83.34 -43.06 -5.87
N HIS S 26 83.38 -41.83 -6.38
CA HIS S 26 83.90 -40.70 -5.62
C HIS S 26 82.84 -39.68 -5.22
N LEU S 27 81.57 -39.94 -5.47
CA LEU S 27 80.52 -38.98 -5.15
C LEU S 27 80.27 -38.92 -3.64
N LYS S 28 80.00 -37.72 -3.14
CA LYS S 28 79.68 -37.50 -1.74
C LYS S 28 78.25 -37.01 -1.60
N ILE S 29 77.59 -37.41 -0.51
CA ILE S 29 76.22 -37.03 -0.21
C ILE S 29 76.21 -36.18 1.05
N HIS S 30 75.39 -35.12 1.04
CA HIS S 30 75.30 -34.19 2.16
C HIS S 30 74.05 -33.34 2.00
N GLY S 31 73.21 -33.30 3.04
CA GLY S 31 72.00 -32.51 3.03
C GLY S 31 70.76 -33.37 3.30
N ARG S 32 69.71 -33.12 2.53
CA ARG S 32 68.42 -33.76 2.75
C ARG S 32 68.39 -35.17 2.17
N VAL S 33 67.57 -36.01 2.79
CA VAL S 33 67.32 -37.38 2.34
C VAL S 33 65.81 -37.56 2.23
N PHE S 34 65.33 -37.84 1.02
CA PHE S 34 63.90 -38.00 0.76
C PHE S 34 63.58 -39.44 0.37
N GLU S 35 62.31 -39.81 0.55
CA GLU S 35 61.77 -41.11 0.15
C GLU S 35 60.64 -40.88 -0.83
N GLY S 36 60.57 -41.70 -1.88
CA GLY S 36 59.53 -41.49 -2.87
C GLY S 36 59.30 -42.67 -3.79
N ILE S 37 58.52 -42.42 -4.85
CA ILE S 37 58.13 -43.40 -5.84
C ILE S 37 58.63 -42.95 -7.21
N VAL S 38 59.19 -43.88 -7.98
CA VAL S 38 59.62 -43.61 -9.35
C VAL S 38 58.39 -43.53 -10.27
N VAL S 39 58.33 -42.49 -11.10
CA VAL S 39 57.28 -42.35 -12.09
C VAL S 39 57.81 -42.22 -13.51
N SER S 40 59.13 -42.28 -13.71
CA SER S 40 59.69 -42.30 -15.05
C SER S 40 61.14 -42.79 -14.98
N ASP S 41 61.54 -43.59 -15.96
CA ASP S 41 62.91 -44.06 -16.04
C ASP S 41 63.46 -44.09 -17.46
N LYS S 42 62.90 -43.31 -18.37
CA LYS S 42 63.33 -43.35 -19.77
C LYS S 42 64.75 -42.88 -20.00
N PRO S 43 65.21 -41.73 -19.49
CA PRO S 43 66.57 -41.29 -19.80
C PRO S 43 67.63 -42.20 -19.18
N ARG S 44 68.78 -42.25 -19.83
CA ARG S 44 69.88 -43.09 -19.34
C ARG S 44 70.36 -42.63 -17.98
N LYS S 45 70.34 -43.54 -17.01
CA LYS S 45 70.84 -43.30 -15.66
C LYS S 45 70.15 -42.12 -14.97
N THR S 46 68.88 -41.87 -15.30
CA THR S 46 68.10 -40.81 -14.68
C THR S 46 66.70 -41.29 -14.37
N VAL S 47 66.17 -40.91 -13.19
CA VAL S 47 64.80 -41.20 -12.83
C VAL S 47 64.11 -39.95 -12.32
N THR S 48 62.78 -40.00 -12.29
CA THR S 48 61.91 -38.99 -11.71
C THR S 48 61.21 -39.57 -10.50
N VAL S 49 61.30 -38.90 -9.36
CA VAL S 49 60.77 -39.38 -8.09
C VAL S 49 59.73 -38.38 -7.60
N GLU S 50 58.57 -38.89 -7.20
CA GLU S 50 57.44 -38.08 -6.78
C GLU S 50 57.08 -38.39 -5.33
N ARG S 51 56.85 -37.34 -4.54
CA ARG S 51 56.46 -37.48 -3.14
C ARG S 51 55.23 -36.63 -2.85
N GLN S 52 54.28 -37.20 -2.12
CA GLN S 52 53.03 -36.52 -1.81
C GLN S 52 53.05 -35.96 -0.39
N TYR S 53 52.38 -34.83 -0.20
CA TYR S 53 52.27 -34.23 1.13
C TYR S 53 51.01 -33.36 1.17
N TYR S 54 50.58 -33.02 2.39
CA TYR S 54 49.39 -32.21 2.60
C TYR S 54 49.78 -30.79 3.00
N HIS S 55 49.06 -29.81 2.45
CA HIS S 55 49.25 -28.40 2.75
C HIS S 55 47.98 -27.84 3.36
N TYR S 56 48.13 -27.04 4.41
CA TYR S 56 47.02 -26.53 5.21
C TYR S 56 46.62 -25.14 4.74
N LEU S 57 45.33 -24.93 4.53
CA LEU S 57 44.79 -23.64 4.11
C LEU S 57 44.13 -22.98 5.32
N LYS S 58 44.75 -21.91 5.82
CA LYS S 58 44.34 -21.32 7.08
C LYS S 58 42.91 -20.78 7.04
N LYS S 59 42.53 -20.09 5.96
CA LYS S 59 41.20 -19.51 5.88
C LYS S 59 40.11 -20.57 5.87
N TYR S 60 40.34 -21.68 5.17
CA TYR S 60 39.31 -22.70 5.01
C TYR S 60 39.45 -23.85 6.00
N GLU S 61 40.42 -23.79 6.91
CA GLU S 61 40.71 -24.81 7.91
C GLU S 61 40.60 -26.22 7.34
N ARG S 62 41.12 -26.43 6.14
CA ARG S 62 41.10 -27.72 5.47
C ARG S 62 42.44 -27.94 4.77
N TYR S 63 42.63 -29.13 4.23
CA TYR S 63 43.88 -29.53 3.60
C TYR S 63 43.71 -29.73 2.10
N GLU S 64 44.83 -29.62 1.39
CA GLU S 64 44.90 -30.03 -0.01
C GLU S 64 46.17 -30.85 -0.21
N LEU S 65 46.14 -31.71 -1.23
CA LEU S 65 47.25 -32.59 -1.54
C LEU S 65 48.14 -31.97 -2.61
N ARG S 66 49.45 -31.95 -2.36
CA ARG S 66 50.44 -31.46 -3.30
C ARG S 66 51.51 -32.53 -3.51
N ARG S 67 52.22 -32.42 -4.63
CA ARG S 67 53.25 -33.40 -4.97
C ARG S 67 54.52 -32.72 -5.45
N SER S 68 55.65 -33.29 -5.05
CA SER S 68 56.99 -32.79 -5.36
C SER S 68 57.71 -33.78 -6.27
N ARG S 69 58.22 -33.31 -7.40
CA ARG S 69 58.91 -34.15 -8.38
C ARG S 69 60.38 -33.74 -8.48
N ILE S 70 61.27 -34.73 -8.40
CA ILE S 70 62.71 -34.51 -8.33
C ILE S 70 63.40 -35.45 -9.33
N HIS S 71 64.39 -34.93 -10.05
CA HIS S 71 65.18 -35.73 -10.98
C HIS S 71 66.46 -36.19 -10.30
N ALA S 72 66.75 -37.49 -10.37
CA ALA S 72 67.87 -38.08 -9.65
C ALA S 72 68.67 -39.01 -10.53
N HIS S 73 69.95 -39.15 -10.19
CA HIS S 73 70.87 -40.02 -10.92
C HIS S 73 70.72 -41.48 -10.46
N ASN S 74 70.73 -42.40 -11.42
CA ASN S 74 70.45 -43.80 -11.18
C ASN S 74 71.70 -44.63 -11.43
N PRO S 75 72.44 -45.05 -10.40
CA PRO S 75 73.68 -45.79 -10.63
C PRO S 75 73.39 -47.17 -11.20
N PRO S 76 74.32 -47.71 -12.00
CA PRO S 76 74.06 -49.03 -12.62
C PRO S 76 73.89 -50.17 -11.62
N CYS S 77 74.55 -50.12 -10.47
CA CYS S 77 74.44 -51.18 -9.47
C CYS S 77 73.08 -51.21 -8.79
N ILE S 78 72.28 -50.17 -8.92
CA ILE S 78 70.96 -50.10 -8.32
C ILE S 78 69.86 -50.28 -9.36
N ASN S 79 69.91 -49.50 -10.44
CA ASN S 79 69.05 -49.65 -11.60
C ASN S 79 67.57 -49.73 -11.21
N ALA S 80 67.10 -48.67 -10.58
CA ALA S 80 65.71 -48.58 -10.16
C ALA S 80 64.79 -48.41 -11.38
N LYS S 81 63.56 -48.90 -11.24
CA LYS S 81 62.60 -48.88 -12.33
C LYS S 81 61.27 -48.28 -11.86
N VAL S 82 60.36 -48.11 -12.80
CA VAL S 82 59.08 -47.45 -12.53
C VAL S 82 58.28 -48.27 -11.53
N GLY S 83 57.77 -47.60 -10.50
CA GLY S 83 56.84 -48.19 -9.57
C GLY S 83 57.37 -48.55 -8.21
N ASP S 84 58.70 -48.53 -8.01
CA ASP S 84 59.24 -48.96 -6.72
C ASP S 84 59.61 -47.75 -5.85
N ARG S 85 59.76 -48.04 -4.56
CA ARG S 85 60.09 -47.03 -3.56
C ARG S 85 61.59 -46.86 -3.47
N VAL S 86 62.05 -45.60 -3.47
CA VAL S 86 63.48 -45.30 -3.44
C VAL S 86 63.78 -44.31 -2.33
N LEU S 87 65.05 -44.34 -1.90
CA LEU S 87 65.64 -43.34 -1.04
C LEU S 87 66.65 -42.53 -1.87
N ILE S 88 66.57 -41.21 -1.78
CA ILE S 88 67.47 -40.32 -2.53
C ILE S 88 68.17 -39.31 -1.63
N ALA S 89 69.43 -39.00 -1.97
CA ALA S 89 70.24 -38.07 -1.17
C ALA S 89 70.81 -36.91 -1.98
N GLU S 90 70.81 -35.72 -1.37
CA GLU S 90 71.30 -34.49 -2.00
C GLU S 90 72.80 -34.53 -2.30
N THR S 91 73.18 -33.94 -3.43
CA THR S 91 74.58 -33.90 -3.91
C THR S 91 74.90 -32.62 -4.69
N ARG S 92 76.15 -32.49 -5.09
CA ARG S 92 76.63 -31.37 -5.91
C ARG S 92 75.99 -31.44 -7.30
N PRO S 93 75.78 -30.28 -7.94
CA PRO S 93 75.12 -30.28 -9.26
C PRO S 93 75.76 -31.26 -10.24
N LEU S 94 74.92 -32.10 -10.85
CA LEU S 94 75.35 -33.08 -11.82
C LEU S 94 74.89 -32.80 -13.24
N SER S 95 73.76 -32.12 -13.41
CA SER S 95 73.33 -31.61 -14.71
C SER S 95 72.49 -30.36 -14.47
N LYS S 96 71.82 -29.89 -15.52
CA LYS S 96 70.94 -28.73 -15.39
C LYS S 96 69.82 -28.99 -14.37
N THR S 97 69.27 -30.20 -14.36
CA THR S 97 68.14 -30.50 -13.48
C THR S 97 68.43 -31.54 -12.41
N LYS S 98 69.60 -32.17 -12.38
CA LYS S 98 69.86 -33.29 -11.49
C LYS S 98 70.73 -32.85 -10.31
N HIS S 99 70.23 -33.05 -9.09
CA HIS S 99 70.96 -32.68 -7.89
C HIS S 99 70.84 -33.73 -6.79
N PHE S 100 70.31 -34.92 -7.08
CA PHE S 100 70.15 -35.99 -6.11
C PHE S 100 70.66 -37.29 -6.72
N VAL S 101 70.90 -38.27 -5.86
CA VAL S 101 71.31 -39.61 -6.31
C VAL S 101 70.51 -40.65 -5.54
N VAL S 102 70.07 -41.69 -6.25
CA VAL S 102 69.41 -42.83 -5.62
C VAL S 102 70.43 -43.65 -4.86
N VAL S 103 70.15 -43.94 -3.58
CA VAL S 103 71.08 -44.68 -2.75
C VAL S 103 70.55 -46.05 -2.32
N ALA S 104 69.25 -46.32 -2.47
CA ALA S 104 68.71 -47.61 -2.09
C ALA S 104 67.29 -47.78 -2.63
N VAL S 105 66.97 -49.00 -3.05
CA VAL S 105 65.61 -49.44 -3.34
C VAL S 105 65.04 -50.05 -2.08
N LEU S 106 63.90 -49.54 -1.62
CA LEU S 106 63.31 -50.02 -0.39
C LEU S 106 62.32 -51.16 -0.62
N GLU S 107 61.51 -51.07 -1.67
CA GLU S 107 60.55 -52.10 -2.01
C GLU S 107 60.45 -52.17 -3.53
N ARG S 108 60.98 -53.25 -4.11
CA ARG S 108 60.85 -53.44 -5.54
C ARG S 108 59.38 -53.59 -5.92
N ALA S 109 59.01 -53.05 -7.07
CA ALA S 109 57.61 -53.09 -7.50
C ALA S 109 57.21 -54.50 -7.90
N GLY T 2 -44.52 -3.41 3.40
CA GLY T 2 -44.45 -4.56 4.27
C GLY T 2 -44.86 -4.24 5.70
N LYS T 3 -45.74 -5.08 6.25
CA LYS T 3 -46.25 -4.88 7.61
C LYS T 3 -45.42 -5.71 8.60
N ILE T 4 -44.16 -5.33 8.75
CA ILE T 4 -43.25 -5.99 9.68
C ILE T 4 -43.42 -5.35 11.04
N ARG T 5 -43.76 -6.15 12.05
CA ARG T 5 -43.97 -5.63 13.40
C ARG T 5 -42.67 -5.03 13.95
N GLN T 6 -42.81 -3.99 14.76
CA GLN T 6 -41.66 -3.28 15.30
C GLN T 6 -41.12 -3.97 16.54
N GLY T 7 -39.81 -3.78 16.78
CA GLY T 7 -39.14 -4.49 17.86
C GLY T 7 -39.66 -4.11 19.25
N PHE T 8 -39.79 -2.80 19.52
CA PHE T 8 -40.15 -2.40 20.88
C PHE T 8 -41.59 -2.78 21.20
N ILE T 9 -42.45 -2.83 20.19
CA ILE T 9 -43.82 -3.31 20.38
C ILE T 9 -43.80 -4.75 20.86
N LYS T 10 -43.03 -5.60 20.18
CA LYS T 10 -42.94 -7.00 20.59
C LYS T 10 -42.36 -7.14 21.99
N ARG T 11 -41.31 -6.38 22.31
CA ARG T 11 -40.71 -6.47 23.63
C ARG T 11 -41.74 -6.13 24.71
N VAL T 12 -42.45 -5.02 24.54
CA VAL T 12 -43.40 -4.61 25.58
C VAL T 12 -44.58 -5.57 25.65
N ALA T 13 -45.04 -6.11 24.52
CA ALA T 13 -46.15 -7.05 24.53
C ALA T 13 -45.77 -8.35 25.22
N ARG T 14 -44.55 -8.83 25.00
CA ARG T 14 -44.08 -10.02 25.70
C ARG T 14 -43.96 -9.76 27.19
N GLU T 15 -43.48 -8.58 27.58
CA GLU T 15 -43.40 -8.26 29.00
C GLU T 15 -44.78 -8.24 29.64
N LEU T 16 -45.75 -7.64 28.96
CA LEU T 16 -47.10 -7.56 29.52
C LEU T 16 -47.74 -8.93 29.64
N PHE T 17 -47.54 -9.78 28.64
CA PHE T 17 -48.23 -11.07 28.60
C PHE T 17 -47.79 -11.97 29.76
N ASN T 18 -46.49 -12.02 30.03
CA ASN T 18 -45.99 -12.91 31.08
C ASN T 18 -46.47 -12.49 32.46
N LYS T 19 -46.43 -11.18 32.76
CA LYS T 19 -46.71 -10.73 34.11
C LYS T 19 -48.15 -11.06 34.53
N TYR T 20 -49.09 -10.98 33.59
CA TYR T 20 -50.51 -11.23 33.88
C TYR T 20 -51.03 -12.26 32.91
N PRO T 21 -50.67 -13.53 33.09
CA PRO T 21 -51.15 -14.56 32.15
C PRO T 21 -52.66 -14.67 32.08
N ASN T 22 -53.34 -14.49 33.21
CA ASN T 22 -54.80 -14.56 33.27
C ASN T 22 -55.41 -13.18 33.17
N GLU T 23 -55.01 -12.41 32.16
CA GLU T 23 -55.57 -11.07 31.97
C GLU T 23 -55.89 -10.73 30.52
N PHE T 24 -55.40 -11.51 29.55
CA PHE T 24 -55.62 -11.22 28.14
C PHE T 24 -56.28 -12.41 27.46
N THR T 25 -57.29 -12.12 26.64
CA THR T 25 -58.10 -13.12 25.97
C THR T 25 -57.95 -12.97 24.45
N ARG T 26 -58.79 -13.69 23.72
CA ARG T 26 -58.82 -13.62 22.26
C ARG T 26 -59.76 -12.55 21.74
N ASP T 27 -60.05 -11.52 22.53
CA ASP T 27 -60.92 -10.43 22.13
C ASP T 27 -60.08 -9.17 21.99
N PHE T 28 -60.12 -8.55 20.81
CA PHE T 28 -59.29 -7.37 20.55
C PHE T 28 -59.70 -6.20 21.43
N GLU T 29 -61.00 -5.96 21.61
CA GLU T 29 -61.44 -4.82 22.40
C GLU T 29 -61.01 -4.94 23.86
N HIS T 30 -61.18 -6.13 24.44
CA HIS T 30 -60.78 -6.37 25.81
C HIS T 30 -59.28 -6.13 26.00
N ASN T 31 -58.47 -6.66 25.08
CA ASN T 31 -57.03 -6.46 25.17
C ASN T 31 -56.65 -5.01 24.95
N LYS T 32 -57.40 -4.28 24.11
CA LYS T 32 -57.13 -2.86 23.92
C LYS T 32 -57.33 -2.10 25.21
N LYS T 33 -58.44 -2.37 25.91
CA LYS T 33 -58.66 -1.73 27.21
C LYS T 33 -57.60 -2.14 28.22
N LYS T 34 -57.17 -3.42 28.19
CA LYS T 34 -56.15 -3.88 29.13
C LYS T 34 -54.83 -3.16 28.91
N VAL T 35 -54.39 -3.04 27.65
CA VAL T 35 -53.17 -2.31 27.34
C VAL T 35 -53.31 -0.86 27.77
N GLU T 36 -54.51 -0.29 27.62
CA GLU T 36 -54.74 1.08 28.07
C GLU T 36 -54.56 1.20 29.58
N GLU T 37 -55.01 0.21 30.35
CA GLU T 37 -54.94 0.32 31.80
C GLU T 37 -53.57 -0.06 32.38
N LEU T 38 -52.78 -0.90 31.69
CA LEU T 38 -51.59 -1.47 32.30
C LEU T 38 -50.27 -0.81 31.89
N THR T 39 -50.30 0.25 31.07
CA THR T 39 -49.07 0.94 30.68
C THR T 39 -49.30 2.44 30.70
N ASN T 40 -48.28 3.19 30.28
CA ASN T 40 -48.40 4.62 30.06
C ASN T 40 -48.30 4.98 28.58
N VAL T 41 -48.77 4.09 27.71
CA VAL T 41 -48.74 4.35 26.28
C VAL T 41 -49.68 5.51 25.95
N THR T 42 -49.20 6.44 25.12
CA THR T 42 -49.91 7.67 24.84
C THR T 42 -50.47 7.75 23.43
N SER T 43 -49.93 6.97 22.49
CA SER T 43 -50.37 6.97 21.10
C SER T 43 -51.43 5.90 20.89
N LYS T 44 -52.51 6.26 20.20
CA LYS T 44 -53.59 5.32 19.92
C LYS T 44 -53.14 4.24 18.94
N LYS T 45 -52.26 4.58 18.00
CA LYS T 45 -51.75 3.60 17.04
C LYS T 45 -50.92 2.53 17.74
N ILE T 46 -50.01 2.96 18.61
CA ILE T 46 -49.13 2.02 19.31
C ILE T 46 -49.93 1.09 20.21
N ARG T 47 -50.94 1.63 20.89
CA ARG T 47 -51.81 0.79 21.74
C ARG T 47 -52.47 -0.30 20.93
N ASN T 48 -53.00 0.04 19.75
CA ASN T 48 -53.65 -0.96 18.90
C ASN T 48 -52.64 -2.01 18.43
N ARG T 49 -51.43 -1.60 18.05
CA ARG T 49 -50.43 -2.57 17.62
C ARG T 49 -50.09 -3.56 18.73
N ILE T 50 -49.87 -3.04 19.93
CA ILE T 50 -49.55 -3.90 21.07
C ILE T 50 -50.69 -4.86 21.37
N ALA T 51 -51.92 -4.36 21.36
CA ALA T 51 -53.08 -5.21 21.66
C ALA T 51 -53.23 -6.31 20.62
N GLY T 52 -53.02 -5.99 19.34
CA GLY T 52 -53.10 -7.03 18.31
C GLY T 52 -52.06 -8.12 18.50
N TYR T 53 -50.81 -7.72 18.79
CA TYR T 53 -49.79 -8.75 18.99
C TYR T 53 -50.11 -9.61 20.22
N ILE T 54 -50.64 -9.01 21.28
CA ILE T 54 -51.01 -9.79 22.46
C ILE T 54 -52.12 -10.79 22.12
N THR T 55 -53.08 -10.36 21.31
CA THR T 55 -54.12 -11.29 20.86
C THR T 55 -53.52 -12.49 20.14
N LYS T 56 -52.59 -12.22 19.22
CA LYS T 56 -51.95 -13.32 18.50
C LYS T 56 -51.18 -14.23 19.45
N LEU T 57 -50.50 -13.65 20.45
CA LEU T 57 -49.78 -14.47 21.42
C LEU T 57 -50.72 -15.36 22.20
N VAL T 58 -51.86 -14.82 22.63
CA VAL T 58 -52.82 -15.60 23.41
C VAL T 58 -53.31 -16.79 22.59
N ARG T 59 -53.69 -16.55 21.34
CA ARG T 59 -54.19 -17.67 20.55
C ARG T 59 -53.09 -18.63 20.12
N MET T 60 -51.84 -18.15 20.05
CA MET T 60 -50.74 -19.04 19.68
C MET T 60 -50.37 -19.97 20.83
N LYS T 61 -50.35 -19.45 22.06
CA LYS T 61 -50.03 -20.29 23.21
C LYS T 61 -51.20 -21.21 23.58
N GLU T 62 -52.43 -20.70 23.46
CA GLU T 62 -53.60 -21.52 23.73
C GLU T 62 -53.71 -22.66 22.74
N GLU T 63 -53.43 -22.40 21.47
CA GLU T 63 -53.40 -23.47 20.47
C GLU T 63 -52.28 -24.46 20.74
N GLY T 64 -51.32 -24.07 21.57
CA GLY T 64 -50.17 -24.92 21.84
C GLY T 64 -49.04 -24.80 20.85
N LYS T 65 -49.08 -23.81 19.96
CA LYS T 65 -48.11 -23.63 18.89
C LYS T 65 -48.13 -24.83 17.94
N LYS U 4 -46.25 76.11 -50.40
CA LYS U 4 -45.33 75.12 -49.86
C LYS U 4 -44.89 75.53 -48.46
N GLU U 5 -45.75 76.29 -47.78
CA GLU U 5 -45.45 76.77 -46.45
C GLU U 5 -45.63 75.64 -45.44
N PHE U 6 -45.43 75.97 -44.16
CA PHE U 6 -45.57 75.01 -43.06
C PHE U 6 -46.86 75.30 -42.31
N ARG U 7 -47.61 74.25 -42.00
CA ARG U 7 -48.81 74.35 -41.18
C ARG U 7 -48.92 73.12 -40.30
N TYR U 8 -49.28 73.32 -39.03
CA TYR U 8 -49.26 72.22 -38.07
C TYR U 8 -50.62 71.62 -37.77
N ARG U 9 -51.66 72.42 -37.59
CA ARG U 9 -53.04 71.92 -37.56
C ARG U 9 -53.93 72.90 -38.33
N GLY U 10 -53.41 73.45 -39.41
CA GLY U 10 -54.05 74.55 -40.10
C GLY U 10 -53.56 75.92 -39.69
N TYR U 11 -52.45 76.00 -38.98
CA TYR U 11 -51.93 77.27 -38.46
C TYR U 11 -50.50 77.47 -38.95
N THR U 12 -50.19 78.70 -39.34
CA THR U 12 -48.84 79.04 -39.75
C THR U 12 -47.92 79.10 -38.54
N LEU U 13 -46.62 79.19 -38.80
CA LEU U 13 -45.64 79.28 -37.73
C LEU U 13 -45.81 80.57 -36.93
N GLU U 14 -46.08 81.68 -37.63
CA GLU U 14 -46.25 82.97 -36.95
C GLU U 14 -47.46 82.95 -36.02
N GLN U 15 -48.57 82.34 -36.46
CA GLN U 15 -49.73 82.22 -35.59
C GLN U 15 -49.42 81.34 -34.38
N LEU U 16 -48.58 80.32 -34.56
CA LEU U 16 -48.17 79.49 -33.44
C LEU U 16 -47.27 80.25 -32.48
N MET U 17 -46.51 81.24 -32.97
CA MET U 17 -45.64 82.01 -32.09
C MET U 17 -46.45 82.79 -31.07
N ASN U 18 -47.55 83.38 -31.48
CA ASN U 18 -48.38 84.20 -30.58
C ASN U 18 -49.54 83.37 -30.02
N MET U 19 -49.19 82.26 -29.38
CA MET U 19 -50.17 81.36 -28.79
C MET U 19 -49.77 81.09 -27.34
N SER U 20 -50.76 81.11 -26.45
CA SER U 20 -50.50 80.79 -25.06
C SER U 20 -50.14 79.31 -24.94
N LEU U 21 -49.40 78.99 -23.87
CA LEU U 21 -48.94 77.62 -23.67
C LEU U 21 -50.12 76.65 -23.58
N GLU U 22 -51.13 77.06 -22.83
CA GLU U 22 -52.34 76.25 -22.62
C GLU U 22 -53.09 76.01 -23.93
N GLU U 23 -53.15 77.03 -24.78
CA GLU U 23 -53.82 76.93 -26.07
C GLU U 23 -53.06 75.98 -27.01
N LEU U 24 -51.72 76.04 -26.97
CA LEU U 24 -50.91 75.13 -27.78
C LEU U 24 -51.04 73.68 -27.34
N ALA U 25 -51.38 73.45 -26.06
CA ALA U 25 -51.48 72.08 -25.56
C ALA U 25 -52.63 71.32 -26.23
N LYS U 26 -53.65 72.04 -26.70
CA LYS U 26 -54.79 71.37 -27.33
C LYS U 26 -54.44 70.85 -28.72
N LEU U 27 -53.38 71.36 -29.34
CA LEU U 27 -52.96 70.91 -30.66
C LEU U 27 -51.89 69.82 -30.63
N LEU U 28 -51.13 69.72 -29.55
CA LEU U 28 -50.13 68.68 -29.40
C LEU U 28 -50.79 67.33 -29.10
N PRO U 29 -50.06 66.21 -29.29
CA PRO U 29 -50.63 64.90 -28.96
C PRO U 29 -50.83 64.69 -27.46
N ALA U 30 -51.37 63.52 -27.08
CA ALA U 30 -51.79 63.28 -25.71
C ALA U 30 -50.63 63.32 -24.72
N ARG U 31 -49.51 62.67 -25.06
CA ARG U 31 -48.37 62.62 -24.14
C ARG U 31 -47.83 64.01 -23.85
N GLN U 32 -47.70 64.84 -24.88
CA GLN U 32 -47.19 66.20 -24.70
C GLN U 32 -48.18 67.08 -23.95
N ARG U 33 -49.47 66.92 -24.22
CA ARG U 33 -50.48 67.66 -23.46
C ARG U 33 -50.42 67.33 -21.98
N ARG U 34 -50.29 66.04 -21.64
CA ARG U 34 -50.18 65.67 -20.22
C ARG U 34 -48.91 66.24 -19.61
N SER U 35 -47.78 66.15 -20.32
CA SER U 35 -46.53 66.65 -19.77
C SER U 35 -46.58 68.15 -19.52
N LEU U 36 -47.15 68.92 -20.45
CA LEU U 36 -47.26 70.36 -20.25
C LEU U 36 -48.24 70.69 -19.13
N LYS U 37 -49.34 69.93 -19.02
CA LYS U 37 -50.31 70.21 -17.97
C LYS U 37 -49.72 69.98 -16.58
N ARG U 38 -48.73 69.10 -16.46
CA ARG U 38 -48.08 68.83 -15.18
C ARG U 38 -46.95 69.81 -14.84
N GLY U 39 -46.58 70.68 -15.77
CA GLY U 39 -45.60 71.72 -15.51
C GLY U 39 -44.20 71.31 -15.94
N LEU U 40 -43.36 72.32 -16.17
CA LEU U 40 -41.96 72.12 -16.52
C LEU U 40 -41.12 71.85 -15.28
N THR U 41 -40.09 71.04 -15.44
CA THR U 41 -39.13 70.78 -14.37
C THR U 41 -38.17 71.97 -14.21
N PRO U 42 -37.57 72.13 -13.03
CA PRO U 42 -36.67 73.28 -12.82
C PRO U 42 -35.50 73.36 -13.78
N GLU U 43 -34.88 72.22 -14.13
CA GLU U 43 -33.82 72.24 -15.14
C GLU U 43 -34.37 72.70 -16.50
N GLN U 44 -35.55 72.20 -16.88
CA GLN U 44 -36.21 72.67 -18.07
C GLN U 44 -36.52 74.16 -17.98
N LYS U 45 -36.85 74.65 -16.78
CA LYS U 45 -37.06 76.08 -16.58
C LYS U 45 -35.79 76.87 -16.88
N LYS U 46 -34.65 76.40 -16.38
CA LYS U 46 -33.39 77.10 -16.64
C LYS U 46 -33.07 77.11 -18.13
N LEU U 47 -33.27 75.98 -18.80
CA LEU U 47 -33.01 75.91 -20.23
C LEU U 47 -33.92 76.87 -20.99
N LEU U 48 -35.19 76.95 -20.60
CA LEU U 48 -36.11 77.87 -21.27
C LEU U 48 -35.73 79.32 -21.03
N ARG U 49 -35.25 79.64 -19.83
CA ARG U 49 -34.76 80.99 -19.57
C ARG U 49 -33.59 81.33 -20.49
N LYS U 50 -32.66 80.40 -20.65
CA LYS U 50 -31.54 80.64 -21.56
C LYS U 50 -32.01 80.80 -23.00
N ILE U 51 -33.01 80.01 -23.41
CA ILE U 51 -33.50 80.09 -24.78
C ILE U 51 -34.16 81.44 -25.04
N ARG U 52 -34.99 81.91 -24.10
CA ARG U 52 -35.61 83.22 -24.26
C ARG U 52 -34.56 84.33 -24.26
N LEU U 53 -33.55 84.22 -23.40
CA LEU U 53 -32.48 85.21 -23.40
C LEU U 53 -31.76 85.24 -24.74
N ALA U 54 -31.45 84.07 -25.30
CA ALA U 54 -30.78 84.02 -26.60
C ALA U 54 -31.66 84.61 -27.70
N LYS U 55 -32.97 84.34 -27.63
CA LYS U 55 -33.88 84.90 -28.63
C LYS U 55 -33.94 86.42 -28.53
N LYS U 56 -33.91 86.97 -27.31
CA LYS U 56 -34.04 88.41 -27.14
C LYS U 56 -32.84 89.18 -27.66
N GLY U 57 -31.76 88.50 -28.05
CA GLY U 57 -30.59 89.15 -28.61
C GLY U 57 -29.34 89.08 -27.76
N LYS U 58 -29.44 88.40 -26.63
CA LYS U 58 -28.35 88.28 -25.65
C LYS U 58 -27.91 86.83 -25.45
N TYR U 59 -26.68 86.65 -24.96
CA TYR U 59 -26.11 85.31 -24.77
C TYR U 59 -25.78 84.65 -26.11
N ASN U 60 -24.79 85.22 -26.79
CA ASN U 60 -24.35 84.71 -28.09
C ASN U 60 -23.24 83.68 -27.97
N LYS U 61 -23.51 82.65 -27.15
CA LYS U 61 -22.59 81.53 -26.92
C LYS U 61 -23.40 80.24 -27.12
N PRO U 62 -22.73 79.14 -27.52
CA PRO U 62 -23.49 77.90 -27.76
C PRO U 62 -24.26 77.43 -26.53
N ILE U 63 -25.44 76.86 -26.79
CA ILE U 63 -26.35 76.39 -25.75
C ILE U 63 -26.23 74.87 -25.67
N ARG U 64 -25.74 74.36 -24.55
CA ARG U 64 -25.59 72.93 -24.30
C ARG U 64 -26.49 72.52 -23.14
N THR U 65 -26.97 71.27 -23.17
CA THR U 65 -27.88 70.85 -22.12
C THR U 65 -27.84 69.33 -21.91
N HIS U 66 -28.12 68.93 -20.67
CA HIS U 66 -28.34 67.54 -20.30
C HIS U 66 -29.81 67.14 -20.33
N CYS U 67 -30.71 68.01 -20.79
CA CYS U 67 -32.15 67.80 -20.68
C CYS U 67 -32.67 67.09 -21.93
N ARG U 68 -32.61 65.75 -21.91
CA ARG U 68 -33.09 64.98 -23.05
C ARG U 68 -34.61 64.88 -23.11
N ASP U 69 -35.31 65.18 -22.02
CA ASP U 69 -36.76 65.04 -21.96
C ASP U 69 -37.51 66.34 -22.19
N MET U 70 -36.82 67.35 -22.72
CA MET U 70 -37.44 68.63 -23.05
C MET U 70 -38.22 68.54 -24.36
N ILE U 71 -39.43 69.09 -24.39
CA ILE U 71 -40.29 69.10 -25.58
C ILE U 71 -39.96 70.32 -26.42
N VAL U 72 -39.92 70.14 -27.74
CA VAL U 72 -39.57 71.22 -28.66
C VAL U 72 -40.79 72.11 -28.88
N LEU U 73 -40.62 73.40 -28.67
CA LEU U 73 -41.68 74.39 -28.75
C LEU U 73 -41.44 75.36 -29.90
N PRO U 74 -42.48 76.05 -30.39
CA PRO U 74 -42.31 76.91 -31.57
C PRO U 74 -41.29 78.03 -31.39
N GLU U 75 -41.05 78.49 -30.17
CA GLU U 75 -40.09 79.57 -29.96
C GLU U 75 -38.64 79.11 -30.08
N MET U 76 -38.38 77.81 -30.12
CA MET U 76 -37.02 77.31 -30.24
C MET U 76 -36.58 77.15 -31.69
N VAL U 77 -37.47 77.33 -32.66
CA VAL U 77 -37.13 77.12 -34.06
C VAL U 77 -36.17 78.21 -34.51
N GLY U 78 -35.12 77.80 -35.22
CA GLY U 78 -34.10 78.71 -35.70
C GLY U 78 -32.81 78.66 -34.91
N LEU U 79 -32.84 78.17 -33.68
CA LEU U 79 -31.65 78.06 -32.85
C LEU U 79 -30.93 76.74 -33.09
N THR U 80 -29.75 76.61 -32.49
CA THR U 80 -28.98 75.38 -32.49
C THR U 80 -28.67 75.00 -31.05
N ILE U 81 -28.95 73.74 -30.69
CA ILE U 81 -28.84 73.28 -29.32
C ILE U 81 -28.02 72.00 -29.29
N TYR U 82 -27.13 71.86 -28.30
CA TYR U 82 -26.25 70.72 -28.17
C TYR U 82 -26.77 69.79 -27.08
N VAL U 83 -27.25 68.62 -27.49
CA VAL U 83 -27.94 67.67 -26.62
C VAL U 83 -26.98 66.54 -26.25
N HIS U 84 -26.84 66.31 -24.95
CA HIS U 84 -25.96 65.24 -24.46
C HIS U 84 -26.52 63.88 -24.83
N ASN U 85 -25.62 62.97 -25.23
CA ASN U 85 -26.00 61.61 -25.60
C ASN U 85 -25.28 60.55 -24.76
N GLY U 86 -24.77 60.93 -23.59
CA GLY U 86 -24.03 60.01 -22.77
C GLY U 86 -22.56 60.37 -22.61
N LYS U 87 -21.93 60.80 -23.69
CA LYS U 87 -20.51 61.14 -23.63
C LYS U 87 -20.14 62.46 -24.32
N GLU U 88 -20.94 62.95 -25.26
CA GLU U 88 -20.63 64.18 -25.97
C GLU U 88 -21.91 64.94 -26.25
N PHE U 89 -21.77 66.25 -26.47
CA PHE U 89 -22.90 67.11 -26.83
C PHE U 89 -22.99 67.18 -28.35
N VAL U 90 -24.12 66.73 -28.91
CA VAL U 90 -24.26 66.67 -30.36
C VAL U 90 -25.17 67.80 -30.83
N PRO U 91 -24.89 68.40 -31.99
CA PRO U 91 -25.67 69.57 -32.43
C PRO U 91 -26.97 69.18 -33.10
N VAL U 92 -28.03 69.89 -32.72
CA VAL U 92 -29.37 69.68 -33.27
C VAL U 92 -29.91 71.03 -33.71
N GLU U 93 -30.29 71.14 -34.99
CA GLU U 93 -30.85 72.36 -35.54
C GLU U 93 -32.36 72.22 -35.63
N ILE U 94 -33.08 73.12 -34.96
CA ILE U 94 -34.52 72.99 -34.80
C ILE U 94 -35.21 73.48 -36.06
N LYS U 95 -35.95 72.58 -36.71
CA LYS U 95 -36.77 72.87 -37.88
C LYS U 95 -38.24 72.89 -37.48
N PRO U 96 -39.10 73.57 -38.25
CA PRO U 96 -40.52 73.63 -37.86
C PRO U 96 -41.18 72.27 -37.71
N GLU U 97 -40.82 71.29 -38.53
CA GLU U 97 -41.47 69.98 -38.42
C GLU U 97 -41.03 69.20 -37.18
N MET U 98 -40.12 69.75 -36.37
CA MET U 98 -39.71 69.14 -35.11
C MET U 98 -40.63 69.48 -33.95
N ILE U 99 -41.64 70.33 -34.16
CA ILE U 99 -42.48 70.80 -33.06
C ILE U 99 -43.23 69.63 -32.44
N GLY U 100 -43.05 69.44 -31.13
CA GLY U 100 -43.74 68.39 -30.40
C GLY U 100 -42.92 67.16 -30.07
N HIS U 101 -41.67 67.09 -30.51
CA HIS U 101 -40.82 65.95 -30.25
C HIS U 101 -39.84 66.27 -29.11
N TYR U 102 -39.45 65.23 -28.38
CA TYR U 102 -38.41 65.37 -27.37
C TYR U 102 -37.05 65.62 -28.03
N LEU U 103 -36.19 66.35 -27.32
CA LEU U 103 -34.85 66.62 -27.84
C LEU U 103 -34.05 65.32 -28.00
N GLY U 104 -34.17 64.41 -27.04
CA GLY U 104 -33.39 63.19 -27.08
C GLY U 104 -33.63 62.35 -28.32
N GLU U 105 -34.76 62.55 -29.00
CA GLU U 105 -35.04 61.83 -30.23
C GLU U 105 -34.03 62.13 -31.33
N PHE U 106 -33.27 63.23 -31.22
CA PHE U 106 -32.32 63.62 -32.25
C PHE U 106 -30.87 63.44 -31.83
N ALA U 107 -30.60 62.72 -30.74
CA ALA U 107 -29.24 62.45 -30.26
C ALA U 107 -29.12 60.97 -29.90
N PRO U 108 -28.83 60.11 -30.88
CA PRO U 108 -28.76 58.67 -30.60
C PRO U 108 -27.65 58.35 -29.61
N THR U 109 -27.91 57.39 -28.73
CA THR U 109 -26.97 57.01 -27.69
C THR U 109 -26.14 55.77 -28.03
N ARG U 110 -26.49 55.08 -29.11
CA ARG U 110 -25.80 53.86 -29.51
C ARG U 110 -25.25 53.93 -30.94
N LYS U 111 -24.15 53.25 -31.18
CA LYS U 111 -23.52 53.22 -32.49
C LYS U 111 -24.08 52.09 -33.33
N ARG U 112 -24.27 52.35 -34.63
CA ARG U 112 -24.80 51.34 -35.53
C ARG U 112 -23.86 50.13 -35.60
N VAL U 113 -24.44 48.94 -35.67
CA VAL U 113 -23.71 47.70 -35.56
C VAL U 113 -23.30 47.23 -36.95
N GLN U 114 -22.00 46.94 -37.12
CA GLN U 114 -21.46 46.29 -38.30
C GLN U 114 -20.78 45.01 -37.85
N HIS U 115 -21.38 43.86 -38.16
CA HIS U 115 -20.95 42.62 -37.55
C HIS U 115 -19.64 42.10 -38.15
N GLY U 116 -18.87 41.42 -37.30
CA GLY U 116 -17.69 40.71 -37.71
C GLY U 116 -17.92 39.21 -37.79
N ALA U 117 -16.82 38.47 -37.89
CA ALA U 117 -16.91 37.02 -38.05
C ALA U 117 -17.24 36.37 -36.70
N PRO U 118 -18.17 35.43 -36.66
CA PRO U 118 -18.49 34.75 -35.39
C PRO U 118 -17.27 34.05 -34.82
N GLY U 119 -17.13 34.12 -33.50
CA GLY U 119 -15.96 33.62 -32.82
C GLY U 119 -16.09 32.17 -32.40
N ILE U 120 -15.10 31.73 -31.62
CA ILE U 120 -15.13 30.39 -31.04
C ILE U 120 -16.25 30.31 -30.03
N GLY U 121 -17.05 29.24 -30.12
CA GLY U 121 -18.21 29.08 -29.28
C GLY U 121 -19.50 29.66 -29.84
N ALA U 122 -19.47 30.27 -31.02
CA ALA U 122 -20.68 30.85 -31.59
C ALA U 122 -21.62 29.81 -32.20
N THR U 123 -21.14 28.58 -32.42
CA THR U 123 -21.97 27.49 -32.93
C THR U 123 -21.66 26.23 -32.12
N ARG U 124 -22.56 25.26 -32.21
CA ARG U 124 -22.42 24.04 -31.41
C ARG U 124 -21.13 23.30 -31.76
N SER U 125 -20.74 23.32 -33.04
CA SER U 125 -19.55 22.61 -33.47
C SER U 125 -18.27 23.45 -33.36
N SER U 126 -18.35 24.70 -32.93
CA SER U 126 -17.17 25.54 -32.81
C SER U 126 -16.57 25.54 -31.40
N MET U 127 -17.31 25.06 -30.41
CA MET U 127 -16.84 25.07 -29.03
C MET U 127 -15.57 24.24 -28.86
N ALA V 2 -97.47 31.26 -11.86
CA ALA V 2 -96.18 31.08 -12.49
C ALA V 2 -95.30 32.31 -12.27
N THR V 3 -94.00 32.09 -12.09
CA THR V 3 -93.03 33.14 -11.84
C THR V 3 -91.86 33.00 -12.80
N VAL V 4 -90.91 33.93 -12.67
CA VAL V 4 -89.69 33.89 -13.47
C VAL V 4 -88.92 32.60 -13.21
N TYR V 5 -88.99 32.08 -11.98
CA TYR V 5 -88.24 30.87 -11.62
C TYR V 5 -88.72 29.62 -12.34
N ASP V 6 -89.87 29.64 -13.01
CA ASP V 6 -90.49 28.44 -13.56
C ASP V 6 -90.23 28.24 -15.05
N VAL V 7 -89.49 29.13 -15.70
CA VAL V 7 -89.32 29.05 -17.16
C VAL V 7 -87.85 29.23 -17.49
N PRO V 8 -87.41 28.73 -18.65
CA PRO V 8 -86.01 28.91 -19.06
C PRO V 8 -85.70 30.38 -19.33
N GLY V 9 -84.51 30.80 -18.91
CA GLY V 9 -84.16 32.21 -18.93
C GLY V 9 -84.09 32.82 -20.32
N ASP V 10 -83.47 32.12 -21.26
CA ASP V 10 -83.26 32.69 -22.59
C ASP V 10 -84.57 32.89 -23.34
N LEU V 11 -85.48 31.91 -23.27
CA LEU V 11 -86.78 32.06 -23.91
C LEU V 11 -87.55 33.24 -23.32
N LEU V 12 -87.48 33.40 -21.99
CA LEU V 12 -88.13 34.52 -21.34
C LEU V 12 -87.53 35.84 -21.78
N VAL V 13 -86.21 35.91 -21.91
CA VAL V 13 -85.58 37.16 -22.37
C VAL V 13 -86.04 37.50 -23.78
N GLU V 14 -86.15 36.48 -24.65
CA GLU V 14 -86.65 36.72 -26.00
C GLU V 14 -88.06 37.30 -25.99
N ARG V 15 -88.96 36.67 -25.23
CA ARG V 15 -90.35 37.14 -25.19
C ARG V 15 -90.44 38.54 -24.60
N VAL V 16 -89.69 38.81 -23.53
CA VAL V 16 -89.71 40.12 -22.91
C VAL V 16 -89.17 41.18 -23.85
N ALA V 17 -88.11 40.85 -24.60
CA ALA V 17 -87.55 41.79 -25.56
C ALA V 17 -88.56 42.13 -26.64
N GLN V 18 -89.32 41.14 -27.10
CA GLN V 18 -90.36 41.45 -28.08
C GLN V 18 -91.44 42.34 -27.48
N ARG V 19 -91.82 42.07 -26.23
CA ARG V 19 -92.89 42.88 -25.61
C ARG V 19 -92.41 44.29 -25.25
N LEU V 20 -91.11 44.50 -25.07
CA LEU V 20 -90.60 45.81 -24.67
C LEU V 20 -90.66 46.85 -25.79
N LYS V 21 -90.82 46.43 -27.05
CA LYS V 21 -90.85 47.38 -28.14
C LYS V 21 -92.11 48.23 -28.15
N GLU V 22 -93.10 47.91 -27.31
CA GLU V 22 -94.34 48.67 -27.24
C GLU V 22 -94.32 49.79 -26.21
N ILE V 23 -93.26 49.89 -25.39
CA ILE V 23 -93.18 50.90 -24.34
C ILE V 23 -92.47 52.12 -24.92
N PRO V 24 -93.11 53.29 -24.98
CA PRO V 24 -92.48 54.46 -25.62
C PRO V 24 -91.23 54.95 -24.93
N GLU V 25 -91.00 54.59 -23.66
CA GLU V 25 -89.84 55.09 -22.93
C GLU V 25 -88.56 54.30 -23.21
N ILE V 26 -88.62 53.23 -24.00
CA ILE V 26 -87.43 52.45 -24.35
C ILE V 26 -87.03 52.83 -25.76
N LYS V 27 -85.87 53.47 -25.90
CA LYS V 27 -85.36 53.92 -27.19
C LYS V 27 -83.84 53.82 -27.19
N PRO V 28 -83.25 53.28 -28.24
CA PRO V 28 -81.78 53.22 -28.30
C PRO V 28 -81.17 54.60 -28.39
N PRO V 29 -80.02 54.82 -27.75
CA PRO V 29 -79.34 56.11 -27.88
C PRO V 29 -78.86 56.33 -29.30
N GLU V 30 -78.42 57.57 -29.57
CA GLU V 30 -78.01 57.93 -30.92
C GLU V 30 -76.66 57.32 -31.30
N TRP V 31 -75.83 56.96 -30.33
CA TRP V 31 -74.55 56.31 -30.62
C TRP V 31 -74.67 54.80 -30.68
N ALA V 32 -75.86 54.25 -30.44
CA ALA V 32 -76.04 52.80 -30.47
C ALA V 32 -75.61 52.12 -31.76
N PRO V 33 -75.82 52.68 -32.96
CA PRO V 33 -75.38 51.97 -34.18
C PRO V 33 -73.88 51.76 -34.30
N PHE V 34 -73.05 52.40 -33.48
CA PHE V 34 -71.62 52.47 -33.75
C PHE V 34 -70.69 51.83 -32.72
N VAL V 35 -71.21 51.23 -31.64
CA VAL V 35 -70.35 50.84 -30.53
C VAL V 35 -70.36 49.32 -30.34
N LYS V 36 -69.30 48.83 -29.70
CA LYS V 36 -69.23 47.47 -29.18
C LYS V 36 -69.79 47.43 -27.76
N THR V 37 -70.09 46.22 -27.29
CA THR V 37 -70.46 46.02 -25.89
C THR V 37 -69.28 45.55 -25.05
N GLY V 38 -68.20 46.32 -25.07
CA GLY V 38 -67.09 46.03 -24.18
C GLY V 38 -65.75 45.80 -24.84
N ARG V 39 -64.67 46.06 -24.08
CA ARG V 39 -63.31 45.95 -24.58
C ARG V 39 -62.89 44.51 -24.90
N HIS V 40 -63.62 43.50 -24.43
CA HIS V 40 -63.24 42.12 -24.72
C HIS V 40 -63.94 41.57 -25.96
N LYS V 41 -64.80 42.35 -26.61
CA LYS V 41 -65.39 41.94 -27.88
C LYS V 41 -64.49 42.37 -29.04
N GLU V 42 -64.76 41.82 -30.21
CA GLU V 42 -64.03 42.18 -31.43
C GLU V 42 -64.87 42.92 -32.46
N ARG V 43 -66.14 42.54 -32.64
CA ARG V 43 -66.97 43.08 -33.70
C ARG V 43 -68.28 43.61 -33.14
N LEU V 44 -68.96 44.43 -33.93
CA LEU V 44 -70.23 45.04 -33.52
C LEU V 44 -71.33 43.98 -33.43
N PRO V 45 -72.41 44.27 -32.71
CA PRO V 45 -73.55 43.34 -32.68
C PRO V 45 -74.17 43.15 -34.06
N GLU V 46 -74.62 41.92 -34.33
CA GLU V 46 -75.16 41.57 -35.64
C GLU V 46 -76.67 41.77 -35.75
N GLN V 47 -77.39 41.94 -34.65
CA GLN V 47 -78.82 42.17 -34.69
C GLN V 47 -79.11 43.67 -34.67
N GLU V 48 -80.00 44.11 -35.56
CA GLU V 48 -80.34 45.53 -35.61
C GLU V 48 -81.12 45.98 -34.38
N ASP V 49 -81.73 45.05 -33.64
CA ASP V 49 -82.53 45.36 -32.47
C ASP V 49 -81.91 44.79 -31.18
N TRP V 50 -80.59 44.90 -31.05
CA TRP V 50 -79.91 44.35 -29.87
C TRP V 50 -80.19 45.15 -28.60
N TRP V 51 -80.53 46.43 -28.73
CA TRP V 51 -80.79 47.25 -27.54
C TRP V 51 -81.90 46.66 -26.69
N TYR V 52 -82.97 46.19 -27.33
CA TYR V 52 -84.11 45.64 -26.58
C TYR V 52 -83.74 44.36 -25.85
N TYR V 53 -82.91 43.51 -26.47
CA TYR V 53 -82.43 42.31 -25.80
C TYR V 53 -81.61 42.65 -24.57
N ARG V 54 -80.68 43.62 -24.69
CA ARG V 54 -79.88 43.99 -23.53
C ARG V 54 -80.77 44.56 -22.41
N VAL V 55 -81.75 45.39 -22.77
CA VAL V 55 -82.64 45.97 -21.76
C VAL V 55 -83.43 44.88 -21.04
N ALA V 56 -83.99 43.92 -21.80
CA ALA V 56 -84.75 42.84 -21.18
C ALA V 56 -83.88 41.99 -20.26
N SER V 57 -82.65 41.70 -20.68
CA SER V 57 -81.74 40.94 -19.82
C SER V 57 -81.47 41.68 -18.53
N ILE V 58 -81.24 43.00 -18.61
CA ILE V 58 -80.96 43.80 -17.42
C ILE V 58 -82.17 43.80 -16.47
N LEU V 59 -83.38 43.91 -17.02
CA LEU V 59 -84.58 43.89 -16.18
C LEU V 59 -84.72 42.57 -15.44
N ARG V 60 -84.53 41.45 -16.16
CA ARG V 60 -84.60 40.15 -15.49
C ARG V 60 -83.50 40.01 -14.44
N ARG V 61 -82.32 40.58 -14.71
CA ARG V 61 -81.24 40.54 -13.72
C ARG V 61 -81.60 41.32 -12.45
N VAL V 62 -82.21 42.49 -12.60
CA VAL V 62 -82.65 43.26 -11.44
C VAL V 62 -83.71 42.49 -10.67
N TYR V 63 -84.61 41.80 -11.38
CA TYR V 63 -85.64 41.00 -10.71
C TYR V 63 -85.02 39.95 -9.80
N LEU V 64 -83.99 39.26 -10.28
CA LEU V 64 -83.48 38.08 -9.55
C LEU V 64 -82.47 38.44 -8.46
N ASP V 65 -81.72 39.53 -8.62
CA ASP V 65 -80.56 39.77 -7.77
C ASP V 65 -80.56 41.16 -7.11
N GLY V 66 -81.67 41.88 -7.13
CA GLY V 66 -81.72 43.23 -6.59
C GLY V 66 -81.64 43.27 -5.08
N PRO V 67 -81.16 44.40 -4.53
CA PRO V 67 -80.66 45.59 -5.23
C PRO V 67 -79.24 45.40 -5.79
N VAL V 68 -78.98 45.99 -6.95
CA VAL V 68 -77.71 45.78 -7.65
C VAL V 68 -77.34 47.06 -8.39
N GLY V 69 -76.05 47.35 -8.45
CA GLY V 69 -75.54 48.56 -9.05
C GLY V 69 -74.72 48.32 -10.31
N ILE V 70 -74.14 49.42 -10.79
CA ILE V 70 -73.49 49.41 -12.11
C ILE V 70 -72.27 48.49 -12.13
N GLU V 71 -71.43 48.56 -11.09
CA GLU V 71 -70.16 47.84 -11.12
C GLU V 71 -70.35 46.33 -11.18
N ARG V 72 -71.29 45.79 -10.40
CA ARG V 72 -71.51 44.36 -10.38
C ARG V 72 -72.11 43.87 -11.70
N LEU V 73 -73.03 44.65 -12.29
CA LEU V 73 -73.53 44.33 -13.61
C LEU V 73 -72.40 44.36 -14.65
N ARG V 74 -71.48 45.31 -14.51
CA ARG V 74 -70.30 45.35 -15.39
C ARG V 74 -69.50 44.05 -15.28
N THR V 75 -69.40 43.52 -14.07
CA THR V 75 -68.81 42.18 -13.92
C THR V 75 -69.60 41.15 -14.72
N TYR V 76 -70.93 41.17 -14.59
CA TYR V 76 -71.75 40.13 -15.20
C TYR V 76 -71.65 40.13 -16.72
N TYR V 77 -71.56 41.31 -17.34
CA TYR V 77 -71.55 41.39 -18.80
C TYR V 77 -70.14 41.38 -19.40
N GLY V 78 -69.10 41.15 -18.60
CA GLY V 78 -67.75 41.01 -19.11
C GLY V 78 -67.50 39.62 -19.68
N GLY V 79 -66.23 39.34 -19.97
CA GLY V 79 -65.92 38.04 -20.56
C GLY V 79 -64.45 37.88 -20.86
N ARG V 80 -64.15 36.78 -21.56
CA ARG V 80 -62.79 36.41 -21.95
C ARG V 80 -62.36 37.15 -23.21
N LYS V 81 -61.10 37.57 -23.25
CA LYS V 81 -60.55 38.33 -24.36
C LYS V 81 -59.33 37.61 -24.95
N ASN V 82 -59.33 37.55 -26.30
CA ASN V 82 -58.20 37.11 -27.11
C ASN V 82 -57.19 38.25 -27.23
N ARG V 83 -55.95 38.01 -26.82
CA ARG V 83 -54.94 39.05 -26.72
C ARG V 83 -53.77 38.80 -27.68
N GLY V 84 -54.05 38.34 -28.88
CA GLY V 84 -52.99 38.09 -29.84
C GLY V 84 -52.06 37.00 -29.37
N HIS V 85 -50.76 37.29 -29.34
CA HIS V 85 -49.77 36.31 -28.91
C HIS V 85 -49.75 36.10 -27.40
N ALA V 86 -50.49 36.94 -26.59
CA ALA V 86 -50.56 36.76 -25.15
C ALA V 86 -51.78 35.92 -24.75
N PRO V 87 -51.74 35.26 -23.59
CA PRO V 87 -52.86 34.40 -23.18
C PRO V 87 -54.14 35.18 -22.90
N GLU V 88 -55.27 34.48 -23.04
CA GLU V 88 -56.60 35.08 -22.87
C GLU V 88 -56.85 35.48 -21.41
N ARG V 89 -57.67 36.53 -21.23
CA ARG V 89 -57.93 37.00 -19.86
C ARG V 89 -59.34 37.57 -19.71
N PHE V 90 -59.84 37.59 -18.47
CA PHE V 90 -61.17 38.15 -18.18
C PHE V 90 -61.11 39.67 -18.07
N TYR V 91 -62.14 40.34 -18.58
CA TYR V 91 -62.28 41.79 -18.44
C TYR V 91 -63.75 42.16 -18.24
N LYS V 92 -63.94 43.29 -17.55
CA LYS V 92 -65.27 43.84 -17.30
C LYS V 92 -65.81 44.56 -18.54
N ALA V 93 -67.13 44.70 -18.58
CA ALA V 93 -67.80 45.48 -19.61
C ALA V 93 -67.82 46.96 -19.25
N GLY V 94 -68.25 47.79 -20.21
CA GLY V 94 -68.37 49.21 -19.99
C GLY V 94 -69.66 49.59 -19.27
N GLY V 95 -69.76 50.86 -18.90
CA GLY V 95 -70.86 51.30 -18.06
C GLY V 95 -71.99 52.09 -18.70
N SER V 96 -71.72 52.73 -19.84
CA SER V 96 -72.72 53.65 -20.42
C SER V 96 -73.99 52.91 -20.82
N ILE V 97 -73.86 51.74 -21.44
CA ILE V 97 -75.04 50.98 -21.87
C ILE V 97 -75.89 50.60 -20.67
N ILE V 98 -75.25 50.07 -19.61
CA ILE V 98 -75.99 49.60 -18.43
C ILE V 98 -76.67 50.77 -17.72
N ARG V 99 -75.95 51.87 -17.54
CA ARG V 99 -76.50 53.02 -16.83
C ARG V 99 -77.68 53.62 -17.60
N LYS V 100 -77.56 53.74 -18.93
CA LYS V 100 -78.67 54.25 -19.73
C LYS V 100 -79.87 53.31 -19.68
N ALA V 101 -79.63 51.99 -19.74
CA ALA V 101 -80.75 51.06 -19.68
C ALA V 101 -81.47 51.16 -18.34
N LEU V 102 -80.72 51.28 -17.23
CA LEU V 102 -81.35 51.41 -15.93
C LEU V 102 -82.16 52.72 -15.83
N GLN V 103 -81.61 53.81 -16.37
CA GLN V 103 -82.35 55.08 -16.35
C GLN V 103 -83.64 55.00 -17.17
N GLN V 104 -83.59 54.36 -18.34
CA GLN V 104 -84.81 54.20 -19.14
C GLN V 104 -85.83 53.32 -18.42
N LEU V 105 -85.39 52.23 -17.81
CA LEU V 105 -86.32 51.36 -17.08
C LEU V 105 -86.98 52.09 -15.92
N GLU V 106 -86.21 52.93 -15.21
CA GLU V 106 -86.81 53.75 -14.16
C GLU V 106 -87.82 54.74 -14.75
N ALA V 107 -87.49 55.34 -15.90
CA ALA V 107 -88.44 56.23 -16.56
C ALA V 107 -89.75 55.52 -16.89
N ALA V 108 -89.68 54.23 -17.22
CA ALA V 108 -90.88 53.46 -17.49
C ALA V 108 -91.60 52.98 -16.23
N GLY V 109 -91.03 53.21 -15.05
CA GLY V 109 -91.65 52.81 -13.80
C GLY V 109 -91.44 51.36 -13.38
N PHE V 110 -90.56 50.63 -14.05
CA PHE V 110 -90.36 49.21 -13.74
C PHE V 110 -89.38 48.97 -12.62
N VAL V 111 -88.40 49.86 -12.41
CA VAL V 111 -87.43 49.74 -11.33
C VAL V 111 -87.38 51.05 -10.55
N GLU V 112 -86.71 51.01 -9.40
CA GLU V 112 -86.56 52.20 -8.56
C GLU V 112 -85.27 52.11 -7.77
N LYS V 113 -84.87 53.24 -7.20
CA LYS V 113 -83.55 53.40 -6.60
C LYS V 113 -83.64 53.32 -5.08
N VAL V 114 -82.86 52.41 -4.50
CA VAL V 114 -82.67 52.31 -3.05
C VAL V 114 -81.37 53.00 -2.70
N PRO V 115 -81.38 54.03 -1.86
CA PRO V 115 -80.21 54.92 -1.72
C PRO V 115 -79.02 54.19 -1.11
N GLY V 116 -77.87 54.33 -1.75
CA GLY V 116 -76.66 53.67 -1.33
C GLY V 116 -76.64 52.17 -1.53
N LYS V 117 -77.68 51.60 -2.13
CA LYS V 117 -77.81 50.17 -2.28
C LYS V 117 -78.01 49.71 -3.73
N GLY V 118 -78.61 50.53 -4.58
CA GLY V 118 -78.76 50.13 -5.97
C GLY V 118 -80.17 50.27 -6.50
N ARG V 119 -80.62 49.33 -7.32
CA ARG V 119 -81.95 49.42 -7.92
C ARG V 119 -82.70 48.12 -7.70
N VAL V 120 -84.01 48.24 -7.50
CA VAL V 120 -84.89 47.12 -7.19
C VAL V 120 -86.13 47.17 -8.06
N ILE V 121 -86.79 46.03 -8.17
CA ILE V 121 -87.97 45.89 -9.03
C ILE V 121 -89.19 46.41 -8.30
N THR V 122 -90.01 47.18 -9.00
CA THR V 122 -91.27 47.68 -8.46
C THR V 122 -92.37 46.64 -8.62
N PRO V 123 -93.48 46.77 -7.88
CA PRO V 123 -94.60 45.84 -8.07
C PRO V 123 -95.09 45.81 -9.51
N LYS V 124 -95.06 46.96 -10.19
CA LYS V 124 -95.45 47.00 -11.59
C LYS V 124 -94.51 46.15 -12.45
N GLY V 125 -93.19 46.26 -12.21
CA GLY V 125 -92.24 45.47 -12.97
C GLY V 125 -92.37 43.98 -12.68
N ARG V 126 -92.61 43.64 -11.42
CA ARG V 126 -92.82 42.24 -11.06
C ARG V 126 -94.04 41.67 -11.77
N SER V 127 -95.15 42.43 -11.78
CA SER V 127 -96.34 41.97 -12.49
C SER V 127 -96.07 41.82 -13.99
N PHE V 128 -95.37 42.79 -14.57
CA PHE V 128 -95.06 42.76 -16.00
C PHE V 128 -94.27 41.51 -16.36
N LEU V 129 -93.24 41.18 -15.58
CA LEU V 129 -92.44 39.99 -15.88
C LEU V 129 -93.22 38.71 -15.63
N ASP V 130 -93.93 38.63 -14.49
CA ASP V 130 -94.58 37.38 -14.12
C ASP V 130 -95.76 37.04 -15.04
N LYS V 131 -96.41 38.05 -15.63
CA LYS V 131 -97.48 37.75 -16.57
C LYS V 131 -96.95 37.08 -17.83
N ILE V 132 -95.85 37.62 -18.37
CA ILE V 132 -95.23 37.01 -19.55
C ILE V 132 -94.71 35.62 -19.21
N ALA V 133 -94.16 35.45 -18.00
CA ALA V 133 -93.73 34.12 -17.59
C ALA V 133 -94.90 33.15 -17.54
N THR V 134 -96.04 33.59 -17.02
CA THR V 134 -97.23 32.73 -16.98
C THR V 134 -97.66 32.33 -18.39
N GLU V 135 -97.66 33.29 -19.31
CA GLU V 135 -98.05 32.99 -20.69
C GLU V 135 -97.09 31.98 -21.34
N LEU V 136 -95.79 32.17 -21.13
CA LEU V 136 -94.81 31.24 -21.69
C LEU V 136 -94.97 29.84 -21.07
N LYS V 137 -95.21 29.78 -19.76
CA LYS V 137 -95.38 28.48 -19.11
C LYS V 137 -96.65 27.79 -19.59
N LYS V 138 -97.68 28.53 -19.92
CA LYS V 138 -98.90 27.88 -20.41
C LYS V 138 -98.63 27.18 -21.74
N GLU V 139 -97.92 27.85 -22.63
CA GLU V 139 -97.56 27.31 -23.94
C GLU V 139 -96.62 26.13 -23.78
N LEU V 140 -95.69 26.27 -22.85
CA LEU V 140 -94.67 25.26 -22.58
C LEU V 140 -95.20 23.93 -22.09
N GLU V 141 -96.23 23.93 -21.26
CA GLU V 141 -96.67 22.65 -20.71
C GLU V 141 -97.59 21.88 -21.65
N GLU V 142 -97.94 22.46 -22.80
CA GLU V 142 -98.60 21.67 -23.84
C GLU V 142 -97.70 20.57 -24.37
N ILE V 143 -96.39 20.83 -24.41
CA ILE V 143 -95.43 19.88 -24.99
C ILE V 143 -94.52 19.25 -23.94
N ILE V 144 -94.57 19.72 -22.70
CA ILE V 144 -93.86 19.07 -21.59
C ILE V 144 -94.86 18.85 -20.47
N PRO V 145 -95.62 17.74 -20.49
CA PRO V 145 -96.68 17.55 -19.49
C PRO V 145 -96.19 17.54 -18.06
N GLU V 146 -94.90 17.28 -17.82
CA GLU V 146 -94.36 17.24 -16.47
C GLU V 146 -94.39 18.59 -15.78
N LEU V 147 -94.63 19.68 -16.51
CA LEU V 147 -94.63 21.01 -15.93
C LEU V 147 -96.01 21.44 -15.42
N LYS V 148 -97.01 20.57 -15.48
CA LYS V 148 -98.33 20.92 -14.97
C LYS V 148 -98.40 20.87 -13.44
N LYS V 149 -97.61 19.98 -12.82
CA LYS V 149 -97.64 19.87 -11.36
C LYS V 149 -97.15 21.13 -10.67
N TYR V 150 -96.27 21.89 -11.33
CA TYR V 150 -95.68 23.07 -10.72
C TYR V 150 -96.58 24.29 -10.87
N MET W 1 72.82 30.69 47.35
CA MET W 1 72.81 29.33 46.82
C MET W 1 73.55 28.39 47.76
N GLU W 2 73.09 27.14 47.86
CA GLU W 2 73.72 26.13 48.70
C GLU W 2 74.15 24.95 47.86
N ILE W 3 75.41 24.56 47.96
CA ILE W 3 76.00 23.55 47.09
C ILE W 3 76.15 22.24 47.87
N LYS W 4 75.77 21.13 47.24
CA LYS W 4 75.90 19.80 47.81
C LYS W 4 76.67 18.91 46.85
N ILE W 5 77.73 18.27 47.33
CA ILE W 5 78.56 17.39 46.52
C ILE W 5 77.93 16.00 46.49
N THR W 6 77.66 15.49 45.29
CA THR W 6 77.02 14.18 45.18
C THR W 6 78.05 13.06 45.03
N GLU W 7 79.05 13.24 44.17
CA GLU W 7 80.03 12.19 43.92
C GLU W 7 81.37 12.81 43.52
N VAL W 8 82.44 12.20 44.01
CA VAL W 8 83.80 12.53 43.59
C VAL W 8 84.48 11.23 43.19
N LYS W 9 84.86 11.12 41.92
CA LYS W 9 85.45 9.89 41.38
C LYS W 9 86.85 10.16 40.87
N GLU W 10 87.74 9.18 41.04
CA GLU W 10 89.12 9.26 40.62
C GLU W 10 89.29 8.56 39.28
N ASN W 11 89.91 9.26 38.32
CA ASN W 11 90.20 8.73 36.99
C ASN W 11 91.71 8.86 36.78
N LYS W 12 92.44 7.81 37.15
CA LYS W 12 93.90 7.86 37.07
C LYS W 12 94.40 7.78 35.63
N LEU W 13 93.66 7.09 34.76
CA LEU W 13 94.09 6.93 33.37
C LEU W 13 94.17 8.29 32.67
N ILE W 14 93.18 9.14 32.88
CA ILE W 14 93.22 10.49 32.31
C ILE W 14 94.05 11.43 33.19
N GLY W 15 94.04 11.21 34.50
CA GLY W 15 94.72 12.10 35.43
C GLY W 15 93.87 13.28 35.85
N ARG W 16 92.71 13.00 36.42
CA ARG W 16 91.78 14.05 36.82
C ARG W 16 90.84 13.48 37.88
N LYS W 17 90.04 14.37 38.46
CA LYS W 17 88.92 13.96 39.30
C LYS W 17 87.64 14.59 38.77
N GLU W 18 86.57 13.82 38.80
CA GLU W 18 85.30 14.20 38.20
C GLU W 18 84.26 14.39 39.30
N ILE W 19 83.63 15.57 39.32
CA ILE W 19 82.82 16.02 40.45
C ILE W 19 81.42 16.37 39.95
N TYR W 20 80.41 15.73 40.54
CA TYR W 20 79.00 16.00 40.30
C TYR W 20 78.39 16.69 41.51
N PHE W 21 77.58 17.72 41.27
CA PHE W 21 77.08 18.51 42.39
C PHE W 21 75.69 19.07 42.09
N GLU W 22 75.00 19.47 43.16
CA GLU W 22 73.70 20.13 43.09
C GLU W 22 73.78 21.51 43.74
N ILE W 23 72.98 22.43 43.24
CA ILE W 23 72.87 23.77 43.81
C ILE W 23 71.41 24.06 44.09
N TYR W 24 71.10 24.44 45.32
CA TYR W 24 69.75 24.77 45.77
C TYR W 24 69.63 26.29 45.87
N HIS W 25 68.62 26.84 45.19
CA HIS W 25 68.48 28.30 45.08
C HIS W 25 67.05 28.74 44.79
N PRO W 26 66.10 28.54 45.70
CA PRO W 26 64.74 29.02 45.46
C PRO W 26 64.70 30.55 45.33
N GLY W 27 63.97 31.02 44.31
CA GLY W 27 63.77 32.44 44.12
C GLY W 27 64.93 33.22 43.55
N GLU W 28 65.93 32.55 42.99
CA GLU W 28 67.13 33.18 42.47
C GLU W 28 67.37 32.75 41.04
N PRO W 29 68.13 33.52 40.27
CA PRO W 29 68.49 33.08 38.92
C PRO W 29 69.45 31.90 38.97
N THR W 30 69.62 31.26 37.82
CA THR W 30 70.62 30.21 37.69
C THR W 30 72.00 30.77 38.00
N PRO W 31 72.77 30.14 38.90
CA PRO W 31 74.09 30.69 39.25
C PRO W 31 75.04 30.71 38.06
N SER W 32 75.94 31.70 38.08
CA SER W 32 76.91 31.87 37.02
C SER W 32 78.08 30.90 37.18
N ARG W 33 78.82 30.70 36.09
CA ARG W 33 79.96 29.79 36.12
C ARG W 33 81.04 30.27 37.07
N LYS W 34 81.29 31.59 37.09
CA LYS W 34 82.34 32.14 37.96
C LYS W 34 82.04 31.89 39.43
N ASP W 35 80.79 32.17 39.86
CA ASP W 35 80.43 31.97 41.26
C ASP W 35 80.53 30.50 41.65
N VAL W 36 80.05 29.61 40.79
CA VAL W 36 80.12 28.19 41.08
C VAL W 36 81.56 27.73 41.20
N LYS W 37 82.43 28.20 40.29
CA LYS W 37 83.83 27.80 40.35
C LYS W 37 84.49 28.30 41.63
N GLY W 38 84.24 29.56 42.01
CA GLY W 38 84.84 30.07 43.24
C GLY W 38 84.40 29.28 44.46
N LYS W 39 83.10 29.01 44.55
CA LYS W 39 82.59 28.23 45.68
C LYS W 39 83.19 26.83 45.70
N LEU W 40 83.30 26.20 44.52
CA LEU W 40 83.85 24.85 44.44
C LEU W 40 85.32 24.81 44.84
N VAL W 41 86.12 25.77 44.35
CA VAL W 41 87.54 25.74 44.67
C VAL W 41 87.76 26.04 46.14
N ALA W 42 86.93 26.91 46.74
CA ALA W 42 87.01 27.10 48.19
C ALA W 42 86.62 25.83 48.94
N MET W 43 85.60 25.13 48.45
CA MET W 43 85.06 23.97 49.17
C MET W 43 85.93 22.73 49.07
N LEU W 44 86.87 22.68 48.11
CA LEU W 44 87.67 21.47 47.92
C LEU W 44 89.17 21.72 47.92
N ASP W 45 89.62 22.97 48.03
CA ASP W 45 91.05 23.32 48.07
C ASP W 45 91.75 22.93 46.76
N LEU W 46 91.27 23.50 45.67
CA LEU W 46 91.78 23.22 44.33
C LEU W 46 92.53 24.43 43.79
N ASN W 47 93.52 24.18 42.96
CA ASN W 47 94.10 25.24 42.16
C ASN W 47 93.09 25.64 41.11
N PRO W 48 92.60 26.89 41.10
CA PRO W 48 91.55 27.26 40.13
C PRO W 48 92.02 27.30 38.69
N GLU W 49 93.33 27.26 38.44
CA GLU W 49 93.82 27.28 37.06
C GLU W 49 93.55 25.97 36.32
N THR W 50 93.36 24.87 37.04
CA THR W 50 93.13 23.57 36.43
C THR W 50 91.75 23.01 36.77
N THR W 51 90.79 23.89 37.02
CA THR W 51 89.42 23.51 37.35
C THR W 51 88.51 23.94 36.20
N VAL W 52 87.85 22.96 35.58
CA VAL W 52 86.99 23.22 34.43
C VAL W 52 85.57 22.79 34.79
N ILE W 53 84.60 23.63 34.45
CA ILE W 53 83.19 23.35 34.65
C ILE W 53 82.63 22.80 33.35
N GLN W 54 82.17 21.56 33.37
CA GLN W 54 81.57 20.97 32.17
C GLN W 54 80.20 21.58 31.90
N TYR W 55 79.30 21.55 32.89
CA TYR W 55 78.00 22.15 32.63
C TYR W 55 77.26 22.48 33.92
N ILE W 56 76.29 23.38 33.78
CA ILE W 56 75.28 23.71 34.78
C ILE W 56 73.92 23.66 34.09
N ARG W 57 73.01 22.82 34.58
CA ARG W 57 71.71 22.61 33.95
C ARG W 57 70.59 22.85 34.94
N SER W 58 69.61 23.65 34.53
CA SER W 58 68.38 23.88 35.26
C SER W 58 67.24 23.05 34.66
N TYR W 59 66.21 22.83 35.46
CA TYR W 59 65.09 22.00 35.03
C TYR W 59 63.79 22.79 35.07
N PHE W 60 62.72 22.18 34.55
CA PHE W 60 61.47 22.87 34.30
C PHE W 60 60.90 23.54 35.54
N GLY W 61 60.49 22.79 36.54
CA GLY W 61 59.80 23.44 37.65
C GLY W 61 60.51 23.27 38.96
N SER W 62 61.84 23.39 38.95
CA SER W 62 62.68 23.04 40.08
C SER W 62 63.32 24.27 40.69
N TYR W 63 63.69 24.14 41.96
CA TYR W 63 64.44 25.17 42.67
C TYR W 63 65.93 24.84 42.74
N LYS W 64 66.39 23.80 42.04
CA LYS W 64 67.79 23.42 42.07
C LYS W 64 68.31 23.14 40.67
N SER W 65 69.63 23.16 40.56
CA SER W 65 70.35 22.88 39.32
C SER W 65 71.40 21.81 39.55
N LYS W 66 71.72 21.07 38.49
CA LYS W 66 72.73 20.01 38.57
C LYS W 66 73.95 20.41 37.74
N GLY W 67 75.12 20.02 38.20
CA GLY W 67 76.36 20.49 37.60
C GLY W 67 77.43 19.41 37.58
N TYR W 68 78.34 19.56 36.62
CA TYR W 68 79.45 18.64 36.43
C TYR W 68 80.72 19.43 36.14
N ALA W 69 81.80 19.07 36.84
CA ALA W 69 83.09 19.74 36.72
C ALA W 69 84.23 18.72 36.81
N LYS W 70 85.41 19.12 36.34
CA LYS W 70 86.59 18.27 36.35
C LYS W 70 87.80 19.06 36.84
N TYR W 71 88.70 18.36 37.54
CA TYR W 71 89.90 18.98 38.10
C TYR W 71 91.12 18.16 37.72
N TYR W 72 92.06 18.79 37.01
CA TYR W 72 93.29 18.13 36.59
C TYR W 72 94.43 18.47 37.55
N TYR W 73 95.29 17.48 37.79
CA TYR W 73 96.48 17.68 38.63
C TYR W 73 97.61 18.37 37.89
N ASP W 74 97.50 18.56 36.57
CA ASP W 74 98.59 19.08 35.77
C ASP W 74 98.02 19.90 34.63
N LYS W 75 98.55 21.11 34.45
CA LYS W 75 98.01 22.03 33.46
C LYS W 75 98.20 21.51 32.03
N ASP W 76 99.38 20.96 31.73
CA ASP W 76 99.64 20.48 30.37
C ASP W 76 98.74 19.32 30.00
N ARG W 77 98.48 18.42 30.95
CA ARG W 77 97.53 17.34 30.71
C ARG W 77 96.15 17.89 30.39
N MET W 78 95.75 18.96 31.09
CA MET W 78 94.46 19.59 30.81
C MET W 78 94.42 20.17 29.39
N LEU W 79 95.49 20.85 28.99
CA LEU W 79 95.50 21.44 27.65
C LEU W 79 95.54 20.38 26.56
N TYR W 80 96.18 19.24 26.85
CA TYR W 80 96.25 18.16 25.89
C TYR W 80 94.95 17.37 25.77
N ILE W 81 94.20 17.24 26.87
CA ILE W 81 93.00 16.40 26.87
C ILE W 81 91.75 17.17 26.49
N GLU W 82 91.53 18.34 27.10
CA GLU W 82 90.24 19.02 26.95
C GLU W 82 90.12 19.69 25.58
N PRO W 83 88.91 19.76 25.04
CA PRO W 83 88.68 20.49 23.79
C PRO W 83 88.87 21.99 23.99
N GLU W 84 89.20 22.67 22.89
CA GLU W 84 89.47 24.11 22.95
C GLU W 84 88.22 24.89 23.34
N TYR W 85 87.05 24.49 22.85
CA TYR W 85 85.84 25.29 23.05
C TYR W 85 85.47 25.39 24.54
N ILE W 86 85.65 24.30 25.30
CA ILE W 86 85.27 24.33 26.71
C ILE W 86 86.24 25.19 27.52
N LEU W 87 87.52 25.20 27.16
CA LEU W 87 88.48 26.02 27.89
C LEU W 87 88.26 27.51 27.63
N ILE W 88 87.86 27.85 26.41
CA ILE W 88 87.51 29.24 26.10
C ILE W 88 86.23 29.64 26.81
N ARG W 89 85.20 28.78 26.74
CA ARG W 89 83.92 29.11 27.35
C ARG W 89 84.02 29.26 28.86
N ASP W 90 85.05 28.69 29.47
CA ASP W 90 85.28 28.81 30.90
C ASP W 90 86.26 29.91 31.25
N GLY W 91 86.72 30.69 30.26
CA GLY W 91 87.65 31.77 30.53
C GLY W 91 89.05 31.33 30.90
N ILE W 92 89.39 30.06 30.69
CA ILE W 92 90.75 29.59 30.97
C ILE W 92 91.75 30.16 29.97
N ILE W 93 91.37 30.20 28.69
CA ILE W 93 92.23 30.75 27.64
C ILE W 93 91.44 31.75 26.82
N GLU W 94 92.14 32.41 25.90
CA GLU W 94 91.60 33.51 25.11
C GLU W 94 91.32 33.05 23.68
N LYS W 95 90.15 33.42 23.18
CA LYS W 95 89.81 33.11 21.79
C LYS W 95 90.60 34.00 20.85
N LYS W 96 91.23 33.38 19.85
CA LYS W 96 92.00 34.13 18.86
C LYS W 96 91.06 34.89 17.93
N ARG X 5 11.55 -56.26 20.69
CA ARG X 5 10.40 -56.58 19.86
C ARG X 5 10.83 -57.13 18.51
N ASN X 6 10.51 -56.43 17.43
CA ASN X 6 10.89 -56.83 16.09
C ASN X 6 12.22 -56.24 15.64
N VAL X 7 13.10 -55.92 16.59
CA VAL X 7 14.42 -55.39 16.25
C VAL X 7 15.23 -56.46 15.52
N ILE X 8 15.17 -57.69 16.00
CA ILE X 8 15.86 -58.83 15.39
C ILE X 8 15.01 -59.35 14.23
N PRO X 9 15.61 -59.67 13.08
CA PRO X 9 14.81 -60.20 11.97
C PRO X 9 14.42 -61.64 12.20
N MET X 10 13.13 -61.95 12.02
CA MET X 10 12.62 -63.29 12.23
C MET X 10 11.82 -63.74 11.02
N PRO X 11 12.11 -64.91 10.46
CA PRO X 11 11.42 -65.35 9.25
C PRO X 11 9.99 -65.81 9.52
N ARG X 12 9.15 -65.68 8.50
CA ARG X 12 7.80 -66.22 8.52
C ARG X 12 7.71 -67.63 7.95
N SER X 13 8.79 -68.15 7.38
CA SER X 13 8.82 -69.49 6.80
C SER X 13 9.19 -70.52 7.88
N ARG X 14 9.04 -71.80 7.52
CA ARG X 14 9.29 -72.89 8.45
C ARG X 14 9.86 -74.09 7.69
N PHE X 15 10.54 -74.96 8.43
CA PHE X 15 10.91 -76.28 7.94
C PHE X 15 9.92 -77.30 8.49
N LEU X 16 9.54 -78.28 7.67
CA LEU X 16 8.48 -79.22 8.02
C LEU X 16 8.96 -80.66 7.84
N ARG X 17 8.53 -81.53 8.75
CA ARG X 17 8.77 -82.97 8.64
C ARG X 17 7.52 -83.60 8.02
N VAL X 18 7.69 -84.23 6.86
CA VAL X 18 6.57 -84.76 6.09
C VAL X 18 6.82 -86.22 5.75
N LYS X 19 5.75 -86.91 5.40
CA LYS X 19 5.80 -88.32 5.04
C LYS X 19 5.18 -88.53 3.67
N CYS X 20 5.94 -89.17 2.78
CA CYS X 20 5.45 -89.44 1.42
C CYS X 20 4.23 -90.34 1.45
N ILE X 21 3.26 -90.04 0.59
CA ILE X 21 2.04 -90.85 0.52
C ILE X 21 2.32 -92.21 -0.07
N ASP X 22 3.12 -92.28 -1.13
CA ASP X 22 3.33 -93.52 -1.87
C ASP X 22 4.46 -94.35 -1.27
N CYS X 23 5.67 -93.79 -1.20
CA CYS X 23 6.83 -94.55 -0.77
C CYS X 23 6.83 -94.82 0.73
N GLY X 24 6.33 -93.88 1.54
CA GLY X 24 6.43 -93.97 2.98
C GLY X 24 7.67 -93.33 3.57
N ASN X 25 8.56 -92.79 2.74
CA ASN X 25 9.75 -92.11 3.22
C ASN X 25 9.38 -90.83 3.95
N GLU X 26 10.20 -90.46 4.94
CA GLU X 26 10.03 -89.23 5.70
C GLU X 26 11.15 -88.25 5.34
N GLN X 27 10.82 -86.96 5.29
CA GLN X 27 11.75 -85.94 4.86
C GLN X 27 11.51 -84.64 5.62
N ILE X 28 12.45 -83.72 5.49
CA ILE X 28 12.33 -82.37 6.02
C ILE X 28 12.47 -81.41 4.84
N VAL X 29 11.47 -80.53 4.67
CA VAL X 29 11.40 -79.66 3.50
C VAL X 29 11.08 -78.23 3.95
N PHE X 30 11.31 -77.28 3.04
CA PHE X 30 11.08 -75.86 3.30
C PHE X 30 9.67 -75.47 2.89
N SER X 31 9.06 -74.56 3.65
CA SER X 31 7.66 -74.21 3.40
C SER X 31 7.49 -73.28 2.19
N HIS X 32 8.49 -72.48 1.84
CA HIS X 32 8.41 -71.54 0.71
C HIS X 32 9.44 -71.90 -0.35
N PRO X 33 9.27 -73.02 -1.05
CA PRO X 33 10.28 -73.41 -2.05
C PRO X 33 10.19 -72.57 -3.32
N ALA X 34 11.28 -72.58 -4.07
CA ALA X 34 11.33 -72.02 -5.42
C ALA X 34 11.55 -73.07 -6.49
N THR X 35 11.40 -74.34 -6.15
CA THR X 35 11.51 -75.46 -7.08
C THR X 35 10.48 -76.52 -6.68
N ARG X 36 10.25 -77.47 -7.59
CA ARG X 36 9.39 -78.60 -7.25
C ARG X 36 10.16 -79.56 -6.34
N VAL X 37 9.63 -79.80 -5.15
CA VAL X 37 10.26 -80.67 -4.17
C VAL X 37 9.79 -82.10 -4.40
N ARG X 38 10.74 -83.02 -4.56
CA ARG X 38 10.42 -84.41 -4.87
C ARG X 38 10.99 -85.34 -3.81
N CYS X 39 10.39 -86.52 -3.70
CA CYS X 39 10.79 -87.50 -2.71
C CYS X 39 12.21 -88.01 -3.00
N ASN X 40 13.03 -88.06 -1.95
CA ASN X 40 14.43 -88.48 -2.12
C ASN X 40 14.58 -89.96 -2.44
N VAL X 41 13.51 -90.76 -2.31
CA VAL X 41 13.60 -92.19 -2.58
C VAL X 41 12.98 -92.50 -3.94
N CYS X 42 11.69 -92.22 -4.10
CA CYS X 42 10.94 -92.66 -5.28
C CYS X 42 10.77 -91.60 -6.35
N GLY X 43 10.92 -90.32 -6.03
CA GLY X 43 10.79 -89.27 -7.01
C GLY X 43 9.41 -88.65 -7.16
N ALA X 44 8.46 -89.01 -6.29
CA ALA X 44 7.14 -88.40 -6.33
C ALA X 44 7.19 -86.97 -5.80
N THR X 45 6.20 -86.18 -6.21
CA THR X 45 6.16 -84.76 -5.85
C THR X 45 5.62 -84.57 -4.45
N LEU X 46 6.28 -83.73 -3.66
CA LEU X 46 5.87 -83.46 -2.28
C LEU X 46 5.35 -82.05 -2.07
N VAL X 47 5.98 -81.03 -2.65
CA VAL X 47 5.52 -79.64 -2.54
C VAL X 47 5.62 -78.98 -3.92
N GLU X 48 4.56 -78.28 -4.34
CA GLU X 48 4.54 -77.50 -5.59
C GLU X 48 4.76 -76.02 -5.29
N PRO X 49 5.61 -75.34 -6.04
CA PRO X 49 5.88 -73.92 -5.77
C PRO X 49 4.84 -72.99 -6.35
N THR X 50 4.70 -71.83 -5.70
CA THR X 50 3.76 -70.78 -6.10
C THR X 50 4.46 -69.43 -5.96
N GLY X 51 3.67 -68.36 -5.96
CA GLY X 51 4.23 -67.04 -5.72
C GLY X 51 4.71 -66.85 -4.28
N GLY X 52 4.02 -67.44 -3.32
CA GLY X 52 4.42 -67.37 -1.93
C GLY X 52 4.68 -68.72 -1.27
N LYS X 53 3.79 -69.11 -0.38
CA LYS X 53 3.87 -70.40 0.30
C LYS X 53 3.52 -71.54 -0.65
N GLY X 54 4.20 -72.69 -0.46
CA GLY X 54 4.02 -73.82 -1.34
C GLY X 54 2.81 -74.68 -0.99
N ILE X 55 2.33 -75.40 -2.00
CA ILE X 55 1.18 -76.30 -1.85
C ILE X 55 1.69 -77.69 -1.48
N ILE X 56 1.40 -78.12 -0.26
CA ILE X 56 1.94 -79.38 0.28
C ILE X 56 1.03 -80.52 -0.11
N ARG X 57 1.60 -81.54 -0.77
CA ARG X 57 0.86 -82.73 -1.17
C ARG X 57 1.11 -83.93 -0.27
N ALA X 58 1.96 -83.79 0.75
CA ALA X 58 2.30 -84.88 1.65
C ALA X 58 1.62 -84.69 3.00
N LYS X 59 1.73 -85.72 3.84
CA LYS X 59 1.18 -85.66 5.19
C LYS X 59 2.16 -84.92 6.10
N ILE X 60 1.68 -83.88 6.76
CA ILE X 60 2.52 -83.10 7.67
C ILE X 60 2.56 -83.78 9.03
N LEU X 61 3.77 -84.00 9.55
CA LEU X 61 3.97 -84.67 10.82
C LEU X 61 4.37 -83.75 11.96
N GLU X 62 5.22 -82.76 11.69
CA GLU X 62 5.62 -81.82 12.72
C GLU X 62 6.11 -80.54 12.05
N VAL X 63 5.90 -79.42 12.75
CA VAL X 63 6.43 -78.12 12.36
C VAL X 63 7.69 -77.91 13.18
N LEU X 64 8.84 -77.81 12.50
CA LEU X 64 10.12 -77.73 13.20
C LEU X 64 10.45 -76.29 13.57
N GLU X 65 11.16 -76.13 14.67
CA GLU X 65 11.59 -74.82 15.14
C GLU X 65 12.32 -74.03 14.05
N ASP Y 4 -61.36 -21.43 -40.62
CA ASP Y 4 -61.75 -20.10 -41.08
C ASP Y 4 -62.18 -19.20 -39.91
N GLU Y 5 -62.68 -19.82 -38.84
CA GLU Y 5 -63.20 -19.08 -37.69
C GLU Y 5 -62.46 -19.38 -36.40
N GLY Y 6 -61.39 -20.18 -36.45
CA GLY Y 6 -60.60 -20.46 -35.26
C GLY Y 6 -61.27 -21.47 -34.34
N TYR Y 7 -60.55 -21.80 -33.27
CA TYR Y 7 -61.01 -22.75 -32.28
C TYR Y 7 -60.88 -22.14 -30.89
N PRO Y 8 -61.91 -22.19 -30.07
CA PRO Y 8 -61.82 -21.62 -28.71
C PRO Y 8 -61.16 -22.58 -27.73
N ALA Y 9 -60.44 -21.99 -26.78
CA ALA Y 9 -59.72 -22.75 -25.76
C ALA Y 9 -59.78 -22.00 -24.44
N GLU Y 10 -59.89 -22.77 -23.35
CA GLU Y 10 -60.09 -22.21 -22.02
C GLU Y 10 -58.79 -22.29 -21.22
N VAL Y 11 -58.40 -21.17 -20.63
CA VAL Y 11 -57.20 -21.11 -19.80
C VAL Y 11 -57.49 -21.76 -18.46
N ILE Y 12 -56.61 -22.67 -18.04
CA ILE Y 12 -56.80 -23.37 -16.77
C ILE Y 12 -55.65 -23.16 -15.79
N GLU Y 13 -54.46 -22.76 -16.24
CA GLU Y 13 -53.34 -22.57 -15.32
C GLU Y 13 -52.41 -21.49 -15.87
N ILE Y 14 -51.83 -20.72 -14.95
CA ILE Y 14 -50.86 -19.67 -15.29
C ILE Y 14 -49.46 -20.17 -14.94
N ILE Y 15 -48.54 -20.05 -15.89
CA ILE Y 15 -47.19 -20.57 -15.68
C ILE Y 15 -46.23 -19.45 -15.27
N GLY Y 16 -46.04 -18.46 -16.13
CA GLY Y 16 -45.15 -17.35 -15.77
C GLY Y 16 -44.98 -16.35 -16.88
N ARG Y 17 -44.27 -15.27 -16.55
CA ARG Y 17 -44.02 -14.18 -17.48
C ARG Y 17 -42.75 -14.43 -18.28
N THR Y 18 -42.73 -13.89 -19.51
CA THR Y 18 -41.60 -14.07 -20.41
C THR Y 18 -41.54 -12.88 -21.36
N GLY Y 19 -40.74 -13.00 -22.42
CA GLY Y 19 -40.55 -11.92 -23.36
C GLY Y 19 -39.38 -11.02 -22.98
N THR Y 20 -39.01 -10.16 -23.93
CA THR Y 20 -37.88 -9.25 -23.73
C THR Y 20 -38.16 -8.28 -22.59
N THR Y 21 -39.36 -7.69 -22.56
CA THR Y 21 -39.72 -6.69 -21.55
C THR Y 21 -40.78 -7.20 -20.57
N GLY Y 22 -40.96 -8.51 -20.47
CA GLY Y 22 -41.92 -9.07 -19.54
C GLY Y 22 -43.37 -8.98 -19.98
N ASP Y 23 -43.63 -8.74 -21.26
CA ASP Y 23 -44.97 -8.48 -21.76
C ASP Y 23 -45.76 -9.72 -22.12
N VAL Y 24 -45.19 -10.92 -21.96
CA VAL Y 24 -45.80 -12.16 -22.43
C VAL Y 24 -46.03 -13.09 -21.25
N THR Y 25 -47.15 -13.83 -21.27
CA THR Y 25 -47.49 -14.80 -20.25
C THR Y 25 -47.70 -16.18 -20.89
N GLN Y 26 -47.16 -17.22 -20.27
CA GLN Y 26 -47.36 -18.59 -20.76
C GLN Y 26 -48.44 -19.29 -19.94
N VAL Y 27 -49.34 -19.99 -20.63
CA VAL Y 27 -50.50 -20.62 -19.99
C VAL Y 27 -50.69 -22.04 -20.52
N LYS Y 28 -51.48 -22.81 -19.77
CA LYS Y 28 -52.00 -24.09 -20.23
C LYS Y 28 -53.47 -23.93 -20.59
N VAL Y 29 -53.85 -24.37 -21.78
CA VAL Y 29 -55.22 -24.24 -22.27
C VAL Y 29 -55.74 -25.60 -22.70
N ARG Y 30 -57.06 -25.76 -22.62
CA ARG Y 30 -57.76 -26.96 -23.04
C ARG Y 30 -58.63 -26.63 -24.26
N ILE Y 31 -58.43 -27.37 -25.35
CA ILE Y 31 -59.17 -27.12 -26.58
C ILE Y 31 -60.63 -27.49 -26.38
N LEU Y 32 -61.53 -26.63 -26.85
CA LEU Y 32 -62.97 -26.85 -26.67
C LEU Y 32 -63.66 -27.38 -27.92
N GLU Y 33 -63.08 -27.21 -29.09
CA GLU Y 33 -63.76 -27.55 -30.34
C GLU Y 33 -62.74 -28.09 -31.34
N GLY Y 34 -63.21 -28.93 -32.25
CA GLY Y 34 -62.40 -29.38 -33.36
C GLY Y 34 -61.79 -30.74 -33.14
N ARG Y 35 -60.85 -31.06 -34.04
CA ARG Y 35 -60.18 -32.36 -34.02
C ARG Y 35 -59.49 -32.85 -32.74
N ASP Y 36 -58.86 -31.96 -31.99
CA ASP Y 36 -58.13 -32.36 -30.76
C ASP Y 36 -58.82 -31.88 -29.48
N LYS Y 37 -60.14 -31.87 -29.53
CA LYS Y 37 -61.01 -31.33 -28.51
C LYS Y 37 -60.58 -32.22 -27.35
N GLY Y 38 -60.31 -31.60 -26.20
CA GLY Y 38 -59.87 -32.29 -25.01
C GLY Y 38 -58.38 -32.25 -24.75
N ARG Y 39 -57.57 -31.86 -25.74
CA ARG Y 39 -56.13 -31.83 -25.56
C ARG Y 39 -55.71 -30.58 -24.80
N VAL Y 40 -54.72 -30.74 -23.92
CA VAL Y 40 -54.15 -29.65 -23.14
C VAL Y 40 -52.80 -29.29 -23.74
N ILE Y 41 -52.61 -28.01 -24.08
CA ILE Y 41 -51.36 -27.52 -24.64
C ILE Y 41 -51.00 -26.19 -24.00
N ARG Y 42 -49.74 -25.81 -24.08
CA ARG Y 42 -49.28 -24.56 -23.50
C ARG Y 42 -48.97 -23.54 -24.59
N ARG Y 43 -49.32 -22.28 -24.32
CA ARG Y 43 -49.32 -21.21 -25.31
C ARG Y 43 -48.82 -19.91 -24.69
N ASN Y 44 -48.32 -19.02 -25.55
CA ASN Y 44 -47.82 -17.71 -25.15
C ASN Y 44 -48.82 -16.62 -25.54
N VAL Y 45 -49.10 -15.70 -24.60
CA VAL Y 45 -50.20 -14.75 -24.73
C VAL Y 45 -49.70 -13.34 -24.42
N ARG Y 46 -50.18 -12.37 -25.20
CA ARG Y 46 -49.90 -10.95 -25.00
C ARG Y 46 -51.15 -10.28 -24.44
N GLY Y 47 -51.03 -9.63 -23.29
CA GLY Y 47 -52.14 -8.97 -22.65
C GLY Y 47 -52.56 -9.61 -21.35
N PRO Y 48 -53.30 -8.87 -20.51
CA PRO Y 48 -53.72 -9.41 -19.22
C PRO Y 48 -54.70 -10.56 -19.38
N VAL Y 49 -54.54 -11.58 -18.54
CA VAL Y 49 -55.29 -12.82 -18.68
C VAL Y 49 -55.45 -13.46 -17.30
N ARG Y 50 -56.57 -14.13 -17.07
CA ARG Y 50 -56.83 -14.82 -15.81
C ARG Y 50 -57.45 -16.18 -16.09
N VAL Y 51 -57.56 -16.99 -15.03
CA VAL Y 51 -58.14 -18.32 -15.13
C VAL Y 51 -59.61 -18.22 -15.47
N GLY Y 52 -60.02 -18.91 -16.53
CA GLY Y 52 -61.38 -18.86 -17.03
C GLY Y 52 -61.56 -18.07 -18.31
N ASP Y 53 -60.52 -17.43 -18.82
CA ASP Y 53 -60.58 -16.73 -20.08
C ASP Y 53 -60.64 -17.72 -21.25
N ILE Y 54 -61.06 -17.21 -22.41
CA ILE Y 54 -61.15 -18.03 -23.62
C ILE Y 54 -60.38 -17.34 -24.74
N LEU Y 55 -59.47 -18.07 -25.36
CA LEU Y 55 -58.72 -17.62 -26.52
C LEU Y 55 -59.30 -18.24 -27.78
N ILE Y 56 -59.05 -17.58 -28.91
CA ILE Y 56 -59.41 -18.10 -30.22
C ILE Y 56 -58.12 -18.39 -30.97
N LEU Y 57 -57.72 -19.65 -31.00
CA LEU Y 57 -56.50 -20.04 -31.71
C LEU Y 57 -56.82 -20.25 -33.19
N ARG Y 58 -55.96 -19.70 -34.05
CA ARG Y 58 -56.13 -19.91 -35.48
C ARG Y 58 -55.57 -21.25 -35.96
N GLU Y 59 -54.79 -21.93 -35.13
CA GLU Y 59 -54.36 -23.30 -35.39
C GLU Y 59 -53.90 -23.91 -34.06
N THR Y 60 -53.99 -25.23 -33.97
CA THR Y 60 -53.80 -25.92 -32.70
C THR Y 60 -52.65 -26.93 -32.71
N GLU Y 61 -51.67 -26.76 -33.60
CA GLU Y 61 -50.56 -27.70 -33.66
C GLU Y 61 -49.23 -27.13 -33.14
N ARG Y 62 -49.16 -25.84 -32.83
CA ARG Y 62 -47.95 -25.23 -32.30
C ARG Y 62 -48.05 -25.16 -30.78
N GLU Y 63 -46.99 -25.59 -30.10
CA GLU Y 63 -46.91 -25.54 -28.65
C GLU Y 63 -45.67 -24.79 -28.23
N ALA Y 64 -45.83 -23.90 -27.24
CA ALA Y 64 -44.73 -23.06 -26.79
C ALA Y 64 -43.71 -23.86 -25.99
N ARG Y 65 -42.45 -23.46 -26.10
CA ARG Y 65 -41.37 -24.09 -25.35
C ARG Y 65 -41.53 -23.82 -23.86
N GLU Y 66 -41.37 -24.86 -23.05
CA GLU Y 66 -41.50 -24.74 -21.61
C GLU Y 66 -40.44 -23.81 -21.04
N ILE Y 67 -40.85 -22.89 -20.17
CA ILE Y 67 -39.94 -21.92 -19.57
C ILE Y 67 -39.61 -22.34 -18.15
N LYS Y 68 -38.48 -21.83 -17.65
CA LYS Y 68 -38.02 -22.12 -16.30
C LYS Y 68 -39.02 -21.69 -15.24
N GLY Z 2 -4.74 89.78 5.48
CA GLY Z 2 -4.51 91.20 5.73
C GLY Z 2 -5.51 91.79 6.71
N GLN Z 3 -5.80 93.07 6.55
CA GLN Z 3 -6.74 93.78 7.42
C GLN Z 3 -7.73 94.56 6.58
N LYS Z 4 -9.00 94.49 6.96
CA LYS Z 4 -10.06 95.23 6.25
C LYS Z 4 -10.92 95.95 7.28
N TRP Z 5 -10.49 97.15 7.64
CA TRP Z 5 -11.31 98.05 8.45
C TRP Z 5 -10.85 99.47 8.12
N LYS Z 6 -11.58 100.13 7.23
CA LYS Z 6 -11.30 101.49 6.78
C LYS Z 6 -12.52 101.97 6.01
N LEU Z 7 -12.37 103.10 5.32
CA LEU Z 7 -13.44 103.70 4.53
C LEU Z 7 -14.59 104.17 5.41
N TYR Z 8 -14.42 104.03 6.73
CA TYR Z 8 -15.33 104.62 7.70
C TYR Z 8 -14.78 105.99 8.05
N ILE Z 9 -15.59 107.03 7.87
CA ILE Z 9 -15.10 108.38 8.10
C ILE Z 9 -15.02 108.62 9.60
N VAL Z 10 -13.79 108.77 10.10
CA VAL Z 10 -13.52 108.94 11.52
C VAL Z 10 -12.47 110.03 11.68
N LYS Z 11 -12.71 110.95 12.61
CA LYS Z 11 -11.75 111.99 12.93
C LYS Z 11 -11.33 111.81 14.39
N ASP Z 12 -10.57 112.78 14.91
CA ASP Z 12 -10.03 112.64 16.26
C ASP Z 12 -11.12 112.83 17.31
N GLY Z 13 -12.00 111.83 17.44
CA GLY Z 13 -13.03 111.87 18.47
C GLY Z 13 -14.45 111.72 17.96
N LYS Z 14 -14.63 111.59 16.65
CA LYS Z 14 -15.94 111.43 16.04
C LYS Z 14 -15.95 110.17 15.20
N VAL Z 15 -17.07 109.44 15.21
CA VAL Z 15 -17.20 108.19 14.48
C VAL Z 15 -18.57 108.16 13.82
N ILE Z 16 -18.58 107.87 12.52
CA ILE Z 16 -19.81 107.68 11.76
C ILE Z 16 -19.48 106.80 10.57
N ARG Z 17 -20.38 105.87 10.26
CA ARG Z 17 -20.10 104.84 9.27
C ARG Z 17 -20.61 105.24 7.90
N LYS Z 18 -19.85 104.87 6.87
CA LYS Z 18 -20.30 105.10 5.49
C LYS Z 18 -21.34 104.08 5.07
N ASN Z 19 -21.15 102.83 5.50
CA ASN Z 19 -22.07 101.75 5.15
C ASN Z 19 -23.04 101.52 6.29
N LYS Z 20 -24.33 101.61 5.98
CA LYS Z 20 -25.35 101.43 7.01
C LYS Z 20 -25.56 99.95 7.30
N PHE Z 21 -26.33 99.69 8.35
CA PHE Z 21 -26.61 98.33 8.79
C PHE Z 21 -27.93 97.85 8.19
N CYS Z 22 -28.04 96.53 8.06
CA CYS Z 22 -29.25 95.95 7.50
C CYS Z 22 -30.43 96.17 8.46
N PRO Z 23 -31.55 96.70 7.98
CA PRO Z 23 -32.64 97.06 8.90
C PRO Z 23 -33.23 95.89 9.66
N ARG Z 24 -33.08 94.66 9.16
CA ARG Z 24 -33.60 93.50 9.89
C ARG Z 24 -32.84 93.29 11.19
N CYS Z 25 -31.57 93.69 11.23
CA CYS Z 25 -30.75 93.64 12.43
C CYS Z 25 -30.34 95.05 12.86
N GLY Z 26 -29.50 95.13 13.88
CA GLY Z 26 -29.07 96.39 14.42
C GLY Z 26 -27.78 96.90 13.80
N PRO Z 27 -27.22 97.96 14.37
CA PRO Z 27 -26.02 98.56 13.79
C PRO Z 27 -24.77 97.74 14.07
N GLY Z 28 -23.72 98.05 13.30
CA GLY Z 28 -22.46 97.35 13.42
C GLY Z 28 -22.15 96.49 12.22
N VAL Z 29 -23.16 95.81 11.69
CA VAL Z 29 -23.01 95.01 10.49
C VAL Z 29 -22.97 95.94 9.29
N PHE Z 30 -22.02 95.69 8.38
CA PHE Z 30 -21.75 96.59 7.27
C PHE Z 30 -21.98 95.88 5.94
N MET Z 31 -22.49 96.65 4.97
CA MET Z 31 -22.85 96.12 3.66
C MET Z 31 -21.66 96.20 2.72
N ALA Z 32 -21.90 95.99 1.43
CA ALA Z 32 -20.88 96.12 0.40
C ALA Z 32 -20.88 97.55 -0.14
N ASP Z 33 -20.17 97.78 -1.23
CA ASP Z 33 -20.02 99.10 -1.84
C ASP Z 33 -20.27 99.02 -3.34
N HIS Z 34 -21.35 98.34 -3.72
CA HIS Z 34 -21.65 98.12 -5.13
C HIS Z 34 -21.92 99.42 -5.86
N GLY Z 35 -22.63 100.35 -5.23
CA GLY Z 35 -23.05 101.57 -5.89
C GLY Z 35 -24.37 101.38 -6.61
N ASP Z 36 -24.54 100.21 -7.23
CA ASP Z 36 -25.82 99.91 -7.87
C ASP Z 36 -26.90 99.64 -6.84
N ARG Z 37 -26.60 98.83 -5.82
CA ARG Z 37 -27.55 98.44 -4.80
C ARG Z 37 -26.80 98.07 -3.53
N TRP Z 38 -27.55 97.98 -2.42
CA TRP Z 38 -26.98 97.60 -1.13
C TRP Z 38 -26.97 96.07 -1.03
N ALA Z 39 -25.80 95.48 -1.27
CA ALA Z 39 -25.69 94.02 -1.27
C ALA Z 39 -26.04 93.44 0.10
N CYS Z 40 -25.53 94.05 1.18
CA CYS Z 40 -25.87 93.76 2.57
C CYS Z 40 -25.28 92.42 3.04
N GLY Z 41 -24.71 91.65 2.13
CA GLY Z 41 -23.96 90.46 2.52
C GLY Z 41 -24.74 89.23 2.95
N ARG Z 42 -25.76 89.39 3.79
CA ARG Z 42 -26.43 88.27 4.43
C ARG Z 42 -27.91 88.14 4.09
N CYS Z 43 -28.60 89.22 3.74
CA CYS Z 43 -30.02 89.16 3.43
C CYS Z 43 -30.34 89.57 2.00
N GLY Z 44 -29.90 90.74 1.56
CA GLY Z 44 -30.15 91.18 0.20
C GLY Z 44 -31.27 92.20 0.06
N TYR Z 45 -31.09 93.21 -0.80
CA TYR Z 45 -32.12 94.20 -1.05
C TYR Z 45 -32.00 94.69 -2.49
N THR Z 46 -33.15 95.02 -3.09
CA THR Z 46 -33.22 95.64 -4.40
C THR Z 46 -33.85 97.02 -4.22
N GLU Z 47 -33.00 98.04 -4.00
CA GLU Z 47 -33.47 99.38 -3.71
C GLU Z 47 -32.80 100.47 -4.54
N TRP Z 48 -31.74 100.15 -5.29
CA TRP Z 48 -31.10 101.11 -6.20
C TRP Z 48 -30.58 102.34 -5.42
N LYS Z 49 -29.57 102.09 -4.59
CA LYS Z 49 -28.91 103.16 -3.87
C LYS Z 49 -28.40 104.23 -4.85
N LYS Z 50 -28.67 105.48 -4.53
CA LYS Z 50 -28.40 106.59 -5.44
C LYS Z 50 -26.90 106.81 -5.63
N ALA AA 2 -54.61 45.17 10.67
CA ALA AA 2 -55.40 44.17 11.38
C ALA AA 2 -54.58 43.47 12.46
N ILE AA 3 -55.15 42.41 13.03
CA ILE AA 3 -54.58 41.79 14.22
C ILE AA 3 -53.23 41.14 13.92
N GLU AA 4 -53.07 40.57 12.72
CA GLU AA 4 -51.82 39.89 12.37
C GLU AA 4 -50.64 40.83 12.48
N ARG AA 5 -50.82 42.09 12.09
CA ARG AA 5 -49.72 43.06 12.13
C ARG AA 5 -49.24 43.33 13.54
N TYR AA 6 -50.12 43.21 14.54
CA TYR AA 6 -49.74 43.45 15.91
C TYR AA 6 -48.78 42.38 16.44
N PHE AA 7 -49.08 41.11 16.17
CA PHE AA 7 -48.24 40.03 16.67
C PHE AA 7 -46.85 40.03 16.04
N ILE AA 8 -46.75 40.42 14.78
CA ILE AA 8 -45.46 40.41 14.08
C ILE AA 8 -44.56 41.50 14.61
N ARG AA 9 -45.12 42.67 14.92
CA ARG AA 9 -44.32 43.77 15.43
C ARG AA 9 -43.65 43.42 16.76
N GLU AA 10 -44.40 42.77 17.67
CA GLU AA 10 -43.82 42.37 18.95
C GLU AA 10 -42.66 41.40 18.76
N ALA AA 11 -42.82 40.42 17.85
CA ALA AA 11 -41.80 39.40 17.67
C ALA AA 11 -40.49 39.98 17.12
N VAL AA 12 -40.60 40.90 16.15
CA VAL AA 12 -39.40 41.44 15.52
C VAL AA 12 -38.57 42.26 16.51
N LYS AA 13 -39.22 43.10 17.32
CA LYS AA 13 -38.51 43.92 18.30
C LYS AA 13 -37.75 43.05 19.30
N GLU AA 14 -38.39 41.99 19.79
CA GLU AA 14 -37.71 41.10 20.72
C GLU AA 14 -36.50 40.44 20.09
N MET AA 15 -36.60 40.04 18.82
CA MET AA 15 -35.46 39.45 18.12
C MET AA 15 -34.30 40.44 18.01
N LEU AA 16 -34.60 41.70 17.66
CA LEU AA 16 -33.54 42.69 17.55
C LEU AA 16 -32.87 42.96 18.90
N ILE AA 17 -33.67 43.05 19.96
CA ILE AA 17 -33.12 43.26 21.29
C ILE AA 17 -32.24 42.08 21.71
N ASP AA 18 -32.71 40.86 21.44
CA ASP AA 18 -31.94 39.68 21.83
C ASP AA 18 -30.61 39.63 21.10
N GLU AA 19 -30.59 39.96 19.80
CA GLU AA 19 -29.33 39.96 19.06
C GLU AA 19 -28.38 41.04 19.57
N PHE AA 20 -28.90 42.25 19.82
CA PHE AA 20 -28.05 43.31 20.35
C PHE AA 20 -27.42 42.89 21.67
N LEU AA 21 -28.21 42.28 22.56
CA LEU AA 21 -27.66 41.86 23.85
C LEU AA 21 -26.70 40.69 23.70
N GLU AA 22 -26.93 39.83 22.71
CA GLU AA 22 -26.06 38.70 22.47
C GLU AA 22 -24.61 39.17 22.29
N LYS AA 23 -24.41 40.05 21.32
CA LYS AA 23 -23.09 40.64 21.04
C LYS AA 23 -22.54 41.55 22.16
N GLU AA 24 -23.41 42.39 22.71
CA GLU AA 24 -23.01 43.35 23.75
C GLU AA 24 -22.50 42.70 25.03
N LEU AA 25 -23.23 41.71 25.52
CA LEU AA 25 -22.85 41.04 26.78
C LEU AA 25 -22.20 39.69 26.53
N ARG AA 26 -21.16 39.62 25.69
CA ARG AA 26 -20.54 38.33 25.41
C ARG AA 26 -19.66 37.85 26.57
N ARG AA 27 -19.04 38.77 27.31
CA ARG AA 27 -18.18 38.39 28.43
C ARG AA 27 -18.95 37.97 29.67
N ALA AA 28 -20.25 38.25 29.75
CA ALA AA 28 -21.04 37.99 30.94
C ALA AA 28 -21.78 36.65 30.89
N GLY AA 29 -21.57 35.85 29.84
CA GLY AA 29 -22.29 34.59 29.74
C GLY AA 29 -23.77 34.78 29.55
N TYR AA 30 -24.14 35.62 28.58
CA TYR AA 30 -25.54 35.92 28.30
C TYR AA 30 -26.31 34.64 28.00
N GLY AA 31 -27.49 34.52 28.61
CA GLY AA 31 -28.28 33.31 28.46
C GLY AA 31 -29.76 33.54 28.21
N GLY AA 32 -30.11 34.63 27.52
CA GLY AA 32 -31.47 34.91 27.15
C GLY AA 32 -32.03 36.13 27.88
N LEU AA 33 -33.28 36.44 27.54
CA LEU AA 33 -33.99 37.55 28.16
C LEU AA 33 -35.47 37.22 28.26
N ASP AA 34 -36.21 38.12 28.89
CA ASP AA 34 -37.66 38.02 28.92
C ASP AA 34 -38.24 39.41 29.14
N ILE AA 35 -39.41 39.67 28.55
CA ILE AA 35 -40.05 40.98 28.60
C ILE AA 35 -41.49 40.81 29.05
N LYS AA 36 -41.88 41.54 30.10
CA LYS AA 36 -43.23 41.52 30.63
C LYS AA 36 -43.79 42.92 30.61
N LYS AA 37 -45.08 43.06 30.31
CA LYS AA 37 -45.72 44.36 30.18
C LYS AA 37 -46.61 44.60 31.39
N THR AA 38 -46.39 45.71 32.08
CA THR AA 38 -47.12 46.12 33.26
C THR AA 38 -47.78 47.47 33.00
N PRO AA 39 -48.84 47.82 33.73
CA PRO AA 39 -49.48 49.13 33.52
C PRO AA 39 -48.55 50.31 33.75
N LEU AA 40 -47.44 50.14 34.48
CA LEU AA 40 -46.48 51.22 34.64
C LEU AA 40 -45.41 51.23 33.56
N GLY AA 41 -45.20 50.11 32.87
CA GLY AA 41 -44.18 50.06 31.85
C GLY AA 41 -43.78 48.67 31.40
N THR AA 42 -42.48 48.40 31.32
CA THR AA 42 -41.98 47.13 30.81
C THR AA 42 -40.87 46.63 31.72
N LYS AA 43 -41.03 45.40 32.21
CA LYS AA 43 -40.04 44.71 33.02
C LYS AA 43 -39.20 43.83 32.12
N VAL AA 44 -37.90 44.12 32.05
CA VAL AA 44 -36.96 43.38 31.20
C VAL AA 44 -36.01 42.62 32.10
N ILE AA 45 -36.03 41.29 32.01
CA ILE AA 45 -35.18 40.43 32.82
C ILE AA 45 -34.09 39.85 31.93
N ILE AA 46 -32.84 40.02 32.35
CA ILE AA 46 -31.67 39.55 31.60
C ILE AA 46 -30.97 38.47 32.42
N PHE AA 47 -30.52 37.42 31.73
CA PHE AA 47 -29.83 36.31 32.37
C PHE AA 47 -28.34 36.36 32.03
N ALA AA 48 -27.50 36.06 33.01
CA ALA AA 48 -26.06 36.14 32.83
C ALA AA 48 -25.36 35.31 33.90
N ALA AA 49 -24.05 35.14 33.73
CA ALA AA 49 -23.22 34.45 34.69
C ALA AA 49 -22.52 35.40 35.67
N ASN AA 50 -22.12 36.58 35.21
CA ASN AA 50 -21.41 37.56 36.02
C ASN AA 50 -22.23 38.85 36.01
N PRO AA 51 -23.27 38.93 36.84
CA PRO AA 51 -24.11 40.13 36.84
C PRO AA 51 -23.36 41.40 37.20
N GLY AA 52 -22.21 41.30 37.87
CA GLY AA 52 -21.40 42.46 38.13
C GLY AA 52 -20.93 43.16 36.86
N TYR AA 53 -20.64 42.38 35.82
CA TYR AA 53 -20.25 42.97 34.54
C TYR AA 53 -21.40 43.77 33.92
N VAL AA 54 -22.62 43.26 34.02
CA VAL AA 54 -23.76 44.00 33.45
C VAL AA 54 -24.05 45.23 34.29
N ILE AA 55 -24.01 45.10 35.61
CA ILE AA 55 -24.13 46.27 36.48
C ILE AA 55 -22.98 47.24 36.23
N GLY AA 56 -21.77 46.71 36.09
CA GLY AA 56 -20.64 47.51 35.68
C GLY AA 56 -20.11 48.47 36.71
N ARG AA 57 -19.66 47.94 37.85
CA ARG AA 57 -19.03 48.73 38.91
C ARG AA 57 -19.97 49.82 39.42
N GLY AA 58 -21.06 49.38 40.03
CA GLY AA 58 -22.00 50.31 40.64
C GLY AA 58 -22.70 51.22 39.65
N GLY AA 59 -23.57 50.65 38.82
CA GLY AA 59 -24.28 51.43 37.83
C GLY AA 59 -23.36 51.88 36.69
N ARG AA 60 -23.74 53.01 36.09
CA ARG AA 60 -23.03 53.63 34.97
C ARG AA 60 -23.15 52.78 33.71
N ARG AA 61 -23.73 51.60 33.84
CA ARG AA 61 -23.95 50.69 32.72
C ARG AA 61 -25.38 50.24 32.60
N ILE AA 62 -26.10 50.10 33.73
CA ILE AA 62 -27.55 49.90 33.66
C ILE AA 62 -28.22 51.15 33.11
N ARG AA 63 -27.74 52.34 33.50
CA ARG AA 63 -28.31 53.56 32.95
C ARG AA 63 -28.09 53.64 31.45
N GLU AA 64 -26.89 53.29 30.99
CA GLU AA 64 -26.61 53.28 29.56
C GLU AA 64 -27.52 52.31 28.83
N LEU AA 65 -27.70 51.09 29.38
CA LEU AA 65 -28.53 50.09 28.72
C LEU AA 65 -29.99 50.50 28.72
N THR AA 66 -30.48 51.12 29.79
CA THR AA 66 -31.85 51.61 29.81
C THR AA 66 -32.05 52.70 28.76
N ARG AA 67 -31.07 53.61 28.64
CA ARG AA 67 -31.16 54.64 27.61
C ARG AA 67 -31.17 54.02 26.21
N ILE AA 68 -30.33 53.00 25.99
CA ILE AA 68 -30.28 52.35 24.69
C ILE AA 68 -31.61 51.66 24.38
N LEU AA 69 -32.16 50.94 25.36
CA LEU AA 69 -33.42 50.24 25.15
C LEU AA 69 -34.55 51.21 24.85
N GLU AA 70 -34.63 52.32 25.58
CA GLU AA 70 -35.74 53.25 25.34
C GLU AA 70 -35.57 54.04 24.06
N ARG AA 71 -34.34 54.47 23.74
CA ARG AA 71 -34.15 55.32 22.56
C ARG AA 71 -34.09 54.51 21.27
N GLN AA 72 -33.09 53.63 21.16
CA GLN AA 72 -32.86 52.92 19.90
C GLN AA 72 -34.00 51.94 19.61
N PHE AA 73 -34.45 51.20 20.61
CA PHE AA 73 -35.54 50.25 20.44
C PHE AA 73 -36.82 50.83 21.02
N GLY AA 74 -37.92 50.10 20.86
CA GLY AA 74 -39.23 50.70 21.07
C GLY AA 74 -39.90 50.49 22.41
N LEU AA 75 -39.14 50.17 23.45
CA LEU AA 75 -39.74 49.96 24.76
C LEU AA 75 -40.07 51.30 25.41
N GLU AA 76 -41.21 51.37 26.10
CA GLU AA 76 -41.60 52.56 26.84
C GLU AA 76 -41.34 52.33 28.32
N ASN AA 77 -40.54 53.21 28.92
CA ASN AA 77 -40.25 53.22 30.36
C ASN AA 77 -39.77 51.85 30.84
N PRO AA 78 -38.59 51.42 30.44
CA PRO AA 78 -38.11 50.08 30.83
C PRO AA 78 -37.53 50.05 32.23
N GLN AA 79 -37.35 48.83 32.72
CA GLN AA 79 -36.74 48.59 34.03
C GLN AA 79 -36.03 47.24 33.97
N ILE AA 80 -34.70 47.26 34.04
CA ILE AA 80 -33.89 46.08 33.80
C ILE AA 80 -33.56 45.42 35.13
N ASP AA 81 -33.84 44.12 35.24
CA ASP AA 81 -33.38 43.30 36.35
C ASP AA 81 -32.42 42.24 35.81
N VAL AA 82 -31.45 41.87 36.63
CA VAL AA 82 -30.43 40.90 36.26
C VAL AA 82 -30.57 39.68 37.16
N GLN AA 83 -30.62 38.49 36.54
CA GLN AA 83 -30.79 37.26 37.31
C GLN AA 83 -29.71 36.25 36.95
N GLU AA 84 -29.86 35.02 37.44
CA GLU AA 84 -28.88 33.96 37.24
C GLU AA 84 -29.47 32.87 36.36
N ILE AA 85 -28.60 32.21 35.59
CA ILE AA 85 -29.05 31.17 34.66
C ILE AA 85 -29.53 29.95 35.43
N LYS AA 86 -30.62 29.35 34.96
CA LYS AA 86 -31.28 28.29 35.71
C LYS AA 86 -30.48 27.00 35.67
N ASN AA 87 -30.28 26.43 34.48
CA ASN AA 87 -29.51 25.21 34.29
C ASN AA 87 -28.44 25.47 33.24
N PRO AA 88 -27.31 26.05 33.64
CA PRO AA 88 -26.33 26.49 32.64
C PRO AA 88 -25.71 25.36 31.83
N TYR AA 89 -25.50 24.19 32.43
CA TYR AA 89 -24.84 23.09 31.71
C TYR AA 89 -25.79 22.33 30.79
N LEU AA 90 -27.07 22.62 30.84
CA LEU AA 90 -28.03 22.07 29.89
C LEU AA 90 -28.36 23.04 28.76
N ASN AA 91 -27.69 24.20 28.71
CA ASN AA 91 -27.92 25.21 27.68
C ASN AA 91 -26.81 25.12 26.65
N ALA AA 92 -27.17 24.72 25.43
CA ALA AA 92 -26.16 24.52 24.39
C ALA AA 92 -25.50 25.83 23.98
N LYS AA 93 -26.26 26.92 23.94
CA LYS AA 93 -25.72 28.21 23.49
C LYS AA 93 -24.61 28.71 24.42
N VAL AA 94 -24.85 28.62 25.73
CA VAL AA 94 -23.84 29.03 26.71
C VAL AA 94 -22.58 28.20 26.56
N GLN AA 95 -22.73 26.89 26.39
CA GLN AA 95 -21.57 26.01 26.27
C GLN AA 95 -20.80 26.29 24.98
N ALA AA 96 -21.50 26.59 23.88
CA ALA AA 96 -20.83 26.93 22.63
C ALA AA 96 -20.00 28.19 22.79
N VAL AA 97 -20.56 29.21 23.47
CA VAL AA 97 -19.80 30.42 23.70
C VAL AA 97 -18.60 30.15 24.61
N ARG AA 98 -18.78 29.33 25.65
CA ARG AA 98 -17.67 29.03 26.54
C ARG AA 98 -16.54 28.31 25.82
N ILE AA 99 -16.87 27.34 24.96
CA ILE AA 99 -15.84 26.64 24.18
C ILE AA 99 -15.15 27.60 23.23
N ALA AA 100 -15.91 28.51 22.61
CA ALA AA 100 -15.30 29.47 21.70
C ALA AA 100 -14.32 30.38 22.42
N GLN AA 101 -14.69 30.84 23.63
CA GLN AA 101 -13.77 31.67 24.41
C GLN AA 101 -12.53 30.90 24.82
N ALA AA 102 -12.69 29.63 25.22
CA ALA AA 102 -11.53 28.79 25.52
C ALA AA 102 -10.60 28.67 24.32
N LEU AA 103 -11.16 28.50 23.12
CA LEU AA 103 -10.33 28.46 21.92
C LEU AA 103 -9.63 29.81 21.70
N GLU AA 104 -10.33 30.91 21.92
CA GLU AA 104 -9.71 32.22 21.74
C GLU AA 104 -8.57 32.45 22.74
N ARG AA 105 -8.62 31.81 23.91
CA ARG AA 105 -7.53 31.96 24.87
C ARG AA 105 -6.28 31.25 24.39
N GLY AA 106 -6.41 30.07 23.79
CA GLY AA 106 -5.26 29.37 23.25
C GLY AA 106 -5.16 27.91 23.65
N ILE AA 107 -6.22 27.38 24.26
CA ILE AA 107 -6.27 25.97 24.59
C ILE AA 107 -6.41 25.15 23.31
N HIS AA 108 -5.85 23.93 23.32
CA HIS AA 108 -6.01 23.02 22.20
C HIS AA 108 -7.48 22.57 22.07
N PHE AA 109 -7.93 22.39 20.82
CA PHE AA 109 -9.36 22.18 20.59
C PHE AA 109 -9.86 20.87 21.21
N ARG AA 110 -9.05 19.81 21.13
CA ARG AA 110 -9.47 18.52 21.69
C ARG AA 110 -9.65 18.59 23.20
N ARG AA 111 -8.71 19.21 23.90
CA ARG AA 111 -8.81 19.29 25.36
C ARG AA 111 -10.04 20.09 25.78
N ALA AA 112 -10.30 21.20 25.10
CA ALA AA 112 -11.48 22.00 25.40
C ALA AA 112 -12.76 21.22 25.18
N ALA AA 113 -12.84 20.51 24.04
CA ALA AA 113 -14.03 19.72 23.75
C ALA AA 113 -14.25 18.64 24.82
N TYR AA 114 -13.19 17.94 25.19
CA TYR AA 114 -13.35 16.85 26.16
C TYR AA 114 -13.72 17.39 27.54
N ALA AA 115 -13.15 18.53 27.94
CA ALA AA 115 -13.51 19.11 29.22
C ALA AA 115 -14.99 19.51 29.26
N ALA AA 116 -15.46 20.17 28.19
CA ALA AA 116 -16.86 20.57 28.15
C ALA AA 116 -17.79 19.36 28.18
N MET AA 117 -17.45 18.31 27.43
CA MET AA 117 -18.27 17.10 27.45
C MET AA 117 -18.30 16.48 28.84
N ARG AA 118 -17.15 16.44 29.53
CA ARG AA 118 -17.11 15.86 30.86
C ARG AA 118 -18.01 16.63 31.82
N ALA AA 119 -17.95 17.96 31.79
CA ALA AA 119 -18.81 18.75 32.67
C ALA AA 119 -20.29 18.52 32.35
N ILE AA 120 -20.64 18.52 31.06
CA ILE AA 120 -22.04 18.38 30.68
C ILE AA 120 -22.57 17.01 31.11
N MET AA 121 -21.80 15.95 30.86
CA MET AA 121 -22.28 14.62 31.22
C MET AA 121 -22.38 14.44 32.73
N SER AA 122 -21.42 14.99 33.49
CA SER AA 122 -21.52 14.89 34.95
C SER AA 122 -22.72 15.67 35.49
N ASN AA 123 -23.11 16.75 34.82
CA ASN AA 123 -24.24 17.54 35.29
C ASN AA 123 -25.60 16.96 34.90
N GLY AA 124 -25.66 15.72 34.43
CA GLY AA 124 -26.93 15.06 34.20
C GLY AA 124 -27.59 15.30 32.85
N ALA AA 125 -26.90 14.97 31.76
CA ALA AA 125 -27.46 15.05 30.42
C ALA AA 125 -27.46 13.66 29.79
N ARG AA 126 -28.48 13.39 28.99
CA ARG AA 126 -28.57 12.09 28.33
C ARG AA 126 -27.55 11.95 27.20
N GLY AA 127 -27.19 13.05 26.55
CA GLY AA 127 -26.20 12.98 25.48
C GLY AA 127 -25.81 14.35 25.01
N VAL AA 128 -24.61 14.42 24.40
CA VAL AA 128 -24.03 15.66 23.92
C VAL AA 128 -23.25 15.37 22.65
N GLU AA 129 -23.30 16.31 21.71
CA GLU AA 129 -22.50 16.24 20.49
C GLU AA 129 -21.90 17.61 20.19
N ILE AA 130 -20.61 17.62 19.86
CA ILE AA 130 -19.86 18.85 19.60
C ILE AA 130 -19.15 18.72 18.26
N ARG AA 131 -19.20 19.77 17.45
CA ARG AA 131 -18.45 19.80 16.20
C ARG AA 131 -17.65 21.09 16.12
N ILE AA 132 -16.38 20.99 15.72
CA ILE AA 132 -15.48 22.14 15.59
C ILE AA 132 -14.87 22.10 14.20
N SER AA 133 -15.02 23.20 13.45
CA SER AA 133 -14.58 23.24 12.06
C SER AA 133 -13.79 24.51 11.77
N GLY AA 134 -12.78 24.38 10.90
CA GLY AA 134 -11.95 25.47 10.49
C GLY AA 134 -10.51 25.03 10.32
N LYS AA 135 -9.61 26.00 10.15
CA LYS AA 135 -8.20 25.73 9.88
C LYS AA 135 -7.49 25.29 11.16
N LEU AA 136 -7.79 24.07 11.58
CA LEU AA 136 -7.16 23.47 12.75
C LEU AA 136 -5.88 22.76 12.29
N THR AA 137 -4.74 23.22 12.78
CA THR AA 137 -3.44 22.62 12.48
C THR AA 137 -3.14 22.65 10.98
N GLY AA 138 -3.02 23.85 10.43
CA GLY AA 138 -2.58 24.03 9.07
C GLY AA 138 -3.57 24.83 8.24
N GLU AA 139 -3.17 25.08 6.99
CA GLU AA 139 -3.93 25.92 6.09
C GLU AA 139 -5.07 25.19 5.39
N ARG AA 140 -5.16 23.86 5.52
CA ARG AA 140 -6.24 23.09 4.92
C ARG AA 140 -7.28 22.80 6.00
N ALA AA 141 -8.49 23.31 5.81
CA ALA AA 141 -9.52 23.24 6.84
C ALA AA 141 -10.00 21.80 7.04
N LYS AA 142 -10.63 21.59 8.19
CA LYS AA 142 -11.05 20.25 8.61
C LYS AA 142 -12.19 20.41 9.62
N SER AA 143 -12.92 19.31 9.85
CA SER AA 143 -13.99 19.25 10.84
C SER AA 143 -13.76 18.09 11.78
N VAL AA 144 -14.10 18.26 13.06
CA VAL AA 144 -13.92 17.21 14.05
C VAL AA 144 -15.14 17.13 14.95
N ARG AA 145 -15.54 15.90 15.27
CA ARG AA 145 -16.79 15.60 15.96
C ARG AA 145 -16.52 14.79 17.23
N PHE AA 146 -17.18 15.17 18.32
CA PHE AA 146 -17.05 14.53 19.62
C PHE AA 146 -18.45 14.19 20.12
N TYR AA 147 -18.59 13.02 20.76
CA TYR AA 147 -19.91 12.48 21.04
C TYR AA 147 -19.86 11.50 22.20
N GLN AA 148 -20.97 11.43 22.95
CA GLN AA 148 -21.23 10.36 23.90
C GLN AA 148 -22.66 10.50 24.43
N GLY AA 149 -23.30 9.35 24.64
CA GLY AA 149 -24.64 9.30 25.20
C GLY AA 149 -25.71 8.97 24.19
N TYR AA 150 -26.94 9.38 24.52
CA TYR AA 150 -28.09 9.26 23.62
C TYR AA 150 -28.39 10.62 23.01
N LEU AA 151 -28.60 10.64 21.69
CA LEU AA 151 -28.95 11.88 21.01
C LEU AA 151 -29.72 11.56 19.73
N ALA AA 152 -30.95 12.05 19.64
CA ALA AA 152 -31.77 11.92 18.45
C ALA AA 152 -31.46 13.05 17.46
N LYS AA 153 -31.49 12.72 16.17
CA LYS AA 153 -31.09 13.67 15.14
C LYS AA 153 -32.15 13.94 14.06
N VAL AA 154 -33.04 12.99 13.79
CA VAL AA 154 -34.00 13.12 12.69
C VAL AA 154 -35.40 12.88 13.24
N GLY AA 155 -36.34 13.75 12.88
CA GLY AA 155 -37.73 13.62 13.27
C GLY AA 155 -38.15 14.68 14.26
N ASN AA 156 -39.45 14.66 14.57
CA ASN AA 156 -40.02 15.64 15.50
C ASN AA 156 -39.39 15.63 16.90
N PRO AA 157 -39.11 14.47 17.53
CA PRO AA 157 -38.45 14.52 18.84
C PRO AA 157 -37.12 15.25 18.83
N ALA AA 158 -36.31 15.07 17.78
CA ALA AA 158 -35.04 15.79 17.70
C ALA AA 158 -35.26 17.29 17.67
N GLU AA 159 -36.33 17.75 17.03
CA GLU AA 159 -36.61 19.18 16.96
C GLU AA 159 -37.04 19.74 18.30
N THR AA 160 -37.96 19.07 18.99
CA THR AA 160 -38.60 19.66 20.17
C THR AA 160 -37.85 19.39 21.47
N LEU AA 161 -36.91 18.45 21.51
CA LEU AA 161 -36.26 18.06 22.75
C LEU AA 161 -34.81 18.50 22.88
N VAL AA 162 -34.03 18.45 21.80
CA VAL AA 162 -32.61 18.73 21.86
C VAL AA 162 -32.37 20.23 21.87
N SER AA 163 -31.46 20.68 22.72
CA SER AA 163 -31.03 22.07 22.75
C SER AA 163 -29.80 22.23 21.86
N LYS AA 164 -29.80 23.26 21.01
CA LYS AA 164 -28.78 23.47 20.00
C LYS AA 164 -28.19 24.87 20.11
N GLY AA 165 -26.89 24.99 19.87
CA GLY AA 165 -26.20 26.26 19.97
C GLY AA 165 -25.02 26.33 19.03
N TYR AA 166 -24.65 27.57 18.66
CA TYR AA 166 -23.59 27.81 17.69
C TYR AA 166 -22.81 29.05 18.08
N ALA AA 167 -21.51 29.05 17.78
CA ALA AA 167 -20.66 30.19 18.08
C ALA AA 167 -19.46 30.24 17.13
N GLN AA 168 -18.99 31.47 16.88
CA GLN AA 168 -17.77 31.71 16.14
C GLN AA 168 -16.63 32.08 17.09
N ALA AA 169 -15.44 31.55 16.82
CA ALA AA 169 -14.23 31.87 17.55
C ALA AA 169 -13.23 32.47 16.56
N LEU AA 170 -12.87 33.73 16.77
CA LEU AA 170 -12.01 34.47 15.85
C LEU AA 170 -10.56 34.38 16.33
N LEU AA 171 -9.77 33.54 15.68
CA LEU AA 171 -8.36 33.41 15.96
C LEU AA 171 -7.56 34.21 14.93
N LYS AA 172 -6.24 34.20 15.10
CA LYS AA 172 -5.37 35.01 14.25
C LYS AA 172 -5.41 34.56 12.80
N LEU AA 173 -5.65 33.28 12.55
CA LEU AA 173 -5.68 32.76 11.19
C LEU AA 173 -7.05 32.80 10.55
N GLY AA 174 -8.10 33.16 11.28
CA GLY AA 174 -9.45 33.19 10.77
C GLY AA 174 -10.43 32.73 11.82
N VAL AA 175 -11.66 32.43 11.39
CA VAL AA 175 -12.72 32.04 12.32
C VAL AA 175 -12.79 30.52 12.40
N ILE AA 176 -13.30 30.04 13.53
CA ILE AA 176 -13.50 28.61 13.81
C ILE AA 176 -14.92 28.44 14.33
N GLY AA 177 -15.69 27.56 13.68
CA GLY AA 177 -17.08 27.34 14.04
C GLY AA 177 -17.26 26.23 15.07
N VAL AA 178 -18.17 26.47 16.02
CA VAL AA 178 -18.44 25.58 17.14
C VAL AA 178 -19.94 25.31 17.18
N LYS AA 179 -20.32 24.03 17.12
CA LYS AA 179 -21.71 23.60 17.21
C LYS AA 179 -21.89 22.64 18.38
N VAL AA 180 -22.98 22.82 19.14
CA VAL AA 180 -23.25 22.02 20.34
C VAL AA 180 -24.71 21.58 20.34
N ALA AA 181 -24.95 20.31 20.69
CA ALA AA 181 -26.28 19.76 20.92
C ALA AA 181 -26.31 18.97 22.22
N ILE AA 182 -27.37 19.15 23.01
CA ILE AA 182 -27.50 18.53 24.34
C ILE AA 182 -28.93 18.04 24.53
N MET AA 183 -29.08 16.83 25.09
CA MET AA 183 -30.40 16.30 25.39
C MET AA 183 -30.63 16.21 26.90
N PRO AA 184 -31.75 16.70 27.41
CA PRO AA 184 -31.95 16.83 28.87
C PRO AA 184 -32.27 15.51 29.53
N PRO AA 185 -32.12 15.41 30.85
CA PRO AA 185 -32.44 14.14 31.54
C PRO AA 185 -33.91 13.77 31.50
N ASP AA 186 -34.82 14.74 31.44
CA ASP AA 186 -36.25 14.45 31.49
C ASP AA 186 -36.85 14.25 30.10
N ALA AA 187 -36.02 14.19 29.06
CA ALA AA 187 -36.52 13.90 27.72
C ALA AA 187 -36.83 12.41 27.57
N ARG AA 188 -37.99 12.11 26.99
CA ARG AA 188 -38.43 10.74 26.76
C ARG AA 188 -38.84 10.57 25.31
N LEU AA 189 -38.33 9.52 24.67
CA LEU AA 189 -38.64 9.24 23.28
C LEU AA 189 -39.97 8.48 23.15
N PRO AA 190 -40.59 8.50 21.97
CA PRO AA 190 -41.89 7.83 21.81
C PRO AA 190 -41.85 6.33 22.04
N ASP AA 191 -40.71 5.67 21.83
CA ASP AA 191 -40.64 4.22 21.96
C ASP AA 191 -40.20 3.76 23.35
N GLU AA 192 -40.33 4.63 24.35
CA GLU AA 192 -39.92 4.31 25.72
C GLU AA 192 -41.18 4.20 26.58
N ILE AA 193 -41.79 3.02 26.59
CA ILE AA 193 -43.00 2.76 27.35
C ILE AA 193 -42.65 1.90 28.55
N GLU AA 194 -43.41 2.06 29.63
CA GLU AA 194 -43.24 1.27 30.83
C GLU AA 194 -44.59 0.68 31.25
N ILE AA 195 -44.53 -0.42 31.98
CA ILE AA 195 -45.72 -1.12 32.45
C ILE AA 195 -46.08 -0.56 33.82
N ILE AA 196 -47.31 -0.08 33.96
CA ILE AA 196 -47.77 0.47 35.23
C ILE AA 196 -47.86 -0.67 36.24
N GLU AA 197 -46.95 -0.68 37.21
CA GLU AA 197 -46.89 -1.77 38.17
C GLU AA 197 -48.13 -1.82 39.06
N MET BA 1 19.45 -18.96 -28.36
CA MET BA 1 19.54 -17.92 -27.33
C MET BA 1 19.37 -18.51 -25.93
N LYS BA 2 19.86 -17.78 -24.94
CA LYS BA 2 19.66 -18.16 -23.54
C LYS BA 2 18.28 -17.76 -23.04
N ARG BA 3 17.78 -18.50 -22.05
CA ARG BA 3 16.44 -18.30 -21.52
C ARG BA 3 16.42 -17.21 -20.46
N ARG BA 4 15.53 -16.23 -20.63
CA ARG BA 4 15.24 -15.21 -19.61
C ARG BA 4 13.73 -15.13 -19.41
N PRO BA 5 13.15 -16.01 -18.59
CA PRO BA 5 11.67 -16.07 -18.49
C PRO BA 5 11.03 -14.80 -17.94
N ARG BA 6 11.79 -13.97 -17.22
CA ARG BA 6 11.30 -12.67 -16.78
C ARG BA 6 10.93 -11.77 -17.96
N LYS BA 7 11.63 -11.88 -19.09
CA LYS BA 7 11.31 -11.10 -20.28
C LYS BA 7 9.94 -11.43 -20.86
N TRP BA 8 9.36 -12.59 -20.54
CA TRP BA 8 8.07 -12.96 -21.10
C TRP BA 8 6.90 -12.23 -20.46
N LYS BA 9 7.11 -11.61 -19.30
CA LYS BA 9 6.05 -10.87 -18.64
C LYS BA 9 5.70 -9.62 -19.43
N LYS BA 10 4.43 -9.25 -19.40
CA LYS BA 10 3.87 -8.32 -20.37
C LYS BA 10 3.76 -6.88 -19.87
N LYS BA 11 3.88 -6.64 -18.58
CA LYS BA 11 3.70 -5.30 -18.02
C LYS BA 11 4.77 -4.35 -18.54
N GLY BA 12 4.37 -3.38 -19.36
CA GLY BA 12 5.29 -2.37 -19.86
C GLY BA 12 6.26 -2.79 -20.95
N ARG BA 13 5.89 -3.76 -21.76
CA ARG BA 13 6.74 -4.18 -22.87
C ARG BA 13 5.98 -4.95 -23.95
N MET BA 14 6.55 -5.03 -25.14
CA MET BA 14 5.94 -5.82 -26.21
C MET BA 14 6.35 -7.29 -26.09
N ARG BA 15 5.66 -8.15 -26.84
CA ARG BA 15 5.80 -9.59 -26.70
C ARG BA 15 7.20 -10.08 -27.09
N TRP BA 16 7.78 -10.94 -26.24
CA TRP BA 16 9.19 -11.34 -26.42
C TRP BA 16 9.39 -12.13 -27.71
N LYS BA 17 8.44 -12.98 -28.07
CA LYS BA 17 8.53 -13.75 -29.31
C LYS BA 17 8.81 -12.87 -30.52
N TRP BA 18 8.09 -11.74 -30.62
CA TRP BA 18 8.28 -10.83 -31.75
C TRP BA 18 9.55 -9.99 -31.62
N ILE BA 19 9.96 -9.64 -30.40
CA ILE BA 19 11.28 -9.04 -30.18
C ILE BA 19 12.37 -9.98 -30.69
N LYS BA 20 12.26 -11.27 -30.36
CA LYS BA 20 13.22 -12.26 -30.83
C LYS BA 20 13.25 -12.34 -32.35
N LYS BA 21 12.06 -12.33 -32.98
CA LYS BA 21 12.01 -12.35 -34.44
C LYS BA 21 12.71 -11.12 -35.04
N ARG BA 22 12.48 -9.94 -34.45
CA ARG BA 22 13.13 -8.71 -34.94
C ARG BA 22 14.65 -8.80 -34.78
N ILE BA 23 15.13 -9.30 -33.65
CA ILE BA 23 16.58 -9.44 -33.44
C ILE BA 23 17.18 -10.36 -34.48
N ARG BA 24 16.52 -11.50 -34.75
CA ARG BA 24 17.04 -12.43 -35.75
C ARG BA 24 17.03 -11.81 -37.15
N ARG BA 25 16.02 -11.00 -37.47
CA ARG BA 25 16.01 -10.30 -38.75
C ARG BA 25 17.20 -9.36 -38.86
N LEU BA 26 17.51 -8.63 -37.78
CA LEU BA 26 18.65 -7.71 -37.81
C LEU BA 26 19.97 -8.46 -37.97
N LYS BA 27 20.13 -9.60 -37.28
CA LYS BA 27 21.37 -10.36 -37.36
C LYS BA 27 21.62 -10.91 -38.77
N ARG BA 28 20.57 -11.22 -39.53
CA ARG BA 28 20.77 -11.71 -40.88
C ARG BA 28 21.40 -10.64 -41.77
N GLN BA 29 20.96 -9.38 -41.62
CA GLN BA 29 21.51 -8.31 -42.46
C GLN BA 29 23.01 -8.11 -42.20
N ARG BA 30 23.43 -8.14 -40.94
CA ARG BA 30 24.84 -7.96 -40.62
C ARG BA 30 25.70 -9.08 -41.19
N LYS BA 31 25.21 -10.31 -41.14
CA LYS BA 31 25.98 -11.45 -41.65
C LYS BA 31 26.12 -11.40 -43.16
N LYS BA 32 25.09 -10.93 -43.86
CA LYS BA 32 25.20 -10.79 -45.32
C LYS BA 32 26.23 -9.73 -45.70
N GLU BA 33 26.22 -8.58 -45.03
CA GLU BA 33 27.18 -7.53 -45.36
C GLU BA 33 28.59 -7.93 -44.96
N ARG BA 34 28.73 -8.79 -43.96
CA ARG BA 34 30.06 -9.26 -43.55
C ARG BA 34 30.67 -10.16 -44.61
N GLY BA 35 29.85 -10.80 -45.46
CA GLY BA 35 30.37 -11.63 -46.52
C GLY BA 35 30.90 -10.87 -47.71
N LEU BA 36 30.43 -9.66 -47.95
CA LEU BA 36 30.90 -8.87 -49.08
C LEU BA 36 32.21 -8.17 -48.75
N ALA CA 2 -3.41 100.74 23.49
CA ALA CA 2 -3.50 100.89 22.04
C ALA CA 2 -2.14 100.67 21.39
N LYS CA 3 -1.21 101.60 21.66
CA LYS CA 3 0.14 101.53 21.11
C LYS CA 3 1.04 102.36 22.01
N PRO CA 4 2.30 101.95 22.22
CA PRO CA 4 3.22 102.80 22.98
C PRO CA 4 3.41 104.18 22.36
N SER CA 5 3.29 104.29 21.03
CA SER CA 5 3.49 105.57 20.37
C SER CA 5 2.23 106.42 20.47
N TYR CA 6 1.72 106.58 21.69
CA TYR CA 6 0.59 107.47 21.95
C TYR CA 6 0.66 107.87 23.42
N VAL CA 7 1.15 109.09 23.67
CA VAL CA 7 1.27 109.57 25.04
C VAL CA 7 -0.11 109.95 25.54
N LYS CA 8 -0.70 109.08 26.37
CA LYS CA 8 -1.94 109.38 27.08
C LYS CA 8 -1.67 109.78 28.52
N PHE CA 9 -0.97 108.93 29.25
CA PHE CA 9 -0.47 109.24 30.59
C PHE CA 9 0.64 108.26 30.90
N GLU CA 10 1.05 108.22 32.17
CA GLU CA 10 2.16 107.37 32.57
C GLU CA 10 1.68 105.92 32.69
N VAL CA 11 2.50 105.06 33.29
CA VAL CA 11 2.16 103.66 33.45
C VAL CA 11 1.97 103.36 34.94
N PRO CA 12 0.87 103.80 35.55
CA PRO CA 12 0.73 103.62 37.00
C PRO CA 12 0.74 102.15 37.38
N LYS CA 13 1.48 101.84 38.45
CA LYS CA 13 1.61 100.45 38.87
C LYS CA 13 0.26 99.88 39.30
N GLU CA 14 -0.55 100.68 39.99
CA GLU CA 14 -1.86 100.21 40.42
C GLU CA 14 -2.76 99.85 39.24
N LEU CA 15 -2.62 100.56 38.12
CA LEU CA 15 -3.46 100.26 36.96
C LEU CA 15 -3.15 98.89 36.40
N ALA CA 16 -1.87 98.56 36.22
CA ALA CA 16 -1.50 97.22 35.79
C ALA CA 16 -1.85 96.19 36.86
N GLU CA 17 -1.72 96.56 38.14
CA GLU CA 17 -2.06 95.65 39.23
C GLU CA 17 -3.52 95.24 39.17
N LYS CA 18 -4.42 96.19 38.90
CA LYS CA 18 -5.85 95.89 38.88
C LYS CA 18 -6.36 95.46 37.51
N ALA CA 19 -5.57 95.65 36.44
CA ALA CA 19 -5.98 95.19 35.13
C ALA CA 19 -5.45 93.80 34.80
N LEU CA 20 -4.36 93.38 35.43
CA LEU CA 20 -3.77 92.08 35.15
C LEU CA 20 -4.17 91.04 36.19
N GLN CA 21 -3.94 91.34 37.47
CA GLN CA 21 -4.16 90.38 38.55
C GLN CA 21 -5.61 90.35 39.02
N ALA CA 22 -6.56 90.80 38.20
CA ALA CA 22 -7.97 90.71 38.53
C ALA CA 22 -8.77 89.95 37.46
N VAL CA 23 -8.09 89.17 36.62
CA VAL CA 23 -8.77 88.39 35.59
C VAL CA 23 -8.48 86.90 35.69
N GLU CA 24 -7.33 86.49 36.25
CA GLU CA 24 -7.06 85.07 36.42
C GLU CA 24 -8.09 84.42 37.35
N ILE CA 25 -8.45 85.11 38.44
CA ILE CA 25 -9.48 84.61 39.33
C ILE CA 25 -10.88 84.79 38.76
N ALA CA 26 -11.01 85.54 37.66
CA ALA CA 26 -12.28 85.74 36.98
C ALA CA 26 -12.36 85.00 35.64
N ARG CA 27 -11.28 84.36 35.21
CA ARG CA 27 -11.32 83.53 34.00
C ARG CA 27 -12.14 82.27 34.20
N ASP CA 28 -12.00 81.62 35.34
CA ASP CA 28 -12.70 80.38 35.63
C ASP CA 28 -14.17 80.58 35.95
N THR CA 29 -14.65 81.83 35.96
CA THR CA 29 -16.03 82.14 36.30
C THR CA 29 -16.59 83.23 35.39
N GLY CA 30 -16.36 83.12 34.08
CA GLY CA 30 -16.82 84.17 33.21
C GLY CA 30 -16.75 83.80 31.74
N LYS CA 31 -16.81 84.83 30.91
CA LYS CA 31 -16.74 84.71 29.46
C LYS CA 31 -15.62 85.60 28.94
N ILE CA 32 -15.05 85.23 27.79
CA ILE CA 32 -13.93 85.97 27.21
C ILE CA 32 -14.20 86.16 25.72
N ARG CA 33 -14.01 87.40 25.25
CA ARG CA 33 -14.24 87.77 23.86
C ARG CA 33 -13.03 88.58 23.39
N LYS CA 34 -12.11 87.92 22.69
CA LYS CA 34 -10.92 88.57 22.17
C LYS CA 34 -11.25 89.32 20.88
N GLY CA 35 -10.21 89.86 20.25
CA GLY CA 35 -10.31 90.42 18.91
C GLY CA 35 -10.87 91.83 18.88
N THR CA 36 -10.19 92.73 18.18
CA THR CA 36 -10.69 94.10 18.10
C THR CA 36 -11.87 94.21 17.15
N ASN CA 37 -11.93 93.37 16.11
CA ASN CA 37 -13.10 93.35 15.25
C ASN CA 37 -14.33 92.88 16.02
N GLU CA 38 -14.14 91.90 16.90
CA GLU CA 38 -15.22 91.39 17.72
C GLU CA 38 -15.58 92.43 18.78
N THR CA 39 -14.57 92.92 19.48
CA THR CA 39 -14.78 93.93 20.51
C THR CA 39 -15.32 95.27 20.01
N THR CA 40 -14.96 95.69 18.79
CA THR CA 40 -15.48 96.95 18.22
C THR CA 40 -17.00 96.92 18.33
N LYS CA 41 -17.58 95.77 18.03
CA LYS CA 41 -19.02 95.59 18.25
C LYS CA 41 -19.35 95.53 19.73
N ALA CA 42 -18.51 94.86 20.52
CA ALA CA 42 -18.74 94.80 21.96
C ALA CA 42 -18.80 96.21 22.55
N VAL CA 43 -17.78 97.02 22.27
CA VAL CA 43 -17.70 98.39 22.76
C VAL CA 43 -18.80 99.33 22.22
N GLU CA 44 -19.16 99.18 20.94
CA GLU CA 44 -20.18 100.03 20.35
C GLU CA 44 -21.56 99.71 20.89
N ARG CA 45 -21.87 98.43 21.00
CA ARG CA 45 -23.16 97.98 21.50
C ARG CA 45 -23.19 97.80 23.01
N GLY CA 46 -22.05 97.92 23.69
CA GLY CA 46 -22.01 97.82 25.13
C GLY CA 46 -22.02 96.41 25.68
N GLN CA 47 -21.78 95.40 24.83
CA GLN CA 47 -21.76 94.02 25.32
C GLN CA 47 -20.63 93.80 26.33
N ALA CA 48 -19.46 94.38 26.07
CA ALA CA 48 -18.30 94.17 26.93
C ALA CA 48 -18.50 94.83 28.29
N LYS CA 49 -17.86 94.23 29.31
CA LYS CA 49 -17.87 94.77 30.66
C LYS CA 49 -16.51 95.26 31.14
N LEU CA 50 -15.41 94.73 30.62
CA LEU CA 50 -14.07 95.20 30.97
C LEU CA 50 -13.25 95.23 29.69
N VAL CA 51 -13.00 96.44 29.18
CA VAL CA 51 -12.19 96.63 27.98
C VAL CA 51 -10.76 96.83 28.43
N ILE CA 52 -9.92 95.81 28.22
CA ILE CA 52 -8.50 95.92 28.52
C ILE CA 52 -7.73 96.03 27.21
N ILE CA 53 -7.37 97.26 26.84
CA ILE CA 53 -6.77 97.53 25.54
C ILE CA 53 -5.25 97.61 25.70
N ALA CA 54 -4.54 96.79 24.96
CA ALA CA 54 -3.09 96.67 25.08
C ALA CA 54 -2.39 97.54 24.05
N GLU CA 55 -1.14 97.88 24.36
CA GLU CA 55 -0.33 98.75 23.51
C GLU CA 55 0.60 97.89 22.67
N ASP CA 56 0.02 97.22 21.66
CA ASP CA 56 0.80 96.35 20.79
C ASP CA 56 0.35 96.37 19.33
N VAL CA 57 -0.59 97.23 18.94
CA VAL CA 57 -1.22 97.16 17.63
C VAL CA 57 -0.72 98.33 16.79
N ASP CA 58 -0.01 98.02 15.71
CA ASP CA 58 0.49 99.02 14.80
C ASP CA 58 -0.14 98.83 13.42
N PRO CA 59 -0.45 99.92 12.70
CA PRO CA 59 -0.33 101.29 13.19
C PRO CA 59 -1.56 101.73 13.98
N GLU CA 60 -1.75 103.03 14.13
CA GLU CA 60 -2.96 103.59 14.72
C GLU CA 60 -4.10 103.56 13.69
N GLU CA 61 -4.42 102.35 13.24
CA GLU CA 61 -5.42 102.13 12.21
C GLU CA 61 -6.63 101.38 12.75
N ILE CA 62 -6.43 100.21 13.35
CA ILE CA 62 -7.51 99.52 14.05
C ILE CA 62 -7.50 99.83 15.54
N VAL CA 63 -6.51 100.59 16.02
CA VAL CA 63 -6.52 101.08 17.40
C VAL CA 63 -7.26 102.41 17.52
N ALA CA 64 -7.35 103.17 16.43
CA ALA CA 64 -8.01 104.48 16.45
C ALA CA 64 -9.52 104.33 16.31
N HIS CA 65 -10.11 103.52 17.15
CA HIS CA 65 -11.57 103.41 17.21
C HIS CA 65 -12.09 103.45 18.64
N LEU CA 66 -11.38 102.85 19.58
CA LEU CA 66 -11.86 102.70 20.96
C LEU CA 66 -11.67 103.99 21.77
N PRO CA 67 -10.49 104.63 21.76
CA PRO CA 67 -10.33 105.89 22.50
C PRO CA 67 -11.30 106.97 22.03
N PRO CA 68 -11.55 107.11 20.72
CA PRO CA 68 -12.61 108.07 20.32
C PRO CA 68 -14.00 107.68 20.76
N LEU CA 69 -14.29 106.38 20.88
CA LEU CA 69 -15.60 105.90 21.30
C LEU CA 69 -15.71 105.79 22.82
N CYS CA 70 -14.65 106.16 23.56
CA CYS CA 70 -14.68 106.03 25.01
C CYS CA 70 -15.74 106.92 25.65
N GLU CA 71 -15.87 108.16 25.17
CA GLU CA 71 -16.76 109.12 25.83
C GLU CA 71 -18.22 108.97 25.43
N GLU CA 72 -18.56 107.96 24.62
CA GLU CA 72 -19.94 107.74 24.22
C GLU CA 72 -20.68 106.82 25.19
N LYS CA 73 -19.97 105.93 25.87
CA LYS CA 73 -20.55 105.01 26.84
C LYS CA 73 -19.67 105.00 28.10
N GLU CA 74 -20.12 104.28 29.12
CA GLU CA 74 -19.37 104.23 30.37
C GLU CA 74 -18.02 103.54 30.18
N ILE CA 75 -18.01 102.43 29.45
CA ILE CA 75 -16.81 101.68 29.02
C ILE CA 75 -15.72 101.74 30.08
N PRO CA 76 -15.88 101.07 31.23
CA PRO CA 76 -14.78 101.01 32.19
C PRO CA 76 -13.59 100.29 31.55
N TYR CA 77 -12.52 101.04 31.27
CA TYR CA 77 -11.46 100.56 30.40
C TYR CA 77 -10.10 100.76 31.05
N ILE CA 78 -9.19 99.83 30.77
CA ILE CA 78 -7.86 99.82 31.34
C ILE CA 78 -6.87 99.38 30.27
N TYR CA 79 -5.58 99.45 30.61
CA TYR CA 79 -4.52 99.15 29.67
C TYR CA 79 -3.61 98.07 30.22
N VAL CA 80 -2.97 97.34 29.30
CA VAL CA 80 -2.17 96.17 29.62
C VAL CA 80 -0.76 96.41 29.11
N PRO CA 81 0.27 96.28 29.94
CA PRO CA 81 1.64 96.57 29.46
C PRO CA 81 2.17 95.54 28.48
N SER CA 82 1.98 94.25 28.76
CA SER CA 82 2.54 93.18 27.96
C SER CA 82 1.43 92.38 27.29
N LYS CA 83 1.76 91.79 26.14
CA LYS CA 83 0.81 91.00 25.37
C LYS CA 83 1.07 89.50 25.41
N LYS CA 84 2.31 89.08 25.68
CA LYS CA 84 2.63 87.65 25.63
C LYS CA 84 1.81 86.86 26.64
N GLU CA 85 1.69 87.37 27.87
CA GLU CA 85 1.00 86.66 28.93
C GLU CA 85 -0.45 87.09 29.07
N LEU CA 86 -0.95 87.98 28.21
CA LEU CA 86 -2.33 88.42 28.31
C LEU CA 86 -3.30 87.26 28.11
N GLY CA 87 -3.04 86.44 27.09
CA GLY CA 87 -3.83 85.24 26.89
C GLY CA 87 -3.61 84.22 28.00
N ALA CA 88 -2.42 84.18 28.58
CA ALA CA 88 -2.17 83.29 29.71
C ALA CA 88 -3.03 83.69 30.91
N ALA CA 89 -3.14 85.00 31.17
CA ALA CA 89 -4.01 85.46 32.25
C ALA CA 89 -5.46 85.11 31.96
N ALA CA 90 -5.88 85.21 30.71
CA ALA CA 90 -7.23 84.83 30.29
C ALA CA 90 -7.23 84.55 28.80
N GLY CA 91 -7.43 83.30 28.42
CA GLY CA 91 -7.51 82.94 27.02
C GLY CA 91 -6.67 81.74 26.64
N ILE CA 92 -5.70 81.96 25.75
CA ILE CA 92 -4.86 80.89 25.23
C ILE CA 92 -3.43 81.40 25.09
N GLU CA 93 -2.52 80.50 24.75
CA GLU CA 93 -1.08 80.77 24.74
C GLU CA 93 -0.65 81.52 23.48
N VAL CA 94 -1.31 82.66 23.23
CA VAL CA 94 -0.96 83.56 22.14
C VAL CA 94 -0.88 84.98 22.69
N ALA CA 95 -0.64 85.93 21.79
CA ALA CA 95 -0.62 87.35 22.14
C ALA CA 95 -1.99 87.95 21.83
N ALA CA 96 -2.63 88.50 22.88
CA ALA CA 96 -3.98 89.03 22.79
C ALA CA 96 -3.95 90.55 22.79
N ALA CA 97 -4.99 91.15 22.24
CA ALA CA 97 -5.10 92.60 22.11
C ALA CA 97 -6.15 93.22 23.02
N SER CA 98 -7.26 92.51 23.25
CA SER CA 98 -8.28 92.97 24.19
C SER CA 98 -9.10 91.76 24.60
N VAL CA 99 -9.01 91.38 25.88
CA VAL CA 99 -9.75 90.23 26.40
C VAL CA 99 -10.91 90.79 27.21
N ALA CA 100 -12.10 90.77 26.63
CA ALA CA 100 -13.27 91.32 27.28
C ALA CA 100 -13.98 90.25 28.11
N ILE CA 101 -14.14 90.52 29.40
CA ILE CA 101 -14.87 89.63 30.31
C ILE CA 101 -16.17 90.31 30.70
N ILE CA 102 -17.28 89.59 30.57
CA ILE CA 102 -18.60 90.10 30.85
C ILE CA 102 -19.14 89.38 32.08
N GLU CA 103 -19.43 90.15 33.14
CA GLU CA 103 -20.03 89.65 34.37
C GLU CA 103 -19.19 88.55 35.01
N PRO CA 104 -18.04 88.87 35.58
CA PRO CA 104 -17.21 87.85 36.24
C PRO CA 104 -17.60 87.63 37.70
N GLY CA 105 -17.41 86.39 38.15
CA GLY CA 105 -17.78 86.02 39.51
C GLY CA 105 -16.71 86.43 40.51
N LYS CA 106 -17.13 87.15 41.56
CA LYS CA 106 -16.25 87.57 42.66
C LYS CA 106 -15.04 88.35 42.15
N ALA CA 107 -15.30 89.40 41.37
CA ALA CA 107 -14.23 90.23 40.80
C ALA CA 107 -14.64 91.70 40.80
N ARG CA 108 -15.17 92.19 41.94
CA ARG CA 108 -15.89 93.47 41.94
C ARG CA 108 -15.18 94.59 42.69
N ASP CA 109 -14.71 94.37 43.92
CA ASP CA 109 -14.26 95.47 44.76
C ASP CA 109 -13.06 96.20 44.17
N LEU CA 110 -12.00 95.46 43.84
CA LEU CA 110 -10.81 96.07 43.27
C LEU CA 110 -11.10 96.69 41.91
N VAL CA 111 -11.97 96.05 41.12
CA VAL CA 111 -12.32 96.61 39.82
C VAL CA 111 -13.03 97.94 39.97
N GLU CA 112 -13.96 98.03 40.93
CA GLU CA 112 -14.65 99.31 41.16
C GLU CA 112 -13.68 100.37 41.66
N GLU CA 113 -12.77 100.00 42.56
CA GLU CA 113 -11.81 100.98 43.07
C GLU CA 113 -10.91 101.51 41.96
N ILE CA 114 -10.38 100.62 41.13
CA ILE CA 114 -9.50 101.08 40.05
C ILE CA 114 -10.29 101.85 38.99
N ALA CA 115 -11.54 101.46 38.73
CA ALA CA 115 -12.35 102.19 37.76
C ALA CA 115 -12.63 103.60 38.26
N MET CA 116 -12.89 103.76 39.56
CA MET CA 116 -13.05 105.10 40.12
C MET CA 116 -11.75 105.88 40.04
N LYS CA 117 -10.62 105.24 40.30
CA LYS CA 117 -9.34 105.93 40.19
C LYS CA 117 -9.09 106.41 38.77
N VAL CA 118 -9.41 105.58 37.78
CA VAL CA 118 -9.20 105.96 36.39
C VAL CA 118 -10.18 107.05 35.97
N ARG CA 119 -11.40 107.00 36.49
CA ARG CA 119 -12.36 108.08 36.23
C ARG CA 119 -11.86 109.40 36.79
N GLU CA 120 -11.29 109.37 38.00
CA GLU CA 120 -10.74 110.57 38.61
C GLU CA 120 -9.31 110.87 38.16
N LEU CA 121 -8.77 110.07 37.24
CA LEU CA 121 -7.41 110.29 36.73
C LEU CA 121 -7.42 111.12 35.45
N MET CA 122 -8.04 110.61 34.39
CA MET CA 122 -8.17 111.30 33.12
C MET CA 122 -9.17 110.60 32.22
N LYS CA 123 -10.12 111.33 31.65
CA LYS CA 123 -11.04 110.74 30.70
C LYS CA 123 -11.05 111.51 29.38
N1 OMC EA 33 -25.24 12.53 -31.19
C2 OMC EA 33 -23.83 12.42 -31.27
N3 OMC EA 33 -23.06 13.50 -31.53
C4 OMC EA 33 -23.62 14.71 -31.74
C5 OMC EA 33 -25.00 14.84 -31.67
C6 OMC EA 33 -25.80 13.73 -31.40
O2 OMC EA 33 -23.26 11.33 -31.09
N4 OMC EA 33 -22.83 15.78 -31.99
C1' OMC EA 33 -26.14 11.38 -30.93
C2' OMC EA 33 -25.87 10.69 -29.60
O2' OMC EA 33 -26.07 9.29 -29.78
CM2 OMC EA 33 -24.95 8.51 -29.40
C3' OMC EA 33 -26.97 11.27 -28.72
C4' OMC EA 33 -28.12 11.48 -29.69
O4' OMC EA 33 -27.47 11.84 -30.94
O3' OMC EA 33 -27.32 10.44 -27.62
C5' OMC EA 33 -29.11 12.55 -29.32
O5' OMC EA 33 -28.46 13.78 -29.04
P OMC EA 33 -29.25 15.17 -29.07
OP1 OMC EA 33 -30.39 15.07 -28.11
OP2 OMC EA 33 -28.23 16.26 -28.93
MG MG FA . -2.48 -11.61 17.76
MG MG GA . -0.69 2.41 -8.76
MG MG HA . -39.05 47.01 -16.31
MG MG IA . -29.89 41.24 -18.54
MG MG JA . -29.00 52.85 -13.68
MG MG KA . -23.81 39.13 -19.06
MG MG LA . -42.43 3.78 -24.10
MG MG MA . 15.75 -30.30 -14.16
MG MG NA . -34.89 10.23 -20.52
MG MG OA . 5.66 -3.26 -6.14
MG MG PA . 5.16 -32.35 -21.56
MG MG QA . -10.02 4.19 -22.46
MG MG RA . 20.50 -13.35 -0.19
MG MG SA . 13.22 -16.98 -11.77
MG MG TA . 62.16 -9.22 16.14
MG MG UA . 62.48 1.72 23.36
MG MG VA . -6.99 -10.09 -27.24
MG MG WA . 78.66 2.43 -5.18
MG MG XA . 60.98 12.94 36.92
MG MG YA . 53.60 3.17 24.73
MG MG ZA . -6.98 -4.75 -27.46
MG MG AB . -10.23 -20.99 -44.63
MG MG BB . 15.61 17.23 16.33
MG MG CB . 34.41 -47.25 8.87
MG MG DB . 57.70 -0.71 -12.10
MG MG EB . 60.87 9.85 -0.69
MG MG FB . 18.47 31.01 7.06
MG MG GB . -14.10 24.97 -7.07
MG MG HB . -15.71 24.58 -2.67
MG MG IB . -59.81 36.32 -36.67
MG MG JB . -41.31 55.44 -24.88
MG MG KB . 59.24 -1.48 -0.34
MG MG LB . 14.37 -25.38 -15.80
MG MG MB . 55.93 6.96 32.93
MG MG NB . -56.44 24.14 -44.21
MG MG OB . -1.34 -30.74 3.64
MG MG PB . 26.80 -40.89 -12.64
MG MG QB . 55.01 -37.75 14.26
MG MG RB . -1.62 -13.87 -43.03
MG MG SB . 53.49 -6.76 -4.27
MG MG TB . -71.38 35.50 -20.91
MG MG UB . 51.59 18.81 -0.23
MG MG VB . -38.87 9.02 9.34
MG MG WB . 2.32 -44.81 0.10
MG MG XB . -38.14 35.94 -12.45
MG MG YB . -58.08 31.82 -30.14
MG MG ZB . -39.97 25.96 -32.39
MG MG AC . -31.75 -1.36 12.08
MG MG BC . 64.66 22.05 -3.81
MG MG CC . 61.18 13.34 -11.00
MG MG DC . 25.73 18.13 -0.11
MG MG EC . 25.85 1.07 0.93
MG MG FC . 29.91 -14.94 -34.16
MG MG GC . 5.11 -16.28 12.07
MG MG HC . 113.23 -16.75 -9.35
MG MG IC . -27.94 -40.57 -61.54
MG MG JC . -19.46 2.23 -3.36
MG MG KC . -23.40 5.65 -0.06
MG MG LC . -16.89 -10.78 5.03
MG MG MC . -4.63 -55.34 -2.54
MG MG NC . -18.75 23.50 -12.70
MG MG OC . -11.03 -26.88 -47.78
MG MG PC . 2.34 -27.67 -14.49
MG MG QC . 67.14 -19.14 -2.82
MG MG RC . -54.70 29.77 -24.17
MG MG SC . 34.59 -44.48 -9.02
MG MG TC . -57.24 37.30 -44.09
MG MG UC . 68.77 12.30 -15.54
MG MG VC . -11.57 -5.73 -31.93
MG MG WC . 55.07 -12.55 -18.16
MG MG XC . 58.72 -20.38 -7.74
MG MG YC . 29.08 -32.34 -17.87
MG MG ZC . -48.16 58.50 -31.79
MG MG AD . 8.10 34.21 4.43
MG MG BD . 84.73 -31.51 -16.34
MG MG CD . 78.66 -30.89 8.67
MG MG DD . -16.41 -5.79 8.06
MG MG ED . -47.45 30.91 -47.04
MG MG FD . -70.56 34.64 -25.97
MG MG GD . 84.89 6.44 -8.26
MG MG HD . -21.95 -2.11 4.98
MG MG ID . -47.10 8.26 4.88
MG MG JD . 96.35 3.54 11.74
MG MG KD . 5.47 -45.57 -11.88
MG MG LD . 22.41 -7.95 -12.27
ZN ZN MD . -3.03 -42.14 43.39
ZN ZN ND . 5.32 -33.16 29.79
ZN ZN OD . 29.06 -11.04 35.09
MG MG PD . 17.82 -6.84 4.36
MG MG QD . -54.87 20.35 -9.69
MG MG RD . -32.21 -22.56 -49.28
ZN ZN SD . -30.92 40.57 5.46
ZN ZN TD . 77.43 -48.64 -7.63
ZN ZN UD . 8.08 -91.58 -1.91
MG MG VD . -15.99 -9.59 -33.40
MG MG WD . -18.69 14.37 -33.57
#